data_4UR3
#
_entry.id   4UR3
#
_cell.length_a   74.315
_cell.length_b   110.601
_cell.length_c   178.792
_cell.angle_alpha   90.00
_cell.angle_beta   95.91
_cell.angle_gamma   90.00
#
_symmetry.space_group_name_H-M   'P 1 21 1'
#
loop_
_entity.id
_entity.type
_entity.pdbx_description
1 polymer 'TETRACHLOROETHENE REDUCTIVE DEHALOGENASE CATALYTIC SUBUNIT'
2 non-polymer 'IRON/SULFUR CLUSTER'
3 non-polymer NORPSEUDO-B12
4 water water
#
_entity_poly.entity_id   1
_entity_poly.type   'polypeptide(L)'
_entity_poly.pdbx_seq_one_letter_code
;AEKEKNAAEIRQQFAMTAGSPIIVNDKLERYAEVRTAFTHPTSFFKPNYKGEVKPWFLSAYDEKVRQIENGENGPKMKAK
NVGEARAGRALEAAGWTLDINYGNIYPNRFFMLWSGETMTNTQLWAPVGLDRRPPDTTDPVELTNYVKFAARMAGADLVG
VARLNRNWVYSEAVTIPADVPYEQSLHKEIEKPIVFKDVPLPIETDDELIIPNTCENVIVAGIAMNREMMQTAPNSMACA
TTAFCYSRMCMFDMWLCQFIRYMGYYAIPSCNGVGQSVAFAVEAGLGQASRMGACITPEFGPNVRLTKVFTNMPLVPDKP
IDFGVTEFCETCKKCARECPSKAITEGPRTFEGRSIHNQSGKLQWQNDYNKCLGYWPESGGYCGVCVAVCPFTKGNIWIH
DGVEWLIDNTRFLDPLMLGMDDALGYGAKRNITEVWDGKINTYGLDADHFRDTVSFRKDRVKKS
;
_entity_poly.pdbx_strand_id   A,B,C,D,E,F
#
loop_
_chem_comp.id
_chem_comp.type
_chem_comp.name
_chem_comp.formula
BVQ non-polymer NORPSEUDO-B12 'C57 H82 Co N16 O14 P 5'
SF4 non-polymer 'IRON/SULFUR CLUSTER' 'Fe4 S4'
#
# COMPACT_ATOMS: atom_id res chain seq x y z
N LYS A 5 8.78 -38.22 -52.82
CA LYS A 5 9.60 -37.02 -52.76
C LYS A 5 10.67 -37.13 -51.68
N ASN A 6 11.91 -36.77 -52.03
CA ASN A 6 12.99 -36.74 -51.06
C ASN A 6 13.60 -35.34 -50.94
N ALA A 7 13.37 -34.71 -49.80
CA ALA A 7 13.83 -33.35 -49.56
C ALA A 7 15.36 -33.27 -49.52
N ALA A 8 15.98 -34.29 -48.92
CA ALA A 8 17.43 -34.35 -48.85
C ALA A 8 18.04 -34.39 -50.25
N GLU A 9 17.48 -35.24 -51.11
CA GLU A 9 17.90 -35.31 -52.51
C GLU A 9 17.85 -33.94 -53.17
N ILE A 10 16.75 -33.22 -52.95
CA ILE A 10 16.53 -31.94 -53.59
C ILE A 10 17.55 -30.89 -53.15
N ARG A 11 17.74 -30.75 -51.84
CA ARG A 11 18.71 -29.79 -51.32
C ARG A 11 20.14 -30.14 -51.75
N GLN A 12 20.44 -31.43 -51.79
CA GLN A 12 21.71 -31.91 -52.34
C GLN A 12 21.89 -31.42 -53.77
N GLN A 13 20.87 -31.63 -54.59
CA GLN A 13 20.92 -31.35 -56.01
C GLN A 13 21.15 -29.88 -56.35
N PHE A 14 20.55 -28.97 -55.56
CA PHE A 14 20.62 -27.55 -55.88
C PHE A 14 21.66 -26.80 -55.05
N ALA A 15 22.60 -27.54 -54.47
CA ALA A 15 23.70 -26.93 -53.72
C ALA A 15 24.64 -26.17 -54.64
N MET A 16 25.04 -24.98 -54.22
CA MET A 16 25.98 -24.16 -54.99
C MET A 16 27.41 -24.30 -54.45
N THR A 17 28.34 -23.59 -55.07
CA THR A 17 29.67 -23.43 -54.51
C THR A 17 29.61 -22.39 -53.41
N ALA A 18 30.56 -22.47 -52.48
CA ALA A 18 30.61 -21.54 -51.36
C ALA A 18 30.78 -20.10 -51.86
N GLY A 19 30.22 -19.16 -51.12
CA GLY A 19 30.24 -17.76 -51.50
C GLY A 19 28.85 -17.16 -51.35
N SER A 20 28.78 -15.99 -50.70
CA SER A 20 27.51 -15.30 -50.51
C SER A 20 26.83 -15.01 -51.84
N PRO A 21 25.57 -15.46 -52.00
CA PRO A 21 24.86 -15.28 -53.26
C PRO A 21 24.22 -13.89 -53.38
N ILE A 22 24.15 -13.17 -52.26
CA ILE A 22 23.66 -11.80 -52.29
C ILE A 22 24.70 -10.89 -52.91
N ILE A 23 24.39 -10.32 -54.07
CA ILE A 23 25.38 -9.52 -54.78
C ILE A 23 25.18 -8.04 -54.46
N VAL A 24 26.27 -7.37 -54.13
CA VAL A 24 26.24 -6.00 -53.63
C VAL A 24 27.18 -5.08 -54.40
N ASN A 25 27.23 -3.81 -54.03
CA ASN A 25 28.17 -2.88 -54.65
C ASN A 25 28.97 -2.08 -53.62
N ASP A 26 29.43 -0.89 -54.02
CA ASP A 26 30.31 -0.09 -53.17
C ASP A 26 29.57 0.82 -52.20
N LYS A 27 28.29 1.07 -52.44
CA LYS A 27 27.55 2.03 -51.64
C LYS A 27 26.73 1.37 -50.53
N LEU A 28 27.03 0.13 -50.22
CA LEU A 28 26.29 -0.62 -49.20
C LEU A 28 26.83 -0.34 -47.79
N GLU A 29 25.98 0.27 -46.96
CA GLU A 29 26.32 0.47 -45.55
C GLU A 29 25.41 -0.37 -44.66
N ARG A 30 25.84 -0.64 -43.44
CA ARG A 30 24.99 -1.34 -42.48
C ARG A 30 23.79 -0.45 -42.14
N TYR A 31 22.72 -1.08 -41.68
CA TYR A 31 21.39 -0.48 -41.66
C TYR A 31 20.89 -0.22 -40.23
N ALA A 32 20.30 0.95 -40.01
CA ALA A 32 19.80 1.32 -38.67
C ALA A 32 18.40 0.75 -38.49
N GLU A 33 18.24 -0.09 -37.46
CA GLU A 33 16.98 -0.79 -37.22
C GLU A 33 15.78 0.15 -37.13
N VAL A 34 16.01 1.37 -36.66
CA VAL A 34 14.95 2.35 -36.52
C VAL A 34 14.33 2.71 -37.89
N ARG A 35 15.06 2.43 -38.96
CA ARG A 35 14.59 2.74 -40.32
C ARG A 35 13.42 1.89 -40.78
N THR A 36 13.18 0.75 -40.14
CA THR A 36 12.07 -0.12 -40.53
C THR A 36 10.74 0.60 -40.32
N ALA A 37 9.70 0.15 -41.02
CA ALA A 37 8.40 0.81 -40.98
C ALA A 37 7.74 0.71 -39.60
N PHE A 38 8.07 -0.34 -38.86
CA PHE A 38 7.55 -0.55 -37.51
C PHE A 38 7.92 0.56 -36.54
N THR A 39 9.09 1.17 -36.77
CA THR A 39 9.70 2.02 -35.76
C THR A 39 9.84 3.49 -36.18
N HIS A 40 10.04 3.73 -37.47
CA HIS A 40 10.38 5.06 -37.96
C HIS A 40 9.23 6.07 -37.84
N PRO A 41 9.54 7.30 -37.41
CA PRO A 41 8.62 8.43 -37.31
C PRO A 41 7.63 8.55 -38.47
N THR A 42 8.13 8.49 -39.70
CA THR A 42 7.28 8.72 -40.87
C THR A 42 6.23 7.63 -41.10
N SER A 43 6.52 6.39 -40.71
CA SER A 43 5.60 5.28 -40.99
C SER A 43 4.90 4.75 -39.73
N PHE A 44 5.48 5.05 -38.57
CA PHE A 44 4.99 4.51 -37.29
C PHE A 44 3.52 4.84 -37.01
N PHE A 45 3.07 6.00 -37.48
CA PHE A 45 1.71 6.47 -37.20
C PHE A 45 0.73 6.16 -38.34
N LYS A 46 -0.46 5.68 -37.99
CA LYS A 46 -1.50 5.36 -38.97
C LYS A 46 -2.88 5.79 -38.48
N PRO A 47 -3.75 6.22 -39.41
CA PRO A 47 -5.14 6.56 -39.06
C PRO A 47 -5.98 5.32 -38.78
N ASN A 48 -6.76 5.33 -37.71
CA ASN A 48 -7.71 4.24 -37.47
C ASN A 48 -8.94 4.47 -38.36
N TYR A 49 -9.96 3.62 -38.22
CA TYR A 49 -11.10 3.67 -39.13
C TYR A 49 -12.01 4.88 -38.85
N LYS A 50 -11.67 5.66 -37.84
CA LYS A 50 -12.44 6.86 -37.53
C LYS A 50 -11.63 8.11 -37.86
N GLY A 51 -10.53 7.93 -38.57
CA GLY A 51 -9.71 9.04 -39.00
C GLY A 51 -8.58 9.37 -38.04
N GLU A 52 -8.75 8.97 -36.78
CA GLU A 52 -7.80 9.28 -35.71
C GLU A 52 -6.41 8.70 -35.92
N VAL A 53 -5.40 9.57 -35.87
CA VAL A 53 -4.02 9.14 -36.00
C VAL A 53 -3.48 8.54 -34.70
N LYS A 54 -2.95 7.34 -34.79
CA LYS A 54 -2.43 6.60 -33.64
C LYS A 54 -1.19 5.78 -34.04
N PRO A 55 -0.46 5.25 -33.04
CA PRO A 55 0.53 4.22 -33.38
C PRO A 55 -0.15 3.06 -34.11
N TRP A 56 0.50 2.52 -35.13
CA TRP A 56 -0.13 1.57 -36.05
C TRP A 56 -0.78 0.38 -35.34
N PHE A 57 -0.15 -0.13 -34.29
CA PHE A 57 -0.67 -1.30 -33.60
C PHE A 57 -1.89 -0.93 -32.76
N LEU A 58 -2.02 0.35 -32.45
CA LEU A 58 -3.20 0.83 -31.72
C LEU A 58 -4.36 1.07 -32.68
N SER A 59 -4.07 1.53 -33.89
CA SER A 59 -5.09 1.67 -34.92
C SER A 59 -5.61 0.28 -35.29
N ALA A 60 -4.69 -0.67 -35.41
CA ALA A 60 -5.05 -2.05 -35.71
C ALA A 60 -5.96 -2.62 -34.63
N TYR A 61 -5.60 -2.38 -33.37
CA TYR A 61 -6.42 -2.79 -32.23
C TYR A 61 -7.85 -2.32 -32.38
N ASP A 62 -8.02 -1.05 -32.76
CA ASP A 62 -9.33 -0.46 -32.96
C ASP A 62 -10.14 -1.24 -33.99
N GLU A 63 -9.50 -1.62 -35.10
CA GLU A 63 -10.16 -2.37 -36.15
C GLU A 63 -10.49 -3.79 -35.69
N LYS A 64 -9.68 -4.32 -34.78
CA LYS A 64 -9.95 -5.63 -34.21
C LYS A 64 -11.22 -5.63 -33.38
N VAL A 65 -11.33 -4.65 -32.48
CA VAL A 65 -12.52 -4.51 -31.65
C VAL A 65 -13.76 -4.29 -32.51
N ARG A 66 -13.63 -3.43 -33.52
CA ARG A 66 -14.75 -3.16 -34.42
C ARG A 66 -15.23 -4.43 -35.09
N GLN A 67 -14.28 -5.27 -35.52
CA GLN A 67 -14.62 -6.52 -36.18
C GLN A 67 -15.33 -7.50 -35.24
N ILE A 68 -14.91 -7.51 -33.98
CA ILE A 68 -15.52 -8.42 -33.00
C ILE A 68 -16.97 -8.02 -32.71
N GLU A 69 -17.20 -6.74 -32.46
CA GLU A 69 -18.55 -6.25 -32.14
C GLU A 69 -19.49 -6.42 -33.33
N ASN A 70 -18.92 -6.49 -34.53
CA ASN A 70 -19.72 -6.66 -35.74
C ASN A 70 -19.72 -8.10 -36.28
N GLY A 71 -19.10 -9.01 -35.55
CA GLY A 71 -19.04 -10.41 -35.95
C GLY A 71 -18.26 -10.64 -37.24
N GLU A 72 -17.11 -10.00 -37.36
CA GLU A 72 -16.28 -10.14 -38.55
C GLU A 72 -14.94 -10.80 -38.23
N ASN A 73 -14.48 -11.66 -39.13
CA ASN A 73 -13.19 -12.34 -38.99
C ASN A 73 -12.06 -11.57 -39.67
N GLY A 74 -12.43 -10.54 -40.43
CA GLY A 74 -11.50 -9.73 -41.19
C GLY A 74 -12.24 -8.52 -41.73
N PRO A 75 -11.60 -7.76 -42.63
CA PRO A 75 -12.23 -6.54 -43.13
C PRO A 75 -13.41 -6.82 -44.07
N LYS A 76 -14.61 -6.43 -43.62
CA LYS A 76 -15.85 -6.69 -44.35
C LYS A 76 -16.01 -8.17 -44.69
N MET A 77 -15.56 -9.05 -43.81
CA MET A 77 -15.74 -10.47 -44.01
C MET A 77 -16.33 -11.11 -42.77
N LYS A 78 -17.58 -11.54 -42.90
CA LYS A 78 -18.39 -11.93 -41.76
C LYS A 78 -18.05 -13.29 -41.21
N ALA A 79 -17.98 -13.36 -39.89
CA ALA A 79 -17.78 -14.63 -39.21
C ALA A 79 -19.08 -15.41 -39.17
N LYS A 80 -19.02 -16.63 -38.64
CA LYS A 80 -20.20 -17.41 -38.37
C LYS A 80 -21.12 -16.63 -37.41
N ASN A 81 -20.51 -16.10 -36.36
CA ASN A 81 -21.20 -15.33 -35.33
C ASN A 81 -20.20 -14.50 -34.55
N VAL A 82 -20.67 -13.78 -33.54
CA VAL A 82 -19.80 -12.93 -32.73
C VAL A 82 -18.81 -13.79 -31.93
N GLY A 83 -19.25 -14.96 -31.49
CA GLY A 83 -18.41 -15.85 -30.73
C GLY A 83 -17.19 -16.34 -31.51
N GLU A 84 -17.41 -16.68 -32.78
CA GLU A 84 -16.30 -17.13 -33.62
C GLU A 84 -15.32 -16.00 -33.91
N ALA A 85 -15.85 -14.80 -34.11
CA ALA A 85 -15.02 -13.62 -34.35
C ALA A 85 -14.10 -13.35 -33.17
N ARG A 86 -14.63 -13.49 -31.96
CA ARG A 86 -13.86 -13.26 -30.75
C ARG A 86 -12.82 -14.35 -30.53
N ALA A 87 -13.17 -15.58 -30.88
CA ALA A 87 -12.29 -16.73 -30.67
C ALA A 87 -11.00 -16.60 -31.49
N GLY A 88 -11.15 -16.13 -32.73
CA GLY A 88 -10.00 -15.92 -33.59
C GLY A 88 -9.03 -14.89 -33.05
N ARG A 89 -9.57 -13.86 -32.41
CA ARG A 89 -8.73 -12.81 -31.85
C ARG A 89 -8.13 -13.24 -30.51
N ALA A 90 -8.83 -14.13 -29.81
CA ALA A 90 -8.33 -14.68 -28.56
C ALA A 90 -7.13 -15.58 -28.83
N LEU A 91 -7.24 -16.38 -29.88
CA LEU A 91 -6.18 -17.30 -30.29
C LEU A 91 -4.94 -16.51 -30.71
N GLU A 92 -5.18 -15.44 -31.48
CA GLU A 92 -4.12 -14.54 -31.92
C GLU A 92 -3.37 -13.95 -30.74
N ALA A 93 -4.10 -13.35 -29.81
CA ALA A 93 -3.51 -12.67 -28.67
C ALA A 93 -2.75 -13.63 -27.77
N ALA A 94 -3.31 -14.81 -27.57
CA ALA A 94 -2.67 -15.84 -26.74
C ALA A 94 -1.36 -16.31 -27.35
N GLY A 95 -1.33 -16.43 -28.68
CA GLY A 95 -0.15 -16.90 -29.39
C GLY A 95 1.12 -16.11 -29.10
N TRP A 96 0.94 -14.83 -28.79
CA TRP A 96 2.06 -13.92 -28.55
C TRP A 96 2.70 -14.03 -27.16
N THR A 97 2.26 -15.01 -26.37
CA THR A 97 2.63 -15.05 -24.94
C THR A 97 4.13 -14.94 -24.66
N LEU A 98 4.95 -15.61 -25.47
CA LEU A 98 6.39 -15.55 -25.24
C LEU A 98 7.11 -14.57 -26.17
N ASP A 99 6.45 -13.46 -26.49
CA ASP A 99 7.07 -12.45 -27.33
C ASP A 99 6.85 -11.04 -26.76
N ILE A 100 7.89 -10.22 -26.80
CA ILE A 100 7.82 -8.85 -26.30
C ILE A 100 7.58 -7.84 -27.41
N ASN A 101 6.48 -7.11 -27.30
CA ASN A 101 6.15 -6.01 -28.20
C ASN A 101 6.35 -6.31 -29.69
N TYR A 102 5.78 -7.42 -30.13
CA TYR A 102 5.81 -7.83 -31.54
C TYR A 102 7.21 -7.96 -32.11
N GLY A 103 8.01 -8.86 -31.57
CA GLY A 103 9.27 -9.21 -32.20
C GLY A 103 10.50 -9.49 -31.35
N ASN A 104 10.44 -9.16 -30.06
CA ASN A 104 11.59 -9.33 -29.17
C ASN A 104 12.85 -8.66 -29.72
N ILE A 105 12.73 -7.42 -30.19
CA ILE A 105 13.86 -6.83 -30.90
C ILE A 105 14.86 -6.13 -29.98
N TYR A 106 14.45 -5.75 -28.76
CA TYR A 106 15.39 -5.14 -27.80
C TYR A 106 16.47 -6.15 -27.44
N PRO A 107 17.71 -5.93 -27.88
CA PRO A 107 18.73 -6.93 -27.57
C PRO A 107 19.11 -6.90 -26.08
N ASN A 108 19.47 -8.06 -25.54
CA ASN A 108 19.89 -8.19 -24.15
C ASN A 108 18.84 -7.68 -23.16
N ARG A 109 17.57 -7.87 -23.50
CA ARG A 109 16.46 -7.56 -22.60
C ARG A 109 15.49 -8.73 -22.58
N PHE A 110 14.83 -8.90 -21.43
CA PHE A 110 13.77 -9.90 -21.29
C PHE A 110 14.23 -11.29 -21.70
N PHE A 111 13.64 -11.84 -22.76
CA PHE A 111 14.00 -13.19 -23.20
C PHE A 111 15.32 -13.22 -23.96
N MET A 112 15.69 -12.08 -24.56
CA MET A 112 16.84 -12.04 -25.46
C MET A 112 18.17 -11.76 -24.75
N LEU A 113 18.34 -12.29 -23.53
CA LEU A 113 19.56 -12.09 -22.77
C LEU A 113 20.80 -12.59 -23.52
N TRP A 114 21.84 -11.77 -23.56
CA TRP A 114 23.07 -12.09 -24.29
C TRP A 114 23.99 -13.00 -23.49
N SER A 115 23.74 -13.09 -22.18
CA SER A 115 24.44 -14.03 -21.32
C SER A 115 23.42 -14.91 -20.62
N GLY A 116 23.86 -16.07 -20.16
CA GLY A 116 22.96 -16.97 -19.47
C GLY A 116 23.03 -16.85 -17.95
N GLU A 117 23.93 -15.99 -17.47
CA GLU A 117 24.27 -15.95 -16.05
C GLU A 117 23.09 -15.73 -15.10
N THR A 118 22.10 -14.92 -15.48
CA THR A 118 21.01 -14.59 -14.57
C THR A 118 19.78 -15.48 -14.73
N MET A 119 19.84 -16.48 -15.60
CA MET A 119 18.67 -17.33 -15.86
C MET A 119 18.47 -18.37 -14.77
N THR A 120 17.22 -18.63 -14.43
CA THR A 120 16.87 -19.59 -13.39
C THR A 120 17.41 -20.97 -13.71
N ASN A 121 17.44 -21.33 -14.99
CA ASN A 121 17.99 -22.61 -15.43
C ASN A 121 19.48 -22.71 -15.16
N THR A 122 20.23 -21.66 -15.51
CA THR A 122 21.67 -21.63 -15.31
C THR A 122 22.03 -21.72 -13.84
N GLN A 123 21.23 -21.05 -13.00
CA GLN A 123 21.46 -21.04 -11.58
C GLN A 123 21.18 -22.42 -10.97
N LEU A 124 20.12 -23.07 -11.43
CA LEU A 124 19.80 -24.40 -10.95
C LEU A 124 20.94 -25.38 -11.27
N TRP A 125 21.55 -25.22 -12.43
CA TRP A 125 22.56 -26.16 -12.90
C TRP A 125 23.99 -25.74 -12.60
N ALA A 126 24.15 -24.61 -11.92
CA ALA A 126 25.48 -24.08 -11.59
C ALA A 126 26.45 -25.10 -10.97
N PRO A 127 25.98 -25.99 -10.07
CA PRO A 127 26.93 -26.96 -9.52
C PRO A 127 27.58 -27.93 -10.52
N VAL A 128 26.94 -28.20 -11.66
CA VAL A 128 27.56 -29.06 -12.67
C VAL A 128 28.65 -28.27 -13.39
N GLY A 129 28.49 -26.95 -13.43
CA GLY A 129 29.50 -26.07 -13.98
C GLY A 129 29.71 -26.20 -15.48
N LEU A 130 28.69 -26.64 -16.20
CA LEU A 130 28.78 -26.81 -17.65
C LEU A 130 29.08 -25.50 -18.37
N ASP A 131 28.67 -24.38 -17.77
CA ASP A 131 28.88 -23.06 -18.37
C ASP A 131 30.29 -22.54 -18.10
N ARG A 132 30.94 -23.06 -17.07
CA ARG A 132 32.29 -22.64 -16.72
C ARG A 132 33.36 -23.59 -17.26
N ARG A 133 32.94 -24.80 -17.62
CA ARG A 133 33.85 -25.79 -18.17
C ARG A 133 34.23 -25.43 -19.60
N PRO A 134 35.54 -25.42 -19.92
CA PRO A 134 35.93 -25.16 -21.30
C PRO A 134 35.51 -26.33 -22.18
N PRO A 135 35.29 -26.09 -23.48
CA PRO A 135 34.78 -27.12 -24.41
C PRO A 135 35.59 -28.41 -24.40
N ASP A 136 34.89 -29.54 -24.50
CA ASP A 136 35.53 -30.84 -24.68
C ASP A 136 35.51 -31.22 -26.15
N THR A 137 34.90 -30.35 -26.96
CA THR A 137 34.83 -30.55 -28.40
C THR A 137 35.15 -29.27 -29.13
N THR A 138 36.10 -29.33 -30.05
CA THR A 138 36.47 -28.18 -30.85
C THR A 138 36.31 -28.46 -32.34
N ASP A 139 36.18 -29.73 -32.68
CA ASP A 139 35.99 -30.15 -34.07
C ASP A 139 34.67 -29.64 -34.64
N PRO A 140 34.76 -28.75 -35.63
CA PRO A 140 33.58 -28.10 -36.22
C PRO A 140 32.58 -29.10 -36.82
N VAL A 141 33.07 -30.21 -37.35
CA VAL A 141 32.18 -31.20 -37.97
C VAL A 141 31.27 -31.86 -36.94
N GLU A 142 31.83 -32.25 -35.80
CA GLU A 142 31.02 -32.86 -34.75
C GLU A 142 30.14 -31.83 -34.05
N LEU A 143 30.65 -30.61 -33.90
CA LEU A 143 29.88 -29.54 -33.30
C LEU A 143 28.68 -29.17 -34.18
N THR A 144 28.84 -29.33 -35.48
CA THR A 144 27.77 -29.03 -36.43
C THR A 144 26.64 -30.06 -36.29
N ASN A 145 27.01 -31.33 -36.15
CA ASN A 145 26.01 -32.38 -35.94
C ASN A 145 25.30 -32.22 -34.60
N TYR A 146 26.07 -31.93 -33.56
CA TYR A 146 25.51 -31.74 -32.22
C TYR A 146 24.50 -30.59 -32.18
N VAL A 147 24.85 -29.46 -32.79
CA VAL A 147 24.04 -28.26 -32.65
C VAL A 147 22.79 -28.31 -33.53
N LYS A 148 22.87 -28.95 -34.69
CA LYS A 148 21.69 -29.05 -35.55
C LYS A 148 20.70 -30.03 -34.93
N PHE A 149 21.22 -31.08 -34.30
CA PHE A 149 20.37 -32.02 -33.55
C PHE A 149 19.58 -31.27 -32.48
N ALA A 150 20.27 -30.49 -31.67
CA ALA A 150 19.64 -29.72 -30.60
C ALA A 150 18.64 -28.73 -31.15
N ALA A 151 18.99 -28.12 -32.30
CA ALA A 151 18.11 -27.16 -32.95
C ALA A 151 16.79 -27.80 -33.34
N ARG A 152 16.84 -29.03 -33.85
CA ARG A 152 15.63 -29.77 -34.17
C ARG A 152 14.83 -30.05 -32.90
N MET A 153 15.53 -30.47 -31.84
CA MET A 153 14.90 -30.67 -30.53
C MET A 153 14.25 -29.38 -30.06
N ALA A 154 14.86 -28.25 -30.40
CA ALA A 154 14.41 -26.95 -29.93
C ALA A 154 13.26 -26.37 -30.77
N GLY A 155 12.84 -27.11 -31.79
CA GLY A 155 11.64 -26.75 -32.52
C GLY A 155 11.83 -26.15 -33.90
N ALA A 156 13.04 -26.21 -34.44
CA ALA A 156 13.28 -25.72 -35.78
C ALA A 156 12.89 -26.78 -36.80
N ASP A 157 12.18 -26.38 -37.84
CA ASP A 157 11.86 -27.27 -38.95
C ASP A 157 13.02 -27.25 -39.93
N LEU A 158 13.64 -26.09 -40.06
CA LEU A 158 14.83 -25.93 -40.89
C LEU A 158 15.95 -25.30 -40.06
N VAL A 159 17.18 -25.76 -40.27
CA VAL A 159 18.33 -25.15 -39.64
C VAL A 159 19.52 -25.15 -40.61
N GLY A 160 20.25 -24.03 -40.64
CA GLY A 160 21.43 -23.90 -41.46
C GLY A 160 22.50 -23.05 -40.79
N VAL A 161 23.75 -23.22 -41.24
CA VAL A 161 24.87 -22.46 -40.69
C VAL A 161 25.53 -21.61 -41.77
N ALA A 162 25.89 -20.38 -41.42
CA ALA A 162 26.68 -19.52 -42.29
C ALA A 162 27.76 -18.80 -41.49
N ARG A 163 28.82 -18.38 -42.18
CA ARG A 163 29.74 -17.42 -41.60
C ARG A 163 28.97 -16.13 -41.43
N LEU A 164 29.27 -15.38 -40.39
CA LEU A 164 28.55 -14.14 -40.12
C LEU A 164 28.99 -13.02 -41.08
N ASN A 165 28.02 -12.42 -41.77
CA ASN A 165 28.26 -11.25 -42.61
C ASN A 165 27.73 -10.01 -41.93
N ARG A 166 28.65 -9.13 -41.52
CA ARG A 166 28.31 -7.95 -40.73
C ARG A 166 27.54 -6.90 -41.52
N ASN A 167 27.52 -7.03 -42.85
CA ASN A 167 26.70 -6.14 -43.68
C ASN A 167 25.23 -6.21 -43.27
N TRP A 168 24.81 -7.38 -42.81
CA TRP A 168 23.41 -7.62 -42.51
C TRP A 168 23.07 -7.39 -41.04
N VAL A 169 24.08 -7.10 -40.22
CA VAL A 169 23.86 -6.77 -38.81
C VAL A 169 23.52 -5.29 -38.65
N TYR A 170 22.43 -5.00 -37.93
CA TYR A 170 22.00 -3.62 -37.73
C TYR A 170 23.13 -2.75 -37.16
N SER A 171 23.32 -1.57 -37.74
CA SER A 171 24.30 -0.63 -37.24
C SER A 171 23.90 -0.17 -35.84
N GLU A 172 22.61 0.10 -35.68
CA GLU A 172 22.07 0.48 -34.38
C GLU A 172 20.76 -0.24 -34.11
N ALA A 173 20.58 -0.68 -32.87
CA ALA A 173 19.39 -1.42 -32.50
C ALA A 173 18.38 -0.53 -31.80
N VAL A 174 17.10 -0.85 -31.95
CA VAL A 174 16.07 -0.23 -31.14
C VAL A 174 15.94 -1.05 -29.86
N THR A 175 16.05 -0.36 -28.73
CA THR A 175 16.04 -1.04 -27.42
C THR A 175 15.51 -0.10 -26.35
N ILE A 176 15.51 -0.56 -25.11
CA ILE A 176 15.16 0.29 -23.99
C ILE A 176 16.33 0.35 -23.02
N PRO A 177 16.42 1.43 -22.23
CA PRO A 177 17.45 1.43 -21.18
C PRO A 177 17.15 0.40 -20.09
N ALA A 178 18.20 -0.14 -19.50
CA ALA A 178 18.11 -1.30 -18.60
C ALA A 178 17.18 -1.08 -17.40
N ASP A 179 17.16 0.13 -16.86
CA ASP A 179 16.40 0.41 -15.65
C ASP A 179 14.91 0.62 -15.93
N VAL A 180 14.52 0.55 -17.19
CA VAL A 180 13.13 0.71 -17.58
C VAL A 180 12.39 -0.64 -17.52
N PRO A 181 11.25 -0.66 -16.83
CA PRO A 181 10.37 -1.84 -16.71
C PRO A 181 9.45 -1.98 -17.92
N TYR A 182 8.89 -3.17 -18.13
CA TYR A 182 8.07 -3.41 -19.33
C TYR A 182 6.94 -2.41 -19.51
N GLU A 183 6.27 -2.07 -18.41
CA GLU A 183 5.07 -1.22 -18.47
C GLU A 183 5.33 0.14 -19.12
N GLN A 184 6.60 0.53 -19.22
CA GLN A 184 6.96 1.81 -19.79
C GLN A 184 7.75 1.66 -21.10
N SER A 185 8.09 0.43 -21.45
CA SER A 185 8.99 0.13 -22.57
C SER A 185 8.65 0.86 -23.86
N LEU A 186 7.39 0.79 -24.29
CA LEU A 186 6.96 1.43 -25.53
C LEU A 186 7.25 2.93 -25.54
N HIS A 187 7.08 3.56 -24.39
CA HIS A 187 7.26 5.01 -24.28
C HIS A 187 8.71 5.45 -24.04
N LYS A 188 9.67 4.52 -24.14
CA LYS A 188 11.04 4.87 -23.81
C LYS A 188 12.09 4.18 -24.69
N GLU A 189 11.70 3.86 -25.92
CA GLU A 189 12.62 3.21 -26.86
C GLU A 189 13.72 4.17 -27.31
N ILE A 190 14.96 3.66 -27.35
CA ILE A 190 16.10 4.43 -27.85
C ILE A 190 16.82 3.71 -28.98
N GLU A 191 17.81 4.38 -29.56
CA GLU A 191 18.76 3.72 -30.46
C GLU A 191 20.05 3.46 -29.71
N LYS A 192 20.79 2.45 -30.16
CA LYS A 192 22.03 2.06 -29.50
C LYS A 192 22.89 1.27 -30.47
N PRO A 193 24.13 1.73 -30.70
CA PRO A 193 24.95 1.08 -31.73
C PRO A 193 25.37 -0.34 -31.36
N ILE A 194 25.57 -1.16 -32.39
CA ILE A 194 26.15 -2.48 -32.23
C ILE A 194 27.54 -2.45 -32.84
N VAL A 195 28.55 -2.76 -32.04
CA VAL A 195 29.91 -2.71 -32.53
C VAL A 195 30.63 -4.04 -32.30
N PHE A 196 31.75 -4.22 -33.01
CA PHE A 196 32.55 -5.41 -32.91
C PHE A 196 33.94 -5.05 -32.38
N LYS A 197 34.26 -5.53 -31.18
CA LYS A 197 35.53 -5.21 -30.54
C LYS A 197 36.25 -6.48 -30.10
N ASP A 198 37.53 -6.35 -29.76
CA ASP A 198 38.28 -7.46 -29.19
C ASP A 198 37.95 -7.62 -27.72
N VAL A 199 36.92 -8.41 -27.44
CA VAL A 199 36.49 -8.70 -26.08
C VAL A 199 36.22 -10.20 -25.97
N PRO A 200 36.29 -10.75 -24.75
CA PRO A 200 36.06 -12.20 -24.67
C PRO A 200 34.59 -12.62 -24.74
N LEU A 201 33.67 -11.85 -24.17
CA LEU A 201 32.26 -12.21 -24.18
C LEU A 201 31.37 -11.08 -24.69
N PRO A 202 30.19 -11.44 -25.26
CA PRO A 202 29.21 -10.40 -25.62
C PRO A 202 28.77 -9.62 -24.38
N ILE A 203 28.94 -8.30 -24.42
CA ILE A 203 28.67 -7.46 -23.26
C ILE A 203 27.94 -6.19 -23.70
N GLU A 204 27.08 -5.68 -22.81
CA GLU A 204 26.44 -4.39 -23.04
C GLU A 204 27.00 -3.34 -22.07
N THR A 205 27.21 -2.14 -22.58
CA THR A 205 27.61 -1.02 -21.73
C THR A 205 26.53 0.05 -21.78
N ASP A 206 26.75 1.15 -21.08
CA ASP A 206 25.83 2.28 -21.11
C ASP A 206 25.62 2.81 -22.54
N ASP A 207 26.67 2.74 -23.35
CA ASP A 207 26.65 3.37 -24.67
C ASP A 207 26.57 2.39 -25.84
N GLU A 208 27.20 1.22 -25.72
CA GLU A 208 27.29 0.30 -26.84
C GLU A 208 26.80 -1.11 -26.56
N LEU A 209 26.36 -1.79 -27.62
CA LEU A 209 26.19 -3.24 -27.59
C LEU A 209 27.39 -3.85 -28.31
N ILE A 210 28.14 -4.67 -27.58
CA ILE A 210 29.41 -5.16 -28.12
C ILE A 210 29.40 -6.65 -28.41
N ILE A 211 29.69 -6.99 -29.66
CA ILE A 211 29.83 -8.37 -30.09
C ILE A 211 31.31 -8.66 -30.32
N PRO A 212 31.84 -9.72 -29.71
CA PRO A 212 33.24 -10.07 -29.89
C PRO A 212 33.60 -10.28 -31.36
N ASN A 213 34.86 -10.05 -31.71
CA ASN A 213 35.33 -10.31 -33.07
C ASN A 213 35.43 -11.80 -33.34
N THR A 214 35.46 -12.58 -32.26
CA THR A 214 35.51 -14.04 -32.37
C THR A 214 34.17 -14.62 -32.84
N CYS A 215 33.11 -13.80 -32.76
CA CYS A 215 31.79 -14.23 -33.20
C CYS A 215 31.79 -14.53 -34.69
N GLU A 216 32.08 -15.79 -35.03
CA GLU A 216 32.37 -16.18 -36.40
C GLU A 216 31.16 -16.68 -37.18
N ASN A 217 30.16 -17.18 -36.48
CA ASN A 217 29.06 -17.88 -37.16
C ASN A 217 27.66 -17.44 -36.76
N VAL A 218 26.71 -17.64 -37.67
CA VAL A 218 25.31 -17.45 -37.35
C VAL A 218 24.52 -18.72 -37.70
N ILE A 219 23.74 -19.19 -36.73
CA ILE A 219 22.83 -20.31 -36.96
C ILE A 219 21.44 -19.78 -37.24
N VAL A 220 20.85 -20.21 -38.35
CA VAL A 220 19.55 -19.71 -38.77
C VAL A 220 18.50 -20.82 -38.72
N ALA A 221 17.33 -20.51 -38.18
CA ALA A 221 16.27 -21.51 -38.05
C ALA A 221 15.01 -21.11 -38.81
N GLY A 222 14.41 -22.10 -39.46
CA GLY A 222 13.13 -21.93 -40.11
C GLY A 222 12.03 -22.56 -39.27
N ILE A 223 11.00 -21.79 -38.97
CA ILE A 223 9.90 -22.26 -38.13
C ILE A 223 8.59 -22.25 -38.90
N ALA A 224 8.08 -23.44 -39.22
CA ALA A 224 6.97 -23.58 -40.17
C ALA A 224 5.61 -23.14 -39.62
N MET A 225 4.95 -22.28 -40.38
CA MET A 225 3.60 -21.82 -40.06
C MET A 225 2.55 -22.80 -40.62
N ASN A 226 1.31 -22.65 -40.18
CA ASN A 226 0.25 -23.55 -40.64
C ASN A 226 -0.31 -23.13 -41.99
N ARG A 227 -0.51 -24.10 -42.88
CA ARG A 227 -0.98 -23.86 -44.23
C ARG A 227 -2.41 -23.31 -44.24
N GLU A 228 -3.31 -24.07 -43.63
CA GLU A 228 -4.73 -23.74 -43.56
C GLU A 228 -4.96 -22.33 -43.01
N MET A 229 -4.28 -22.01 -41.91
CA MET A 229 -4.50 -20.74 -41.24
C MET A 229 -3.92 -19.58 -42.04
N MET A 230 -2.76 -19.81 -42.66
CA MET A 230 -2.14 -18.77 -43.48
C MET A 230 -3.01 -18.46 -44.70
N GLN A 231 -3.71 -19.48 -45.20
CA GLN A 231 -4.57 -19.31 -46.37
C GLN A 231 -5.78 -18.41 -46.09
N THR A 232 -6.03 -18.07 -44.83
CA THR A 232 -7.15 -17.20 -44.51
C THR A 232 -6.76 -15.72 -44.56
N ALA A 233 -5.49 -15.45 -44.88
CA ALA A 233 -4.98 -14.08 -44.96
C ALA A 233 -5.85 -13.22 -45.86
N PRO A 234 -6.11 -11.97 -45.46
CA PRO A 234 -5.54 -11.29 -44.30
C PRO A 234 -6.35 -11.40 -43.00
N ASN A 235 -7.15 -12.45 -42.85
CA ASN A 235 -8.03 -12.55 -41.70
C ASN A 235 -7.36 -13.12 -40.45
N SER A 236 -8.14 -13.26 -39.39
CA SER A 236 -7.61 -13.48 -38.04
C SER A 236 -6.78 -14.76 -37.85
N MET A 237 -7.18 -15.86 -38.49
CA MET A 237 -6.46 -17.12 -38.30
C MET A 237 -5.05 -17.06 -38.87
N ALA A 238 -4.82 -16.18 -39.83
CA ALA A 238 -3.48 -15.94 -40.34
C ALA A 238 -2.64 -15.17 -39.33
N CYS A 239 -3.30 -14.32 -38.56
CA CYS A 239 -2.64 -13.60 -37.47
C CYS A 239 -2.20 -14.58 -36.39
N ALA A 240 -3.05 -15.57 -36.12
CA ALA A 240 -2.84 -16.53 -35.05
C ALA A 240 -1.62 -17.43 -35.29
N THR A 241 -1.50 -17.98 -36.50
CA THR A 241 -0.36 -18.83 -36.79
C THR A 241 0.94 -18.02 -36.83
N THR A 242 0.82 -16.75 -37.20
CA THR A 242 1.96 -15.83 -37.11
C THR A 242 2.38 -15.65 -35.65
N ALA A 243 1.40 -15.32 -34.81
CA ALA A 243 1.64 -15.08 -33.40
C ALA A 243 2.29 -16.26 -32.72
N PHE A 244 1.69 -17.44 -32.88
CA PHE A 244 2.19 -18.65 -32.24
C PHE A 244 3.63 -18.99 -32.61
N CYS A 245 4.00 -18.72 -33.86
CA CYS A 245 5.35 -19.04 -34.32
C CYS A 245 6.39 -18.08 -33.77
N TYR A 246 5.96 -16.88 -33.39
CA TYR A 246 6.88 -15.94 -32.76
C TYR A 246 7.29 -16.44 -31.38
N SER A 247 6.34 -17.04 -30.67
CA SER A 247 6.64 -17.63 -29.37
C SER A 247 7.53 -18.86 -29.53
N ARG A 248 7.28 -19.64 -30.59
CA ARG A 248 8.15 -20.78 -30.91
C ARG A 248 9.56 -20.30 -31.22
N MET A 249 9.64 -19.17 -31.91
CA MET A 249 10.92 -18.54 -32.23
C MET A 249 11.68 -18.22 -30.96
N CYS A 250 11.00 -17.61 -30.01
CA CYS A 250 11.59 -17.20 -28.75
C CYS A 250 12.14 -18.41 -27.99
N MET A 251 11.37 -19.47 -27.94
CA MET A 251 11.81 -20.59 -27.14
C MET A 251 12.91 -21.37 -27.85
N PHE A 252 12.95 -21.28 -29.18
CA PHE A 252 14.06 -21.86 -29.92
C PHE A 252 15.38 -21.19 -29.50
N ASP A 253 15.38 -19.86 -29.51
CA ASP A 253 16.59 -19.10 -29.21
C ASP A 253 17.11 -19.39 -27.80
N MET A 254 16.21 -19.47 -26.84
CA MET A 254 16.60 -19.70 -25.45
C MET A 254 17.18 -21.10 -25.24
N TRP A 255 16.44 -22.10 -25.72
CA TRP A 255 16.92 -23.49 -25.71
C TRP A 255 18.32 -23.62 -26.32
N LEU A 256 18.47 -23.07 -27.52
CA LEU A 256 19.70 -23.25 -28.29
C LEU A 256 20.88 -22.47 -27.70
N CYS A 257 20.63 -21.26 -27.23
CA CYS A 257 21.68 -20.47 -26.60
C CYS A 257 22.21 -21.19 -25.37
N GLN A 258 21.31 -21.77 -24.58
CA GLN A 258 21.69 -22.52 -23.38
C GLN A 258 22.54 -23.73 -23.73
N PHE A 259 22.17 -24.44 -24.80
CA PHE A 259 22.93 -25.61 -25.22
C PHE A 259 24.35 -25.24 -25.61
N ILE A 260 24.48 -24.17 -26.39
CA ILE A 260 25.77 -23.68 -26.85
C ILE A 260 26.66 -23.27 -25.68
N ARG A 261 26.06 -22.58 -24.70
CA ARG A 261 26.78 -22.15 -23.51
C ARG A 261 27.23 -23.33 -22.67
N TYR A 262 26.33 -24.30 -22.50
CA TYR A 262 26.65 -25.50 -21.75
C TYR A 262 27.65 -26.38 -22.49
N MET A 263 27.90 -26.04 -23.75
CA MET A 263 28.92 -26.72 -24.54
C MET A 263 30.28 -26.02 -24.43
N GLY A 264 30.29 -24.83 -23.82
CA GLY A 264 31.53 -24.12 -23.55
C GLY A 264 31.79 -22.93 -24.45
N TYR A 265 30.74 -22.41 -25.07
CA TYR A 265 30.87 -21.28 -25.98
C TYR A 265 29.86 -20.20 -25.61
N TYR A 266 29.86 -19.07 -26.31
CA TYR A 266 28.82 -18.06 -26.08
C TYR A 266 27.81 -18.02 -27.22
N ALA A 267 26.64 -17.44 -26.95
CA ALA A 267 25.57 -17.43 -27.94
C ALA A 267 24.72 -16.17 -27.80
N ILE A 268 24.30 -15.61 -28.93
CA ILE A 268 23.48 -14.42 -28.94
C ILE A 268 22.15 -14.65 -29.64
N PRO A 269 21.04 -14.59 -28.89
CA PRO A 269 19.69 -14.71 -29.45
C PRO A 269 19.29 -13.42 -30.17
N SER A 270 18.26 -13.45 -30.99
CA SER A 270 17.86 -12.24 -31.70
C SER A 270 16.37 -12.14 -32.03
N CYS A 271 15.78 -13.25 -32.46
CA CYS A 271 14.43 -13.25 -33.04
C CYS A 271 14.37 -12.21 -34.16
N ASN A 272 13.53 -11.20 -34.02
CA ASN A 272 13.42 -10.17 -35.06
C ASN A 272 14.44 -9.05 -34.92
N GLY A 273 15.33 -9.16 -33.94
CA GLY A 273 16.29 -8.10 -33.68
C GLY A 273 17.69 -8.35 -34.21
N VAL A 274 18.59 -7.42 -33.89
CA VAL A 274 20.03 -7.53 -34.15
C VAL A 274 20.43 -7.48 -35.62
N GLY A 275 19.75 -8.23 -36.47
CA GLY A 275 20.10 -8.28 -37.89
C GLY A 275 18.99 -8.70 -38.82
N GLN A 276 19.26 -8.67 -40.13
CA GLN A 276 18.28 -8.99 -41.15
C GLN A 276 18.18 -10.50 -41.41
N SER A 277 17.08 -11.09 -40.99
CA SER A 277 16.89 -12.54 -41.01
C SER A 277 16.93 -13.16 -42.41
N VAL A 278 16.34 -12.48 -43.39
CA VAL A 278 16.26 -13.02 -44.74
C VAL A 278 17.65 -13.17 -45.36
N ALA A 279 18.51 -12.18 -45.13
CA ALA A 279 19.87 -12.21 -45.64
C ALA A 279 20.65 -13.41 -45.12
N PHE A 280 20.63 -13.61 -43.80
CA PHE A 280 21.31 -14.75 -43.18
C PHE A 280 20.75 -16.07 -43.68
N ALA A 281 19.43 -16.15 -43.78
CA ALA A 281 18.76 -17.36 -44.23
C ALA A 281 19.23 -17.78 -45.61
N VAL A 282 19.38 -16.81 -46.50
CA VAL A 282 19.87 -17.07 -47.85
C VAL A 282 21.34 -17.53 -47.81
N GLU A 283 22.17 -16.83 -47.07
CA GLU A 283 23.58 -17.18 -46.98
C GLU A 283 23.78 -18.53 -46.27
N ALA A 284 22.86 -18.88 -45.38
CA ALA A 284 22.95 -20.15 -44.66
C ALA A 284 22.27 -21.28 -45.44
N GLY A 285 21.70 -20.95 -46.58
CA GLY A 285 21.18 -21.95 -47.50
C GLY A 285 19.80 -22.50 -47.18
N LEU A 286 19.00 -21.73 -46.46
CA LEU A 286 17.62 -22.15 -46.19
C LEU A 286 16.78 -22.00 -47.45
N GLY A 287 16.98 -20.91 -48.19
CA GLY A 287 16.28 -20.70 -49.44
C GLY A 287 16.83 -19.53 -50.23
N GLN A 288 16.01 -18.98 -51.12
CA GLN A 288 16.39 -17.86 -51.97
C GLN A 288 15.48 -16.66 -51.74
N ALA A 289 16.03 -15.46 -51.99
CA ALA A 289 15.24 -14.23 -51.86
C ALA A 289 14.19 -14.19 -52.98
N SER A 290 13.10 -13.47 -52.74
CA SER A 290 11.98 -13.45 -53.67
C SER A 290 11.51 -12.04 -53.99
N ARG A 291 10.58 -11.91 -54.92
CA ARG A 291 10.01 -10.61 -55.28
C ARG A 291 9.36 -9.94 -54.08
N MET A 292 8.63 -10.72 -53.28
CA MET A 292 7.94 -10.17 -52.12
C MET A 292 8.94 -9.75 -51.05
N GLY A 293 10.11 -10.36 -51.05
CA GLY A 293 11.16 -9.99 -50.12
C GLY A 293 11.47 -11.06 -49.07
N ALA A 294 10.71 -12.15 -49.10
CA ALA A 294 10.91 -13.22 -48.14
C ALA A 294 11.92 -14.23 -48.65
N CYS A 295 12.41 -15.07 -47.74
CA CYS A 295 13.21 -16.21 -48.12
C CYS A 295 12.29 -17.37 -48.44
N ILE A 296 12.35 -17.86 -49.68
CA ILE A 296 11.48 -18.95 -50.10
C ILE A 296 12.23 -20.28 -50.01
N THR A 297 11.62 -21.23 -49.31
CA THR A 297 12.26 -22.52 -49.03
C THR A 297 11.63 -23.63 -49.86
N PRO A 298 12.43 -24.67 -50.20
CA PRO A 298 11.90 -25.80 -50.95
C PRO A 298 10.77 -26.54 -50.23
N GLU A 299 10.77 -26.52 -48.91
CA GLU A 299 9.81 -27.30 -48.14
C GLU A 299 8.51 -26.56 -47.83
N PHE A 300 8.62 -25.26 -47.58
CA PHE A 300 7.48 -24.49 -47.10
C PHE A 300 7.18 -23.27 -47.95
N GLY A 301 8.04 -23.02 -48.94
CA GLY A 301 8.00 -21.76 -49.65
C GLY A 301 8.28 -20.66 -48.65
N PRO A 302 7.58 -19.53 -48.78
CA PRO A 302 7.74 -18.41 -47.85
C PRO A 302 6.88 -18.54 -46.59
N ASN A 303 6.10 -19.61 -46.46
CA ASN A 303 5.24 -19.77 -45.30
C ASN A 303 6.01 -20.37 -44.12
N VAL A 304 7.02 -19.63 -43.69
CA VAL A 304 7.92 -20.08 -42.65
C VAL A 304 8.50 -18.84 -41.97
N ARG A 305 8.78 -18.93 -40.67
CA ARG A 305 9.36 -17.79 -39.99
C ARG A 305 10.83 -18.06 -39.73
N LEU A 306 11.59 -16.98 -39.47
CA LEU A 306 13.03 -17.09 -39.28
C LEU A 306 13.47 -16.54 -37.92
N THR A 307 14.49 -17.18 -37.35
CA THR A 307 15.20 -16.63 -36.20
C THR A 307 16.65 -17.07 -36.33
N LYS A 308 17.51 -16.56 -35.46
CA LYS A 308 18.94 -16.73 -35.64
C LYS A 308 19.71 -16.59 -34.33
N VAL A 309 20.83 -17.32 -34.23
CA VAL A 309 21.71 -17.23 -33.08
C VAL A 309 23.16 -17.07 -33.52
N PHE A 310 23.83 -16.05 -33.00
CA PHE A 310 25.22 -15.77 -33.33
C PHE A 310 26.14 -16.39 -32.27
N THR A 311 27.21 -17.04 -32.70
CA THR A 311 28.05 -17.80 -31.77
C THR A 311 29.48 -17.97 -32.27
N ASN A 312 30.40 -18.15 -31.33
CA ASN A 312 31.80 -18.37 -31.65
C ASN A 312 32.12 -19.85 -31.85
N MET A 313 31.15 -20.71 -31.54
CA MET A 313 31.33 -22.14 -31.71
C MET A 313 31.75 -22.48 -33.13
N PRO A 314 32.86 -23.22 -33.28
CA PRO A 314 33.36 -23.65 -34.60
C PRO A 314 32.32 -24.49 -35.33
N LEU A 315 32.08 -24.19 -36.60
CA LEU A 315 31.04 -24.86 -37.36
C LEU A 315 31.37 -24.96 -38.85
N VAL A 316 30.73 -25.91 -39.51
CA VAL A 316 30.83 -26.06 -40.96
C VAL A 316 29.70 -25.29 -41.63
N PRO A 317 30.03 -24.22 -42.37
CA PRO A 317 28.96 -23.47 -43.03
C PRO A 317 28.27 -24.30 -44.08
N ASP A 318 26.98 -24.04 -44.31
CA ASP A 318 26.27 -24.74 -45.37
C ASP A 318 26.49 -24.03 -46.71
N LYS A 319 26.33 -24.79 -47.79
CA LYS A 319 26.36 -24.22 -49.13
C LYS A 319 25.05 -23.49 -49.41
N PRO A 320 25.12 -22.36 -50.12
CA PRO A 320 23.85 -21.73 -50.52
C PRO A 320 23.08 -22.59 -51.51
N ILE A 321 21.82 -22.26 -51.73
CA ILE A 321 20.95 -23.05 -52.58
C ILE A 321 20.40 -22.22 -53.75
N ASP A 322 20.32 -22.84 -54.92
CA ASP A 322 19.67 -22.22 -56.08
C ASP A 322 18.75 -23.24 -56.73
N PHE A 323 17.46 -23.13 -56.49
CA PHE A 323 16.53 -24.06 -57.12
C PHE A 323 15.57 -23.34 -58.05
N GLY A 324 15.94 -22.12 -58.45
CA GLY A 324 15.26 -21.43 -59.53
C GLY A 324 14.32 -20.31 -59.15
N VAL A 325 14.28 -19.95 -57.86
CA VAL A 325 13.35 -18.93 -57.36
C VAL A 325 13.42 -17.61 -58.14
N THR A 326 14.63 -17.11 -58.33
CA THR A 326 14.84 -15.84 -59.01
C THR A 326 14.19 -15.81 -60.39
N GLU A 327 14.50 -16.83 -61.19
CA GLU A 327 13.95 -16.94 -62.53
C GLU A 327 12.42 -17.02 -62.51
N PHE A 328 11.87 -17.72 -61.51
CA PHE A 328 10.41 -17.83 -61.38
C PHE A 328 9.75 -16.51 -60.99
N CYS A 329 10.36 -15.77 -60.06
CA CYS A 329 9.81 -14.49 -59.63
C CYS A 329 9.94 -13.45 -60.74
N GLU A 330 10.98 -13.58 -61.55
CA GLU A 330 11.21 -12.66 -62.67
C GLU A 330 10.01 -12.63 -63.63
N THR A 331 9.31 -13.76 -63.78
CA THR A 331 8.16 -13.82 -64.67
C THR A 331 6.80 -13.84 -63.94
N CYS A 332 6.76 -14.45 -62.76
CA CYS A 332 5.55 -14.47 -61.96
C CYS A 332 5.39 -13.15 -61.22
N LYS A 333 4.17 -12.61 -61.18
CA LYS A 333 3.93 -11.34 -60.50
C LYS A 333 2.73 -11.45 -59.56
N LYS A 334 2.48 -12.65 -59.07
CA LYS A 334 1.24 -12.93 -58.36
C LYS A 334 1.09 -12.13 -57.06
N CYS A 335 2.14 -12.10 -56.25
CA CYS A 335 2.08 -11.37 -54.99
C CYS A 335 1.87 -9.88 -55.23
N ALA A 336 2.63 -9.33 -56.18
CA ALA A 336 2.52 -7.93 -56.55
C ALA A 336 1.11 -7.57 -57.00
N ARG A 337 0.48 -8.47 -57.75
CA ARG A 337 -0.85 -8.22 -58.28
C ARG A 337 -1.95 -8.39 -57.23
N GLU A 338 -1.73 -9.28 -56.27
CA GLU A 338 -2.74 -9.57 -55.25
C GLU A 338 -2.57 -8.73 -53.99
N CYS A 339 -1.43 -8.05 -53.87
CA CYS A 339 -1.16 -7.23 -52.69
C CYS A 339 -2.15 -6.06 -52.58
N PRO A 340 -2.92 -6.03 -51.48
CA PRO A 340 -3.98 -5.02 -51.30
C PRO A 340 -3.47 -3.58 -51.20
N SER A 341 -2.16 -3.39 -51.01
CA SER A 341 -1.63 -2.04 -50.81
C SER A 341 -0.69 -1.61 -51.93
N LYS A 342 -0.46 -2.49 -52.89
CA LYS A 342 0.47 -2.26 -54.01
C LYS A 342 1.86 -1.92 -53.50
N ALA A 343 2.27 -2.60 -52.43
CA ALA A 343 3.59 -2.40 -51.86
C ALA A 343 4.65 -3.11 -52.68
N ILE A 344 4.28 -4.23 -53.29
CA ILE A 344 5.24 -5.08 -53.99
C ILE A 344 5.39 -4.67 -55.45
N THR A 345 6.64 -4.45 -55.87
CA THR A 345 6.93 -3.99 -57.22
C THR A 345 6.73 -5.07 -58.27
N GLU A 346 6.30 -4.65 -59.46
CA GLU A 346 6.25 -5.54 -60.61
C GLU A 346 7.49 -5.33 -61.47
N GLY A 347 8.41 -4.49 -61.00
CA GLY A 347 9.59 -4.15 -61.77
C GLY A 347 10.74 -5.11 -61.58
N PRO A 348 11.90 -4.79 -62.18
CA PRO A 348 13.10 -5.62 -62.04
C PRO A 348 13.91 -5.23 -60.81
N ARG A 349 14.87 -6.07 -60.45
CA ARG A 349 15.69 -5.83 -59.27
C ARG A 349 16.70 -4.72 -59.52
N THR A 350 16.87 -3.83 -58.55
CA THR A 350 17.91 -2.81 -58.60
C THR A 350 18.71 -2.76 -57.29
N PHE A 351 19.71 -1.89 -57.24
CA PHE A 351 20.49 -1.67 -56.04
C PHE A 351 19.99 -0.44 -55.29
N GLU A 352 18.85 0.09 -55.73
CA GLU A 352 18.38 1.37 -55.22
C GLU A 352 17.09 1.24 -54.41
N GLY A 353 17.18 1.58 -53.12
CA GLY A 353 16.03 1.56 -52.24
C GLY A 353 14.96 2.53 -52.70
N ARG A 354 13.70 2.15 -52.54
CA ARG A 354 12.60 3.01 -52.95
C ARG A 354 12.29 4.06 -51.89
N SER A 355 12.73 3.80 -50.65
CA SER A 355 12.60 4.77 -49.57
C SER A 355 13.56 4.40 -48.44
N ILE A 356 13.44 5.10 -47.32
CA ILE A 356 14.35 4.93 -46.19
C ILE A 356 14.23 3.53 -45.57
N HIS A 357 13.15 2.83 -45.88
CA HIS A 357 12.88 1.52 -45.29
C HIS A 357 13.73 0.42 -45.92
N ASN A 358 14.29 0.68 -47.09
CA ASN A 358 15.13 -0.30 -47.78
C ASN A 358 16.61 -0.11 -47.48
N GLN A 359 17.39 -1.17 -47.59
CA GLN A 359 18.85 -1.04 -47.54
C GLN A 359 19.42 -0.97 -48.94
N SER A 360 19.92 0.21 -49.32
CA SER A 360 20.53 0.38 -50.64
C SER A 360 21.88 -0.33 -50.70
N GLY A 361 22.25 -0.80 -51.88
CA GLY A 361 23.57 -1.38 -52.06
C GLY A 361 23.59 -2.87 -52.36
N LYS A 362 22.43 -3.51 -52.29
CA LYS A 362 22.32 -4.94 -52.54
C LYS A 362 21.27 -5.20 -53.62
N LEU A 363 21.51 -6.16 -54.51
CA LEU A 363 20.57 -6.43 -55.57
C LEU A 363 19.35 -7.19 -55.06
N GLN A 364 18.17 -6.56 -55.18
CA GLN A 364 16.93 -7.17 -54.73
C GLN A 364 15.73 -6.47 -55.34
N TRP A 365 14.56 -7.06 -55.19
CA TRP A 365 13.34 -6.37 -55.55
C TRP A 365 13.00 -5.38 -54.45
N GLN A 366 12.75 -4.14 -54.85
CA GLN A 366 12.49 -3.08 -53.89
C GLN A 366 11.00 -2.85 -53.73
N ASN A 367 10.52 -3.01 -52.50
CA ASN A 367 9.12 -2.79 -52.23
C ASN A 367 8.93 -1.59 -51.31
N ASP A 368 7.73 -1.03 -51.32
CA ASP A 368 7.41 0.13 -50.47
C ASP A 368 6.71 -0.36 -49.21
N TYR A 369 7.46 -0.44 -48.12
CA TYR A 369 6.99 -1.12 -46.92
C TYR A 369 6.13 -0.23 -46.03
N ASN A 370 6.18 1.08 -46.28
CA ASN A 370 5.27 2.00 -45.65
C ASN A 370 3.84 1.78 -46.15
N LYS A 371 3.72 1.42 -47.42
CA LYS A 371 2.44 1.05 -48.00
C LYS A 371 1.91 -0.23 -47.36
N CYS A 372 2.78 -1.22 -47.21
CA CYS A 372 2.43 -2.48 -46.58
C CYS A 372 1.85 -2.27 -45.18
N LEU A 373 2.62 -1.61 -44.32
CA LEU A 373 2.20 -1.36 -42.95
C LEU A 373 0.90 -0.57 -42.93
N GLY A 374 0.72 0.28 -43.93
CA GLY A 374 -0.50 1.06 -44.06
C GLY A 374 -1.75 0.22 -44.10
N TYR A 375 -1.65 -0.97 -44.70
CA TYR A 375 -2.81 -1.85 -44.84
C TYR A 375 -3.12 -2.62 -43.54
N TRP A 376 -2.15 -2.70 -42.65
CA TRP A 376 -2.33 -3.48 -41.41
C TRP A 376 -3.44 -2.92 -40.51
N PRO A 377 -3.46 -1.59 -40.26
CA PRO A 377 -4.59 -1.11 -39.44
C PRO A 377 -5.92 -1.19 -40.19
N GLU A 378 -5.86 -1.20 -41.52
CA GLU A 378 -7.06 -1.31 -42.33
C GLU A 378 -7.73 -2.66 -42.15
N SER A 379 -6.92 -3.72 -42.19
CA SER A 379 -7.45 -5.08 -42.09
C SER A 379 -7.47 -5.59 -40.66
N GLY A 380 -6.73 -4.92 -39.77
CA GLY A 380 -6.72 -5.29 -38.36
C GLY A 380 -5.90 -6.54 -38.06
N GLY A 381 -4.86 -6.75 -38.85
CA GLY A 381 -3.99 -7.90 -38.66
C GLY A 381 -2.61 -7.67 -39.19
N TYR A 382 -1.94 -8.74 -39.59
CA TYR A 382 -0.59 -8.66 -40.13
C TYR A 382 -0.59 -9.09 -41.59
N CYS A 383 -1.78 -9.06 -42.19
CA CYS A 383 -1.99 -9.35 -43.60
C CYS A 383 -1.44 -10.72 -44.01
N GLY A 384 -0.41 -10.72 -44.86
CA GLY A 384 0.22 -11.96 -45.28
C GLY A 384 -0.34 -12.54 -46.56
N VAL A 385 -1.04 -11.72 -47.34
CA VAL A 385 -1.65 -12.17 -48.58
C VAL A 385 -0.60 -12.63 -49.58
N CYS A 386 0.53 -11.93 -49.61
CA CYS A 386 1.64 -12.30 -50.49
C CYS A 386 2.10 -13.74 -50.23
N VAL A 387 2.22 -14.10 -48.96
CA VAL A 387 2.63 -15.44 -48.57
C VAL A 387 1.56 -16.47 -48.93
N ALA A 388 0.29 -16.10 -48.76
CA ALA A 388 -0.81 -17.01 -49.01
C ALA A 388 -0.95 -17.40 -50.49
N VAL A 389 -0.71 -16.44 -51.39
CA VAL A 389 -0.96 -16.67 -52.82
C VAL A 389 0.27 -17.15 -53.59
N CYS A 390 1.45 -17.04 -53.00
CA CYS A 390 2.66 -17.50 -53.68
C CYS A 390 2.56 -19.01 -53.94
N PRO A 391 2.73 -19.42 -55.20
CA PRO A 391 2.61 -20.83 -55.60
C PRO A 391 3.61 -21.73 -54.86
N PHE A 392 4.67 -21.16 -54.33
CA PHE A 392 5.64 -21.93 -53.56
C PHE A 392 5.07 -22.40 -52.24
N THR A 393 4.06 -21.69 -51.74
CA THR A 393 3.40 -22.05 -50.49
C THR A 393 2.49 -23.27 -50.68
N LYS A 394 2.08 -23.50 -51.93
CA LYS A 394 1.06 -24.52 -52.23
C LYS A 394 1.50 -25.96 -51.96
N GLY A 395 2.81 -26.21 -51.87
CA GLY A 395 3.32 -27.50 -51.45
C GLY A 395 3.02 -28.71 -52.33
N ASN A 396 2.77 -28.44 -53.62
CA ASN A 396 2.55 -29.50 -54.60
C ASN A 396 3.46 -29.24 -55.79
N ILE A 397 4.69 -28.82 -55.50
CA ILE A 397 5.51 -28.13 -56.49
C ILE A 397 6.65 -28.96 -57.05
N TRP A 398 7.07 -29.99 -56.33
CA TRP A 398 8.24 -30.76 -56.75
C TRP A 398 7.90 -31.94 -57.62
N ILE A 399 8.76 -32.20 -58.58
CA ILE A 399 8.53 -33.18 -59.62
C ILE A 399 9.88 -33.74 -60.10
N HIS A 400 9.91 -35.03 -60.39
CA HIS A 400 11.12 -35.68 -60.89
C HIS A 400 10.92 -36.13 -62.34
N ASP A 401 11.66 -35.53 -63.27
CA ASP A 401 11.45 -35.83 -64.69
C ASP A 401 11.99 -37.20 -65.08
N GLY A 402 13.12 -37.58 -64.50
CA GLY A 402 13.72 -38.88 -64.77
C GLY A 402 15.19 -38.90 -64.38
N VAL A 403 15.85 -37.76 -64.53
CA VAL A 403 17.27 -37.64 -64.21
C VAL A 403 17.47 -36.81 -62.95
N GLU A 404 16.60 -35.82 -62.75
CA GLU A 404 16.77 -34.88 -61.66
C GLU A 404 15.44 -34.30 -61.18
N TRP A 405 15.48 -33.62 -60.04
CA TRP A 405 14.31 -32.93 -59.50
C TRP A 405 14.16 -31.54 -60.12
N LEU A 406 12.93 -31.03 -60.13
CA LEU A 406 12.68 -29.68 -60.61
C LEU A 406 11.31 -29.17 -60.17
N ILE A 407 11.14 -27.85 -60.17
CA ILE A 407 9.87 -27.22 -59.85
C ILE A 407 8.88 -27.34 -61.02
N ASP A 408 7.65 -27.72 -60.71
CA ASP A 408 6.61 -27.81 -61.74
C ASP A 408 5.93 -26.46 -61.99
N ASN A 409 6.30 -25.82 -63.10
CA ASN A 409 5.77 -24.49 -63.41
C ASN A 409 4.33 -24.50 -63.92
N THR A 410 3.71 -25.68 -63.95
CA THR A 410 2.29 -25.79 -64.22
C THR A 410 1.52 -24.93 -63.22
N ARG A 411 2.07 -24.84 -62.01
CA ARG A 411 1.49 -24.10 -60.90
C ARG A 411 1.63 -22.58 -61.01
N PHE A 412 2.58 -22.12 -61.83
CA PHE A 412 2.87 -20.70 -61.92
C PHE A 412 2.26 -20.10 -63.19
N LEU A 413 1.84 -20.98 -64.09
CA LEU A 413 1.58 -20.57 -65.47
C LEU A 413 0.22 -21.02 -66.01
N ASP A 414 -0.18 -22.25 -65.70
CA ASP A 414 -1.41 -22.81 -66.24
C ASP A 414 -2.65 -22.14 -65.64
N PRO A 415 -3.47 -21.50 -66.49
CA PRO A 415 -4.66 -20.75 -66.08
C PRO A 415 -5.64 -21.59 -65.28
N LEU A 416 -5.78 -22.86 -65.64
CA LEU A 416 -6.66 -23.75 -64.89
C LEU A 416 -6.18 -23.90 -63.45
N MET A 417 -4.90 -24.19 -63.28
CA MET A 417 -4.33 -24.36 -61.94
C MET A 417 -4.40 -23.07 -61.15
N LEU A 418 -4.16 -21.95 -61.83
CA LEU A 418 -4.24 -20.64 -61.20
C LEU A 418 -5.68 -20.30 -60.84
N GLY A 419 -6.60 -20.58 -61.77
CA GLY A 419 -8.01 -20.34 -61.56
C GLY A 419 -8.54 -21.11 -60.36
N MET A 420 -8.06 -22.34 -60.19
CA MET A 420 -8.40 -23.12 -59.01
C MET A 420 -7.88 -22.43 -57.76
N ASP A 421 -6.57 -22.18 -57.72
CA ASP A 421 -5.94 -21.58 -56.55
C ASP A 421 -6.58 -20.27 -56.10
N ASP A 422 -7.08 -19.49 -57.06
CA ASP A 422 -7.76 -18.25 -56.73
C ASP A 422 -9.12 -18.55 -56.11
N ALA A 423 -9.76 -19.61 -56.57
CA ALA A 423 -11.05 -20.02 -56.05
C ALA A 423 -10.91 -20.53 -54.61
N LEU A 424 -9.99 -21.46 -54.39
CA LEU A 424 -9.74 -22.00 -53.07
C LEU A 424 -9.31 -20.91 -52.07
N GLY A 425 -8.59 -19.92 -52.57
CA GLY A 425 -8.13 -18.81 -51.76
C GLY A 425 -9.28 -17.89 -51.37
N TYR A 426 -10.21 -17.71 -52.31
CA TYR A 426 -11.40 -16.90 -52.08
C TYR A 426 -12.28 -17.51 -51.00
N GLY A 427 -12.45 -18.83 -51.06
CA GLY A 427 -13.21 -19.55 -50.06
C GLY A 427 -12.53 -19.57 -48.71
N ALA A 428 -11.21 -19.79 -48.73
CA ALA A 428 -10.41 -19.88 -47.50
C ALA A 428 -10.57 -18.66 -46.59
N LYS A 429 -10.54 -17.47 -47.18
CA LYS A 429 -10.72 -16.23 -46.43
C LYS A 429 -12.06 -16.21 -45.70
N ARG A 430 -13.07 -16.81 -46.32
CA ARG A 430 -14.43 -16.77 -45.80
C ARG A 430 -14.79 -18.05 -45.06
N ASN A 431 -13.88 -19.00 -45.03
CA ASN A 431 -14.13 -20.27 -44.37
C ASN A 431 -13.30 -20.48 -43.09
N ILE A 432 -13.35 -19.52 -42.19
CA ILE A 432 -12.68 -19.63 -40.89
C ILE A 432 -13.26 -20.78 -40.06
N THR A 433 -14.59 -20.87 -40.08
CA THR A 433 -15.32 -21.94 -39.39
C THR A 433 -14.78 -23.31 -39.77
N GLU A 434 -14.46 -23.47 -41.04
CA GLU A 434 -13.95 -24.73 -41.57
C GLU A 434 -12.52 -25.00 -41.10
N VAL A 435 -11.77 -23.95 -40.80
CA VAL A 435 -10.44 -24.11 -40.21
C VAL A 435 -10.55 -24.63 -38.79
N TRP A 436 -11.40 -24.00 -38.00
CA TRP A 436 -11.68 -24.42 -36.63
C TRP A 436 -12.17 -25.87 -36.57
N ASP A 437 -13.00 -26.24 -37.53
CA ASP A 437 -13.62 -27.57 -37.53
C ASP A 437 -12.75 -28.60 -38.23
N GLY A 438 -11.71 -28.14 -38.93
CA GLY A 438 -10.92 -29.01 -39.78
C GLY A 438 -9.64 -29.58 -39.19
N LYS A 439 -8.76 -30.04 -40.07
CA LYS A 439 -7.53 -30.71 -39.70
C LYS A 439 -6.58 -29.83 -38.88
N ILE A 440 -6.02 -30.42 -37.83
CA ILE A 440 -4.97 -29.78 -37.05
C ILE A 440 -4.10 -30.87 -36.39
N ASN A 441 -2.88 -30.52 -36.03
CA ASN A 441 -1.94 -31.43 -35.40
C ASN A 441 -0.97 -30.63 -34.54
N THR A 442 -0.06 -31.32 -33.83
CA THR A 442 0.82 -30.66 -32.88
C THR A 442 1.59 -29.46 -33.46
N TYR A 443 1.49 -28.32 -32.78
CA TYR A 443 2.12 -27.07 -33.22
C TYR A 443 1.70 -26.64 -34.63
N GLY A 444 0.56 -27.14 -35.09
CA GLY A 444 0.06 -26.79 -36.41
C GLY A 444 0.84 -27.42 -37.55
N LEU A 445 1.72 -28.36 -37.24
CA LEU A 445 2.47 -29.06 -38.26
C LEU A 445 1.58 -30.05 -39.00
N ASP A 446 1.94 -30.41 -40.22
CA ASP A 446 1.12 -31.31 -41.03
C ASP A 446 1.84 -32.61 -41.31
N ALA A 447 1.20 -33.72 -40.93
CA ALA A 447 1.81 -35.04 -41.03
C ALA A 447 2.01 -35.51 -42.48
N ASP A 448 1.29 -34.89 -43.41
CA ASP A 448 1.40 -35.27 -44.81
C ASP A 448 2.69 -34.74 -45.45
N HIS A 449 3.30 -33.74 -44.84
CA HIS A 449 4.57 -33.19 -45.32
C HIS A 449 5.69 -33.28 -44.29
N PHE A 450 5.36 -33.78 -43.10
CA PHE A 450 6.29 -33.77 -41.97
C PHE A 450 7.55 -34.60 -42.23
N ARG A 451 7.46 -35.56 -43.14
CA ARG A 451 8.62 -36.38 -43.50
C ARG A 451 9.68 -35.57 -44.24
N ASP A 452 9.26 -34.48 -44.88
CA ASP A 452 10.18 -33.62 -45.61
C ASP A 452 11.31 -33.07 -44.74
N THR A 453 11.10 -33.05 -43.43
CA THR A 453 12.08 -32.45 -42.54
C THR A 453 12.72 -33.46 -41.60
N VAL A 454 12.63 -34.74 -41.95
CA VAL A 454 13.36 -35.77 -41.23
C VAL A 454 14.84 -35.54 -41.48
N SER A 455 15.69 -35.84 -40.49
CA SER A 455 17.11 -35.55 -40.61
C SER A 455 18.00 -36.66 -40.04
N PHE A 456 19.04 -37.00 -40.79
CA PHE A 456 20.07 -37.94 -40.35
C PHE A 456 21.41 -37.21 -40.37
N ARG A 457 22.46 -37.83 -39.81
CA ARG A 457 23.75 -37.14 -39.71
C ARG A 457 24.28 -36.72 -41.08
N LYS A 458 24.10 -37.57 -42.09
CA LYS A 458 24.63 -37.29 -43.42
C LYS A 458 24.08 -35.99 -44.02
N ASP A 459 22.87 -35.59 -43.60
CA ASP A 459 22.31 -34.35 -44.11
C ASP A 459 22.44 -33.17 -43.12
N ARG A 460 23.10 -33.38 -41.99
CA ARG A 460 23.40 -32.26 -41.08
C ARG A 460 24.82 -31.73 -41.31
N VAL A 461 25.73 -32.63 -41.64
CA VAL A 461 27.12 -32.25 -41.90
C VAL A 461 27.76 -33.14 -42.95
N LYS A 462 28.72 -32.59 -43.70
CA LYS A 462 29.37 -33.31 -44.78
C LYS A 462 30.89 -33.19 -44.70
N ASN B 6 -5.50 -46.49 -37.91
CA ASN B 6 -5.62 -45.11 -37.45
C ASN B 6 -6.07 -45.03 -36.00
N ALA B 7 -5.72 -43.93 -35.33
CA ALA B 7 -5.92 -43.82 -33.89
C ALA B 7 -7.35 -43.41 -33.51
N ALA B 8 -7.97 -42.60 -34.35
CA ALA B 8 -9.32 -42.10 -34.08
C ALA B 8 -10.29 -43.27 -33.94
N GLU B 9 -10.22 -44.23 -34.85
CA GLU B 9 -11.07 -45.42 -34.77
C GLU B 9 -10.79 -46.19 -33.49
N ILE B 10 -9.52 -46.25 -33.11
CA ILE B 10 -9.11 -47.01 -31.93
C ILE B 10 -9.73 -46.43 -30.66
N ARG B 11 -9.72 -45.12 -30.51
CA ARG B 11 -10.26 -44.51 -29.29
C ARG B 11 -11.79 -44.60 -29.22
N GLN B 12 -12.47 -44.44 -30.36
CA GLN B 12 -13.92 -44.60 -30.38
C GLN B 12 -14.28 -46.06 -30.13
N GLN B 13 -13.47 -46.97 -30.65
CA GLN B 13 -13.72 -48.40 -30.46
C GLN B 13 -13.62 -48.85 -29.01
N PHE B 14 -12.77 -48.19 -28.24
CA PHE B 14 -12.52 -48.61 -26.87
C PHE B 14 -13.14 -47.66 -25.85
N ALA B 15 -14.02 -46.78 -26.31
CA ALA B 15 -14.72 -45.85 -25.45
C ALA B 15 -15.56 -46.58 -24.40
N MET B 16 -15.60 -46.02 -23.20
CA MET B 16 -16.44 -46.56 -22.12
C MET B 16 -17.68 -45.69 -21.94
N THR B 17 -18.62 -46.17 -21.13
CA THR B 17 -19.73 -45.36 -20.70
C THR B 17 -19.23 -44.31 -19.71
N ALA B 18 -19.97 -43.20 -19.58
CA ALA B 18 -19.55 -42.10 -18.71
C ALA B 18 -19.37 -42.54 -17.26
N GLY B 19 -18.36 -41.98 -16.61
CA GLY B 19 -18.06 -42.31 -15.22
C GLY B 19 -16.59 -42.09 -14.92
N SER B 20 -16.15 -42.53 -13.74
CA SER B 20 -14.75 -42.47 -13.37
C SER B 20 -14.21 -43.88 -13.17
N PRO B 21 -13.14 -44.24 -13.89
CA PRO B 21 -12.53 -45.57 -13.91
C PRO B 21 -11.66 -45.86 -12.70
N ILE B 22 -11.48 -44.88 -11.82
CA ILE B 22 -10.66 -45.11 -10.64
C ILE B 22 -11.54 -45.52 -9.47
N ILE B 23 -11.28 -46.72 -8.97
CA ILE B 23 -12.05 -47.31 -7.88
C ILE B 23 -11.50 -46.84 -6.53
N VAL B 24 -12.38 -46.31 -5.68
CA VAL B 24 -11.97 -45.78 -4.38
C VAL B 24 -12.78 -46.41 -3.26
N ASN B 25 -12.29 -46.30 -2.02
CA ASN B 25 -13.08 -46.72 -0.87
C ASN B 25 -13.31 -45.55 0.09
N ASP B 26 -13.75 -45.86 1.30
CA ASP B 26 -14.11 -44.85 2.29
C ASP B 26 -12.92 -44.13 2.90
N LYS B 27 -11.75 -44.77 2.85
CA LYS B 27 -10.57 -44.25 3.50
C LYS B 27 -9.83 -43.18 2.70
N LEU B 28 -10.34 -42.85 1.52
CA LEU B 28 -9.66 -41.90 0.63
C LEU B 28 -9.71 -40.47 1.16
N GLU B 29 -8.52 -39.89 1.36
CA GLU B 29 -8.39 -38.47 1.66
C GLU B 29 -7.47 -37.80 0.66
N ARG B 30 -7.58 -36.49 0.54
CA ARG B 30 -6.69 -35.74 -0.35
C ARG B 30 -5.26 -35.80 0.15
N TYR B 31 -4.34 -35.85 -0.80
CA TYR B 31 -2.92 -36.12 -0.56
C TYR B 31 -2.14 -34.82 -0.42
N ALA B 32 -1.31 -34.72 0.63
CA ALA B 32 -0.47 -33.54 0.82
C ALA B 32 0.77 -33.66 -0.06
N GLU B 33 1.02 -32.63 -0.87
CA GLU B 33 2.07 -32.70 -1.88
C GLU B 33 3.46 -32.95 -1.30
N VAL B 34 3.66 -32.55 -0.04
CA VAL B 34 4.95 -32.72 0.60
C VAL B 34 5.30 -34.21 0.77
N ARG B 35 4.29 -35.08 0.68
CA ARG B 35 4.51 -36.51 0.87
C ARG B 35 5.26 -37.18 -0.29
N THR B 36 5.34 -36.52 -1.43
CA THR B 36 6.07 -37.09 -2.58
C THR B 36 7.53 -37.30 -2.23
N ALA B 37 8.16 -38.24 -2.92
CA ALA B 37 9.55 -38.58 -2.66
C ALA B 37 10.47 -37.39 -2.89
N PHE B 38 10.09 -36.53 -3.82
CA PHE B 38 10.89 -35.34 -4.13
C PHE B 38 11.01 -34.37 -2.95
N THR B 39 9.97 -34.29 -2.13
CA THR B 39 9.87 -33.25 -1.12
C THR B 39 9.91 -33.75 0.32
N HIS B 40 9.56 -35.02 0.52
CA HIS B 40 9.47 -35.59 1.86
C HIS B 40 10.83 -35.73 2.52
N PRO B 41 10.97 -35.28 3.78
CA PRO B 41 12.24 -35.28 4.53
C PRO B 41 12.98 -36.61 4.50
N THR B 42 12.25 -37.72 4.58
CA THR B 42 12.89 -39.04 4.65
C THR B 42 13.46 -39.50 3.31
N SER B 43 12.97 -38.92 2.21
CA SER B 43 13.41 -39.33 0.88
C SER B 43 14.22 -38.26 0.14
N PHE B 44 14.04 -37.00 0.54
CA PHE B 44 14.65 -35.87 -0.15
C PHE B 44 16.18 -35.91 -0.18
N PHE B 45 16.80 -36.42 0.88
CA PHE B 45 18.26 -36.53 0.94
C PHE B 45 18.73 -37.92 0.54
N LYS B 46 19.78 -37.98 -0.27
CA LYS B 46 20.36 -39.25 -0.73
C LYS B 46 21.88 -39.15 -0.75
N PRO B 47 22.58 -40.26 -0.53
CA PRO B 47 24.04 -40.22 -0.57
C PRO B 47 24.59 -40.08 -1.99
N ASN B 48 25.73 -39.40 -2.17
CA ASN B 48 26.39 -39.43 -3.47
C ASN B 48 27.32 -40.63 -3.52
N TYR B 49 28.15 -40.71 -4.55
CA TYR B 49 28.98 -41.90 -4.75
C TYR B 49 30.21 -41.90 -3.84
N LYS B 50 30.41 -40.82 -3.10
CA LYS B 50 31.47 -40.77 -2.10
C LYS B 50 30.86 -40.90 -0.71
N GLY B 51 29.57 -41.19 -0.67
CA GLY B 51 28.87 -41.46 0.57
C GLY B 51 28.29 -40.23 1.24
N GLU B 52 28.53 -39.05 0.67
CA GLU B 52 28.04 -37.82 1.27
C GLU B 52 26.54 -37.63 1.03
N VAL B 53 25.82 -37.30 2.10
CA VAL B 53 24.38 -37.14 2.05
C VAL B 53 24.00 -35.72 1.63
N LYS B 54 23.24 -35.61 0.55
CA LYS B 54 22.90 -34.32 -0.04
C LYS B 54 21.48 -34.36 -0.61
N PRO B 55 20.92 -33.19 -0.98
CA PRO B 55 19.67 -33.24 -1.75
C PRO B 55 19.85 -34.09 -3.00
N TRP B 56 18.84 -34.88 -3.35
CA TRP B 56 18.99 -35.91 -4.36
C TRP B 56 19.56 -35.39 -5.69
N PHE B 57 19.18 -34.18 -6.10
CA PHE B 57 19.64 -33.69 -7.40
C PHE B 57 21.09 -33.21 -7.35
N LEU B 58 21.52 -32.74 -6.18
CA LEU B 58 22.93 -32.40 -6.00
C LEU B 58 23.79 -33.66 -6.01
N SER B 59 23.31 -34.72 -5.35
CA SER B 59 24.00 -36.00 -5.41
C SER B 59 24.02 -36.53 -6.83
N ALA B 60 22.95 -36.22 -7.58
CA ALA B 60 22.86 -36.60 -8.98
C ALA B 60 23.84 -35.79 -9.82
N TYR B 61 23.99 -34.51 -9.50
CA TYR B 61 24.93 -33.64 -10.19
C TYR B 61 26.36 -34.18 -10.09
N ASP B 62 26.69 -34.73 -8.92
CA ASP B 62 28.02 -35.32 -8.68
C ASP B 62 28.29 -36.49 -9.62
N GLU B 63 27.28 -37.34 -9.80
CA GLU B 63 27.41 -38.49 -10.68
C GLU B 63 27.55 -38.05 -12.14
N LYS B 64 26.84 -36.97 -12.50
CA LYS B 64 26.93 -36.40 -13.84
C LYS B 64 28.36 -35.91 -14.14
N VAL B 65 28.90 -35.12 -13.23
CA VAL B 65 30.24 -34.57 -13.38
C VAL B 65 31.27 -35.69 -13.42
N ARG B 66 31.06 -36.71 -12.58
CA ARG B 66 31.91 -37.88 -12.56
C ARG B 66 31.93 -38.59 -13.90
N GLN B 67 30.74 -38.86 -14.45
CA GLN B 67 30.62 -39.55 -15.73
C GLN B 67 31.27 -38.78 -16.87
N ILE B 68 31.04 -37.46 -16.91
CA ILE B 68 31.66 -36.63 -17.92
C ILE B 68 33.18 -36.73 -17.85
N GLU B 69 33.71 -36.63 -16.63
CA GLU B 69 35.16 -36.68 -16.42
C GLU B 69 35.79 -37.95 -16.95
N ASN B 70 35.10 -39.08 -16.80
CA ASN B 70 35.65 -40.35 -17.27
C ASN B 70 34.98 -40.89 -18.54
N GLY B 71 34.30 -40.01 -19.26
CA GLY B 71 33.75 -40.35 -20.57
C GLY B 71 32.60 -41.35 -20.57
N GLU B 72 31.63 -41.15 -19.70
CA GLU B 72 30.47 -42.03 -19.62
C GLU B 72 29.17 -41.30 -19.97
N ASN B 73 28.25 -42.03 -20.58
CA ASN B 73 26.92 -41.50 -20.89
C ASN B 73 25.88 -41.85 -19.83
N GLY B 74 26.27 -42.74 -18.91
CA GLY B 74 25.38 -43.19 -17.86
C GLY B 74 26.13 -44.13 -16.93
N PRO B 75 25.40 -44.75 -15.98
CA PRO B 75 26.06 -45.67 -15.04
C PRO B 75 26.76 -46.79 -15.79
N LYS B 76 28.05 -46.91 -15.53
CA LYS B 76 29.00 -47.61 -16.37
C LYS B 76 28.62 -47.96 -17.80
N MET B 77 28.14 -46.93 -18.48
CA MET B 77 28.04 -46.95 -19.93
C MET B 77 29.09 -45.99 -20.46
N LYS B 78 30.16 -46.51 -21.04
CA LYS B 78 31.20 -45.67 -21.59
C LYS B 78 30.67 -44.94 -22.82
N ALA B 79 31.11 -43.70 -23.02
CA ALA B 79 30.71 -42.95 -24.20
C ALA B 79 31.73 -43.16 -25.32
N LYS B 80 31.52 -42.51 -26.46
CA LYS B 80 32.49 -42.56 -27.54
C LYS B 80 33.76 -41.81 -27.11
N ASN B 81 33.55 -40.72 -26.39
CA ASN B 81 34.63 -39.90 -25.85
C ASN B 81 34.06 -38.93 -24.82
N VAL B 82 34.91 -38.08 -24.26
CA VAL B 82 34.49 -37.08 -23.30
C VAL B 82 33.57 -36.04 -23.98
N GLY B 83 33.81 -35.79 -25.26
CA GLY B 83 32.99 -34.86 -26.02
C GLY B 83 31.53 -35.27 -26.04
N GLU B 84 31.28 -36.52 -26.39
CA GLU B 84 29.92 -37.07 -26.42
C GLU B 84 29.25 -36.99 -25.05
N ALA B 85 29.98 -37.40 -24.01
CA ALA B 85 29.46 -37.46 -22.66
C ALA B 85 28.94 -36.11 -22.17
N ARG B 86 29.67 -35.04 -22.45
CA ARG B 86 29.26 -33.71 -22.01
C ARG B 86 28.15 -33.16 -22.90
N ALA B 87 28.19 -33.51 -24.19
CA ALA B 87 27.18 -33.06 -25.14
C ALA B 87 25.80 -33.56 -24.74
N GLY B 88 25.75 -34.75 -24.15
CA GLY B 88 24.50 -35.31 -23.69
C GLY B 88 23.95 -34.56 -22.50
N ARG B 89 24.84 -34.15 -21.60
CA ARG B 89 24.43 -33.43 -20.40
C ARG B 89 24.18 -31.95 -20.69
N ALA B 90 24.82 -31.44 -21.74
CA ALA B 90 24.59 -30.06 -22.18
C ALA B 90 23.17 -29.94 -22.73
N LEU B 91 22.75 -30.94 -23.50
CA LEU B 91 21.42 -30.98 -24.07
C LEU B 91 20.36 -31.12 -22.99
N GLU B 92 20.65 -32.00 -22.03
CA GLU B 92 19.77 -32.23 -20.89
C GLU B 92 19.52 -30.94 -20.13
N ALA B 93 20.60 -30.26 -19.77
CA ALA B 93 20.51 -29.04 -18.98
C ALA B 93 19.77 -27.95 -19.75
N ALA B 94 20.03 -27.86 -21.05
CA ALA B 94 19.38 -26.87 -21.89
C ALA B 94 17.87 -27.08 -21.93
N GLY B 95 17.46 -28.34 -22.05
CA GLY B 95 16.06 -28.70 -22.14
C GLY B 95 15.18 -28.14 -21.03
N TRP B 96 15.77 -27.97 -19.85
CA TRP B 96 15.05 -27.49 -18.67
C TRP B 96 14.86 -25.97 -18.63
N THR B 97 15.25 -25.27 -19.70
CA THR B 97 15.31 -23.81 -19.71
C THR B 97 14.04 -23.14 -19.18
N LEU B 98 12.89 -23.68 -19.52
CA LEU B 98 11.63 -23.04 -19.12
C LEU B 98 10.93 -23.80 -17.99
N ASP B 99 11.70 -24.34 -17.06
CA ASP B 99 11.12 -25.06 -15.93
C ASP B 99 11.78 -24.65 -14.61
N ILE B 100 10.97 -24.45 -13.58
CA ILE B 100 11.48 -24.05 -12.25
C ILE B 100 11.63 -25.24 -11.31
N ASN B 101 12.86 -25.50 -10.89
CA ASN B 101 13.15 -26.49 -9.85
C ASN B 101 12.59 -27.88 -10.13
N TYR B 102 12.82 -28.37 -11.35
CA TYR B 102 12.35 -29.68 -11.79
C TYR B 102 10.86 -29.91 -11.58
N GLY B 103 10.02 -29.11 -12.23
CA GLY B 103 8.60 -29.41 -12.22
C GLY B 103 7.58 -28.28 -12.18
N ASN B 104 8.02 -27.04 -11.92
CA ASN B 104 7.09 -25.91 -11.86
C ASN B 104 5.96 -26.11 -10.84
N ILE B 105 6.24 -26.74 -9.70
CA ILE B 105 5.16 -27.12 -8.82
C ILE B 105 4.61 -25.99 -7.94
N TYR B 106 5.40 -24.95 -7.69
CA TYR B 106 4.90 -23.82 -6.88
C TYR B 106 3.76 -23.11 -7.61
N PRO B 107 2.54 -23.19 -7.07
CA PRO B 107 1.40 -22.55 -7.72
C PRO B 107 1.44 -21.03 -7.58
N ASN B 108 1.06 -20.33 -8.65
CA ASN B 108 1.03 -18.87 -8.68
C ASN B 108 2.39 -18.24 -8.40
N ARG B 109 3.43 -18.88 -8.93
CA ARG B 109 4.79 -18.36 -8.89
C ARG B 109 5.43 -18.53 -10.27
N PHE B 110 6.27 -17.57 -10.66
CA PHE B 110 7.08 -17.69 -11.87
C PHE B 110 6.23 -17.89 -13.14
N PHE B 111 6.30 -19.05 -13.78
CA PHE B 111 5.50 -19.26 -14.99
C PHE B 111 4.04 -19.67 -14.69
N MET B 112 3.80 -20.13 -13.47
CA MET B 112 2.50 -20.70 -13.13
C MET B 112 1.52 -19.73 -12.48
N LEU B 113 1.40 -18.52 -13.03
CA LEU B 113 0.53 -17.51 -12.43
C LEU B 113 -0.95 -17.85 -12.63
N TRP B 114 -1.75 -17.64 -11.58
CA TRP B 114 -3.16 -18.03 -11.58
C TRP B 114 -4.03 -16.95 -12.22
N SER B 115 -3.45 -15.77 -12.44
CA SER B 115 -4.11 -14.74 -13.20
C SER B 115 -3.17 -14.21 -14.28
N GLY B 116 -3.73 -13.74 -15.39
CA GLY B 116 -2.89 -13.26 -16.47
C GLY B 116 -2.58 -11.78 -16.40
N GLU B 117 -3.17 -11.09 -15.42
CA GLU B 117 -3.17 -9.62 -15.38
C GLU B 117 -1.78 -8.96 -15.44
N THR B 118 -0.76 -9.62 -14.90
CA THR B 118 0.57 -8.99 -14.85
C THR B 118 1.50 -9.41 -15.98
N MET B 119 1.14 -10.45 -16.72
CA MET B 119 1.95 -10.93 -17.83
C MET B 119 2.18 -9.84 -18.86
N THR B 120 3.34 -9.87 -19.51
CA THR B 120 3.68 -8.86 -20.51
C THR B 120 2.71 -8.91 -21.69
N ASN B 121 2.28 -10.12 -22.03
CA ASN B 121 1.33 -10.32 -23.12
C ASN B 121 0.00 -9.63 -22.86
N THR B 122 -0.53 -9.82 -21.64
CA THR B 122 -1.82 -9.24 -21.28
C THR B 122 -1.80 -7.71 -21.27
N GLN B 123 -0.70 -7.13 -20.80
CA GLN B 123 -0.58 -5.67 -20.78
C GLN B 123 -0.54 -5.12 -22.20
N LEU B 124 0.21 -5.79 -23.07
CA LEU B 124 0.31 -5.38 -24.47
C LEU B 124 -1.06 -5.32 -25.14
N TRP B 125 -1.91 -6.30 -24.86
CA TRP B 125 -3.21 -6.43 -25.52
C TRP B 125 -4.36 -5.77 -24.78
N ALA B 126 -4.07 -5.17 -23.63
CA ALA B 126 -5.10 -4.54 -22.80
C ALA B 126 -6.10 -3.63 -23.54
N PRO B 127 -5.63 -2.83 -24.53
CA PRO B 127 -6.61 -1.99 -25.25
C PRO B 127 -7.75 -2.76 -25.92
N VAL B 128 -7.48 -3.97 -26.37
CA VAL B 128 -8.50 -4.78 -27.03
C VAL B 128 -9.49 -5.28 -25.97
N GLY B 129 -9.00 -5.43 -24.75
CA GLY B 129 -9.84 -5.78 -23.62
C GLY B 129 -10.45 -7.17 -23.68
N LEU B 130 -9.76 -8.09 -24.34
CA LEU B 130 -10.24 -9.46 -24.46
C LEU B 130 -10.40 -10.14 -23.11
N ASP B 131 -9.62 -9.71 -22.11
CA ASP B 131 -9.67 -10.37 -20.81
C ASP B 131 -10.62 -9.66 -19.86
N ARG B 132 -11.39 -8.70 -20.36
CA ARG B 132 -12.41 -8.05 -19.56
C ARG B 132 -13.78 -8.22 -20.17
N ARG B 133 -13.82 -8.41 -21.48
CA ARG B 133 -15.07 -8.61 -22.19
C ARG B 133 -15.74 -9.91 -21.74
N PRO B 134 -17.04 -9.84 -21.42
CA PRO B 134 -17.78 -11.05 -21.05
C PRO B 134 -17.75 -12.06 -22.19
N PRO B 135 -17.77 -13.37 -21.87
CA PRO B 135 -17.68 -14.40 -22.91
C PRO B 135 -18.77 -14.26 -23.97
N ASP B 136 -18.44 -14.57 -25.21
CA ASP B 136 -19.40 -14.52 -26.30
C ASP B 136 -19.93 -15.91 -26.63
N THR B 137 -19.27 -16.93 -26.07
CA THR B 137 -19.76 -18.30 -26.21
C THR B 137 -19.84 -18.98 -24.86
N THR B 138 -20.94 -19.70 -24.65
CA THR B 138 -21.17 -20.43 -23.42
C THR B 138 -21.54 -21.87 -23.76
N ASP B 139 -21.70 -22.12 -25.06
CA ASP B 139 -22.02 -23.47 -25.55
C ASP B 139 -20.81 -24.38 -25.37
N PRO B 140 -20.95 -25.37 -24.47
CA PRO B 140 -19.85 -26.30 -24.14
C PRO B 140 -19.35 -27.10 -25.35
N VAL B 141 -20.22 -27.35 -26.31
CA VAL B 141 -19.81 -28.08 -27.51
C VAL B 141 -18.85 -27.25 -28.36
N GLU B 142 -19.21 -26.00 -28.60
CA GLU B 142 -18.38 -25.12 -29.41
C GLU B 142 -17.10 -24.76 -28.67
N LEU B 143 -17.19 -24.59 -27.35
CA LEU B 143 -16.02 -24.29 -26.54
C LEU B 143 -15.05 -25.47 -26.48
N THR B 144 -15.59 -26.68 -26.42
CA THR B 144 -14.73 -27.86 -26.38
C THR B 144 -13.91 -27.95 -27.66
N ASN B 145 -14.54 -27.65 -28.79
CA ASN B 145 -13.84 -27.65 -30.07
C ASN B 145 -12.79 -26.54 -30.16
N TYR B 146 -13.17 -25.33 -29.74
CA TYR B 146 -12.25 -24.20 -29.74
C TYR B 146 -11.01 -24.46 -28.90
N VAL B 147 -11.21 -24.95 -27.68
CA VAL B 147 -10.11 -25.09 -26.73
C VAL B 147 -9.21 -26.27 -27.09
N LYS B 148 -9.76 -27.28 -27.75
CA LYS B 148 -8.95 -28.43 -28.15
C LYS B 148 -8.10 -28.10 -29.37
N PHE B 149 -8.63 -27.24 -30.23
CA PHE B 149 -7.87 -26.78 -31.39
C PHE B 149 -6.72 -25.91 -30.89
N ALA B 150 -7.02 -25.05 -29.91
CA ALA B 150 -6.02 -24.19 -29.31
C ALA B 150 -4.94 -25.01 -28.63
N ALA B 151 -5.34 -26.12 -28.02
CA ALA B 151 -4.43 -26.98 -27.28
C ALA B 151 -3.39 -27.63 -28.19
N ARG B 152 -3.82 -28.02 -29.40
CA ARG B 152 -2.90 -28.64 -30.35
C ARG B 152 -1.93 -27.60 -30.89
N MET B 153 -2.41 -26.38 -31.08
CA MET B 153 -1.55 -25.28 -31.47
C MET B 153 -0.48 -25.03 -30.42
N ALA B 154 -0.84 -25.27 -29.16
CA ALA B 154 0.05 -25.01 -28.02
C ALA B 154 1.00 -26.16 -27.75
N GLY B 155 0.95 -27.19 -28.59
CA GLY B 155 1.94 -28.25 -28.52
C GLY B 155 1.50 -29.55 -27.87
N ALA B 156 0.22 -29.65 -27.52
CA ALA B 156 -0.31 -30.92 -27.04
C ALA B 156 -0.35 -31.94 -28.17
N ASP B 157 0.14 -33.14 -27.90
CA ASP B 157 0.00 -34.24 -28.86
C ASP B 157 -1.31 -34.96 -28.58
N LEU B 158 -1.69 -34.96 -27.31
CA LEU B 158 -2.99 -35.48 -26.87
C LEU B 158 -3.68 -34.45 -25.98
N VAL B 159 -5.01 -34.42 -26.01
CA VAL B 159 -5.74 -33.54 -25.11
C VAL B 159 -7.12 -34.13 -24.80
N GLY B 160 -7.52 -34.01 -23.54
CA GLY B 160 -8.82 -34.52 -23.11
C GLY B 160 -9.44 -33.63 -22.05
N VAL B 161 -10.74 -33.80 -21.82
CA VAL B 161 -11.46 -32.98 -20.85
C VAL B 161 -12.20 -33.85 -19.84
N ALA B 162 -12.15 -33.45 -18.57
CA ALA B 162 -12.90 -34.14 -17.54
C ALA B 162 -13.45 -33.15 -16.50
N ARG B 163 -14.49 -33.56 -15.80
CA ARG B 163 -14.94 -32.84 -14.62
C ARG B 163 -13.84 -32.93 -13.57
N LEU B 164 -13.63 -31.87 -12.81
CA LEU B 164 -12.57 -31.87 -11.80
C LEU B 164 -12.94 -32.75 -10.61
N ASN B 165 -12.22 -33.85 -10.45
CA ASN B 165 -12.35 -34.69 -9.27
C ASN B 165 -11.42 -34.15 -8.17
N ARG B 166 -12.01 -33.63 -7.10
CA ARG B 166 -11.23 -32.95 -6.07
C ARG B 166 -10.38 -33.89 -5.23
N ASN B 167 -10.63 -35.19 -5.34
CA ASN B 167 -9.82 -36.18 -4.63
C ASN B 167 -8.37 -36.14 -5.08
N TRP B 168 -8.14 -35.71 -6.31
CA TRP B 168 -6.81 -35.77 -6.90
C TRP B 168 -6.05 -34.45 -6.77
N VAL B 169 -6.73 -33.42 -6.29
CA VAL B 169 -6.09 -32.14 -6.02
C VAL B 169 -5.40 -32.19 -4.66
N TYR B 170 -4.14 -31.79 -4.61
CA TYR B 170 -3.37 -31.80 -3.37
C TYR B 170 -4.08 -31.04 -2.26
N SER B 171 -4.05 -31.58 -1.05
CA SER B 171 -4.63 -30.90 0.10
C SER B 171 -3.84 -29.63 0.39
N GLU B 172 -2.53 -29.77 0.41
CA GLU B 172 -1.65 -28.63 0.58
C GLU B 172 -0.55 -28.68 -0.47
N ALA B 173 -0.29 -27.55 -1.12
CA ALA B 173 0.76 -27.47 -2.11
C ALA B 173 2.10 -27.12 -1.48
N VAL B 174 3.18 -27.56 -2.13
CA VAL B 174 4.51 -27.05 -1.84
C VAL B 174 4.67 -25.78 -2.65
N THR B 175 5.19 -24.73 -2.02
CA THR B 175 5.38 -23.45 -2.69
C THR B 175 6.44 -22.63 -1.97
N ILE B 176 6.53 -21.35 -2.32
CA ILE B 176 7.44 -20.43 -1.63
C ILE B 176 6.70 -19.13 -1.32
N PRO B 177 7.15 -18.41 -0.27
CA PRO B 177 6.52 -17.12 0.07
C PRO B 177 6.63 -16.12 -1.07
N ALA B 178 5.64 -15.24 -1.21
CA ALA B 178 5.51 -14.38 -2.38
C ALA B 178 6.65 -13.39 -2.57
N ASP B 179 7.40 -13.11 -1.51
CA ASP B 179 8.49 -12.12 -1.59
C ASP B 179 9.86 -12.78 -1.53
N VAL B 180 9.91 -14.08 -1.75
CA VAL B 180 11.17 -14.82 -1.78
C VAL B 180 11.66 -14.96 -3.23
N PRO B 181 12.87 -14.45 -3.51
CA PRO B 181 13.43 -14.51 -4.86
C PRO B 181 13.87 -15.91 -5.21
N TYR B 182 14.02 -16.20 -6.50
CA TYR B 182 14.35 -17.55 -6.95
C TYR B 182 15.55 -18.14 -6.22
N GLU B 183 16.56 -17.32 -6.00
CA GLU B 183 17.82 -17.76 -5.43
C GLU B 183 17.66 -18.36 -4.04
N GLN B 184 16.61 -17.97 -3.34
CA GLN B 184 16.36 -18.47 -1.98
C GLN B 184 15.21 -19.48 -1.92
N SER B 185 14.70 -19.89 -3.07
CA SER B 185 13.48 -20.70 -3.13
C SER B 185 13.62 -22.06 -2.46
N LEU B 186 14.68 -22.79 -2.78
CA LEU B 186 14.87 -24.14 -2.25
C LEU B 186 14.96 -24.16 -0.71
N HIS B 187 15.51 -23.09 -0.14
CA HIS B 187 15.69 -23.01 1.31
C HIS B 187 14.39 -22.70 2.04
N LYS B 188 13.46 -22.07 1.33
CA LYS B 188 12.30 -21.49 1.99
C LYS B 188 10.97 -22.04 1.50
N GLU B 189 10.99 -23.28 1.00
CA GLU B 189 9.76 -23.94 0.59
C GLU B 189 8.85 -24.14 1.80
N ILE B 190 7.55 -23.94 1.57
CA ILE B 190 6.55 -24.04 2.63
C ILE B 190 5.37 -24.86 2.12
N GLU B 191 4.45 -25.21 3.02
CA GLU B 191 3.19 -25.80 2.62
C GLU B 191 2.10 -24.74 2.65
N LYS B 192 1.16 -24.85 1.71
CA LYS B 192 0.02 -23.95 1.71
C LYS B 192 -1.24 -24.67 1.23
N PRO B 193 -2.29 -24.63 2.04
CA PRO B 193 -3.57 -25.30 1.77
C PRO B 193 -4.23 -24.85 0.47
N ILE B 194 -4.79 -25.81 -0.25
CA ILE B 194 -5.60 -25.54 -1.44
C ILE B 194 -7.06 -25.77 -1.11
N VAL B 195 -7.84 -24.70 -1.06
CA VAL B 195 -9.24 -24.81 -0.67
C VAL B 195 -10.18 -24.28 -1.74
N PHE B 196 -11.41 -24.79 -1.74
CA PHE B 196 -12.44 -24.37 -2.68
C PHE B 196 -13.49 -23.52 -1.96
N LYS B 197 -13.79 -22.34 -2.53
CA LYS B 197 -14.74 -21.42 -1.91
C LYS B 197 -15.63 -20.70 -2.92
N ASP B 198 -16.69 -20.08 -2.40
CA ASP B 198 -17.58 -19.25 -3.21
C ASP B 198 -16.94 -17.90 -3.51
N VAL B 199 -16.03 -17.87 -4.49
CA VAL B 199 -15.42 -16.62 -4.94
C VAL B 199 -15.42 -16.58 -6.47
N PRO B 200 -15.39 -15.37 -7.05
CA PRO B 200 -15.50 -15.28 -8.52
C PRO B 200 -14.23 -15.68 -9.27
N LEU B 201 -13.06 -15.41 -8.71
CA LEU B 201 -11.80 -15.65 -9.39
C LEU B 201 -10.83 -16.43 -8.52
N PRO B 202 -9.91 -17.19 -9.16
CA PRO B 202 -8.83 -17.83 -8.41
C PRO B 202 -8.00 -16.77 -7.71
N ILE B 203 -7.73 -16.95 -6.42
CA ILE B 203 -7.02 -15.93 -5.66
C ILE B 203 -6.13 -16.57 -4.60
N GLU B 204 -4.98 -15.97 -4.35
CA GLU B 204 -4.07 -16.43 -3.30
C GLU B 204 -4.02 -15.44 -2.14
N THR B 205 -4.41 -15.90 -0.96
CA THR B 205 -4.21 -15.11 0.25
C THR B 205 -2.85 -15.51 0.83
N ASP B 206 -2.50 -14.94 1.98
CA ASP B 206 -1.24 -15.30 2.62
C ASP B 206 -1.40 -16.62 3.36
N ASP B 207 -2.65 -17.05 3.54
CA ASP B 207 -2.96 -18.30 4.22
C ASP B 207 -3.32 -19.43 3.24
N GLU B 208 -4.04 -19.09 2.18
CA GLU B 208 -4.62 -20.12 1.31
C GLU B 208 -4.47 -19.87 -0.19
N LEU B 209 -4.41 -20.97 -0.94
CA LEU B 209 -4.64 -20.95 -2.38
C LEU B 209 -6.10 -21.27 -2.62
N ILE B 210 -6.83 -20.33 -3.21
CA ILE B 210 -8.27 -20.48 -3.29
C ILE B 210 -8.77 -20.65 -4.73
N ILE B 211 -9.37 -21.81 -4.97
CA ILE B 211 -9.98 -22.15 -6.24
C ILE B 211 -11.49 -21.96 -6.14
N PRO B 212 -12.08 -21.21 -7.10
CA PRO B 212 -13.52 -20.97 -7.05
C PRO B 212 -14.31 -22.28 -7.11
N ASN B 213 -15.49 -22.30 -6.50
CA ASN B 213 -16.34 -23.47 -6.57
C ASN B 213 -16.87 -23.69 -7.99
N THR B 214 -16.71 -22.66 -8.82
CA THR B 214 -17.13 -22.74 -10.21
C THR B 214 -16.13 -23.49 -11.09
N CYS B 215 -14.95 -23.77 -10.54
CA CYS B 215 -13.92 -24.49 -11.27
C CYS B 215 -14.37 -25.91 -11.59
N GLU B 216 -15.18 -26.03 -12.64
CA GLU B 216 -15.84 -27.29 -12.96
C GLU B 216 -14.92 -28.30 -13.63
N ASN B 217 -14.04 -27.82 -14.51
CA ASN B 217 -13.36 -28.71 -15.45
C ASN B 217 -11.84 -28.69 -15.39
N VAL B 218 -11.23 -29.78 -15.83
CA VAL B 218 -9.80 -29.84 -16.05
C VAL B 218 -9.50 -30.28 -17.48
N ILE B 219 -8.54 -29.61 -18.11
CA ILE B 219 -8.07 -29.95 -19.45
C ILE B 219 -6.71 -30.63 -19.33
N VAL B 220 -6.62 -31.87 -19.78
CA VAL B 220 -5.38 -32.64 -19.65
C VAL B 220 -4.68 -32.74 -21.00
N ALA B 221 -3.36 -32.59 -21.00
CA ALA B 221 -2.59 -32.66 -22.23
C ALA B 221 -1.45 -33.65 -22.16
N GLY B 222 -1.26 -34.38 -23.25
CA GLY B 222 -0.14 -35.29 -23.39
C GLY B 222 0.89 -34.70 -24.33
N ILE B 223 2.15 -34.74 -23.90
CA ILE B 223 3.24 -34.17 -24.66
C ILE B 223 4.28 -35.26 -24.94
N ALA B 224 4.34 -35.69 -26.20
CA ALA B 224 5.08 -36.88 -26.58
C ALA B 224 6.59 -36.71 -26.45
N MET B 225 7.22 -37.72 -25.84
CA MET B 225 8.68 -37.76 -25.72
C MET B 225 9.28 -38.50 -26.92
N ASN B 226 10.59 -38.38 -27.11
CA ASN B 226 11.23 -39.07 -28.22
C ASN B 226 11.51 -40.52 -27.89
N ARG B 227 11.07 -41.42 -28.76
CA ARG B 227 11.20 -42.85 -28.53
C ARG B 227 12.65 -43.33 -28.49
N GLU B 228 13.43 -42.93 -29.48
CA GLU B 228 14.82 -43.39 -29.59
C GLU B 228 15.68 -42.89 -28.43
N MET B 229 15.40 -41.68 -27.96
CA MET B 229 16.17 -41.10 -26.87
C MET B 229 15.81 -41.76 -25.54
N MET B 230 14.51 -41.99 -25.33
CA MET B 230 14.02 -42.60 -24.11
C MET B 230 14.53 -44.03 -23.93
N GLN B 231 14.71 -44.73 -25.04
CA GLN B 231 15.15 -46.11 -24.97
C GLN B 231 16.66 -46.24 -24.77
N THR B 232 17.32 -45.13 -24.45
CA THR B 232 18.71 -45.17 -23.99
C THR B 232 18.74 -45.08 -22.47
N ALA B 233 17.58 -45.11 -21.84
CA ALA B 233 17.47 -45.09 -20.38
C ALA B 233 18.30 -46.20 -19.77
N PRO B 234 18.94 -45.93 -18.60
CA PRO B 234 18.88 -44.73 -17.77
C PRO B 234 19.97 -43.71 -18.10
N ASN B 235 20.52 -43.77 -19.31
CA ASN B 235 21.60 -42.88 -19.71
C ASN B 235 21.10 -41.50 -20.15
N SER B 236 22.02 -40.63 -20.54
CA SER B 236 21.74 -39.19 -20.60
C SER B 236 20.75 -38.71 -21.67
N MET B 237 20.66 -39.39 -22.81
CA MET B 237 19.74 -38.94 -23.85
C MET B 237 18.29 -39.10 -23.41
N ALA B 238 18.05 -40.08 -22.53
CA ALA B 238 16.73 -40.26 -21.93
C ALA B 238 16.39 -39.09 -20.99
N CYS B 239 17.42 -38.57 -20.33
CA CYS B 239 17.24 -37.40 -19.46
C CYS B 239 16.94 -36.17 -20.30
N ALA B 240 17.48 -36.13 -21.51
CA ALA B 240 17.36 -34.95 -22.37
C ALA B 240 15.96 -34.81 -22.96
N THR B 241 15.35 -35.92 -23.38
CA THR B 241 14.00 -35.85 -23.91
C THR B 241 12.99 -35.55 -22.80
N THR B 242 13.26 -36.05 -21.60
CA THR B 242 12.45 -35.72 -20.43
C THR B 242 12.48 -34.22 -20.18
N ALA B 243 13.67 -33.64 -20.26
CA ALA B 243 13.88 -32.24 -19.94
C ALA B 243 13.18 -31.31 -20.94
N PHE B 244 13.31 -31.59 -22.22
CA PHE B 244 12.70 -30.73 -23.24
C PHE B 244 11.18 -30.72 -23.15
N CYS B 245 10.59 -31.85 -22.78
CA CYS B 245 9.14 -31.94 -22.68
C CYS B 245 8.58 -31.20 -21.46
N TYR B 246 9.38 -31.05 -20.41
CA TYR B 246 8.96 -30.24 -19.27
C TYR B 246 8.84 -28.78 -19.67
N SER B 247 9.73 -28.34 -20.55
CA SER B 247 9.67 -26.97 -21.05
C SER B 247 8.50 -26.84 -22.03
N ARG B 248 8.25 -27.88 -22.82
CA ARG B 248 7.07 -27.89 -23.69
C ARG B 248 5.80 -27.83 -22.84
N MET B 249 5.82 -28.50 -21.69
CA MET B 249 4.71 -28.46 -20.74
C MET B 249 4.39 -27.04 -20.27
N CYS B 250 5.44 -26.29 -19.98
CA CYS B 250 5.29 -24.93 -19.48
C CYS B 250 4.70 -24.01 -20.54
N MET B 251 5.14 -24.18 -21.78
N MET B 251 5.17 -24.19 -21.77
CA MET B 251 4.62 -23.33 -22.86
CA MET B 251 4.67 -23.41 -22.91
C MET B 251 3.17 -23.66 -23.18
C MET B 251 3.19 -23.65 -23.14
N PHE B 252 2.79 -24.92 -23.01
CA PHE B 252 1.40 -25.32 -23.21
C PHE B 252 0.50 -24.61 -22.22
N ASP B 253 0.82 -24.72 -20.93
CA ASP B 253 -0.01 -24.14 -19.87
C ASP B 253 -0.20 -22.64 -20.04
N MET B 254 0.88 -21.93 -20.37
CA MET B 254 0.81 -20.48 -20.54
C MET B 254 -0.02 -20.09 -21.76
N TRP B 255 0.30 -20.69 -22.90
CA TRP B 255 -0.46 -20.51 -24.14
C TRP B 255 -1.96 -20.73 -23.91
N LEU B 256 -2.30 -21.89 -23.33
CA LEU B 256 -3.70 -22.26 -23.18
C LEU B 256 -4.45 -21.40 -22.16
N CYS B 257 -3.79 -21.06 -21.06
CA CYS B 257 -4.42 -20.22 -20.04
C CYS B 257 -4.77 -18.85 -20.63
N GLN B 258 -3.85 -18.30 -21.42
CA GLN B 258 -4.09 -17.01 -22.05
C GLN B 258 -5.26 -17.07 -23.02
N PHE B 259 -5.35 -18.15 -23.80
CA PHE B 259 -6.49 -18.32 -24.69
C PHE B 259 -7.80 -18.35 -23.90
N ILE B 260 -7.83 -19.18 -22.85
CA ILE B 260 -9.02 -19.34 -22.05
C ILE B 260 -9.43 -18.02 -21.39
N ARG B 261 -8.45 -17.26 -20.93
CA ARG B 261 -8.71 -15.96 -20.35
C ARG B 261 -9.23 -14.97 -21.38
N TYR B 262 -8.63 -14.99 -22.57
CA TYR B 262 -9.02 -14.08 -23.64
C TYR B 262 -10.39 -14.45 -24.22
N MET B 263 -10.88 -15.64 -23.89
CA MET B 263 -12.22 -16.05 -24.29
C MET B 263 -13.24 -15.62 -23.23
N GLY B 264 -12.75 -15.17 -22.09
CA GLY B 264 -13.61 -14.63 -21.05
C GLY B 264 -13.78 -15.54 -19.84
N TYR B 265 -12.86 -16.47 -19.65
CA TYR B 265 -12.91 -17.34 -18.49
C TYR B 265 -11.64 -17.23 -17.68
N TYR B 266 -11.55 -17.97 -16.58
CA TYR B 266 -10.30 -18.02 -15.83
C TYR B 266 -9.69 -19.39 -16.01
N ALA B 267 -8.39 -19.48 -15.78
CA ALA B 267 -7.66 -20.71 -16.04
C ALA B 267 -6.48 -20.84 -15.10
N ILE B 268 -6.31 -22.03 -14.55
CA ILE B 268 -5.22 -22.27 -13.61
C ILE B 268 -4.26 -23.31 -14.18
N PRO B 269 -3.01 -22.88 -14.46
CA PRO B 269 -1.96 -23.79 -14.93
C PRO B 269 -1.43 -24.61 -13.76
N SER B 270 -0.60 -25.62 -14.03
CA SER B 270 -0.17 -26.49 -12.93
C SER B 270 1.17 -27.17 -13.18
N CYS B 271 1.39 -27.63 -14.40
CA CYS B 271 2.49 -28.54 -14.72
C CYS B 271 2.51 -29.69 -13.71
N ASN B 272 3.60 -29.86 -12.98
CA ASN B 272 3.70 -30.96 -12.02
C ASN B 272 3.04 -30.67 -10.67
N GLY B 273 2.50 -29.47 -10.51
CA GLY B 273 1.91 -29.08 -9.24
C GLY B 273 0.41 -29.26 -9.14
N VAL B 274 -0.16 -28.68 -8.09
CA VAL B 274 -1.62 -28.58 -7.89
C VAL B 274 -2.34 -29.91 -7.69
N GLY B 275 -2.17 -30.86 -8.60
CA GLY B 275 -2.87 -32.13 -8.49
C GLY B 275 -2.15 -33.33 -9.11
N GLN B 276 -2.74 -34.51 -8.98
CA GLN B 276 -2.15 -35.73 -9.51
C GLN B 276 -2.50 -35.95 -10.99
N SER B 277 -1.49 -35.77 -11.86
CA SER B 277 -1.67 -35.78 -13.31
C SER B 277 -2.27 -37.08 -13.87
N VAL B 278 -1.73 -38.21 -13.44
CA VAL B 278 -2.11 -39.51 -13.99
C VAL B 278 -3.59 -39.78 -13.78
N ALA B 279 -4.10 -39.41 -12.60
CA ALA B 279 -5.51 -39.59 -12.30
C ALA B 279 -6.39 -38.73 -13.22
N PHE B 280 -6.02 -37.46 -13.39
CA PHE B 280 -6.75 -36.56 -14.28
C PHE B 280 -6.75 -37.10 -15.71
N ALA B 281 -5.59 -37.57 -16.16
CA ALA B 281 -5.46 -38.07 -17.53
C ALA B 281 -6.32 -39.29 -17.79
N VAL B 282 -6.39 -40.19 -16.80
CA VAL B 282 -7.21 -41.39 -16.93
C VAL B 282 -8.70 -41.04 -16.93
N GLU B 283 -9.10 -40.09 -16.09
CA GLU B 283 -10.49 -39.65 -16.05
C GLU B 283 -10.87 -38.85 -17.30
N ALA B 284 -9.89 -38.29 -17.98
CA ALA B 284 -10.14 -37.48 -19.18
C ALA B 284 -10.00 -38.29 -20.46
N GLY B 285 -9.71 -39.59 -20.33
CA GLY B 285 -9.74 -40.49 -21.47
C GLY B 285 -8.46 -40.62 -22.28
N LEU B 286 -7.35 -40.10 -21.77
CA LEU B 286 -6.09 -40.18 -22.49
C LEU B 286 -5.52 -41.59 -22.53
N GLY B 287 -5.73 -42.34 -21.45
CA GLY B 287 -5.22 -43.69 -21.35
C GLY B 287 -5.66 -44.39 -20.07
N GLN B 288 -4.98 -45.49 -19.74
CA GLN B 288 -5.29 -46.25 -18.53
C GLN B 288 -4.09 -46.32 -17.59
N ALA B 289 -4.36 -46.44 -16.29
CA ALA B 289 -3.31 -46.60 -15.30
C ALA B 289 -2.65 -47.96 -15.47
N SER B 290 -1.37 -48.05 -15.11
CA SER B 290 -0.59 -49.26 -15.36
C SER B 290 0.17 -49.72 -14.13
N ARG B 291 0.92 -50.81 -14.28
CA ARG B 291 1.71 -51.36 -13.17
C ARG B 291 2.78 -50.39 -12.70
N MET B 292 3.47 -49.77 -13.65
CA MET B 292 4.55 -48.85 -13.31
C MET B 292 4.01 -47.59 -12.64
N GLY B 293 2.73 -47.30 -12.91
CA GLY B 293 2.07 -46.18 -12.26
C GLY B 293 1.71 -45.06 -13.19
N ALA B 294 2.29 -45.06 -14.38
CA ALA B 294 2.05 -44.00 -15.36
C ALA B 294 0.74 -44.22 -16.13
N CYS B 295 0.27 -43.17 -16.79
CA CYS B 295 -0.83 -43.29 -17.73
C CYS B 295 -0.30 -43.83 -19.06
N ILE B 296 -0.84 -44.95 -19.50
CA ILE B 296 -0.44 -45.54 -20.77
C ILE B 296 -1.46 -45.21 -21.86
N THR B 297 -0.99 -44.62 -22.94
CA THR B 297 -1.85 -44.15 -24.03
C THR B 297 -1.78 -45.09 -25.23
N PRO B 298 -2.83 -45.10 -26.06
CA PRO B 298 -2.78 -45.91 -27.28
C PRO B 298 -1.67 -45.48 -28.24
N GLU B 299 -1.39 -44.18 -28.29
CA GLU B 299 -0.45 -43.63 -29.27
C GLU B 299 1.03 -43.78 -28.88
N PHE B 300 1.33 -43.60 -27.60
CA PHE B 300 2.73 -43.54 -27.17
C PHE B 300 3.05 -44.48 -26.01
N GLY B 301 2.06 -45.25 -25.55
CA GLY B 301 2.24 -46.00 -24.33
C GLY B 301 2.43 -45.01 -23.20
N PRO B 302 3.36 -45.29 -22.28
CA PRO B 302 3.66 -44.36 -21.18
C PRO B 302 4.74 -43.34 -21.54
N ASN B 303 5.23 -43.37 -22.77
CA ASN B 303 6.29 -42.46 -23.17
C ASN B 303 5.74 -41.07 -23.53
N VAL B 304 4.97 -40.50 -22.61
CA VAL B 304 4.35 -39.20 -22.81
C VAL B 304 4.31 -38.45 -21.48
N ARG B 305 4.51 -37.13 -21.51
CA ARG B 305 4.44 -36.34 -20.30
C ARG B 305 3.07 -35.69 -20.18
N LEU B 306 2.64 -35.42 -18.95
CA LEU B 306 1.32 -34.86 -18.71
C LEU B 306 1.37 -33.47 -18.08
N THR B 307 0.42 -32.63 -18.47
CA THR B 307 0.16 -31.38 -17.76
C THR B 307 -1.34 -31.10 -17.81
N LYS B 308 -1.79 -30.11 -17.04
CA LYS B 308 -3.21 -29.94 -16.78
C LYS B 308 -3.56 -28.48 -16.53
N VAL B 309 -4.75 -28.08 -16.99
CA VAL B 309 -5.26 -26.72 -16.76
C VAL B 309 -6.69 -26.78 -16.20
N PHE B 310 -6.96 -26.00 -15.16
CA PHE B 310 -8.27 -25.98 -14.51
C PHE B 310 -9.04 -24.72 -14.88
N THR B 311 -10.35 -24.85 -15.12
CA THR B 311 -11.13 -23.71 -15.63
C THR B 311 -12.64 -23.79 -15.36
N ASN B 312 -13.32 -22.65 -15.48
CA ASN B 312 -14.77 -22.61 -15.37
C ASN B 312 -15.48 -22.63 -16.72
N MET B 313 -14.70 -22.58 -17.80
CA MET B 313 -15.24 -22.68 -19.16
C MET B 313 -16.02 -23.97 -19.33
N PRO B 314 -17.32 -23.85 -19.66
CA PRO B 314 -18.16 -25.03 -19.88
C PRO B 314 -17.63 -25.90 -21.02
N LEU B 315 -17.56 -27.20 -20.76
CA LEU B 315 -16.95 -28.14 -21.70
C LEU B 315 -17.66 -29.48 -21.68
N VAL B 316 -17.39 -30.31 -22.69
CA VAL B 316 -17.93 -31.66 -22.72
C VAL B 316 -16.88 -32.65 -22.24
N PRO B 317 -17.14 -33.32 -21.09
CA PRO B 317 -16.21 -34.36 -20.65
C PRO B 317 -16.05 -35.46 -21.70
N ASP B 318 -14.81 -35.91 -21.91
CA ASP B 318 -14.56 -37.04 -22.79
C ASP B 318 -14.86 -38.33 -22.03
N LYS B 319 -15.03 -39.42 -22.75
CA LYS B 319 -15.27 -40.71 -22.13
C LYS B 319 -13.94 -41.38 -21.80
N PRO B 320 -13.88 -42.05 -20.64
CA PRO B 320 -12.70 -42.86 -20.33
C PRO B 320 -12.49 -43.96 -21.36
N ILE B 321 -11.29 -44.53 -21.38
CA ILE B 321 -10.94 -45.51 -22.40
C ILE B 321 -10.48 -46.81 -21.76
N ASP B 322 -10.79 -47.93 -22.40
CA ASP B 322 -10.36 -49.24 -21.94
C ASP B 322 -9.94 -50.09 -23.12
N PHE B 323 -8.63 -50.16 -23.37
CA PHE B 323 -8.11 -50.98 -24.45
C PHE B 323 -7.24 -52.12 -23.92
N GLY B 324 -7.54 -52.55 -22.70
CA GLY B 324 -6.98 -53.77 -22.14
C GLY B 324 -5.68 -53.65 -21.37
N VAL B 325 -5.33 -52.43 -20.99
CA VAL B 325 -4.08 -52.20 -20.27
C VAL B 325 -4.03 -52.97 -18.95
N THR B 326 -5.10 -52.87 -18.16
CA THR B 326 -5.16 -53.52 -16.86
C THR B 326 -4.88 -55.02 -16.94
N GLU B 327 -5.59 -55.71 -17.83
CA GLU B 327 -5.43 -57.16 -17.98
C GLU B 327 -4.04 -57.52 -18.50
N PHE B 328 -3.48 -56.68 -19.35
CA PHE B 328 -2.15 -56.96 -19.88
C PHE B 328 -1.07 -56.78 -18.81
N CYS B 329 -1.20 -55.73 -18.00
CA CYS B 329 -0.25 -55.47 -16.91
C CYS B 329 -0.31 -56.58 -15.86
N GLU B 330 -1.46 -57.24 -15.77
CA GLU B 330 -1.63 -58.36 -14.84
C GLU B 330 -0.71 -59.52 -15.20
N THR B 331 -0.45 -59.68 -16.51
CA THR B 331 0.34 -60.80 -16.99
C THR B 331 1.79 -60.40 -17.23
N CYS B 332 1.98 -59.25 -17.89
CA CYS B 332 3.31 -58.70 -18.12
C CYS B 332 3.93 -58.24 -16.82
N LYS B 333 5.21 -58.54 -16.61
CA LYS B 333 5.91 -58.06 -15.43
C LYS B 333 7.22 -57.37 -15.81
N LYS B 334 7.33 -56.94 -17.06
CA LYS B 334 8.61 -56.51 -17.61
C LYS B 334 9.22 -55.31 -16.90
N CYS B 335 8.41 -54.29 -16.61
CA CYS B 335 8.91 -53.10 -15.94
C CYS B 335 9.41 -53.45 -14.54
N ALA B 336 8.66 -54.31 -13.85
CA ALA B 336 9.04 -54.74 -12.51
C ALA B 336 10.34 -55.54 -12.51
N ARG B 337 10.54 -56.36 -13.54
CA ARG B 337 11.72 -57.19 -13.62
C ARG B 337 12.96 -56.39 -14.01
N GLU B 338 12.78 -55.36 -14.83
CA GLU B 338 13.92 -54.57 -15.31
C GLU B 338 14.26 -53.38 -14.41
N CYS B 339 13.40 -53.08 -13.44
CA CYS B 339 13.64 -51.92 -12.57
C CYS B 339 14.89 -52.12 -11.73
N PRO B 340 15.91 -51.27 -11.93
CA PRO B 340 17.20 -51.40 -11.23
C PRO B 340 17.09 -51.32 -9.71
N SER B 341 16.02 -50.72 -9.20
CA SER B 341 15.86 -50.54 -7.76
C SER B 341 14.77 -51.44 -7.18
N LYS B 342 14.10 -52.18 -8.05
CA LYS B 342 13.03 -53.10 -7.65
C LYS B 342 11.91 -52.36 -6.92
N ALA B 343 11.61 -51.16 -7.40
CA ALA B 343 10.59 -50.29 -6.83
C ALA B 343 9.17 -50.73 -7.20
N ILE B 344 9.04 -51.37 -8.35
CA ILE B 344 7.73 -51.70 -8.91
C ILE B 344 7.27 -53.09 -8.46
N THR B 345 6.05 -53.16 -7.92
CA THR B 345 5.54 -54.41 -7.38
C THR B 345 5.20 -55.43 -8.47
N GLU B 346 5.33 -56.71 -8.15
CA GLU B 346 4.93 -57.78 -9.05
C GLU B 346 3.60 -58.39 -8.60
N GLY B 347 3.02 -57.81 -7.56
CA GLY B 347 1.78 -58.32 -7.02
C GLY B 347 0.54 -57.66 -7.62
N PRO B 348 -0.63 -58.01 -7.09
CA PRO B 348 -1.90 -57.45 -7.58
C PRO B 348 -2.19 -56.06 -7.03
N ARG B 349 -3.29 -55.46 -7.46
CA ARG B 349 -3.69 -54.13 -7.03
C ARG B 349 -4.37 -54.17 -5.66
N THR B 350 -4.13 -53.14 -4.85
CA THR B 350 -4.75 -53.02 -3.53
C THR B 350 -5.18 -51.57 -3.27
N PHE B 351 -5.90 -51.37 -2.19
CA PHE B 351 -6.31 -50.03 -1.78
C PHE B 351 -5.34 -49.45 -0.76
N GLU B 352 -4.37 -50.27 -0.34
CA GLU B 352 -3.48 -49.87 0.74
C GLU B 352 -2.11 -49.43 0.27
N GLY B 353 -1.80 -48.16 0.54
CA GLY B 353 -0.51 -47.59 0.19
C GLY B 353 0.66 -48.36 0.78
N ARG B 354 1.74 -48.42 0.02
CA ARG B 354 2.93 -49.16 0.42
C ARG B 354 3.74 -48.34 1.42
N SER B 355 3.71 -47.02 1.27
CA SER B 355 4.36 -46.13 2.21
C SER B 355 3.73 -44.75 2.15
N ILE B 356 4.33 -43.81 2.87
CA ILE B 356 3.83 -42.43 2.95
C ILE B 356 3.68 -41.76 1.58
N HIS B 357 4.45 -42.24 0.60
CA HIS B 357 4.46 -41.62 -0.73
C HIS B 357 3.22 -41.92 -1.56
N ASN B 358 2.54 -43.04 -1.29
CA ASN B 358 1.31 -43.38 -2.01
C ASN B 358 0.06 -42.82 -1.34
N GLN B 359 -0.96 -42.51 -2.15
CA GLN B 359 -2.26 -42.11 -1.63
C GLN B 359 -3.16 -43.33 -1.41
N SER B 360 -3.49 -43.61 -0.16
CA SER B 360 -4.32 -44.77 0.15
C SER B 360 -5.78 -44.56 -0.22
N GLY B 361 -6.50 -45.66 -0.42
CA GLY B 361 -7.93 -45.58 -0.64
C GLY B 361 -8.34 -45.58 -2.10
N LYS B 362 -7.41 -45.90 -2.99
CA LYS B 362 -7.74 -46.04 -4.40
C LYS B 362 -7.07 -47.29 -4.98
N LEU B 363 -7.81 -48.02 -5.81
CA LEU B 363 -7.29 -49.25 -6.39
C LEU B 363 -6.21 -48.98 -7.44
N GLN B 364 -4.98 -49.34 -7.10
CA GLN B 364 -3.84 -49.15 -7.99
C GLN B 364 -2.77 -50.18 -7.69
N TRP B 365 -1.78 -50.29 -8.56
CA TRP B 365 -0.58 -51.05 -8.21
C TRP B 365 0.29 -50.20 -7.29
N GLN B 366 0.72 -50.80 -6.19
CA GLN B 366 1.35 -50.07 -5.10
C GLN B 366 2.87 -50.15 -5.15
N ASN B 367 3.54 -49.06 -5.49
CA ASN B 367 4.99 -49.08 -5.70
C ASN B 367 5.79 -48.28 -4.67
N ASP B 368 7.05 -48.68 -4.47
CA ASP B 368 7.95 -48.03 -3.50
C ASP B 368 8.76 -46.94 -4.19
N TYR B 369 8.29 -45.71 -4.07
CA TYR B 369 8.86 -44.59 -4.81
C TYR B 369 10.09 -44.00 -4.13
N ASN B 370 10.35 -44.41 -2.89
CA ASN B 370 11.60 -44.05 -2.23
C ASN B 370 12.75 -44.84 -2.82
N LYS B 371 12.48 -46.07 -3.25
CA LYS B 371 13.48 -46.88 -3.93
C LYS B 371 13.79 -46.33 -5.31
N CYS B 372 12.76 -45.81 -5.99
CA CYS B 372 12.96 -45.24 -7.32
C CYS B 372 13.88 -44.03 -7.25
N LEU B 373 13.55 -43.08 -6.38
CA LEU B 373 14.35 -41.88 -6.21
C LEU B 373 15.79 -42.22 -5.82
N GLY B 374 15.97 -43.25 -5.01
CA GLY B 374 17.29 -43.67 -4.58
C GLY B 374 18.22 -44.00 -5.73
N TYR B 375 17.65 -44.51 -6.81
CA TYR B 375 18.44 -44.92 -7.97
C TYR B 375 18.94 -43.73 -8.79
N TRP B 376 18.26 -42.58 -8.68
CA TRP B 376 18.60 -41.44 -9.53
C TRP B 376 19.98 -40.84 -9.24
N PRO B 377 20.38 -40.70 -7.96
CA PRO B 377 21.77 -40.29 -7.76
C PRO B 377 22.77 -41.36 -8.19
N GLU B 378 22.35 -42.61 -8.15
CA GLU B 378 23.21 -43.72 -8.56
C GLU B 378 23.51 -43.66 -10.06
N SER B 379 22.48 -43.36 -10.84
CA SER B 379 22.63 -43.34 -12.30
C SER B 379 22.86 -41.93 -12.84
N GLY B 380 22.66 -40.92 -12.00
CA GLY B 380 22.89 -39.54 -12.40
C GLY B 380 21.86 -38.99 -13.38
N GLY B 381 20.60 -39.38 -13.21
CA GLY B 381 19.55 -38.94 -14.11
C GLY B 381 18.16 -39.17 -13.56
N TYR B 382 17.19 -39.34 -14.45
CA TYR B 382 15.81 -39.59 -14.05
C TYR B 382 15.38 -40.96 -14.53
N CYS B 383 16.36 -41.81 -14.83
CA CYS B 383 16.16 -43.21 -15.18
C CYS B 383 15.20 -43.39 -16.35
N GLY B 384 14.02 -43.93 -16.06
CA GLY B 384 13.01 -44.13 -17.08
C GLY B 384 13.10 -45.47 -17.77
N VAL B 385 13.77 -46.42 -17.13
CA VAL B 385 13.91 -47.77 -17.70
C VAL B 385 12.55 -48.43 -17.83
N CYS B 386 11.70 -48.23 -16.82
CA CYS B 386 10.34 -48.78 -16.84
C CYS B 386 9.58 -48.31 -18.08
N VAL B 387 9.69 -47.04 -18.40
CA VAL B 387 9.07 -46.50 -19.62
C VAL B 387 9.69 -47.11 -20.88
N ALA B 388 11.02 -47.24 -20.86
CA ALA B 388 11.75 -47.75 -22.01
C ALA B 388 11.36 -49.17 -22.41
N VAL B 389 11.12 -50.01 -21.42
CA VAL B 389 10.93 -51.44 -21.67
C VAL B 389 9.46 -51.83 -21.87
N CYS B 390 8.54 -50.93 -21.58
CA CYS B 390 7.12 -51.26 -21.72
C CYS B 390 6.75 -51.57 -23.19
N PRO B 391 6.13 -52.74 -23.42
CA PRO B 391 5.67 -53.15 -24.76
C PRO B 391 4.81 -52.09 -25.44
N PHE B 392 4.03 -51.35 -24.67
CA PHE B 392 3.18 -50.30 -25.22
C PHE B 392 4.00 -49.13 -25.80
N THR B 393 5.24 -48.99 -25.33
CA THR B 393 6.11 -47.92 -25.79
C THR B 393 6.63 -48.20 -27.21
N LYS B 394 6.74 -49.48 -27.57
CA LYS B 394 7.07 -49.85 -28.95
C LYS B 394 6.08 -49.22 -29.93
N GLY B 395 6.54 -48.90 -31.13
CA GLY B 395 5.71 -48.17 -32.09
C GLY B 395 5.43 -48.88 -33.40
N ASN B 396 4.47 -49.80 -33.36
CA ASN B 396 3.97 -50.60 -34.49
C ASN B 396 3.23 -51.80 -33.94
N ILE B 397 2.23 -51.56 -33.10
CA ILE B 397 1.65 -52.63 -32.29
C ILE B 397 0.13 -52.77 -32.38
N TRP B 398 -0.51 -51.95 -33.22
CA TRP B 398 -1.97 -52.01 -33.39
C TRP B 398 -2.37 -52.64 -34.72
N ILE B 399 -3.09 -53.75 -34.67
CA ILE B 399 -3.48 -54.43 -35.92
C ILE B 399 -4.99 -54.68 -36.05
N HIS B 400 -5.43 -54.66 -37.31
CA HIS B 400 -6.83 -54.78 -37.70
C HIS B 400 -7.09 -56.17 -38.29
N ASP B 401 -7.94 -56.98 -37.64
CA ASP B 401 -8.18 -58.33 -38.14
C ASP B 401 -9.40 -58.40 -39.05
N GLY B 402 -9.71 -57.30 -39.70
CA GLY B 402 -10.88 -57.21 -40.56
C GLY B 402 -12.10 -56.63 -39.87
N VAL B 403 -12.38 -57.13 -38.67
CA VAL B 403 -13.55 -56.72 -37.91
C VAL B 403 -13.23 -55.57 -36.97
N GLU B 404 -12.39 -55.86 -35.97
CA GLU B 404 -12.06 -54.87 -34.96
C GLU B 404 -10.65 -54.30 -35.12
N TRP B 405 -10.32 -53.30 -34.30
CA TRP B 405 -8.92 -52.98 -34.06
C TRP B 405 -8.45 -53.81 -32.88
N LEU B 406 -7.21 -54.29 -32.93
CA LEU B 406 -6.74 -55.12 -31.84
C LEU B 406 -5.26 -54.96 -31.57
N ILE B 407 -4.88 -55.16 -30.32
CA ILE B 407 -3.47 -55.15 -29.94
C ILE B 407 -2.86 -56.51 -30.20
N ASP B 408 -1.97 -56.52 -31.18
CA ASP B 408 -1.06 -57.63 -31.42
C ASP B 408 -0.25 -57.84 -30.15
N ASN B 409 -0.49 -58.93 -29.42
CA ASN B 409 0.27 -59.16 -28.20
C ASN B 409 1.47 -60.09 -28.45
N THR B 410 2.31 -59.68 -29.40
CA THR B 410 3.66 -60.20 -29.51
C THR B 410 4.56 -59.48 -28.51
N ASN B 431 24.60 -47.17 -27.82
CA ASN B 431 23.72 -46.73 -28.90
C ASN B 431 23.46 -45.23 -28.85
N ILE B 432 24.05 -44.56 -27.86
CA ILE B 432 23.92 -43.11 -27.73
C ILE B 432 24.47 -42.42 -28.98
N THR B 433 25.56 -42.96 -29.50
CA THR B 433 26.22 -42.37 -30.68
C THR B 433 25.35 -42.47 -31.93
N GLU B 434 24.60 -43.55 -32.08
CA GLU B 434 23.72 -43.68 -33.25
C GLU B 434 22.47 -42.83 -33.08
N VAL B 435 22.13 -42.49 -31.83
CA VAL B 435 21.03 -41.58 -31.58
C VAL B 435 21.44 -40.18 -32.05
N TRP B 436 22.64 -39.75 -31.65
CA TRP B 436 23.17 -38.48 -32.11
C TRP B 436 23.34 -38.44 -33.63
N ASP B 437 23.65 -39.58 -34.22
CA ASP B 437 23.89 -39.66 -35.66
C ASP B 437 22.66 -40.10 -36.46
N GLY B 438 21.56 -40.36 -35.75
CA GLY B 438 20.39 -40.96 -36.39
C GLY B 438 19.24 -40.02 -36.69
N LYS B 439 18.05 -40.61 -36.77
CA LYS B 439 16.83 -39.89 -37.13
C LYS B 439 16.40 -38.88 -36.08
N ILE B 440 16.04 -37.68 -36.52
CA ILE B 440 15.46 -36.66 -35.64
C ILE B 440 14.58 -35.75 -36.48
N ASN B 441 13.63 -35.10 -35.83
CA ASN B 441 12.72 -34.20 -36.51
C ASN B 441 12.24 -33.15 -35.50
N THR B 442 11.43 -32.21 -35.95
CA THR B 442 11.01 -31.07 -35.12
C THR B 442 10.41 -31.50 -33.78
N TYR B 443 10.93 -30.90 -32.71
CA TYR B 443 10.54 -31.23 -31.32
C TYR B 443 10.74 -32.71 -30.99
N GLY B 444 11.48 -33.43 -31.82
CA GLY B 444 11.73 -34.83 -31.57
C GLY B 444 10.57 -35.72 -31.94
N LEU B 445 9.59 -35.16 -32.64
CA LEU B 445 8.46 -35.95 -33.12
C LEU B 445 8.89 -36.86 -34.27
N ASP B 446 8.18 -37.96 -34.47
CA ASP B 446 8.52 -38.93 -35.51
C ASP B 446 7.48 -38.92 -36.62
N ALA B 447 7.94 -38.67 -37.84
CA ALA B 447 7.05 -38.56 -38.98
C ALA B 447 6.42 -39.90 -39.35
N ASP B 448 7.01 -41.00 -38.88
CA ASP B 448 6.46 -42.32 -39.14
C ASP B 448 5.12 -42.55 -38.44
N HIS B 449 4.86 -41.81 -37.35
CA HIS B 449 3.64 -42.01 -36.58
C HIS B 449 2.86 -40.71 -36.34
N PHE B 450 3.33 -39.61 -36.93
CA PHE B 450 2.74 -38.30 -36.66
C PHE B 450 1.29 -38.21 -37.16
N ARG B 451 0.92 -39.09 -38.09
CA ARG B 451 -0.46 -39.12 -38.57
C ARG B 451 -1.46 -39.57 -37.51
N ASP B 452 -0.99 -40.33 -36.52
CA ASP B 452 -1.90 -40.87 -35.51
C ASP B 452 -2.55 -39.79 -34.64
N THR B 453 -2.00 -38.59 -34.67
CA THR B 453 -2.52 -37.54 -33.81
C THR B 453 -3.11 -36.37 -34.60
N VAL B 454 -3.43 -36.62 -35.87
CA VAL B 454 -4.17 -35.63 -36.66
C VAL B 454 -5.59 -35.57 -36.08
N SER B 455 -6.20 -34.39 -36.13
CA SER B 455 -7.49 -34.19 -35.48
C SER B 455 -8.46 -33.36 -36.32
N PHE B 456 -9.69 -33.85 -36.43
CA PHE B 456 -10.77 -33.09 -37.03
C PHE B 456 -11.81 -32.86 -35.94
N ARG B 457 -12.81 -32.02 -36.21
CA ARG B 457 -13.84 -31.73 -35.20
C ARG B 457 -14.49 -33.00 -34.66
N LYS B 458 -14.65 -33.99 -35.53
CA LYS B 458 -15.29 -35.25 -35.20
C LYS B 458 -14.68 -35.95 -33.99
N ASP B 459 -13.37 -35.87 -33.83
CA ASP B 459 -12.70 -36.51 -32.70
C ASP B 459 -12.43 -35.53 -31.56
N ARG B 460 -12.82 -34.27 -31.74
CA ARG B 460 -12.64 -33.27 -30.68
C ARG B 460 -13.87 -33.16 -29.79
N VAL B 461 -15.06 -33.25 -30.39
CA VAL B 461 -16.31 -33.25 -29.63
C VAL B 461 -17.43 -33.96 -30.39
N ASN C 6 2.33 -27.99 17.35
CA ASN C 6 2.03 -28.29 18.74
C ASN C 6 3.15 -29.08 19.42
N ALA C 7 3.89 -28.38 20.28
CA ALA C 7 5.10 -28.90 20.90
C ALA C 7 4.93 -30.21 21.66
N ALA C 8 3.87 -30.28 22.47
CA ALA C 8 3.63 -31.45 23.32
C ALA C 8 3.53 -32.73 22.49
N GLU C 9 2.87 -32.66 21.35
CA GLU C 9 2.75 -33.82 20.47
C GLU C 9 4.11 -34.17 19.88
N ILE C 10 4.90 -33.15 19.57
CA ILE C 10 6.25 -33.35 19.06
C ILE C 10 7.13 -34.01 20.12
N ARG C 11 7.11 -33.45 21.33
CA ARG C 11 7.95 -33.95 22.42
C ARG C 11 7.61 -35.38 22.83
N GLN C 12 6.33 -35.72 22.77
CA GLN C 12 5.92 -37.08 23.11
C GLN C 12 6.44 -38.08 22.08
N GLN C 13 6.43 -37.70 20.81
CA GLN C 13 6.89 -38.57 19.74
C GLN C 13 8.36 -38.95 19.87
N PHE C 14 9.19 -38.01 20.30
CA PHE C 14 10.63 -38.24 20.34
C PHE C 14 11.18 -38.53 21.74
N ALA C 15 10.29 -38.89 22.66
CA ALA C 15 10.71 -39.21 24.02
C ALA C 15 11.56 -40.48 24.07
N MET C 16 12.66 -40.42 24.82
CA MET C 16 13.50 -41.59 25.04
C MET C 16 13.01 -42.34 26.27
N THR C 17 13.64 -43.48 26.55
CA THR C 17 13.36 -44.19 27.79
C THR C 17 14.20 -43.54 28.90
N ALA C 18 13.73 -43.66 30.14
CA ALA C 18 14.37 -43.01 31.28
C ALA C 18 15.87 -43.27 31.35
N GLY C 19 16.61 -42.28 31.85
CA GLY C 19 18.05 -42.39 31.97
C GLY C 19 18.77 -41.21 31.38
N SER C 20 19.76 -40.69 32.10
CA SER C 20 20.55 -39.55 31.64
C SER C 20 21.21 -39.88 30.30
N PRO C 21 21.04 -38.99 29.32
CA PRO C 21 21.52 -39.15 27.94
C PRO C 21 23.00 -38.79 27.80
N ILE C 22 23.55 -38.14 28.81
CA ILE C 22 24.92 -37.67 28.74
C ILE C 22 25.89 -38.80 29.08
N ILE C 23 26.84 -39.04 28.17
CA ILE C 23 27.79 -40.15 28.33
C ILE C 23 29.03 -39.72 29.12
N VAL C 24 29.31 -40.43 30.20
CA VAL C 24 30.45 -40.10 31.05
C VAL C 24 31.44 -41.25 31.16
N ASN C 25 32.70 -40.94 31.45
CA ASN C 25 33.66 -41.95 31.84
C ASN C 25 34.01 -41.77 33.30
N ASP C 26 34.94 -42.56 33.83
CA ASP C 26 35.19 -42.54 35.26
C ASP C 26 36.19 -41.47 35.69
N LYS C 27 36.68 -40.69 34.74
CA LYS C 27 37.59 -39.58 35.04
C LYS C 27 36.80 -38.32 35.36
N LEU C 28 35.48 -38.42 35.27
CA LEU C 28 34.62 -37.26 35.47
C LEU C 28 34.54 -36.84 36.93
N GLU C 29 34.70 -35.55 37.19
CA GLU C 29 34.36 -35.04 38.51
C GLU C 29 33.85 -33.61 38.41
N ARG C 30 33.36 -33.12 39.54
CA ARG C 30 32.66 -31.85 39.57
C ARG C 30 33.59 -30.69 39.27
N TYR C 31 33.00 -29.64 38.71
CA TYR C 31 33.72 -28.57 38.05
C TYR C 31 33.72 -27.31 38.91
N ALA C 32 34.90 -26.73 39.13
CA ALA C 32 35.00 -25.52 39.94
C ALA C 32 34.60 -24.29 39.12
N GLU C 33 33.58 -23.58 39.60
CA GLU C 33 32.99 -22.46 38.84
C GLU C 33 34.01 -21.39 38.43
N VAL C 34 35.10 -21.27 39.17
CA VAL C 34 36.10 -20.25 38.87
C VAL C 34 36.83 -20.54 37.55
N ARG C 35 36.66 -21.75 37.02
CA ARG C 35 37.34 -22.17 35.80
C ARG C 35 36.72 -21.63 34.50
N THR C 36 35.53 -21.04 34.60
CA THR C 36 34.86 -20.52 33.41
C THR C 36 35.60 -19.28 32.90
N ALA C 37 35.46 -19.00 31.61
CA ALA C 37 36.17 -17.89 30.99
C ALA C 37 35.84 -16.55 31.65
N PHE C 38 34.62 -16.42 32.18
CA PHE C 38 34.19 -15.21 32.84
C PHE C 38 35.00 -14.88 34.09
N THR C 39 35.54 -15.91 34.75
CA THR C 39 36.15 -15.71 36.07
C THR C 39 37.61 -16.11 36.17
N HIS C 40 38.07 -17.04 35.33
CA HIS C 40 39.46 -17.47 35.37
C HIS C 40 40.41 -16.32 35.05
N PRO C 41 41.47 -16.17 35.86
CA PRO C 41 42.49 -15.14 35.65
C PRO C 41 43.16 -15.20 34.27
N THR C 42 43.29 -16.38 33.67
CA THR C 42 43.95 -16.50 32.36
C THR C 42 43.01 -16.20 31.19
N SER C 43 41.87 -15.56 31.47
CA SER C 43 40.90 -15.25 30.43
C SER C 43 40.01 -14.06 30.80
N PHE C 44 40.05 -13.67 32.07
CA PHE C 44 39.21 -12.59 32.57
C PHE C 44 39.60 -11.25 31.97
N PHE C 45 40.89 -11.09 31.69
CA PHE C 45 41.43 -9.82 31.20
C PHE C 45 41.57 -9.78 29.70
N LYS C 46 41.03 -8.73 29.10
CA LYS C 46 41.08 -8.57 27.65
C LYS C 46 41.55 -7.17 27.31
N PRO C 47 42.32 -7.04 26.21
CA PRO C 47 42.71 -5.70 25.75
C PRO C 47 41.51 -4.95 25.21
N ASN C 48 41.47 -3.63 25.37
CA ASN C 48 40.46 -2.86 24.67
C ASN C 48 41.03 -2.38 23.33
N TYR C 49 40.31 -1.50 22.64
CA TYR C 49 40.70 -1.14 21.28
C TYR C 49 41.94 -0.23 21.24
N LYS C 50 42.35 0.25 22.41
CA LYS C 50 43.55 1.08 22.50
C LYS C 50 44.73 0.27 23.00
N GLY C 51 44.51 -1.02 23.23
CA GLY C 51 45.56 -1.92 23.64
C GLY C 51 45.70 -2.08 25.15
N GLU C 52 44.99 -1.25 25.91
CA GLU C 52 45.04 -1.33 27.36
C GLU C 52 44.23 -2.52 27.89
N VAL C 53 44.89 -3.37 28.67
CA VAL C 53 44.26 -4.60 29.15
C VAL C 53 43.45 -4.35 30.42
N LYS C 54 42.16 -4.68 30.35
CA LYS C 54 41.21 -4.44 31.42
C LYS C 54 40.39 -5.70 31.69
N PRO C 55 39.61 -5.71 32.80
CA PRO C 55 38.58 -6.76 32.92
C PRO C 55 37.68 -6.75 31.68
N TRP C 56 37.32 -7.92 31.16
CA TRP C 56 36.70 -8.03 29.85
C TRP C 56 35.51 -7.08 29.61
N PHE C 57 34.66 -6.91 30.62
CA PHE C 57 33.45 -6.11 30.42
C PHE C 57 33.73 -4.61 30.41
N LEU C 58 34.82 -4.18 31.04
CA LEU C 58 35.21 -2.77 30.97
C LEU C 58 35.83 -2.44 29.61
N SER C 59 36.54 -3.41 29.03
CA SER C 59 37.03 -3.26 27.66
C SER C 59 35.86 -3.20 26.69
N ALA C 60 34.86 -4.04 26.93
CA ALA C 60 33.63 -4.06 26.13
C ALA C 60 32.89 -2.73 26.25
N TYR C 61 32.89 -2.15 27.44
CA TYR C 61 32.29 -0.85 27.67
C TYR C 61 32.94 0.22 26.77
N ASP C 62 34.27 0.17 26.69
CA ASP C 62 35.01 1.13 25.87
C ASP C 62 34.60 1.04 24.40
N GLU C 63 34.41 -0.17 23.91
CA GLU C 63 34.00 -0.37 22.53
C GLU C 63 32.58 0.15 22.30
N LYS C 64 31.67 -0.13 23.25
CA LYS C 64 30.31 0.39 23.18
C LYS C 64 30.31 1.91 23.06
N VAL C 65 31.10 2.56 23.91
CA VAL C 65 31.23 4.01 23.88
C VAL C 65 31.72 4.48 22.52
N ARG C 66 32.75 3.82 22.01
CA ARG C 66 33.31 4.16 20.70
C ARG C 66 32.29 4.05 19.59
N GLN C 67 31.52 2.96 19.60
CA GLN C 67 30.50 2.73 18.57
C GLN C 67 29.41 3.79 18.60
N ILE C 68 29.07 4.25 19.80
CA ILE C 68 28.04 5.28 19.95
C ILE C 68 28.53 6.61 19.35
N GLU C 69 29.75 7.02 19.74
CA GLU C 69 30.34 8.24 19.21
C GLU C 69 30.41 8.20 17.68
N ASN C 70 30.68 7.02 17.14
CA ASN C 70 30.82 6.84 15.69
C ASN C 70 29.52 6.50 14.98
N GLY C 71 28.40 6.50 15.71
CA GLY C 71 27.12 6.12 15.15
C GLY C 71 27.13 4.70 14.60
N GLU C 72 27.52 3.75 15.44
CA GLU C 72 27.58 2.35 15.03
C GLU C 72 26.76 1.45 15.95
N ASN C 73 26.25 0.36 15.38
CA ASN C 73 25.44 -0.60 16.11
C ASN C 73 26.18 -1.89 16.44
N GLY C 74 27.42 -1.98 15.97
CA GLY C 74 28.24 -3.16 16.19
C GLY C 74 29.59 -2.93 15.57
N PRO C 75 30.44 -3.97 15.55
CA PRO C 75 31.77 -3.81 14.96
C PRO C 75 31.65 -3.53 13.46
N LYS C 76 32.06 -2.34 13.04
CA LYS C 76 31.98 -1.94 11.63
C LYS C 76 30.52 -2.14 11.15
N MET C 77 29.57 -1.68 11.96
CA MET C 77 28.19 -1.70 11.53
C MET C 77 27.59 -0.32 11.70
N LYS C 78 27.54 0.43 10.61
CA LYS C 78 27.03 1.78 10.64
C LYS C 78 25.55 1.77 11.00
N ALA C 79 25.21 2.50 12.06
CA ALA C 79 23.82 2.69 12.44
C ALA C 79 23.23 3.81 11.60
N LYS C 80 21.90 3.92 11.63
CA LYS C 80 21.19 4.98 10.91
C LYS C 80 21.73 6.34 11.32
N ASN C 81 21.99 6.51 12.61
CA ASN C 81 22.59 7.71 13.16
C ASN C 81 23.06 7.46 14.60
N VAL C 82 23.52 8.50 15.27
CA VAL C 82 24.01 8.35 16.64
C VAL C 82 22.88 7.99 17.59
N GLY C 83 21.70 8.56 17.35
CA GLY C 83 20.53 8.30 18.18
C GLY C 83 20.11 6.85 18.18
N GLU C 84 20.11 6.22 17.01
CA GLU C 84 19.79 4.79 16.92
C GLU C 84 20.86 3.96 17.60
N ALA C 85 22.13 4.34 17.41
CA ALA C 85 23.24 3.67 18.05
C ALA C 85 23.11 3.70 19.57
N ARG C 86 22.73 4.86 20.11
CA ARG C 86 22.55 4.99 21.56
C ARG C 86 21.33 4.25 22.06
N ALA C 87 20.22 4.35 21.33
CA ALA C 87 18.97 3.71 21.71
C ALA C 87 19.18 2.21 21.97
N GLY C 88 20.00 1.58 21.13
CA GLY C 88 20.26 0.16 21.26
C GLY C 88 21.04 -0.20 22.51
N ARG C 89 22.00 0.65 22.87
CA ARG C 89 22.80 0.41 24.06
C ARG C 89 22.01 0.76 25.33
N ALA C 90 21.10 1.72 25.20
CA ALA C 90 20.21 2.08 26.30
C ALA C 90 19.28 0.92 26.62
N LEU C 91 18.75 0.30 25.56
CA LEU C 91 17.86 -0.84 25.69
C LEU C 91 18.56 -2.02 26.36
N GLU C 92 19.73 -2.38 25.82
CA GLU C 92 20.59 -3.41 26.38
C GLU C 92 20.86 -3.20 27.86
N ALA C 93 21.36 -2.01 28.19
CA ALA C 93 21.72 -1.69 29.57
C ALA C 93 20.53 -1.82 30.51
N ALA C 94 19.38 -1.34 30.04
CA ALA C 94 18.15 -1.37 30.83
C ALA C 94 17.67 -2.80 31.09
N GLY C 95 17.84 -3.67 30.10
CA GLY C 95 17.42 -5.06 30.22
C GLY C 95 17.99 -5.78 31.43
N TRP C 96 19.22 -5.42 31.80
CA TRP C 96 19.94 -6.05 32.91
C TRP C 96 19.48 -5.59 34.30
N THR C 97 18.39 -4.85 34.36
CA THR C 97 17.98 -4.17 35.60
C THR C 97 17.85 -5.11 36.80
N LEU C 98 17.35 -6.32 36.58
CA LEU C 98 17.17 -7.26 37.69
C LEU C 98 18.18 -8.40 37.67
N ASP C 99 19.41 -8.10 37.24
CA ASP C 99 20.49 -9.07 37.28
C ASP C 99 21.70 -8.47 37.97
N ILE C 100 22.44 -9.29 38.71
CA ILE C 100 23.65 -8.84 39.40
C ILE C 100 24.92 -9.28 38.66
N ASN C 101 25.73 -8.31 38.25
CA ASN C 101 27.04 -8.56 37.63
C ASN C 101 27.05 -9.66 36.57
N TYR C 102 26.16 -9.54 35.59
CA TYR C 102 26.09 -10.47 34.47
C TYR C 102 25.92 -11.93 34.89
N GLY C 103 24.76 -12.28 35.42
CA GLY C 103 24.46 -13.69 35.62
C GLY C 103 23.85 -14.14 36.95
N ASN C 104 23.85 -13.27 37.95
CA ASN C 104 23.37 -13.64 39.29
C ASN C 104 24.04 -14.90 39.86
N ILE C 105 25.35 -15.04 39.69
CA ILE C 105 26.00 -16.30 40.03
C ILE C 105 26.31 -16.50 41.52
N TYR C 106 26.42 -15.43 42.30
CA TYR C 106 26.66 -15.58 43.75
C TYR C 106 25.45 -16.21 44.42
N PRO C 107 25.61 -17.41 45.00
CA PRO C 107 24.49 -18.06 45.66
C PRO C 107 24.19 -17.44 47.02
N ASN C 108 22.91 -17.35 47.38
CA ASN C 108 22.48 -16.81 48.66
C ASN C 108 22.95 -15.37 48.84
N ARG C 109 22.86 -14.60 47.75
CA ARG C 109 23.17 -13.18 47.78
C ARG C 109 22.13 -12.42 46.96
N PHE C 110 21.85 -11.18 47.33
CA PHE C 110 20.95 -10.31 46.57
C PHE C 110 19.64 -11.03 46.19
N PHE C 111 19.43 -11.31 44.91
CA PHE C 111 18.18 -11.94 44.47
C PHE C 111 18.16 -13.47 44.67
N MET C 112 19.32 -14.08 44.82
CA MET C 112 19.41 -15.54 44.86
C MET C 112 19.40 -16.14 46.27
N LEU C 113 18.49 -15.68 47.12
CA LEU C 113 18.46 -16.15 48.51
C LEU C 113 17.99 -17.60 48.61
N TRP C 114 18.73 -18.39 49.38
CA TRP C 114 18.44 -19.82 49.55
C TRP C 114 17.30 -20.06 50.54
N SER C 115 16.87 -19.00 51.21
CA SER C 115 15.79 -19.09 52.17
C SER C 115 14.85 -17.92 51.98
N GLY C 116 13.59 -18.13 52.35
CA GLY C 116 12.58 -17.11 52.17
C GLY C 116 12.46 -16.06 53.26
N GLU C 117 12.97 -16.35 54.45
CA GLU C 117 12.61 -15.59 55.66
C GLU C 117 12.86 -14.08 55.61
N THR C 118 13.92 -13.62 54.98
CA THR C 118 14.23 -12.18 55.00
C THR C 118 13.51 -11.35 53.94
N MET C 119 12.86 -12.00 52.98
CA MET C 119 12.24 -11.28 51.87
C MET C 119 11.03 -10.47 52.32
N THR C 120 10.85 -9.32 51.69
CA THR C 120 9.76 -8.41 52.05
C THR C 120 8.39 -9.07 51.84
N ASN C 121 8.29 -9.89 50.80
CA ASN C 121 7.07 -10.63 50.53
C ASN C 121 6.76 -11.65 51.63
N THR C 122 7.77 -12.40 52.06
CA THR C 122 7.62 -13.39 53.12
C THR C 122 7.17 -12.73 54.44
N GLN C 123 7.79 -11.61 54.77
CA GLN C 123 7.46 -10.88 56.01
C GLN C 123 6.02 -10.40 56.00
N LEU C 124 5.59 -9.83 54.88
CA LEU C 124 4.22 -9.31 54.76
C LEU C 124 3.18 -10.41 54.92
N TRP C 125 3.52 -11.62 54.48
CA TRP C 125 2.59 -12.74 54.46
C TRP C 125 2.74 -13.67 55.66
N ALA C 126 3.71 -13.37 56.51
CA ALA C 126 4.00 -14.19 57.69
C ALA C 126 2.79 -14.60 58.55
N PRO C 127 1.82 -13.68 58.76
CA PRO C 127 0.69 -14.13 59.60
C PRO C 127 -0.11 -15.32 59.05
N VAL C 128 -0.11 -15.51 57.72
CA VAL C 128 -0.82 -16.64 57.14
C VAL C 128 -0.05 -17.94 57.39
N GLY C 129 1.26 -17.82 57.55
CA GLY C 129 2.09 -18.94 57.95
C GLY C 129 2.26 -20.04 56.92
N LEU C 130 2.16 -19.70 55.64
CA LEU C 130 2.31 -20.68 54.57
C LEU C 130 3.69 -21.32 54.53
N ASP C 131 4.72 -20.58 54.93
CA ASP C 131 6.08 -21.10 54.88
C ASP C 131 6.40 -21.93 56.12
N ARG C 132 5.47 -22.01 57.05
CA ARG C 132 5.71 -22.76 58.29
C ARG C 132 4.75 -23.95 58.44
N ARG C 133 3.63 -23.89 57.73
CA ARG C 133 2.67 -24.99 57.71
C ARG C 133 3.23 -26.18 56.92
N PRO C 134 3.21 -27.38 57.51
CA PRO C 134 3.68 -28.57 56.79
C PRO C 134 2.86 -28.80 55.50
N PRO C 135 3.46 -29.45 54.49
CA PRO C 135 2.80 -29.63 53.19
C PRO C 135 1.41 -30.26 53.31
N ASP C 136 0.49 -29.82 52.46
CA ASP C 136 -0.84 -30.40 52.41
C ASP C 136 -0.93 -31.35 51.21
N THR C 137 0.05 -31.26 50.33
CA THR C 137 0.16 -32.18 49.20
C THR C 137 1.54 -32.82 49.19
N THR C 138 1.58 -34.15 49.07
CA THR C 138 2.85 -34.87 48.98
C THR C 138 2.90 -35.72 47.71
N ASP C 139 1.77 -35.88 47.04
CA ASP C 139 1.70 -36.70 45.84
C ASP C 139 2.44 -36.05 44.68
N PRO C 140 3.45 -36.74 44.13
CA PRO C 140 4.30 -36.12 43.11
C PRO C 140 3.59 -35.81 41.79
N VAL C 141 2.56 -36.55 41.42
CA VAL C 141 1.84 -36.23 40.19
C VAL C 141 1.09 -34.90 40.31
N GLU C 142 0.39 -34.71 41.43
CA GLU C 142 -0.34 -33.46 41.65
C GLU C 142 0.62 -32.26 41.77
N LEU C 143 1.72 -32.46 42.50
CA LEU C 143 2.68 -31.38 42.71
C LEU C 143 3.38 -30.99 41.41
N THR C 144 3.56 -31.95 40.52
CA THR C 144 4.17 -31.66 39.22
C THR C 144 3.25 -30.77 38.40
N ASN C 145 1.94 -31.02 38.49
CA ASN C 145 0.97 -30.20 37.78
C ASN C 145 0.91 -28.79 38.38
N TYR C 146 0.86 -28.71 39.70
CA TYR C 146 0.85 -27.43 40.40
C TYR C 146 2.08 -26.61 40.05
N VAL C 147 3.25 -27.24 40.10
CA VAL C 147 4.48 -26.50 39.94
C VAL C 147 4.74 -26.09 38.50
N LYS C 148 4.29 -26.89 37.54
CA LYS C 148 4.52 -26.54 36.15
C LYS C 148 3.57 -25.42 35.74
N PHE C 149 2.37 -25.42 36.31
CA PHE C 149 1.42 -24.34 36.08
C PHE C 149 2.00 -23.02 36.60
N ALA C 150 2.53 -23.04 37.81
CA ALA C 150 3.10 -21.85 38.42
C ALA C 150 4.30 -21.35 37.62
N ALA C 151 5.08 -22.30 37.11
CA ALA C 151 6.27 -21.96 36.33
C ALA C 151 5.91 -21.19 35.07
N ARG C 152 4.79 -21.51 34.45
CA ARG C 152 4.33 -20.80 33.26
C ARG C 152 3.85 -19.40 33.63
N MET C 153 3.14 -19.30 34.75
CA MET C 153 2.76 -18.01 35.32
C MET C 153 4.00 -17.16 35.58
N ALA C 154 5.08 -17.81 36.00
CA ALA C 154 6.30 -17.12 36.39
C ALA C 154 7.18 -16.75 35.20
N GLY C 155 6.72 -17.05 33.99
CA GLY C 155 7.38 -16.57 32.79
C GLY C 155 8.23 -17.57 32.03
N ALA C 156 8.15 -18.84 32.39
CA ALA C 156 8.86 -19.88 31.65
C ALA C 156 8.09 -20.25 30.39
N ASP C 157 8.80 -20.34 29.27
CA ASP C 157 8.21 -20.79 28.01
C ASP C 157 8.25 -22.31 27.96
N LEU C 158 9.30 -22.86 28.58
CA LEU C 158 9.46 -24.30 28.73
C LEU C 158 9.77 -24.62 30.19
N VAL C 159 9.34 -25.79 30.65
CA VAL C 159 9.67 -26.23 32.00
C VAL C 159 9.77 -27.75 32.03
N GLY C 160 10.78 -28.26 32.71
CA GLY C 160 10.95 -29.70 32.86
C GLY C 160 11.52 -30.06 34.22
N VAL C 161 11.33 -31.32 34.61
CA VAL C 161 11.82 -31.80 35.90
C VAL C 161 12.79 -32.95 35.69
N ALA C 162 13.87 -32.97 36.47
CA ALA C 162 14.78 -34.10 36.47
C ALA C 162 15.26 -34.39 37.89
N ARG C 163 15.65 -35.64 38.12
CA ARG C 163 16.40 -35.97 39.33
C ARG C 163 17.71 -35.21 39.28
N LEU C 164 18.17 -34.73 40.42
CA LEU C 164 19.38 -33.93 40.46
C LEU C 164 20.64 -34.78 40.30
N ASN C 165 21.36 -34.56 39.21
CA ASN C 165 22.66 -35.19 39.01
C ASN C 165 23.75 -34.28 39.55
N ARG C 166 24.41 -34.72 40.63
CA ARG C 166 25.39 -33.88 41.31
C ARG C 166 26.66 -33.65 40.50
N ASN C 167 26.84 -34.43 39.44
CA ASN C 167 27.97 -34.23 38.53
C ASN C 167 27.98 -32.83 37.91
N TRP C 168 26.82 -32.19 37.86
CA TRP C 168 26.69 -30.90 37.20
C TRP C 168 26.62 -29.72 38.18
N VAL C 169 26.64 -30.02 39.47
CA VAL C 169 26.75 -28.98 40.48
C VAL C 169 28.22 -28.58 40.58
N TYR C 170 28.49 -27.27 40.60
CA TYR C 170 29.85 -26.80 40.77
C TYR C 170 30.42 -27.32 42.08
N SER C 171 31.70 -27.68 42.09
CA SER C 171 32.34 -28.15 43.31
C SER C 171 32.59 -26.98 44.25
N GLU C 172 32.94 -25.83 43.66
CA GLU C 172 33.07 -24.59 44.41
C GLU C 172 32.34 -23.50 43.67
N ALA C 173 31.64 -22.64 44.39
CA ALA C 173 30.93 -21.52 43.78
C ALA C 173 31.76 -20.25 43.87
N VAL C 174 31.57 -19.37 42.89
CA VAL C 174 32.13 -18.03 42.98
C VAL C 174 31.13 -17.13 43.69
N THR C 175 31.56 -16.43 44.73
CA THR C 175 30.63 -15.63 45.52
C THR C 175 31.35 -14.48 46.22
N ILE C 176 30.63 -13.79 47.10
CA ILE C 176 31.21 -12.70 47.89
C ILE C 176 30.85 -12.91 49.35
N PRO C 177 31.64 -12.31 50.27
CA PRO C 177 31.28 -12.38 51.69
C PRO C 177 29.91 -11.76 51.94
N ALA C 178 29.19 -12.28 52.92
CA ALA C 178 27.80 -11.88 53.17
C ALA C 178 27.66 -10.42 53.60
N ASP C 179 28.75 -9.84 54.08
CA ASP C 179 28.71 -8.51 54.68
C ASP C 179 29.10 -7.39 53.72
N VAL C 180 29.27 -7.73 52.46
CA VAL C 180 29.82 -6.79 51.49
C VAL C 180 28.73 -6.07 50.68
N PRO C 181 28.78 -4.72 50.68
CA PRO C 181 27.83 -3.96 49.87
C PRO C 181 28.05 -4.21 48.39
N TYR C 182 27.05 -3.92 47.56
CA TYR C 182 27.18 -4.18 46.14
C TYR C 182 28.39 -3.50 45.50
N GLU C 183 28.67 -2.27 45.94
CA GLU C 183 29.67 -1.42 45.29
C GLU C 183 31.08 -1.99 45.37
N GLN C 184 31.30 -2.96 46.25
CA GLN C 184 32.62 -3.56 46.41
C GLN C 184 32.73 -4.96 45.81
N SER C 185 31.59 -5.50 45.37
CA SER C 185 31.49 -6.91 45.00
C SER C 185 32.49 -7.38 43.94
N LEU C 186 32.75 -6.55 42.94
CA LEU C 186 33.56 -6.98 41.80
C LEU C 186 35.03 -7.16 42.15
N HIS C 187 35.50 -6.51 43.23
CA HIS C 187 36.88 -6.75 43.66
C HIS C 187 36.97 -7.54 44.96
N LYS C 188 35.88 -8.20 45.35
CA LYS C 188 35.88 -9.02 46.57
C LYS C 188 35.39 -10.45 46.35
N GLU C 189 35.52 -10.96 45.13
CA GLU C 189 35.01 -12.29 44.83
C GLU C 189 35.89 -13.40 45.38
N ILE C 190 35.26 -14.42 45.96
CA ILE C 190 35.95 -15.55 46.55
C ILE C 190 35.35 -16.86 46.06
N GLU C 191 35.95 -17.97 46.46
CA GLU C 191 35.41 -19.29 46.17
C GLU C 191 34.90 -19.95 47.46
N LYS C 192 33.77 -20.63 47.37
CA LYS C 192 33.22 -21.35 48.51
C LYS C 192 32.66 -22.69 48.02
N PRO C 193 33.04 -23.79 48.68
CA PRO C 193 32.61 -25.12 48.24
C PRO C 193 31.11 -25.37 48.41
N ILE C 194 30.55 -26.15 47.49
CA ILE C 194 29.18 -26.61 47.61
C ILE C 194 29.18 -28.08 48.02
N VAL C 195 28.67 -28.37 49.21
CA VAL C 195 28.70 -29.73 49.72
C VAL C 195 27.30 -30.23 50.09
N PHE C 196 27.10 -31.54 50.05
CA PHE C 196 25.82 -32.13 50.41
C PHE C 196 25.92 -32.84 51.76
N LYS C 197 25.00 -32.54 52.68
CA LYS C 197 25.01 -33.12 54.01
C LYS C 197 23.61 -33.46 54.49
N ASP C 198 23.52 -34.17 55.62
CA ASP C 198 22.23 -34.50 56.21
C ASP C 198 21.73 -33.41 57.16
N VAL C 199 21.19 -32.34 56.59
CA VAL C 199 20.58 -31.26 57.37
C VAL C 199 19.17 -31.03 56.81
N PRO C 200 18.29 -30.37 57.59
CA PRO C 200 16.91 -30.26 57.08
C PRO C 200 16.69 -29.20 55.99
N LEU C 201 17.43 -28.10 56.05
CA LEU C 201 17.21 -26.98 55.13
C LEU C 201 18.50 -26.53 54.45
N PRO C 202 18.39 -25.93 53.25
CA PRO C 202 19.57 -25.32 52.64
C PRO C 202 20.18 -24.28 53.57
N ILE C 203 21.50 -24.26 53.71
CA ILE C 203 22.12 -23.38 54.68
C ILE C 203 23.55 -23.04 54.29
N GLU C 204 23.97 -21.82 54.63
CA GLU C 204 25.33 -21.36 54.37
C GLU C 204 26.06 -21.06 55.67
N THR C 205 27.24 -21.67 55.83
CA THR C 205 28.13 -21.34 56.93
C THR C 205 29.28 -20.49 56.38
N ASP C 206 30.24 -20.14 57.22
CA ASP C 206 31.38 -19.34 56.78
C ASP C 206 32.28 -20.13 55.82
N ASP C 207 32.22 -21.45 55.90
CA ASP C 207 33.09 -22.30 55.11
C ASP C 207 32.39 -22.98 53.93
N GLU C 208 31.09 -23.20 54.06
CA GLU C 208 30.39 -24.05 53.09
C GLU C 208 28.98 -23.58 52.74
N LEU C 209 28.61 -23.82 51.49
CA LEU C 209 27.21 -23.78 51.09
C LEU C 209 26.66 -25.20 51.20
N ILE C 210 25.67 -25.40 52.04
CA ILE C 210 25.20 -26.75 52.31
C ILE C 210 23.81 -27.01 51.70
N ILE C 211 23.77 -27.96 50.78
CA ILE C 211 22.53 -28.42 50.17
C ILE C 211 22.15 -29.75 50.82
N PRO C 212 20.90 -29.87 51.29
CA PRO C 212 20.49 -31.10 51.99
C PRO C 212 20.52 -32.34 51.10
N ASN C 213 20.74 -33.50 51.70
CA ASN C 213 20.69 -34.76 50.98
C ASN C 213 19.29 -35.09 50.46
N THR C 214 18.28 -34.43 51.04
CA THR C 214 16.90 -34.65 50.60
C THR C 214 16.61 -33.88 49.31
N CYS C 215 17.53 -33.03 48.88
CA CYS C 215 17.34 -32.22 47.67
C CYS C 215 17.43 -33.11 46.43
N GLU C 216 16.28 -33.64 46.01
CA GLU C 216 16.25 -34.72 45.03
C GLU C 216 16.05 -34.24 43.58
N ASN C 217 15.33 -33.14 43.40
CA ASN C 217 14.91 -32.74 42.05
C ASN C 217 15.41 -31.37 41.59
N VAL C 218 15.52 -31.22 40.28
CA VAL C 218 15.78 -29.91 39.68
C VAL C 218 14.71 -29.58 38.65
N ILE C 219 14.23 -28.34 38.70
CA ILE C 219 13.25 -27.85 37.74
C ILE C 219 13.94 -26.88 36.80
N VAL C 220 13.93 -27.18 35.50
CA VAL C 220 14.59 -26.32 34.54
C VAL C 220 13.57 -25.55 33.71
N ALA C 221 13.81 -24.25 33.56
CA ALA C 221 12.93 -23.41 32.76
C ALA C 221 13.63 -22.88 31.52
N GLY C 222 12.88 -22.76 30.44
CA GLY C 222 13.38 -22.11 29.24
C GLY C 222 12.70 -20.77 29.05
N ILE C 223 13.49 -19.75 28.79
CA ILE C 223 12.98 -18.39 28.63
C ILE C 223 13.34 -17.88 27.23
N ALA C 224 12.34 -17.78 26.38
CA ALA C 224 12.54 -17.54 24.95
C ALA C 224 13.05 -16.14 24.66
N MET C 225 14.13 -16.07 23.87
CA MET C 225 14.62 -14.80 23.36
C MET C 225 13.91 -14.43 22.07
N ASN C 226 14.10 -13.21 21.61
CA ASN C 226 13.43 -12.71 20.41
C ASN C 226 14.23 -13.06 19.16
N ARG C 227 13.58 -13.74 18.22
CA ARG C 227 14.24 -14.22 17.00
C ARG C 227 14.86 -13.08 16.19
N GLU C 228 14.06 -12.05 15.92
CA GLU C 228 14.49 -10.96 15.04
C GLU C 228 15.60 -10.11 15.67
N MET C 229 15.59 -9.99 16.99
CA MET C 229 16.67 -9.26 17.66
C MET C 229 17.95 -10.09 17.72
N MET C 230 17.82 -11.38 18.03
CA MET C 230 18.99 -12.26 18.08
C MET C 230 19.67 -12.38 16.72
N GLN C 231 18.89 -12.23 15.66
CA GLN C 231 19.45 -12.35 14.32
C GLN C 231 20.21 -11.11 13.87
N THR C 232 20.36 -10.13 14.76
CA THR C 232 21.24 -9.00 14.47
C THR C 232 22.63 -9.21 15.07
N ALA C 233 22.85 -10.38 15.67
CA ALA C 233 24.15 -10.71 16.27
C ALA C 233 25.27 -10.52 15.25
N PRO C 234 26.42 -9.98 15.67
CA PRO C 234 26.86 -9.62 17.03
C PRO C 234 26.54 -8.17 17.43
N ASN C 235 25.51 -7.60 16.84
CA ASN C 235 25.19 -6.20 17.07
C ASN C 235 24.27 -6.00 18.26
N SER C 236 23.96 -4.74 18.58
CA SER C 236 23.42 -4.38 19.89
C SER C 236 22.06 -4.98 20.25
N MET C 237 21.17 -5.12 19.28
CA MET C 237 19.82 -5.63 19.58
C MET C 237 19.87 -7.09 20.01
N ALA C 238 20.88 -7.84 19.55
CA ALA C 238 21.08 -9.20 20.03
C ALA C 238 21.50 -9.17 21.50
N CYS C 239 22.27 -8.15 21.87
CA CYS C 239 22.63 -7.96 23.26
C CYS C 239 21.40 -7.64 24.10
N ALA C 240 20.51 -6.83 23.55
CA ALA C 240 19.34 -6.35 24.27
C ALA C 240 18.41 -7.48 24.68
N THR C 241 18.09 -8.37 23.73
CA THR C 241 17.19 -9.47 24.02
C THR C 241 17.83 -10.44 25.03
N THR C 242 19.15 -10.59 24.94
CA THR C 242 19.90 -11.37 25.92
C THR C 242 19.72 -10.81 27.32
N ALA C 243 19.83 -9.49 27.43
CA ALA C 243 19.78 -8.82 28.72
C ALA C 243 18.40 -8.91 29.38
N PHE C 244 17.35 -8.65 28.60
CA PHE C 244 15.98 -8.67 29.12
C PHE C 244 15.62 -10.06 29.64
N CYS C 245 16.15 -11.09 29.00
CA CYS C 245 15.84 -12.46 29.39
C CYS C 245 16.56 -12.84 30.68
N TYR C 246 17.71 -12.23 30.93
CA TYR C 246 18.41 -12.48 32.19
C TYR C 246 17.59 -11.94 33.35
N SER C 247 16.92 -10.80 33.14
CA SER C 247 16.01 -10.27 34.14
C SER C 247 14.74 -11.11 34.25
N ARG C 248 14.28 -11.69 33.14
CA ARG C 248 13.14 -12.61 33.19
C ARG C 248 13.51 -13.88 33.97
N MET C 249 14.75 -14.33 33.81
CA MET C 249 15.25 -15.50 34.56
C MET C 249 15.18 -15.28 36.06
N CYS C 250 15.60 -14.09 36.49
CA CYS C 250 15.64 -13.75 37.90
C CYS C 250 14.24 -13.71 38.52
N MET C 251 13.32 -13.06 37.82
N MET C 251 13.30 -13.09 37.83
CA MET C 251 11.91 -13.02 38.21
CA MET C 251 11.93 -13.01 38.31
C MET C 251 11.37 -14.42 38.42
C MET C 251 11.31 -14.41 38.40
N PHE C 252 11.66 -15.28 37.46
CA PHE C 252 11.17 -16.65 37.47
C PHE C 252 11.66 -17.38 38.71
N ASP C 253 12.97 -17.31 38.95
CA ASP C 253 13.57 -17.98 40.09
C ASP C 253 12.92 -17.57 41.41
N MET C 254 12.71 -16.27 41.59
CA MET C 254 12.16 -15.76 42.83
C MET C 254 10.69 -16.16 43.00
N TRP C 255 9.91 -15.95 41.95
CA TRP C 255 8.51 -16.38 41.89
C TRP C 255 8.35 -17.85 42.26
N LEU C 256 9.08 -18.72 41.57
CA LEU C 256 8.91 -20.15 41.74
C LEU C 256 9.41 -20.66 43.09
N CYS C 257 10.52 -20.12 43.57
CA CYS C 257 11.02 -20.50 44.90
C CYS C 257 10.01 -20.15 45.98
N GLN C 258 9.40 -18.98 45.87
CA GLN C 258 8.41 -18.55 46.85
C GLN C 258 7.18 -19.46 46.82
N PHE C 259 6.72 -19.81 45.62
CA PHE C 259 5.59 -20.72 45.49
C PHE C 259 5.87 -22.06 46.16
N ILE C 260 7.07 -22.58 45.93
CA ILE C 260 7.48 -23.87 46.47
C ILE C 260 7.58 -23.81 48.00
N ARG C 261 8.11 -22.71 48.52
CA ARG C 261 8.20 -22.51 49.96
C ARG C 261 6.83 -22.37 50.61
N TYR C 262 5.91 -21.71 49.91
CA TYR C 262 4.55 -21.54 50.42
C TYR C 262 3.74 -22.83 50.30
N MET C 263 4.30 -23.82 49.60
CA MET C 263 3.70 -25.14 49.50
C MET C 263 4.20 -26.07 50.61
N GLY C 264 5.19 -25.60 51.36
CA GLY C 264 5.71 -26.37 52.49
C GLY C 264 7.02 -27.07 52.22
N TYR C 265 7.69 -26.68 51.14
CA TYR C 265 8.97 -27.29 50.77
C TYR C 265 10.06 -26.23 50.68
N TYR C 266 11.31 -26.63 50.45
CA TYR C 266 12.36 -25.63 50.29
C TYR C 266 12.79 -25.54 48.84
N ALA C 267 13.48 -24.45 48.50
CA ALA C 267 13.84 -24.18 47.11
C ALA C 267 15.11 -23.33 47.02
N ILE C 268 15.97 -23.70 46.07
CA ILE C 268 17.23 -23.00 45.85
C ILE C 268 17.27 -22.43 44.43
N PRO C 269 17.31 -21.09 44.31
CA PRO C 269 17.39 -20.45 43.00
C PRO C 269 18.82 -20.52 42.47
N SER C 270 19.08 -20.12 41.22
CA SER C 270 20.45 -20.20 40.73
C SER C 270 20.83 -19.28 39.55
N CYS C 271 19.91 -19.09 38.59
CA CYS C 271 20.21 -18.40 37.34
C CYS C 271 21.47 -18.99 36.71
N ASN C 272 22.52 -18.19 36.55
CA ASN C 272 23.76 -18.71 35.96
C ASN C 272 24.72 -19.36 36.96
N GLY C 273 24.29 -19.51 38.21
CA GLY C 273 25.16 -20.05 39.24
C GLY C 273 24.85 -21.49 39.63
N VAL C 274 25.59 -21.96 40.63
CA VAL C 274 25.35 -23.24 41.31
C VAL C 274 25.63 -24.49 40.46
N GLY C 275 25.17 -24.51 39.22
CA GLY C 275 25.40 -25.66 38.37
C GLY C 275 25.37 -25.39 36.88
N GLN C 276 25.62 -26.43 36.07
CA GLN C 276 25.67 -26.29 34.63
C GLN C 276 24.29 -26.52 33.99
N SER C 277 23.69 -25.43 33.49
CA SER C 277 22.31 -25.44 33.01
C SER C 277 22.04 -26.41 31.85
N VAL C 278 22.96 -26.46 30.89
CA VAL C 278 22.78 -27.27 29.69
C VAL C 278 22.60 -28.74 30.04
N ALA C 279 23.40 -29.22 30.99
CA ALA C 279 23.33 -30.60 31.43
C ALA C 279 21.99 -30.91 32.09
N PHE C 280 21.52 -30.00 32.95
CA PHE C 280 20.21 -30.14 33.59
C PHE C 280 19.09 -30.10 32.57
N ALA C 281 19.18 -29.17 31.63
CA ALA C 281 18.17 -29.00 30.61
C ALA C 281 18.06 -30.24 29.73
N VAL C 282 19.21 -30.83 29.41
CA VAL C 282 19.23 -32.06 28.61
C VAL C 282 18.63 -33.21 29.42
N GLU C 283 19.00 -33.30 30.69
CA GLU C 283 18.47 -34.35 31.56
C GLU C 283 17.00 -34.17 31.88
N ALA C 284 16.53 -32.92 31.93
CA ALA C 284 15.12 -32.66 32.20
C ALA C 284 14.30 -32.68 30.91
N GLY C 285 14.98 -32.96 29.79
CA GLY C 285 14.29 -33.20 28.54
C GLY C 285 13.83 -31.98 27.76
N LEU C 286 14.43 -30.82 28.01
CA LEU C 286 14.05 -29.62 27.28
C LEU C 286 14.61 -29.65 25.85
N GLY C 287 15.70 -30.39 25.67
CA GLY C 287 16.34 -30.48 24.36
C GLY C 287 17.57 -31.36 24.34
N GLN C 288 18.45 -31.10 23.37
CA GLN C 288 19.66 -31.89 23.17
C GLN C 288 20.88 -31.01 23.11
N ALA C 289 22.02 -31.56 23.56
CA ALA C 289 23.30 -30.87 23.44
C ALA C 289 23.66 -30.73 21.97
N SER C 290 24.45 -29.71 21.66
CA SER C 290 24.78 -29.40 20.27
C SER C 290 26.27 -29.14 20.11
N ARG C 291 26.70 -28.94 18.87
CA ARG C 291 28.10 -28.64 18.58
C ARG C 291 28.52 -27.33 19.25
N MET C 292 27.68 -26.31 19.13
CA MET C 292 28.00 -25.00 19.69
C MET C 292 28.06 -25.07 21.22
N GLY C 293 27.42 -26.09 21.79
CA GLY C 293 27.49 -26.29 23.22
C GLY C 293 26.20 -26.01 23.96
N ALA C 294 25.23 -25.42 23.28
CA ALA C 294 23.96 -25.09 23.91
C ALA C 294 22.96 -26.24 23.82
N CYS C 295 21.96 -26.20 24.70
CA CYS C 295 20.83 -27.09 24.59
C CYS C 295 19.90 -26.62 23.49
N ILE C 296 19.69 -27.47 22.48
CA ILE C 296 18.79 -27.13 21.38
C ILE C 296 17.40 -27.72 21.62
N THR C 297 16.39 -26.86 21.61
CA THR C 297 15.01 -27.26 21.90
C THR C 297 14.16 -27.34 20.64
N PRO C 298 13.11 -28.17 20.64
CA PRO C 298 12.27 -28.27 19.44
C PRO C 298 11.55 -26.96 19.09
N GLU C 299 11.21 -26.17 20.10
CA GLU C 299 10.40 -24.98 19.90
C GLU C 299 11.19 -23.72 19.52
N PHE C 300 12.40 -23.57 20.05
CA PHE C 300 13.15 -22.35 19.82
C PHE C 300 14.56 -22.57 19.29
N GLY C 301 14.94 -23.84 19.09
CA GLY C 301 16.33 -24.14 18.83
C GLY C 301 17.14 -23.73 20.05
N PRO C 302 18.38 -23.24 19.83
CA PRO C 302 19.19 -22.78 20.95
C PRO C 302 18.89 -21.35 21.37
N ASN C 303 18.01 -20.67 20.64
CA ASN C 303 17.68 -19.28 20.96
C ASN C 303 16.76 -19.19 22.18
N VAL C 304 17.26 -19.68 23.31
CA VAL C 304 16.47 -19.73 24.54
C VAL C 304 17.41 -19.72 25.74
N ARG C 305 17.08 -18.97 26.78
CA ARG C 305 17.90 -18.94 27.99
C ARG C 305 17.43 -19.96 29.00
N LEU C 306 18.33 -20.42 29.86
CA LEU C 306 18.03 -21.44 30.85
C LEU C 306 18.22 -20.92 32.28
N THR C 307 17.37 -21.37 33.19
CA THR C 307 17.59 -21.17 34.62
C THR C 307 17.03 -22.38 35.37
N LYS C 308 17.40 -22.53 36.64
CA LYS C 308 17.07 -23.77 37.35
C LYS C 308 16.77 -23.54 38.84
N VAL C 309 15.95 -24.42 39.40
CA VAL C 309 15.59 -24.39 40.82
C VAL C 309 15.70 -25.80 41.41
N PHE C 310 16.35 -25.92 42.57
CA PHE C 310 16.54 -27.21 43.23
C PHE C 310 15.60 -27.34 44.44
N THR C 311 15.02 -28.51 44.65
CA THR C 311 14.00 -28.66 45.68
C THR C 311 13.81 -30.10 46.16
N ASN C 312 13.30 -30.23 47.38
CA ASN C 312 12.97 -31.53 47.96
C ASN C 312 11.53 -31.92 47.65
N MET C 313 10.83 -31.06 46.94
CA MET C 313 9.45 -31.33 46.58
C MET C 313 9.35 -32.56 45.68
N PRO C 314 8.48 -33.52 46.03
CA PRO C 314 8.25 -34.72 45.24
C PRO C 314 7.73 -34.39 43.83
N LEU C 315 8.42 -34.89 42.81
CA LEU C 315 8.10 -34.55 41.43
C LEU C 315 8.29 -35.73 40.50
N VAL C 316 7.56 -35.73 39.40
CA VAL C 316 7.75 -36.72 38.35
C VAL C 316 8.75 -36.21 37.32
N PRO C 317 9.89 -36.90 37.18
CA PRO C 317 10.90 -36.51 36.19
C PRO C 317 10.37 -36.70 34.76
N ASP C 318 10.72 -35.78 33.86
CA ASP C 318 10.36 -35.92 32.46
C ASP C 318 11.35 -36.85 31.75
N LYS C 319 10.95 -37.35 30.60
CA LYS C 319 11.83 -38.16 29.77
C LYS C 319 12.79 -37.27 29.02
N PRO C 320 14.01 -37.74 28.78
CA PRO C 320 14.83 -36.99 27.83
C PRO C 320 14.25 -37.10 26.42
N ILE C 321 14.74 -36.26 25.52
CA ILE C 321 14.20 -36.18 24.18
C ILE C 321 15.31 -36.40 23.15
N ASP C 322 14.97 -37.07 22.06
CA ASP C 322 15.92 -37.31 20.97
C ASP C 322 15.24 -37.06 19.64
N PHE C 323 15.50 -35.90 19.05
CA PHE C 323 14.87 -35.59 17.77
C PHE C 323 15.92 -35.35 16.68
N GLY C 324 17.08 -35.98 16.83
CA GLY C 324 18.06 -36.05 15.76
C GLY C 324 19.15 -34.99 15.75
N VAL C 325 19.20 -34.16 16.79
CA VAL C 325 20.13 -33.03 16.85
C VAL C 325 21.60 -33.43 16.68
N THR C 326 22.03 -34.46 17.40
CA THR C 326 23.41 -34.90 17.35
C THR C 326 23.84 -35.28 15.93
N GLU C 327 22.93 -35.93 15.21
CA GLU C 327 23.20 -36.34 13.83
C GLU C 327 23.27 -35.15 12.88
N PHE C 328 22.33 -34.22 13.03
CA PHE C 328 22.35 -33.00 12.23
C PHE C 328 23.63 -32.22 12.48
N CYS C 329 24.06 -32.18 13.73
CA CYS C 329 25.27 -31.45 14.11
C CYS C 329 26.56 -32.05 13.54
N GLU C 330 26.56 -33.38 13.37
CA GLU C 330 27.74 -34.06 12.85
C GLU C 330 28.06 -33.60 11.43
N THR C 331 27.03 -33.26 10.66
CA THR C 331 27.24 -32.90 9.24
C THR C 331 27.03 -31.42 8.92
N CYS C 332 26.53 -30.63 9.87
CA CYS C 332 26.14 -29.24 9.59
C CYS C 332 27.28 -28.22 9.71
N LYS C 333 27.80 -28.06 10.93
CA LYS C 333 29.00 -27.23 11.20
C LYS C 333 28.88 -25.75 10.84
N LYS C 334 27.67 -25.25 10.64
CA LYS C 334 27.49 -23.85 10.25
C LYS C 334 28.01 -22.88 11.31
N CYS C 335 27.78 -23.20 12.58
CA CYS C 335 28.21 -22.33 13.68
C CYS C 335 29.73 -22.26 13.75
N ALA C 336 30.39 -23.38 13.50
CA ALA C 336 31.86 -23.41 13.46
C ALA C 336 32.39 -22.51 12.34
N ARG C 337 31.74 -22.56 11.17
CA ARG C 337 32.18 -21.77 10.03
C ARG C 337 31.96 -20.28 10.23
N GLU C 338 30.86 -19.91 10.86
CA GLU C 338 30.50 -18.49 10.99
C GLU C 338 31.04 -17.82 12.25
N CYS C 339 31.42 -18.61 13.25
CA CYS C 339 31.95 -18.07 14.51
C CYS C 339 33.14 -17.15 14.25
N PRO C 340 33.01 -15.86 14.63
CA PRO C 340 34.04 -14.88 14.30
C PRO C 340 35.35 -15.08 15.08
N SER C 341 35.36 -15.95 16.08
CA SER C 341 36.58 -16.17 16.85
C SER C 341 37.14 -17.57 16.64
N LYS C 342 36.44 -18.34 15.80
CA LYS C 342 36.78 -19.74 15.54
C LYS C 342 36.89 -20.56 16.82
N ALA C 343 35.93 -20.37 17.72
CA ALA C 343 35.94 -21.03 19.02
C ALA C 343 35.35 -22.44 18.96
N ILE C 344 34.48 -22.67 17.98
CA ILE C 344 33.75 -23.93 17.88
C ILE C 344 34.46 -24.93 17.00
N THR C 345 34.58 -26.17 17.50
CA THR C 345 35.31 -27.22 16.79
C THR C 345 34.54 -27.73 15.57
N GLU C 346 35.29 -28.07 14.51
CA GLU C 346 34.71 -28.74 13.35
C GLU C 346 34.94 -30.24 13.47
N GLY C 347 35.60 -30.63 14.55
CA GLY C 347 35.94 -32.02 14.78
C GLY C 347 34.83 -32.80 15.43
N PRO C 348 35.12 -34.03 15.87
CA PRO C 348 34.17 -34.92 16.53
C PRO C 348 34.15 -34.80 18.05
N ARG C 349 33.15 -35.40 18.68
CA ARG C 349 33.02 -35.38 20.14
C ARG C 349 34.08 -36.25 20.81
N THR C 350 34.63 -35.77 21.91
CA THR C 350 35.58 -36.52 22.72
C THR C 350 35.25 -36.39 24.21
N PHE C 351 35.98 -37.12 25.05
CA PHE C 351 35.83 -37.02 26.50
C PHE C 351 36.86 -36.07 27.11
N GLU C 352 37.67 -35.45 26.27
CA GLU C 352 38.81 -34.71 26.80
C GLU C 352 38.70 -33.22 26.53
N GLY C 353 38.76 -32.44 27.61
CA GLY C 353 38.64 -31.01 27.54
C GLY C 353 39.74 -30.37 26.71
N ARG C 354 39.40 -29.28 26.05
CA ARG C 354 40.33 -28.57 25.19
C ARG C 354 41.19 -27.62 26.01
N SER C 355 40.66 -27.21 27.16
CA SER C 355 41.39 -26.34 28.07
C SER C 355 40.75 -26.40 29.44
N ILE C 356 41.18 -25.51 30.33
CA ILE C 356 40.71 -25.49 31.70
C ILE C 356 39.22 -25.16 31.77
N HIS C 357 38.72 -24.45 30.75
CA HIS C 357 37.34 -24.01 30.73
C HIS C 357 36.34 -25.15 30.49
N ASN C 358 36.82 -26.25 29.92
CA ASN C 358 35.99 -27.43 29.70
C ASN C 358 36.04 -28.42 30.86
N GLN C 359 34.94 -29.14 31.07
CA GLN C 359 34.91 -30.22 32.06
C GLN C 359 35.11 -31.57 31.37
N SER C 360 36.30 -32.13 31.52
CA SER C 360 36.58 -33.44 30.92
C SER C 360 35.79 -34.56 31.59
N GLY C 361 35.62 -35.66 30.87
CA GLY C 361 34.95 -36.83 31.42
C GLY C 361 33.55 -37.06 30.89
N LYS C 362 33.09 -36.17 30.01
CA LYS C 362 31.77 -36.31 29.39
C LYS C 362 31.88 -36.09 27.89
N LEU C 363 31.18 -36.92 27.12
CA LEU C 363 31.27 -36.88 25.67
C LEU C 363 30.51 -35.68 25.10
N GLN C 364 31.27 -34.70 24.60
CA GLN C 364 30.70 -33.48 24.06
C GLN C 364 31.61 -32.91 22.99
N TRP C 365 31.10 -31.95 22.21
CA TRP C 365 31.95 -31.19 21.31
C TRP C 365 32.71 -30.16 22.14
N GLN C 366 34.03 -30.22 22.07
CA GLN C 366 34.87 -29.36 22.90
C GLN C 366 35.28 -28.08 22.18
N ASN C 367 34.84 -26.95 22.72
CA ASN C 367 35.09 -25.66 22.11
C ASN C 367 36.05 -24.82 22.93
N ASP C 368 36.70 -23.87 22.30
CA ASP C 368 37.65 -22.99 22.99
C ASP C 368 36.91 -21.75 23.45
N TYR C 369 36.63 -21.67 24.74
CA TYR C 369 35.79 -20.59 25.25
C TYR C 369 36.58 -19.34 25.61
N ASN C 370 37.90 -19.46 25.68
CA ASN C 370 38.73 -18.28 25.81
C ASN C 370 38.71 -17.48 24.52
N LYS C 371 38.65 -18.17 23.39
CA LYS C 371 38.54 -17.52 22.09
C LYS C 371 37.21 -16.80 21.94
N CYS C 372 36.13 -17.44 22.41
CA CYS C 372 34.80 -16.83 22.36
C CYS C 372 34.77 -15.52 23.14
N LEU C 373 35.14 -15.57 24.41
CA LEU C 373 35.14 -14.38 25.27
C LEU C 373 36.00 -13.27 24.69
N GLY C 374 37.12 -13.65 24.08
CA GLY C 374 38.02 -12.68 23.49
C GLY C 374 37.40 -11.82 22.42
N TYR C 375 36.34 -12.33 21.78
CA TYR C 375 35.67 -11.57 20.73
C TYR C 375 34.65 -10.58 21.32
N TRP C 376 34.26 -10.79 22.57
CA TRP C 376 33.25 -9.92 23.20
C TRP C 376 33.71 -8.45 23.36
N PRO C 377 34.96 -8.21 23.81
CA PRO C 377 35.35 -6.79 23.88
C PRO C 377 35.57 -6.19 22.49
N GLU C 378 35.92 -7.05 21.53
CA GLU C 378 36.19 -6.62 20.17
C GLU C 378 34.92 -6.15 19.46
N SER C 379 33.80 -6.80 19.74
CA SER C 379 32.52 -6.44 19.12
C SER C 379 31.69 -5.52 20.00
N GLY C 380 32.00 -5.49 21.29
CA GLY C 380 31.29 -4.65 22.23
C GLY C 380 29.94 -5.23 22.60
N GLY C 381 29.87 -6.55 22.71
CA GLY C 381 28.63 -7.22 23.07
C GLY C 381 28.87 -8.65 23.50
N TYR C 382 27.83 -9.48 23.38
CA TYR C 382 27.89 -10.87 23.82
C TYR C 382 27.74 -11.80 22.63
N CYS C 383 28.02 -11.26 21.45
CA CYS C 383 28.00 -11.97 20.17
C CYS C 383 26.70 -12.72 19.95
N GLY C 384 26.75 -14.04 19.95
CA GLY C 384 25.56 -14.84 19.70
C GLY C 384 25.34 -15.21 18.24
N VAL C 385 26.37 -15.02 17.42
CA VAL C 385 26.29 -15.35 16.00
C VAL C 385 25.99 -16.83 15.78
N CYS C 386 26.58 -17.67 16.62
CA CYS C 386 26.35 -19.11 16.54
C CYS C 386 24.86 -19.44 16.76
N VAL C 387 24.24 -18.79 17.73
CA VAL C 387 22.81 -18.99 17.97
C VAL C 387 21.98 -18.47 16.79
N ALA C 388 22.39 -17.34 16.23
CA ALA C 388 21.67 -16.72 15.13
C ALA C 388 21.67 -17.55 13.84
N VAL C 389 22.79 -18.20 13.54
CA VAL C 389 22.92 -18.90 12.26
C VAL C 389 22.47 -20.35 12.29
N CYS C 390 22.24 -20.90 13.47
CA CYS C 390 21.81 -22.29 13.58
C CYS C 390 20.45 -22.51 12.94
N PRO C 391 20.34 -23.51 12.05
CA PRO C 391 19.07 -23.80 11.36
C PRO C 391 17.91 -24.04 12.33
N PHE C 392 18.18 -24.61 13.50
CA PHE C 392 17.14 -24.89 14.48
C PHE C 392 16.50 -23.61 15.05
N THR C 393 17.16 -22.49 14.82
CA THR C 393 16.67 -21.20 15.31
C THR C 393 15.57 -20.63 14.39
N LYS C 394 15.46 -21.15 13.17
CA LYS C 394 14.58 -20.58 12.13
C LYS C 394 13.07 -20.64 12.40
N GLY C 395 12.56 -21.70 12.99
CA GLY C 395 11.17 -21.69 13.43
C GLY C 395 10.05 -22.07 12.48
N ASN C 396 10.37 -22.45 11.24
CA ASN C 396 9.44 -23.28 10.45
C ASN C 396 10.20 -24.54 10.11
N ILE C 397 10.62 -25.25 11.15
CA ILE C 397 11.53 -26.36 10.99
C ILE C 397 10.82 -27.70 11.16
N TRP C 398 9.53 -27.65 11.46
CA TRP C 398 8.74 -28.86 11.65
C TRP C 398 7.70 -29.08 10.55
N ILE C 399 7.51 -30.34 10.20
CA ILE C 399 6.55 -30.76 9.18
C ILE C 399 5.78 -32.00 9.66
N HIS C 400 4.46 -32.00 9.47
CA HIS C 400 3.66 -33.19 9.76
C HIS C 400 3.11 -33.77 8.45
N ASP C 401 3.42 -35.03 8.18
CA ASP C 401 3.07 -35.65 6.90
C ASP C 401 1.76 -36.45 6.95
N GLY C 402 0.96 -36.22 7.99
CA GLY C 402 -0.26 -36.98 8.18
C GLY C 402 -0.08 -38.14 9.15
N VAL C 403 1.15 -38.62 9.25
CA VAL C 403 1.46 -39.76 10.11
C VAL C 403 2.31 -39.36 11.32
N GLU C 404 3.34 -38.55 11.10
CA GLU C 404 4.27 -38.22 12.17
C GLU C 404 4.92 -36.86 11.95
N TRP C 405 5.60 -36.37 12.99
CA TRP C 405 6.35 -35.13 12.88
C TRP C 405 7.78 -35.39 12.40
N LEU C 406 8.26 -34.51 11.54
CA LEU C 406 9.60 -34.63 10.98
C LEU C 406 10.26 -33.26 10.93
N ILE C 407 11.58 -33.24 11.07
CA ILE C 407 12.27 -31.98 10.87
C ILE C 407 12.46 -31.73 9.37
N ASP C 408 11.93 -30.60 8.92
CA ASP C 408 12.10 -30.13 7.55
C ASP C 408 13.57 -29.87 7.25
N ASN C 409 14.23 -30.85 6.61
CA ASN C 409 15.66 -30.72 6.36
C ASN C 409 16.01 -29.80 5.19
N THR C 410 15.02 -29.15 4.59
CA THR C 410 15.31 -28.13 3.58
C THR C 410 15.85 -26.86 4.26
N ARG C 411 15.64 -26.77 5.57
CA ARG C 411 16.18 -25.64 6.33
C ARG C 411 17.67 -25.81 6.59
N PHE C 412 18.19 -27.00 6.30
CA PHE C 412 19.61 -27.29 6.51
C PHE C 412 20.37 -27.22 5.20
N LEU C 413 19.74 -26.68 4.18
CA LEU C 413 20.40 -26.50 2.90
C LEU C 413 21.38 -25.34 2.98
N ASP C 414 22.67 -25.68 2.87
CA ASP C 414 23.72 -24.67 2.88
C ASP C 414 24.01 -24.21 1.46
N PRO C 415 23.79 -22.92 1.19
CA PRO C 415 24.09 -22.33 -0.12
C PRO C 415 25.59 -22.36 -0.43
N ASN C 431 19.22 -6.16 9.77
CA ASN C 431 19.21 -4.69 9.77
C ASN C 431 18.52 -4.11 11.00
N ILE C 432 19.25 -3.29 11.76
CA ILE C 432 18.77 -2.77 13.03
C ILE C 432 17.54 -1.87 12.92
N THR C 433 17.57 -0.94 11.97
CA THR C 433 16.48 0.02 11.82
C THR C 433 15.16 -0.69 11.54
N GLU C 434 15.21 -1.72 10.70
CA GLU C 434 14.03 -2.53 10.40
C GLU C 434 13.47 -3.20 11.65
N VAL C 435 14.37 -3.62 12.54
CA VAL C 435 13.95 -4.25 13.79
C VAL C 435 13.19 -3.25 14.65
N TRP C 436 13.79 -2.07 14.85
CA TRP C 436 13.16 -1.00 15.62
C TRP C 436 11.80 -0.59 15.06
N ASP C 437 11.67 -0.59 13.73
CA ASP C 437 10.39 -0.21 13.09
C ASP C 437 9.50 -1.43 12.85
N GLY C 438 10.05 -2.63 13.07
CA GLY C 438 9.34 -3.85 12.74
C GLY C 438 8.44 -4.42 13.82
N LYS C 439 8.19 -5.72 13.72
CA LYS C 439 7.24 -6.43 14.56
C LYS C 439 7.77 -6.68 15.97
N ILE C 440 6.89 -6.48 16.96
CA ILE C 440 7.21 -6.76 18.35
C ILE C 440 5.91 -7.06 19.09
N ASN C 441 6.02 -7.73 20.23
CA ASN C 441 4.89 -8.09 21.06
C ASN C 441 5.38 -8.23 22.50
N THR C 442 4.49 -8.54 23.43
CA THR C 442 4.82 -8.54 24.85
C THR C 442 6.01 -9.44 25.19
N TYR C 443 6.99 -8.89 25.91
CA TYR C 443 8.25 -9.57 26.25
C TYR C 443 9.01 -10.10 25.03
N GLY C 444 8.68 -9.60 23.85
CA GLY C 444 9.35 -10.02 22.63
C GLY C 444 8.94 -11.41 22.15
N LEU C 445 7.85 -11.93 22.69
CA LEU C 445 7.32 -13.22 22.26
C LEU C 445 6.61 -13.08 20.91
N ASP C 446 6.58 -14.16 20.15
CA ASP C 446 6.03 -14.14 18.78
C ASP C 446 4.67 -14.82 18.72
N ALA C 447 3.66 -14.07 18.30
CA ALA C 447 2.29 -14.58 18.23
C ALA C 447 2.11 -15.71 17.22
N ASP C 448 2.97 -15.73 16.20
CA ASP C 448 2.86 -16.73 15.15
C ASP C 448 3.28 -18.12 15.64
N HIS C 449 3.92 -18.19 16.80
CA HIS C 449 4.35 -19.47 17.35
C HIS C 449 3.89 -19.70 18.79
N PHE C 450 3.30 -18.68 19.41
CA PHE C 450 2.91 -18.74 20.82
C PHE C 450 1.97 -19.90 21.14
N ARG C 451 1.10 -20.26 20.19
CA ARG C 451 0.18 -21.39 20.39
C ARG C 451 0.90 -22.69 20.63
N ASP C 452 2.14 -22.79 20.13
CA ASP C 452 2.92 -24.02 20.26
C ASP C 452 3.24 -24.39 21.71
N THR C 453 3.28 -23.40 22.60
CA THR C 453 3.63 -23.68 24.00
C THR C 453 2.44 -23.64 24.95
N VAL C 454 1.22 -23.74 24.40
CA VAL C 454 0.04 -23.86 25.24
C VAL C 454 0.13 -25.19 25.98
N SER C 455 -0.41 -25.24 27.19
CA SER C 455 -0.25 -26.41 28.05
C SER C 455 -1.52 -26.79 28.80
N PHE C 456 -1.83 -28.09 28.81
CA PHE C 456 -2.92 -28.64 29.60
C PHE C 456 -2.31 -29.68 30.56
N ARG C 457 -3.09 -30.16 31.53
CA ARG C 457 -2.58 -31.14 32.50
C ARG C 457 -1.94 -32.34 31.78
N LYS C 458 -2.55 -32.72 30.67
CA LYS C 458 -2.13 -33.84 29.84
C LYS C 458 -0.64 -33.80 29.46
N ASP C 459 -0.13 -32.60 29.18
CA ASP C 459 1.27 -32.47 28.78
C ASP C 459 2.15 -32.00 29.93
N ARG C 460 1.55 -31.66 31.06
CA ARG C 460 2.32 -31.27 32.24
C ARG C 460 2.78 -32.51 33.02
N VAL C 461 1.90 -33.50 33.10
CA VAL C 461 2.21 -34.72 33.82
C VAL C 461 1.31 -35.86 33.31
N LYS C 462 1.82 -37.10 33.35
CA LYS C 462 1.06 -38.25 32.89
C LYS C 462 0.62 -39.18 34.02
N ASN D 6 -8.85 -7.37 13.61
CA ASN D 6 -7.51 -6.83 13.77
C ASN D 6 -7.57 -5.55 14.62
N ALA D 7 -7.02 -5.65 15.82
CA ALA D 7 -7.17 -4.64 16.87
C ALA D 7 -6.59 -3.29 16.48
N ALA D 8 -5.63 -3.30 15.57
CA ALA D 8 -5.08 -2.06 15.05
C ALA D 8 -6.17 -1.31 14.27
N GLU D 9 -6.80 -1.94 13.28
CA GLU D 9 -7.85 -1.24 12.54
C GLU D 9 -9.05 -0.92 13.42
N ILE D 10 -9.35 -1.74 14.44
CA ILE D 10 -10.43 -1.38 15.36
C ILE D 10 -10.07 -0.07 16.08
N ARG D 11 -8.82 0.05 16.50
CA ARG D 11 -8.41 1.17 17.35
C ARG D 11 -8.37 2.52 16.63
N GLN D 12 -7.92 2.56 15.38
CA GLN D 12 -7.91 3.83 14.67
C GLN D 12 -9.33 4.21 14.24
N GLN D 13 -10.19 3.22 14.10
CA GLN D 13 -11.58 3.44 13.73
C GLN D 13 -12.36 4.17 14.83
N PHE D 14 -11.86 4.11 16.07
CA PHE D 14 -12.57 4.71 17.19
C PHE D 14 -11.80 5.84 17.87
N ALA D 15 -10.79 6.37 17.18
CA ALA D 15 -9.96 7.44 17.73
C ALA D 15 -10.67 8.80 17.74
N MET D 16 -10.69 9.45 18.90
CA MET D 16 -11.24 10.79 19.03
C MET D 16 -10.18 11.83 18.67
N THR D 17 -10.53 13.11 18.75
CA THR D 17 -9.51 14.15 18.63
C THR D 17 -8.77 14.34 19.93
N ALA D 18 -7.64 15.04 19.85
CA ALA D 18 -6.85 15.37 21.04
C ALA D 18 -7.70 16.16 22.01
N GLY D 19 -7.37 16.04 23.30
CA GLY D 19 -8.14 16.68 24.34
C GLY D 19 -8.73 15.63 25.27
N SER D 20 -8.50 15.81 26.57
CA SER D 20 -9.05 14.94 27.59
C SER D 20 -10.55 14.75 27.41
N PRO D 21 -11.02 13.50 27.49
CA PRO D 21 -12.46 13.23 27.38
C PRO D 21 -13.16 13.15 28.73
N ILE D 22 -12.43 13.36 29.81
CA ILE D 22 -13.03 13.42 31.14
C ILE D 22 -13.58 14.80 31.38
N ILE D 23 -14.89 14.92 31.56
CA ILE D 23 -15.47 16.23 31.77
C ILE D 23 -15.51 16.57 33.26
N VAL D 24 -14.93 17.71 33.60
CA VAL D 24 -14.83 18.16 34.98
C VAL D 24 -15.57 19.48 35.18
N ASN D 25 -15.72 19.90 36.44
CA ASN D 25 -16.28 21.22 36.73
C ASN D 25 -15.33 22.06 37.56
N ASP D 26 -15.81 23.22 38.01
CA ASP D 26 -15.01 24.19 38.75
C ASP D 26 -14.57 23.69 40.13
N LYS D 27 -15.25 22.67 40.64
CA LYS D 27 -15.01 22.23 42.01
C LYS D 27 -13.94 21.13 42.11
N LEU D 28 -13.40 20.71 40.98
CA LEU D 28 -12.40 19.66 40.97
C LEU D 28 -11.09 20.13 41.60
N GLU D 29 -10.60 19.35 42.56
CA GLU D 29 -9.28 19.60 43.12
C GLU D 29 -8.53 18.28 43.27
N ARG D 30 -7.21 18.36 43.37
CA ARG D 30 -6.39 17.15 43.48
C ARG D 30 -6.69 16.38 44.76
N TYR D 31 -6.55 15.07 44.66
CA TYR D 31 -7.02 14.12 45.67
C TYR D 31 -5.87 13.63 46.54
N ALA D 32 -6.01 13.74 47.86
CA ALA D 32 -5.00 13.20 48.77
C ALA D 32 -5.11 11.67 48.80
N GLU D 33 -3.98 11.00 48.66
CA GLU D 33 -3.97 9.55 48.50
C GLU D 33 -4.56 8.82 49.70
N VAL D 34 -4.33 9.37 50.89
CA VAL D 34 -4.75 8.73 52.14
C VAL D 34 -6.27 8.54 52.23
N ARG D 35 -7.02 9.16 51.32
CA ARG D 35 -8.47 9.06 51.31
C ARG D 35 -9.01 7.77 50.67
N THR D 36 -8.15 7.01 49.99
CA THR D 36 -8.59 5.76 49.40
C THR D 36 -8.98 4.80 50.50
N ALA D 37 -9.88 3.86 50.19
CA ALA D 37 -10.38 2.92 51.18
C ALA D 37 -9.26 2.09 51.79
N PHE D 38 -8.19 1.87 51.02
CA PHE D 38 -7.05 1.10 51.50
C PHE D 38 -6.35 1.77 52.69
N THR D 39 -6.39 3.10 52.75
CA THR D 39 -5.57 3.83 53.71
C THR D 39 -6.32 4.68 54.73
N HIS D 40 -7.56 5.04 54.43
CA HIS D 40 -8.33 5.97 55.26
C HIS D 40 -8.80 5.34 56.56
N PRO D 41 -8.67 6.07 57.69
CA PRO D 41 -9.09 5.57 59.01
C PRO D 41 -10.54 5.08 59.07
N THR D 42 -11.43 5.68 58.30
CA THR D 42 -12.84 5.29 58.36
C THR D 42 -13.11 3.93 57.71
N SER D 43 -12.18 3.47 56.89
CA SER D 43 -12.40 2.26 56.11
C SER D 43 -11.33 1.18 56.33
N PHE D 44 -10.23 1.57 56.97
CA PHE D 44 -9.05 0.72 57.07
C PHE D 44 -9.23 -0.49 58.00
N PHE D 45 -10.01 -0.33 59.06
CA PHE D 45 -10.18 -1.37 60.06
C PHE D 45 -11.50 -2.13 59.87
N LYS D 46 -11.39 -3.46 59.73
CA LYS D 46 -12.57 -4.29 59.51
C LYS D 46 -12.58 -5.50 60.44
N PRO D 47 -13.79 -5.97 60.80
CA PRO D 47 -13.92 -7.18 61.61
C PRO D 47 -13.50 -8.42 60.83
N ASN D 48 -12.88 -9.39 61.49
CA ASN D 48 -12.65 -10.67 60.84
C ASN D 48 -13.88 -11.54 61.08
N TYR D 49 -13.78 -12.83 60.81
CA TYR D 49 -14.95 -13.69 60.91
C TYR D 49 -15.35 -13.98 62.37
N LYS D 50 -14.46 -13.65 63.30
CA LYS D 50 -14.73 -13.83 64.73
C LYS D 50 -15.14 -12.53 65.41
N GLY D 51 -15.45 -11.50 64.62
CA GLY D 51 -15.88 -10.24 65.17
C GLY D 51 -14.81 -9.30 65.71
N GLU D 52 -13.55 -9.68 65.65
CA GLU D 52 -12.51 -8.78 66.12
C GLU D 52 -12.04 -7.87 65.00
N VAL D 53 -11.79 -6.63 65.40
CA VAL D 53 -11.48 -5.57 64.48
C VAL D 53 -9.98 -5.43 64.30
N LYS D 54 -9.56 -5.50 63.05
CA LYS D 54 -8.15 -5.43 62.68
C LYS D 54 -7.96 -4.61 61.42
N PRO D 55 -6.70 -4.28 61.10
CA PRO D 55 -6.37 -3.89 59.73
C PRO D 55 -7.00 -4.86 58.73
N TRP D 56 -7.58 -4.32 57.66
CA TRP D 56 -8.40 -5.14 56.76
C TRP D 56 -7.65 -6.35 56.20
N PHE D 57 -6.39 -6.18 55.83
CA PHE D 57 -5.64 -7.26 55.19
C PHE D 57 -5.31 -8.34 56.21
N LEU D 58 -5.16 -7.95 57.48
CA LEU D 58 -4.97 -8.92 58.55
C LEU D 58 -6.25 -9.72 58.80
N SER D 59 -7.40 -9.06 58.67
CA SER D 59 -8.68 -9.75 58.79
C SER D 59 -8.87 -10.70 57.60
N ALA D 60 -8.37 -10.30 56.43
CA ALA D 60 -8.43 -11.14 55.25
C ALA D 60 -7.51 -12.36 55.40
N TYR D 61 -6.38 -12.16 56.04
CA TYR D 61 -5.46 -13.26 56.33
C TYR D 61 -6.13 -14.34 57.17
N ASP D 62 -6.82 -13.93 58.23
CA ASP D 62 -7.54 -14.86 59.10
C ASP D 62 -8.48 -15.74 58.32
N GLU D 63 -9.18 -15.13 57.36
CA GLU D 63 -10.15 -15.83 56.53
C GLU D 63 -9.49 -16.77 55.53
N LYS D 64 -8.35 -16.36 54.98
CA LYS D 64 -7.52 -17.22 54.13
C LYS D 64 -7.13 -18.48 54.88
N VAL D 65 -6.61 -18.30 56.09
CA VAL D 65 -6.19 -19.41 56.94
C VAL D 65 -7.37 -20.32 57.26
N ARG D 66 -8.51 -19.72 57.66
CA ARG D 66 -9.71 -20.50 57.96
C ARG D 66 -10.14 -21.35 56.78
N GLN D 67 -10.16 -20.75 55.59
CA GLN D 67 -10.56 -21.45 54.37
C GLN D 67 -9.67 -22.65 54.07
N ILE D 68 -8.36 -22.45 54.13
CA ILE D 68 -7.42 -23.55 53.91
C ILE D 68 -7.72 -24.68 54.88
N GLU D 69 -7.80 -24.33 56.15
CA GLU D 69 -8.16 -25.25 57.23
C GLU D 69 -9.39 -26.09 56.88
N ASN D 70 -10.38 -25.44 56.29
CA ASN D 70 -11.63 -26.09 55.94
C ASN D 70 -11.67 -26.57 54.49
N GLY D 71 -10.53 -26.52 53.81
CA GLY D 71 -10.46 -26.97 52.44
C GLY D 71 -11.40 -26.23 51.50
N GLU D 72 -11.39 -24.90 51.60
CA GLU D 72 -12.20 -24.05 50.71
C GLU D 72 -11.30 -23.18 49.83
N ASN D 73 -11.78 -22.86 48.62
CA ASN D 73 -11.08 -21.96 47.71
C ASN D 73 -11.55 -20.52 47.80
N GLY D 74 -12.62 -20.31 48.55
CA GLY D 74 -13.21 -18.98 48.70
C GLY D 74 -14.34 -19.01 49.70
N PRO D 75 -15.14 -17.94 49.78
CA PRO D 75 -16.25 -17.91 50.74
C PRO D 75 -17.31 -18.96 50.43
N LYS D 76 -17.46 -19.94 51.31
CA LYS D 76 -18.40 -21.05 51.13
C LYS D 76 -18.26 -21.74 49.77
N MET D 77 -17.02 -21.87 49.31
CA MET D 77 -16.73 -22.62 48.09
C MET D 77 -15.72 -23.71 48.42
N LYS D 78 -16.20 -24.95 48.52
CA LYS D 78 -15.33 -26.06 48.85
C LYS D 78 -14.34 -26.34 47.73
N ALA D 79 -13.11 -26.63 48.10
CA ALA D 79 -12.07 -26.96 47.15
C ALA D 79 -12.09 -28.46 46.88
N LYS D 80 -11.36 -28.88 45.86
CA LYS D 80 -11.16 -30.31 45.59
C LYS D 80 -10.68 -31.00 46.85
N ASN D 81 -9.61 -30.48 47.42
CA ASN D 81 -9.13 -30.92 48.73
C ASN D 81 -8.36 -29.79 49.40
N VAL D 82 -7.81 -30.05 50.58
CA VAL D 82 -7.06 -29.04 51.32
C VAL D 82 -5.80 -28.62 50.54
N GLY D 83 -5.17 -29.59 49.90
CA GLY D 83 -3.99 -29.33 49.08
C GLY D 83 -4.25 -28.29 48.00
N GLU D 84 -5.36 -28.43 47.29
CA GLU D 84 -5.74 -27.48 46.26
C GLU D 84 -6.05 -26.11 46.86
N ALA D 85 -6.70 -26.11 48.02
CA ALA D 85 -7.01 -24.86 48.71
C ALA D 85 -5.72 -24.10 49.05
N ARG D 86 -4.70 -24.83 49.49
CA ARG D 86 -3.44 -24.21 49.90
C ARG D 86 -2.59 -23.81 48.70
N ALA D 87 -2.68 -24.59 47.61
CA ALA D 87 -1.95 -24.26 46.40
C ALA D 87 -2.42 -22.92 45.85
N GLY D 88 -3.72 -22.67 45.96
CA GLY D 88 -4.29 -21.42 45.50
C GLY D 88 -3.77 -20.24 46.30
N ARG D 89 -3.60 -20.42 47.60
CA ARG D 89 -3.11 -19.33 48.45
C ARG D 89 -1.60 -19.20 48.34
N ALA D 90 -0.93 -20.31 48.06
CA ALA D 90 0.52 -20.30 47.82
C ALA D 90 0.85 -19.55 46.54
N LEU D 91 0.08 -19.79 45.49
CA LEU D 91 0.28 -19.10 44.22
C LEU D 91 0.02 -17.60 44.37
N GLU D 92 -1.03 -17.27 45.10
CA GLU D 92 -1.39 -15.88 45.37
C GLU D 92 -0.27 -15.14 46.10
N ALA D 93 0.24 -15.76 47.16
CA ALA D 93 1.28 -15.15 47.97
C ALA D 93 2.59 -14.97 47.20
N ALA D 94 2.93 -15.98 46.39
CA ALA D 94 4.15 -15.95 45.60
C ALA D 94 4.13 -14.82 44.55
N GLY D 95 2.97 -14.63 43.92
CA GLY D 95 2.83 -13.61 42.89
C GLY D 95 3.22 -12.21 43.31
N TRP D 96 3.04 -11.89 44.59
CA TRP D 96 3.36 -10.57 45.13
C TRP D 96 4.86 -10.35 45.39
N THR D 97 5.70 -11.30 44.97
CA THR D 97 7.11 -11.29 45.33
C THR D 97 7.81 -9.94 45.10
N LEU D 98 7.51 -9.31 43.97
CA LEU D 98 8.16 -8.06 43.64
C LEU D 98 7.25 -6.86 43.87
N ASP D 99 6.47 -6.92 44.94
CA ASP D 99 5.56 -5.83 45.28
C ASP D 99 5.62 -5.53 46.78
N ILE D 100 5.68 -4.24 47.12
CA ILE D 100 5.78 -3.81 48.51
C ILE D 100 4.43 -3.41 49.09
N ASN D 101 3.99 -4.14 50.12
CA ASN D 101 2.76 -3.84 50.85
C ASN D 101 1.54 -3.56 49.96
N TYR D 102 1.30 -4.42 48.97
CA TYR D 102 0.15 -4.31 48.09
C TYR D 102 0.08 -2.99 47.32
N GLY D 103 0.93 -2.82 46.31
CA GLY D 103 0.76 -1.70 45.40
C GLY D 103 1.95 -0.81 45.12
N ASN D 104 3.04 -0.97 45.88
CA ASN D 104 4.22 -0.11 45.71
C ASN D 104 3.91 1.37 45.74
N ILE D 105 3.03 1.81 46.64
CA ILE D 105 2.55 3.19 46.56
C ILE D 105 3.50 4.22 47.19
N TYR D 106 4.37 3.83 48.11
CA TYR D 106 5.33 4.78 48.68
C TYR D 106 6.30 5.22 47.57
N PRO D 107 6.27 6.51 47.18
CA PRO D 107 7.15 6.96 46.10
C PRO D 107 8.59 7.11 46.57
N ASN D 108 9.54 6.85 45.68
CA ASN D 108 10.96 6.96 45.97
C ASN D 108 11.40 6.07 47.12
N ARG D 109 10.81 4.89 47.20
CA ARG D 109 11.19 3.87 48.18
C ARG D 109 11.27 2.52 47.50
N PHE D 110 12.20 1.68 47.96
CA PHE D 110 12.33 0.30 47.49
C PHE D 110 12.46 0.18 45.96
N PHE D 111 11.40 -0.27 45.28
CA PHE D 111 11.47 -0.45 43.82
C PHE D 111 11.13 0.83 43.05
N MET D 112 10.51 1.79 43.73
CA MET D 112 9.98 2.97 43.06
C MET D 112 10.90 4.18 43.15
N LEU D 113 12.19 3.99 42.89
CA LEU D 113 13.16 5.07 43.02
C LEU D 113 13.00 6.14 41.93
N TRP D 114 13.00 7.41 42.34
CA TRP D 114 12.76 8.51 41.40
C TRP D 114 14.03 8.82 40.64
N SER D 115 15.14 8.32 41.16
CA SER D 115 16.36 8.47 40.43
C SER D 115 17.02 7.11 40.30
N GLY D 116 17.87 6.96 39.29
CA GLY D 116 18.52 5.69 39.07
C GLY D 116 19.88 5.52 39.72
N GLU D 117 20.41 6.58 40.32
CA GLU D 117 21.80 6.62 40.80
C GLU D 117 22.25 5.44 41.65
N THR D 118 21.40 4.96 42.55
CA THR D 118 21.83 3.96 43.51
C THR D 118 21.51 2.52 43.10
N MET D 119 20.78 2.33 42.01
CA MET D 119 20.43 0.99 41.57
C MET D 119 21.69 0.21 41.18
N THR D 120 21.71 -1.09 41.48
CA THR D 120 22.87 -1.92 41.18
C THR D 120 23.18 -1.93 39.68
N ASN D 121 22.14 -1.96 38.85
CA ASN D 121 22.31 -1.92 37.40
C ASN D 121 23.02 -0.66 36.94
N THR D 122 22.60 0.49 37.46
CA THR D 122 23.21 1.77 37.08
C THR D 122 24.69 1.82 37.46
N GLN D 123 25.01 1.33 38.65
CA GLN D 123 26.40 1.32 39.11
C GLN D 123 27.28 0.45 38.23
N LEU D 124 26.79 -0.72 37.86
CA LEU D 124 27.53 -1.62 36.99
C LEU D 124 27.82 -0.99 35.63
N TRP D 125 26.91 -0.14 35.19
CA TRP D 125 27.01 0.45 33.85
C TRP D 125 27.56 1.88 33.85
N ALA D 126 27.93 2.37 35.02
CA ALA D 126 28.42 3.74 35.17
C ALA D 126 29.61 4.11 34.26
N PRO D 127 30.55 3.18 34.01
CA PRO D 127 31.64 3.53 33.08
C PRO D 127 31.16 3.99 31.69
N VAL D 128 30.06 3.45 31.21
CA VAL D 128 29.56 3.79 29.88
C VAL D 128 28.96 5.20 29.88
N GLY D 129 28.36 5.59 31.00
CA GLY D 129 27.92 6.96 31.19
C GLY D 129 26.61 7.33 30.50
N LEU D 130 25.84 6.33 30.11
CA LEU D 130 24.59 6.55 29.39
C LEU D 130 23.62 7.46 30.14
N ASP D 131 23.68 7.43 31.47
CA ASP D 131 22.79 8.25 32.28
C ASP D 131 23.36 9.66 32.51
N ARG D 132 24.52 9.94 31.95
CA ARG D 132 25.10 11.29 32.06
C ARG D 132 25.28 11.94 30.70
N ARG D 133 25.26 11.13 29.64
CA ARG D 133 25.34 11.65 28.28
C ARG D 133 24.04 12.36 27.90
N PRO D 134 24.15 13.59 27.38
CA PRO D 134 22.98 14.31 26.88
C PRO D 134 22.28 13.52 25.78
N PRO D 135 20.94 13.69 25.66
CA PRO D 135 20.17 12.95 24.66
C PRO D 135 20.69 13.12 23.23
N ASP D 136 20.78 12.01 22.50
CA ASP D 136 21.15 12.04 21.09
C ASP D 136 19.90 12.05 20.23
N THR D 137 18.74 11.94 20.87
CA THR D 137 17.47 12.01 20.18
C THR D 137 16.51 12.91 20.94
N THR D 138 15.92 13.86 20.23
CA THR D 138 15.02 14.84 20.83
C THR D 138 13.73 14.92 20.02
N ASP D 139 13.72 14.20 18.91
CA ASP D 139 12.56 14.14 18.02
C ASP D 139 11.48 13.23 18.60
N PRO D 140 10.34 13.82 18.98
CA PRO D 140 9.21 13.13 19.62
C PRO D 140 8.67 11.93 18.86
N VAL D 141 8.81 11.93 17.53
CA VAL D 141 8.35 10.81 16.73
C VAL D 141 9.27 9.61 16.87
N GLU D 142 10.58 9.84 16.76
CA GLU D 142 11.54 8.76 16.91
C GLU D 142 11.56 8.23 18.34
N LEU D 143 11.42 9.15 19.31
CA LEU D 143 11.41 8.76 20.72
C LEU D 143 10.18 7.94 21.08
N THR D 144 9.04 8.29 20.49
CA THR D 144 7.80 7.56 20.74
C THR D 144 7.92 6.13 20.24
N ASN D 145 8.50 5.94 19.07
CA ASN D 145 8.70 4.60 18.54
C ASN D 145 9.68 3.80 19.38
N TYR D 146 10.80 4.42 19.75
CA TYR D 146 11.81 3.78 20.59
C TYR D 146 11.21 3.32 21.92
N VAL D 147 10.50 4.21 22.59
CA VAL D 147 10.08 3.94 23.96
C VAL D 147 8.93 2.93 24.01
N LYS D 148 8.09 2.91 22.98
CA LYS D 148 7.00 1.95 22.95
C LYS D 148 7.51 0.55 22.62
N PHE D 149 8.56 0.48 21.79
CA PHE D 149 9.24 -0.79 21.53
C PHE D 149 9.81 -1.33 22.84
N ALA D 150 10.45 -0.45 23.60
CA ALA D 150 11.00 -0.82 24.90
C ALA D 150 9.90 -1.29 25.85
N ALA D 151 8.79 -0.55 25.87
CA ALA D 151 7.66 -0.84 26.75
C ALA D 151 7.10 -2.26 26.53
N ARG D 152 7.05 -2.69 25.28
CA ARG D 152 6.57 -4.04 24.97
C ARG D 152 7.55 -5.11 25.48
N MET D 153 8.85 -4.84 25.33
CA MET D 153 9.87 -5.73 25.86
C MET D 153 9.78 -5.79 27.38
N ALA D 154 9.37 -4.68 27.98
CA ALA D 154 9.27 -4.59 29.43
C ALA D 154 8.00 -5.25 29.97
N GLY D 155 7.19 -5.82 29.08
CA GLY D 155 6.05 -6.62 29.49
C GLY D 155 4.68 -5.96 29.40
N ALA D 156 4.61 -4.80 28.75
CA ALA D 156 3.32 -4.18 28.50
C ALA D 156 2.60 -4.88 27.36
N ASP D 157 1.32 -5.18 27.57
CA ASP D 157 0.49 -5.72 26.51
C ASP D 157 -0.16 -4.57 25.76
N LEU D 158 -0.42 -3.48 26.48
CA LEU D 158 -0.91 -2.23 25.91
C LEU D 158 0.02 -1.10 26.35
N VAL D 159 0.19 -0.10 25.50
CA VAL D 159 0.94 1.09 25.91
C VAL D 159 0.48 2.34 25.17
N GLY D 160 0.42 3.45 25.90
CA GLY D 160 -0.02 4.72 25.34
C GLY D 160 0.61 5.91 26.05
N VAL D 161 0.54 7.07 25.40
CA VAL D 161 1.14 8.29 25.93
C VAL D 161 0.10 9.40 26.06
N ALA D 162 0.17 10.17 27.14
CA ALA D 162 -0.65 11.36 27.27
C ALA D 162 0.19 12.51 27.82
N ARG D 163 -0.22 13.73 27.55
CA ARG D 163 0.30 14.87 28.29
C ARG D 163 -0.09 14.67 29.75
N LEU D 164 0.75 15.09 30.68
CA LEU D 164 0.43 14.90 32.08
C LEU D 164 -0.62 15.89 32.58
N ASN D 165 -1.80 15.38 32.95
CA ASN D 165 -2.83 16.21 33.56
C ASN D 165 -2.74 16.12 35.09
N ARG D 166 -2.38 17.23 35.72
CA ARG D 166 -2.06 17.26 37.14
C ARG D 166 -3.25 17.01 38.07
N ASN D 167 -4.46 17.10 37.53
CA ASN D 167 -5.67 16.86 38.32
C ASN D 167 -5.72 15.44 38.87
N TRP D 168 -4.97 14.53 38.25
CA TRP D 168 -5.01 13.13 38.65
C TRP D 168 -3.77 12.72 39.45
N VAL D 169 -2.80 13.62 39.57
CA VAL D 169 -1.67 13.39 40.46
C VAL D 169 -2.12 13.68 41.88
N TYR D 170 -1.88 12.71 42.78
CA TYR D 170 -2.25 12.86 44.19
C TYR D 170 -1.70 14.16 44.77
N SER D 171 -2.53 14.86 45.55
CA SER D 171 -2.09 16.10 46.18
C SER D 171 -1.01 15.78 47.21
N GLU D 172 -1.23 14.73 47.99
CA GLU D 172 -0.24 14.22 48.92
C GLU D 172 -0.20 12.70 48.84
N ALA D 173 0.98 12.13 48.99
CA ALA D 173 1.16 10.70 48.86
C ALA D 173 1.23 10.03 50.22
N VAL D 174 0.90 8.75 50.26
CA VAL D 174 1.20 7.93 51.42
C VAL D 174 2.57 7.30 51.24
N THR D 175 3.45 7.52 52.21
CA THR D 175 4.82 7.02 52.13
C THR D 175 5.35 6.76 53.54
N ILE D 176 6.66 6.52 53.66
CA ILE D 176 7.28 6.36 54.97
C ILE D 176 8.53 7.23 55.03
N PRO D 177 9.00 7.57 56.24
CA PRO D 177 10.26 8.32 56.34
C PRO D 177 11.41 7.53 55.73
N ALA D 178 12.45 8.23 55.30
CA ALA D 178 13.53 7.62 54.53
C ALA D 178 14.45 6.73 55.38
N ASP D 179 14.43 6.91 56.71
CA ASP D 179 15.32 6.15 57.57
C ASP D 179 14.61 4.95 58.21
N VAL D 180 13.40 4.66 57.74
CA VAL D 180 12.62 3.55 58.25
C VAL D 180 12.79 2.30 57.39
N PRO D 181 13.17 1.18 58.02
CA PRO D 181 13.36 -0.11 57.33
C PRO D 181 12.03 -0.75 56.96
N TYR D 182 12.02 -1.72 56.04
CA TYR D 182 10.77 -2.35 55.63
C TYR D 182 10.00 -2.91 56.81
N GLU D 183 10.73 -3.52 57.73
CA GLU D 183 10.14 -4.26 58.85
C GLU D 183 9.19 -3.39 59.68
N GLN D 184 9.41 -2.08 59.64
CA GLN D 184 8.59 -1.15 60.40
C GLN D 184 7.62 -0.35 59.54
N SER D 185 7.66 -0.57 58.22
CA SER D 185 6.98 0.30 57.26
C SER D 185 5.46 0.40 57.45
N LEU D 186 4.80 -0.73 57.71
CA LEU D 186 3.35 -0.75 57.87
C LEU D 186 2.88 0.12 59.03
N HIS D 187 3.75 0.33 60.01
CA HIS D 187 3.38 1.09 61.21
C HIS D 187 3.93 2.51 61.24
N LYS D 188 4.55 2.94 60.14
CA LYS D 188 5.19 4.26 60.12
C LYS D 188 4.78 5.10 58.91
N GLU D 189 3.63 4.78 58.32
CA GLU D 189 3.17 5.49 57.14
C GLU D 189 2.84 6.95 57.49
N ILE D 190 3.10 7.84 56.54
CA ILE D 190 2.90 9.27 56.74
C ILE D 190 2.30 9.89 55.48
N GLU D 191 2.10 11.20 55.51
CA GLU D 191 1.65 11.93 54.33
C GLU D 191 2.71 12.94 53.90
N LYS D 192 2.98 13.01 52.60
CA LYS D 192 3.90 14.01 52.09
C LYS D 192 3.36 14.66 50.81
N PRO D 193 3.43 16.00 50.72
CA PRO D 193 2.94 16.71 49.54
C PRO D 193 3.76 16.43 48.28
N ILE D 194 3.06 16.16 47.19
CA ILE D 194 3.66 16.13 45.87
C ILE D 194 3.45 17.49 45.21
N VAL D 195 4.54 18.16 44.85
CA VAL D 195 4.44 19.50 44.28
C VAL D 195 5.29 19.66 43.02
N PHE D 196 4.89 20.57 42.14
CA PHE D 196 5.61 20.84 40.91
C PHE D 196 6.41 22.14 41.03
N LYS D 197 7.69 22.09 40.64
CA LYS D 197 8.56 23.25 40.78
C LYS D 197 9.56 23.36 39.64
N ASP D 198 10.09 24.56 39.45
CA ASP D 198 11.16 24.76 38.49
C ASP D 198 12.47 24.24 39.08
N VAL D 199 12.66 22.94 38.94
CA VAL D 199 13.86 22.25 39.37
C VAL D 199 14.26 21.33 38.22
N PRO D 200 15.57 21.02 38.09
CA PRO D 200 16.01 20.23 36.93
C PRO D 200 15.62 18.75 36.96
N LEU D 201 15.55 18.15 38.15
CA LEU D 201 15.33 16.72 38.26
C LEU D 201 14.30 16.41 39.34
N PRO D 202 13.65 15.23 39.27
CA PRO D 202 12.76 14.85 40.38
C PRO D 202 13.58 14.70 41.65
N ILE D 203 13.08 15.27 42.75
CA ILE D 203 13.87 15.31 43.97
C ILE D 203 12.98 15.17 45.21
N GLU D 204 13.50 14.55 46.27
CA GLU D 204 12.77 14.48 47.52
C GLU D 204 13.53 15.16 48.64
N THR D 205 12.81 16.01 49.37
CA THR D 205 13.33 16.64 50.58
C THR D 205 12.60 16.09 51.79
N ASP D 206 12.90 16.64 52.96
CA ASP D 206 12.24 16.21 54.18
C ASP D 206 10.74 16.50 54.19
N ASP D 207 10.34 17.58 53.53
CA ASP D 207 8.93 17.99 53.55
C ASP D 207 8.16 17.64 52.27
N GLU D 208 8.87 17.47 51.16
CA GLU D 208 8.18 17.41 49.87
C GLU D 208 8.74 16.44 48.83
N LEU D 209 7.81 15.86 48.07
CA LEU D 209 8.13 15.15 46.84
C LEU D 209 7.99 16.15 45.69
N ILE D 210 9.09 16.42 44.98
CA ILE D 210 9.06 17.47 43.97
C ILE D 210 9.26 16.97 42.55
N ILE D 211 8.25 17.20 41.72
CA ILE D 211 8.29 16.88 40.31
C ILE D 211 8.58 18.14 39.50
N PRO D 212 9.57 18.08 38.60
CA PRO D 212 9.89 19.25 37.79
C PRO D 212 8.72 19.69 36.90
N ASN D 213 8.59 20.98 36.65
CA ASN D 213 7.57 21.48 35.73
C ASN D 213 7.83 20.98 34.32
N THR D 214 9.07 20.59 34.05
CA THR D 214 9.44 20.05 32.74
C THR D 214 8.92 18.64 32.53
N CYS D 215 8.25 18.07 33.55
CA CYS D 215 7.71 16.72 33.45
C CYS D 215 6.41 16.73 32.66
N GLU D 216 6.54 16.63 31.35
CA GLU D 216 5.45 16.91 30.41
C GLU D 216 4.50 15.73 30.19
N ASN D 217 5.05 14.51 30.16
CA ASN D 217 4.30 13.38 29.64
C ASN D 217 4.16 12.21 30.61
N VAL D 218 3.21 11.32 30.30
CA VAL D 218 3.01 10.10 31.06
C VAL D 218 2.86 8.92 30.11
N ILE D 219 3.54 7.82 30.44
CA ILE D 219 3.46 6.61 29.66
C ILE D 219 2.66 5.57 30.46
N VAL D 220 1.56 5.11 29.87
CA VAL D 220 0.67 4.19 30.56
C VAL D 220 0.79 2.79 29.96
N ALA D 221 0.86 1.78 30.83
CA ALA D 221 0.99 0.40 30.39
C ALA D 221 -0.21 -0.43 30.82
N GLY D 222 -0.65 -1.32 29.94
CA GLY D 222 -1.67 -2.29 30.27
C GLY D 222 -1.02 -3.65 30.45
N ILE D 223 -1.34 -4.31 31.56
CA ILE D 223 -0.76 -5.59 31.90
C ILE D 223 -1.89 -6.62 32.03
N ALA D 224 -2.05 -7.45 30.99
CA ALA D 224 -3.22 -8.31 30.88
C ALA D 224 -3.23 -9.44 31.91
N MET D 225 -4.36 -9.57 32.61
CA MET D 225 -4.56 -10.67 33.55
C MET D 225 -5.09 -11.89 32.80
N ASN D 226 -5.12 -13.03 33.48
CA ASN D 226 -5.56 -14.28 32.86
C ASN D 226 -7.07 -14.46 33.01
N ARG D 227 -7.76 -14.68 31.89
CA ARG D 227 -9.22 -14.70 31.89
C ARG D 227 -9.80 -15.89 32.64
N GLU D 228 -9.23 -17.07 32.45
CA GLU D 228 -9.73 -18.26 33.15
C GLU D 228 -9.62 -18.10 34.66
N MET D 229 -8.55 -17.46 35.12
CA MET D 229 -8.31 -17.33 36.55
C MET D 229 -9.17 -16.22 37.18
N MET D 230 -9.36 -15.13 36.45
CA MET D 230 -10.17 -14.02 36.96
C MET D 230 -11.64 -14.42 37.05
N GLN D 231 -12.04 -15.39 36.24
CA GLN D 231 -13.42 -15.84 36.24
C GLN D 231 -13.75 -16.80 37.39
N THR D 232 -12.80 -17.00 38.31
CA THR D 232 -13.08 -17.78 39.51
C THR D 232 -13.41 -16.84 40.68
N ALA D 233 -13.42 -15.55 40.41
CA ALA D 233 -13.69 -14.54 41.42
C ALA D 233 -15.03 -14.80 42.08
N PRO D 234 -15.12 -14.57 43.42
CA PRO D 234 -14.11 -13.94 44.27
C PRO D 234 -13.11 -14.92 44.90
N ASN D 235 -12.95 -16.10 44.31
CA ASN D 235 -12.07 -17.10 44.89
C ASN D 235 -10.59 -16.89 44.57
N SER D 236 -9.76 -17.84 45.00
CA SER D 236 -8.32 -17.62 45.13
C SER D 236 -7.51 -17.45 43.84
N MET D 237 -7.90 -18.13 42.76
CA MET D 237 -7.13 -18.04 41.52
C MET D 237 -7.27 -16.66 40.89
N ALA D 238 -8.42 -16.02 41.13
CA ALA D 238 -8.60 -14.62 40.73
C ALA D 238 -7.60 -13.74 41.46
N CYS D 239 -7.33 -14.08 42.73
CA CYS D 239 -6.37 -13.35 43.53
C CYS D 239 -4.95 -13.56 43.00
N ALA D 240 -4.69 -14.76 42.49
CA ALA D 240 -3.35 -15.12 42.06
C ALA D 240 -2.93 -14.39 40.78
N THR D 241 -3.83 -14.24 39.83
CA THR D 241 -3.48 -13.54 38.59
C THR D 241 -3.37 -12.04 38.87
N THR D 242 -4.17 -11.56 39.81
CA THR D 242 -4.05 -10.19 40.31
C THR D 242 -2.65 -9.95 40.86
N ALA D 243 -2.18 -10.90 41.66
CA ALA D 243 -0.89 -10.78 42.34
C ALA D 243 0.30 -10.79 41.39
N PHE D 244 0.31 -11.75 40.46
CA PHE D 244 1.39 -11.86 39.49
C PHE D 244 1.54 -10.62 38.62
N CYS D 245 0.42 -9.99 38.29
CA CYS D 245 0.46 -8.82 37.43
C CYS D 245 0.97 -7.58 38.18
N TYR D 246 0.85 -7.58 39.49
CA TYR D 246 1.45 -6.50 40.28
C TYR D 246 2.98 -6.58 40.23
N SER D 247 3.53 -7.79 40.30
CA SER D 247 4.96 -7.97 40.12
C SER D 247 5.38 -7.60 38.69
N ARG D 248 4.59 -8.00 37.71
CA ARG D 248 4.84 -7.61 36.33
C ARG D 248 4.85 -6.09 36.17
N MET D 249 3.93 -5.43 36.88
CA MET D 249 3.87 -3.96 36.87
C MET D 249 5.16 -3.35 37.37
N CYS D 250 5.65 -3.86 38.50
CA CYS D 250 6.85 -3.33 39.13
C CYS D 250 8.06 -3.48 38.22
N MET D 251 8.17 -4.63 37.57
CA MET D 251 9.28 -4.86 36.65
C MET D 251 9.20 -3.97 35.43
N PHE D 252 7.98 -3.70 34.96
CA PHE D 252 7.79 -2.81 33.83
C PHE D 252 8.36 -1.43 34.16
N ASP D 253 7.92 -0.87 35.29
CA ASP D 253 8.36 0.45 35.73
C ASP D 253 9.88 0.57 35.81
N MET D 254 10.52 -0.43 36.38
CA MET D 254 11.97 -0.38 36.56
C MET D 254 12.72 -0.47 35.23
N TRP D 255 12.39 -1.49 34.46
CA TRP D 255 12.91 -1.65 33.10
C TRP D 255 12.81 -0.35 32.27
N LEU D 256 11.61 0.23 32.24
CA LEU D 256 11.34 1.37 31.38
C LEU D 256 11.98 2.67 31.87
N CYS D 257 11.98 2.88 33.19
CA CYS D 257 12.64 4.05 33.77
C CYS D 257 14.14 4.04 33.45
N GLN D 258 14.74 2.87 33.56
CA GLN D 258 16.16 2.73 33.24
C GLN D 258 16.42 3.05 31.76
N PHE D 259 15.55 2.57 30.88
CA PHE D 259 15.70 2.84 29.45
C PHE D 259 15.61 4.34 29.18
N ILE D 260 14.64 5.00 29.78
CA ILE D 260 14.45 6.43 29.60
C ILE D 260 15.66 7.21 30.13
N ARG D 261 16.16 6.80 31.29
CA ARG D 261 17.33 7.43 31.89
C ARG D 261 18.57 7.25 31.03
N TYR D 262 18.74 6.05 30.50
CA TYR D 262 19.87 5.75 29.63
C TYR D 262 19.73 6.41 28.26
N MET D 263 18.56 7.02 28.01
CA MET D 263 18.35 7.78 26.80
C MET D 263 18.68 9.26 27.03
N GLY D 264 18.94 9.61 28.29
CA GLY D 264 19.35 10.96 28.63
C GLY D 264 18.25 11.83 29.23
N TYR D 265 17.16 11.19 29.66
CA TYR D 265 16.04 11.90 30.27
C TYR D 265 15.81 11.37 31.68
N TYR D 266 14.83 11.93 32.40
CA TYR D 266 14.53 11.39 33.71
C TYR D 266 13.18 10.68 33.71
N ALA D 267 12.98 9.80 34.68
CA ALA D 267 11.78 8.98 34.70
C ALA D 267 11.30 8.68 36.12
N ILE D 268 10.00 8.86 36.34
CA ILE D 268 9.38 8.57 37.64
C ILE D 268 8.46 7.35 37.54
N PRO D 269 8.77 6.27 38.28
CA PRO D 269 7.90 5.09 38.34
C PRO D 269 6.75 5.35 39.31
N SER D 270 5.73 4.51 39.33
CA SER D 270 4.63 4.74 40.27
C SER D 270 3.87 3.49 40.71
N CYS D 271 3.64 2.55 39.79
CA CYS D 271 2.73 1.42 40.05
C CYS D 271 1.37 1.93 40.55
N ASN D 272 0.99 1.59 41.77
CA ASN D 272 -0.31 2.06 42.29
C ASN D 272 -0.24 3.43 42.94
N GLY D 273 0.95 4.03 42.96
CA GLY D 273 1.15 5.30 43.64
C GLY D 273 1.13 6.52 42.74
N VAL D 274 1.44 7.68 43.33
CA VAL D 274 1.65 8.96 42.63
C VAL D 274 0.38 9.57 42.00
N GLY D 275 -0.41 8.77 41.30
CA GLY D 275 -1.62 9.29 40.68
C GLY D 275 -2.68 8.26 40.35
N GLN D 276 -3.79 8.71 39.78
CA GLN D 276 -4.92 7.84 39.46
C GLN D 276 -4.78 7.21 38.07
N SER D 277 -4.51 5.90 38.05
CA SER D 277 -4.22 5.16 36.83
C SER D 277 -5.32 5.23 35.77
N VAL D 278 -6.57 5.09 36.21
CA VAL D 278 -7.69 4.99 35.28
C VAL D 278 -7.83 6.27 34.47
N ALA D 279 -7.61 7.40 35.12
CA ALA D 279 -7.70 8.69 34.45
C ALA D 279 -6.58 8.85 33.41
N PHE D 280 -5.36 8.47 33.77
CA PHE D 280 -4.23 8.54 32.84
C PHE D 280 -4.45 7.61 31.66
N ALA D 281 -5.01 6.44 31.94
CA ALA D 281 -5.22 5.41 30.92
C ALA D 281 -6.25 5.85 29.89
N VAL D 282 -7.33 6.45 30.35
CA VAL D 282 -8.38 6.97 29.49
C VAL D 282 -7.82 8.08 28.59
N GLU D 283 -6.96 8.91 29.16
CA GLU D 283 -6.37 10.03 28.42
C GLU D 283 -5.28 9.57 27.44
N ALA D 284 -4.59 8.49 27.77
CA ALA D 284 -3.59 7.93 26.89
C ALA D 284 -4.20 7.02 25.84
N GLY D 285 -5.52 6.85 25.90
CA GLY D 285 -6.25 6.13 24.86
C GLY D 285 -6.25 4.61 24.99
N LEU D 286 -5.95 4.09 26.18
CA LEU D 286 -5.97 2.65 26.38
C LEU D 286 -7.40 2.12 26.38
N GLY D 287 -8.34 2.93 26.85
CA GLY D 287 -9.75 2.55 26.89
C GLY D 287 -10.66 3.64 27.43
N GLN D 288 -11.87 3.25 27.81
CA GLN D 288 -12.86 4.17 28.36
C GLN D 288 -13.25 3.80 29.78
N ALA D 289 -13.72 4.79 30.54
CA ALA D 289 -14.21 4.56 31.90
C ALA D 289 -15.56 3.85 31.86
N SER D 290 -15.83 3.04 32.88
CA SER D 290 -17.03 2.22 32.91
C SER D 290 -17.85 2.47 34.17
N ARG D 291 -18.96 1.77 34.29
CA ARG D 291 -19.81 1.87 35.47
C ARG D 291 -19.10 1.35 36.72
N MET D 292 -18.39 0.24 36.58
CA MET D 292 -17.68 -0.34 37.70
C MET D 292 -16.56 0.58 38.15
N GLY D 293 -16.13 1.48 37.27
CA GLY D 293 -15.12 2.45 37.61
C GLY D 293 -13.76 2.18 36.99
N ALA D 294 -13.65 1.07 36.28
CA ALA D 294 -12.38 0.68 35.69
C ALA D 294 -12.26 1.16 34.25
N CYS D 295 -11.03 1.18 33.75
CA CYS D 295 -10.80 1.45 32.34
C CYS D 295 -11.08 0.18 31.53
N ILE D 296 -11.98 0.27 30.57
CA ILE D 296 -12.30 -0.87 29.73
C ILE D 296 -11.61 -0.75 28.37
N THR D 297 -10.81 -1.76 28.03
CA THR D 297 -10.06 -1.76 26.78
C THR D 297 -10.72 -2.68 25.76
N PRO D 298 -10.54 -2.38 24.47
CA PRO D 298 -11.08 -3.24 23.41
C PRO D 298 -10.51 -4.67 23.47
N GLU D 299 -9.23 -4.77 23.83
CA GLU D 299 -8.52 -6.04 23.82
C GLU D 299 -8.93 -6.98 24.96
N PHE D 300 -8.97 -6.44 26.18
CA PHE D 300 -9.11 -7.27 27.37
C PHE D 300 -10.31 -6.90 28.24
N GLY D 301 -11.08 -5.92 27.81
CA GLY D 301 -12.12 -5.37 28.67
C GLY D 301 -11.43 -4.72 29.85
N PRO D 302 -12.05 -4.80 31.03
CA PRO D 302 -11.43 -4.28 32.26
C PRO D 302 -10.43 -5.26 32.88
N ASN D 303 -10.34 -6.46 32.31
CA ASN D 303 -9.45 -7.48 32.85
C ASN D 303 -7.99 -7.21 32.51
N VAL D 304 -7.47 -6.11 33.02
CA VAL D 304 -6.12 -5.66 32.74
C VAL D 304 -5.64 -4.73 33.86
N ARG D 305 -4.39 -4.86 34.26
CA ARG D 305 -3.84 -3.98 35.30
C ARG D 305 -3.12 -2.80 34.67
N LEU D 306 -2.94 -1.73 35.44
CA LEU D 306 -2.35 -0.50 34.93
C LEU D 306 -1.14 -0.03 35.74
N THR D 307 -0.14 0.50 35.05
CA THR D 307 0.93 1.24 35.70
C THR D 307 1.42 2.35 34.77
N LYS D 308 2.25 3.23 35.30
CA LYS D 308 2.49 4.53 34.67
C LYS D 308 3.90 5.03 35.00
N VAL D 309 4.50 5.72 34.04
CA VAL D 309 5.82 6.33 34.23
C VAL D 309 5.79 7.78 33.74
N PHE D 310 6.26 8.71 34.57
CA PHE D 310 6.25 10.13 34.22
C PHE D 310 7.64 10.57 33.76
N THR D 311 7.70 11.40 32.72
CA THR D 311 8.99 11.76 32.14
C THR D 311 8.96 13.06 31.35
N ASN D 312 10.14 13.68 31.22
CA ASN D 312 10.30 14.89 30.41
C ASN D 312 10.67 14.56 28.97
N MET D 313 10.77 13.27 28.66
CA MET D 313 11.10 12.85 27.31
C MET D 313 10.01 13.30 26.34
N PRO D 314 10.41 13.99 25.26
CA PRO D 314 9.46 14.48 24.26
C PRO D 314 8.76 13.33 23.55
N LEU D 315 7.43 13.37 23.51
CA LEU D 315 6.66 12.24 23.03
C LEU D 315 5.43 12.73 22.28
N VAL D 316 4.96 11.92 21.32
CA VAL D 316 3.71 12.20 20.63
C VAL D 316 2.56 11.56 21.38
N PRO D 317 1.64 12.39 21.89
CA PRO D 317 0.49 11.88 22.64
C PRO D 317 -0.45 11.07 21.76
N ASP D 318 -0.99 9.97 22.30
CA ASP D 318 -1.98 9.19 21.59
C ASP D 318 -3.34 9.85 21.69
N LYS D 319 -4.27 9.41 20.84
CA LYS D 319 -5.62 9.95 20.84
C LYS D 319 -6.52 9.12 21.73
N PRO D 320 -7.41 9.79 22.47
CA PRO D 320 -8.47 9.07 23.21
C PRO D 320 -9.32 8.24 22.26
N ILE D 321 -9.95 7.19 22.77
CA ILE D 321 -10.79 6.34 21.93
C ILE D 321 -12.22 6.28 22.47
N ASP D 322 -13.17 6.13 21.56
CA ASP D 322 -14.57 5.92 21.92
C ASP D 322 -15.14 4.76 21.13
N PHE D 323 -15.27 3.61 21.76
CA PHE D 323 -15.91 2.49 21.10
C PHE D 323 -17.22 2.13 21.79
N GLY D 324 -17.86 3.14 22.37
CA GLY D 324 -19.24 3.02 22.84
C GLY D 324 -19.44 2.47 24.23
N VAL D 325 -18.40 2.51 25.07
CA VAL D 325 -18.49 1.97 26.42
C VAL D 325 -19.55 2.67 27.27
N THR D 326 -19.58 4.00 27.22
CA THR D 326 -20.49 4.77 28.07
C THR D 326 -21.95 4.40 27.82
N GLU D 327 -22.34 4.33 26.55
CA GLU D 327 -23.70 4.00 26.18
C GLU D 327 -24.06 2.58 26.56
N PHE D 328 -23.11 1.67 26.39
CA PHE D 328 -23.31 0.28 26.76
C PHE D 328 -23.51 0.17 28.27
N CYS D 329 -22.73 0.94 29.03
CA CYS D 329 -22.82 0.93 30.49
C CYS D 329 -24.11 1.57 30.99
N GLU D 330 -24.70 2.43 30.17
CA GLU D 330 -25.92 3.13 30.57
C GLU D 330 -27.14 2.21 30.61
N THR D 331 -27.08 1.09 29.90
CA THR D 331 -28.20 0.15 29.88
C THR D 331 -27.81 -1.21 30.47
N CYS D 332 -26.51 -1.47 30.54
CA CYS D 332 -26.00 -2.64 31.25
C CYS D 332 -25.82 -2.28 32.72
N LYS D 333 -26.22 -3.18 33.61
CA LYS D 333 -25.99 -2.97 35.04
C LYS D 333 -25.55 -4.29 35.66
N LYS D 334 -24.83 -5.10 34.89
CA LYS D 334 -24.51 -6.45 35.34
C LYS D 334 -23.56 -6.47 36.53
N CYS D 335 -22.52 -5.65 36.48
CA CYS D 335 -21.59 -5.54 37.60
C CYS D 335 -22.32 -5.05 38.85
N ALA D 336 -23.22 -4.08 38.65
CA ALA D 336 -24.01 -3.54 39.76
C ALA D 336 -24.91 -4.60 40.39
N ARG D 337 -25.43 -5.50 39.56
CA ARG D 337 -26.33 -6.53 40.05
C ARG D 337 -25.58 -7.68 40.72
N GLU D 338 -24.37 -7.95 40.26
CA GLU D 338 -23.61 -9.09 40.74
C GLU D 338 -22.70 -8.76 41.92
N CYS D 339 -22.49 -7.48 42.16
CA CYS D 339 -21.62 -7.04 43.25
C CYS D 339 -22.09 -7.59 44.59
N PRO D 340 -21.25 -8.41 45.23
CA PRO D 340 -21.65 -9.04 46.51
C PRO D 340 -21.82 -8.04 47.65
N SER D 341 -21.37 -6.81 47.46
CA SER D 341 -21.44 -5.80 48.51
C SER D 341 -22.28 -4.58 48.11
N LYS D 342 -22.83 -4.62 46.91
CA LYS D 342 -23.66 -3.52 46.39
C LYS D 342 -22.91 -2.19 46.34
N ALA D 343 -21.62 -2.27 46.06
CA ALA D 343 -20.77 -1.09 46.00
C ALA D 343 -21.06 -0.23 44.77
N ILE D 344 -21.52 -0.86 43.71
CA ILE D 344 -21.64 -0.20 42.41
C ILE D 344 -23.03 0.38 42.14
N THR D 345 -23.07 1.66 41.78
CA THR D 345 -24.32 2.37 41.54
C THR D 345 -25.09 1.84 40.33
N GLU D 346 -26.41 1.81 40.45
CA GLU D 346 -27.27 1.46 39.32
C GLU D 346 -27.84 2.72 38.68
N GLY D 347 -27.42 3.87 39.19
CA GLY D 347 -27.93 5.14 38.70
C GLY D 347 -27.02 5.81 37.69
N PRO D 348 -27.33 7.05 37.33
CA PRO D 348 -26.57 7.77 36.30
C PRO D 348 -25.32 8.47 36.85
N ARG D 349 -24.52 9.02 35.95
CA ARG D 349 -23.27 9.69 36.31
C ARG D 349 -23.54 11.06 36.91
N THR D 350 -22.73 11.45 37.88
CA THR D 350 -22.79 12.79 38.47
C THR D 350 -21.40 13.36 38.72
N PHE D 351 -21.35 14.60 39.18
CA PHE D 351 -20.08 15.25 39.52
C PHE D 351 -19.74 15.17 41.01
N GLU D 352 -20.68 14.71 41.82
CA GLU D 352 -20.50 14.80 43.27
C GLU D 352 -20.27 13.44 43.90
N GLY D 353 -19.13 13.31 44.57
CA GLY D 353 -18.70 12.05 45.14
C GLY D 353 -19.65 11.48 46.17
N ARG D 354 -19.67 10.16 46.22
CA ARG D 354 -20.57 9.42 47.09
C ARG D 354 -20.06 9.44 48.53
N SER D 355 -18.74 9.57 48.68
CA SER D 355 -18.12 9.75 49.99
C SER D 355 -16.66 10.18 49.83
N ILE D 356 -15.92 10.14 50.94
CA ILE D 356 -14.54 10.64 50.99
C ILE D 356 -13.60 9.90 50.04
N HIS D 357 -13.97 8.68 49.65
CA HIS D 357 -13.12 7.88 48.78
C HIS D 357 -13.18 8.33 47.32
N ASN D 358 -14.23 9.04 46.95
CA ASN D 358 -14.37 9.55 45.59
C ASN D 358 -13.79 10.95 45.42
N GLN D 359 -13.22 11.21 44.25
CA GLN D 359 -12.80 12.57 43.90
C GLN D 359 -13.96 13.27 43.22
N SER D 360 -14.49 14.31 43.86
CA SER D 360 -15.61 15.06 43.31
C SER D 360 -15.16 16.01 42.22
N GLY D 361 -16.07 16.34 41.32
CA GLY D 361 -15.80 17.34 40.29
C GLY D 361 -15.54 16.78 38.91
N LYS D 362 -15.69 15.47 38.75
CA LYS D 362 -15.53 14.84 37.44
C LYS D 362 -16.70 13.91 37.17
N LEU D 363 -17.19 13.91 35.94
CA LEU D 363 -18.35 13.08 35.61
C LEU D 363 -17.95 11.62 35.52
N GLN D 364 -18.58 10.80 36.34
CA GLN D 364 -18.26 9.39 36.46
C GLN D 364 -19.38 8.71 37.24
N TRP D 365 -19.51 7.40 37.10
CA TRP D 365 -20.38 6.66 37.98
C TRP D 365 -19.75 6.61 39.37
N GLN D 366 -20.51 7.03 40.38
CA GLN D 366 -20.01 7.13 41.74
C GLN D 366 -20.32 5.85 42.52
N ASN D 367 -19.27 5.16 42.97
CA ASN D 367 -19.46 3.91 43.70
C ASN D 367 -19.01 4.03 45.15
N ASP D 368 -19.51 3.13 45.99
CA ASP D 368 -19.16 3.11 47.41
C ASP D 368 -18.02 2.12 47.66
N TYR D 369 -16.80 2.63 47.78
CA TYR D 369 -15.64 1.77 47.82
C TYR D 369 -15.32 1.23 49.20
N ASN D 370 -15.95 1.81 50.22
CA ASN D 370 -15.88 1.23 51.56
C ASN D 370 -16.69 -0.05 51.62
N LYS D 371 -17.78 -0.11 50.87
CA LYS D 371 -18.57 -1.33 50.79
C LYS D 371 -17.80 -2.40 50.03
N CYS D 372 -17.08 -1.97 48.99
CA CYS D 372 -16.23 -2.88 48.23
C CYS D 372 -15.17 -3.51 49.12
N LEU D 373 -14.40 -2.68 49.81
CA LEU D 373 -13.32 -3.19 50.65
C LEU D 373 -13.86 -4.04 51.78
N GLY D 374 -15.06 -3.71 52.26
CA GLY D 374 -15.70 -4.45 53.33
C GLY D 374 -15.92 -5.92 53.02
N TYR D 375 -16.05 -6.25 51.73
CA TYR D 375 -16.27 -7.62 51.31
C TYR D 375 -14.96 -8.43 51.22
N TRP D 376 -13.83 -7.74 51.20
CA TRP D 376 -12.55 -8.44 51.02
C TRP D 376 -12.16 -9.32 52.23
N PRO D 377 -12.23 -8.80 53.47
CA PRO D 377 -11.94 -9.71 54.59
C PRO D 377 -12.95 -10.85 54.67
N GLU D 378 -14.18 -10.54 54.29
CA GLU D 378 -15.27 -11.51 54.29
C GLU D 378 -14.99 -12.67 53.33
N SER D 379 -14.44 -12.35 52.17
CA SER D 379 -14.20 -13.36 51.14
C SER D 379 -12.75 -13.84 51.12
N GLY D 380 -11.88 -13.14 51.84
CA GLY D 380 -10.49 -13.54 51.96
C GLY D 380 -9.69 -13.38 50.68
N GLY D 381 -10.04 -12.38 49.88
CA GLY D 381 -9.37 -12.14 48.62
C GLY D 381 -9.53 -10.71 48.15
N TYR D 382 -9.43 -10.50 46.84
CA TYR D 382 -9.51 -9.17 46.25
C TYR D 382 -10.75 -9.10 45.36
N CYS D 383 -11.65 -10.06 45.57
CA CYS D 383 -12.90 -10.18 44.82
C CYS D 383 -12.66 -10.17 43.31
N GLY D 384 -13.14 -9.13 42.63
CA GLY D 384 -12.99 -9.02 41.19
C GLY D 384 -14.18 -9.57 40.42
N VAL D 385 -15.29 -9.77 41.12
CA VAL D 385 -16.50 -10.29 40.51
C VAL D 385 -17.02 -9.36 39.40
N CYS D 386 -16.89 -8.05 39.60
CA CYS D 386 -17.32 -7.09 38.59
C CYS D 386 -16.56 -7.26 37.29
N VAL D 387 -15.25 -7.50 37.39
CA VAL D 387 -14.43 -7.69 36.21
C VAL D 387 -14.78 -9.01 35.51
N ALA D 388 -15.08 -10.03 36.28
CA ALA D 388 -15.38 -11.36 35.73
C ALA D 388 -16.70 -11.38 34.96
N VAL D 389 -17.68 -10.60 35.40
CA VAL D 389 -19.01 -10.66 34.81
C VAL D 389 -19.24 -9.66 33.68
N CYS D 390 -18.39 -8.63 33.61
CA CYS D 390 -18.51 -7.63 32.55
C CYS D 390 -18.40 -8.25 31.17
N PRO D 391 -19.33 -7.91 30.26
CA PRO D 391 -19.33 -8.50 28.92
C PRO D 391 -18.06 -8.18 28.12
N PHE D 392 -17.42 -7.05 28.41
CA PHE D 392 -16.21 -6.66 27.69
C PHE D 392 -15.03 -7.56 28.03
N THR D 393 -15.16 -8.30 29.13
CA THR D 393 -14.10 -9.21 29.55
C THR D 393 -14.06 -10.50 28.70
N LYS D 394 -15.23 -10.99 28.31
CA LYS D 394 -15.30 -12.28 27.62
C LYS D 394 -14.57 -12.27 26.28
N GLY D 395 -14.49 -11.10 25.66
CA GLY D 395 -13.65 -10.92 24.49
C GLY D 395 -14.09 -11.69 23.27
N ASN D 396 -15.40 -11.77 23.07
CA ASN D 396 -15.97 -12.27 21.83
C ASN D 396 -16.88 -11.18 21.26
N ILE D 397 -16.93 -10.07 21.99
CA ILE D 397 -17.89 -9.00 21.76
C ILE D 397 -17.72 -8.30 20.41
N TRP D 398 -16.63 -8.60 19.70
CA TRP D 398 -16.33 -7.87 18.46
C TRP D 398 -16.79 -8.58 17.19
N ILE D 399 -17.51 -7.83 16.37
CA ILE D 399 -18.14 -8.34 15.14
C ILE D 399 -17.90 -7.37 13.98
N HIS D 400 -17.58 -7.91 12.79
CA HIS D 400 -17.32 -7.05 11.64
C HIS D 400 -18.48 -7.00 10.65
N ASP D 401 -19.08 -5.81 10.52
CA ASP D 401 -20.19 -5.55 9.62
C ASP D 401 -19.87 -5.76 8.14
N GLY D 402 -18.70 -5.29 7.70
CA GLY D 402 -18.37 -5.35 6.28
C GLY D 402 -17.75 -4.03 5.83
N VAL D 403 -18.30 -2.93 6.33
CA VAL D 403 -17.82 -1.62 5.94
C VAL D 403 -17.19 -0.92 7.15
N GLU D 404 -17.54 -1.37 8.36
CA GLU D 404 -16.80 -1.01 9.59
C GLU D 404 -16.89 -2.11 10.66
N TRP D 405 -16.04 -2.02 11.68
CA TRP D 405 -16.09 -2.88 12.88
C TRP D 405 -17.17 -2.40 13.85
N LEU D 406 -17.82 -3.32 14.56
CA LEU D 406 -18.71 -2.89 15.64
C LEU D 406 -18.99 -3.95 16.71
N ILE D 407 -19.59 -3.51 17.82
CA ILE D 407 -19.82 -4.32 19.00
C ILE D 407 -21.08 -5.19 18.92
N ASP D 408 -20.93 -6.45 19.28
CA ASP D 408 -22.09 -7.33 19.38
C ASP D 408 -23.02 -6.88 20.50
N ASN D 409 -24.23 -6.49 20.11
CA ASN D 409 -25.34 -6.20 21.02
C ASN D 409 -25.67 -7.37 21.94
N THR D 410 -25.29 -8.56 21.49
CA THR D 410 -25.61 -9.86 22.04
C THR D 410 -25.02 -10.09 23.45
N ASN D 431 -14.92 -23.03 38.03
CA ASN D 431 -14.40 -24.19 38.77
C ASN D 431 -12.88 -24.22 38.79
N ILE D 432 -12.31 -24.14 39.99
CA ILE D 432 -10.87 -23.95 40.17
C ILE D 432 -10.04 -25.17 39.78
N THR D 433 -10.55 -26.38 40.04
CA THR D 433 -9.83 -27.60 39.66
C THR D 433 -9.62 -27.65 38.15
N GLU D 434 -10.62 -27.22 37.39
CA GLU D 434 -10.53 -27.22 35.94
C GLU D 434 -9.56 -26.16 35.42
N VAL D 435 -9.35 -25.11 36.20
CA VAL D 435 -8.36 -24.10 35.86
C VAL D 435 -6.96 -24.67 36.05
N TRP D 436 -6.72 -25.29 37.21
CA TRP D 436 -5.43 -25.94 37.49
C TRP D 436 -5.11 -27.03 36.46
N ASP D 437 -6.13 -27.73 35.97
CA ASP D 437 -5.92 -28.81 35.02
C ASP D 437 -6.01 -28.36 33.57
N GLY D 438 -6.27 -27.07 33.37
CA GLY D 438 -6.59 -26.56 32.06
C GLY D 438 -5.52 -25.78 31.33
N LYS D 439 -5.97 -24.90 30.45
CA LYS D 439 -5.10 -24.15 29.55
C LYS D 439 -4.24 -23.12 30.27
N ILE D 440 -2.95 -23.13 29.97
CA ILE D 440 -2.05 -22.08 30.44
C ILE D 440 -0.91 -21.91 29.45
N ASN D 441 -0.36 -20.69 29.41
CA ASN D 441 0.75 -20.34 28.54
C ASN D 441 1.61 -19.32 29.29
N THR D 442 2.71 -18.89 28.69
CA THR D 442 3.68 -18.03 29.37
C THR D 442 3.05 -16.74 29.91
N TYR D 443 3.32 -16.44 31.19
CA TYR D 443 2.76 -15.30 31.91
C TYR D 443 1.23 -15.31 31.95
N GLY D 444 0.63 -16.45 31.68
CA GLY D 444 -0.82 -16.55 31.67
C GLY D 444 -1.46 -15.87 30.46
N LEU D 445 -0.65 -15.51 29.47
CA LEU D 445 -1.19 -14.88 28.26
C LEU D 445 -1.90 -15.92 27.39
N ASP D 446 -2.80 -15.45 26.53
CA ASP D 446 -3.67 -16.31 25.75
C ASP D 446 -3.30 -16.28 24.26
N ALA D 447 -2.89 -17.42 23.72
CA ALA D 447 -2.37 -17.49 22.36
C ALA D 447 -3.43 -17.20 21.31
N ASP D 448 -4.66 -17.58 21.60
CA ASP D 448 -5.77 -17.32 20.68
C ASP D 448 -6.02 -15.83 20.52
N HIS D 449 -5.45 -15.02 21.42
CA HIS D 449 -5.66 -13.58 21.42
C HIS D 449 -4.36 -12.79 21.39
N PHE D 450 -3.23 -13.49 21.48
CA PHE D 450 -1.93 -12.84 21.53
C PHE D 450 -1.65 -12.04 20.25
N ARG D 451 -2.28 -12.45 19.15
CA ARG D 451 -2.13 -11.79 17.86
C ARG D 451 -2.61 -10.34 17.86
N ASP D 452 -3.59 -10.05 18.71
CA ASP D 452 -4.18 -8.72 18.74
C ASP D 452 -3.26 -7.63 19.29
N THR D 453 -2.23 -8.00 20.03
CA THR D 453 -1.33 -7.02 20.63
C THR D 453 0.00 -6.89 19.89
N VAL D 454 0.07 -7.43 18.67
CA VAL D 454 1.25 -7.30 17.83
C VAL D 454 1.38 -5.84 17.40
N SER D 455 2.61 -5.40 17.15
CA SER D 455 2.86 -3.99 16.90
C SER D 455 3.96 -3.76 15.87
N PHE D 456 3.68 -2.87 14.91
CA PHE D 456 4.67 -2.38 13.96
C PHE D 456 4.81 -0.87 14.21
N ARG D 457 5.78 -0.22 13.56
CA ARG D 457 5.97 1.21 13.75
C ARG D 457 4.71 1.99 13.40
N LYS D 458 4.00 1.51 12.38
CA LYS D 458 2.77 2.15 11.92
C LYS D 458 1.75 2.39 13.05
N ASP D 459 1.63 1.44 13.97
CA ASP D 459 0.65 1.58 15.04
C ASP D 459 1.29 2.10 16.34
N ARG D 460 2.59 2.36 16.32
CA ARG D 460 3.25 2.95 17.48
C ARG D 460 3.26 4.47 17.38
N VAL D 461 3.42 4.98 16.17
CA VAL D 461 3.51 6.42 15.94
C VAL D 461 3.08 6.76 14.52
N LYS D 462 2.61 7.99 14.33
CA LYS D 462 1.86 8.33 13.12
C LYS D 462 2.62 9.30 12.22
N ASN E 6 -18.16 10.06 -13.34
CA ASN E 6 -18.37 10.49 -11.97
C ASN E 6 -17.05 10.72 -11.23
N ALA E 7 -16.82 11.96 -10.82
CA ALA E 7 -15.57 12.35 -10.18
C ALA E 7 -15.49 11.89 -8.72
N ALA E 8 -16.64 11.60 -8.12
CA ALA E 8 -16.67 11.07 -6.77
C ALA E 8 -16.16 9.64 -6.76
N GLU E 9 -16.55 8.88 -7.77
CA GLU E 9 -16.10 7.51 -7.95
C GLU E 9 -14.59 7.47 -8.21
N ILE E 10 -14.15 8.35 -9.09
CA ILE E 10 -12.73 8.47 -9.41
C ILE E 10 -11.89 8.69 -8.16
N ARG E 11 -12.33 9.58 -7.29
CA ARG E 11 -11.53 9.93 -6.11
C ARG E 11 -11.50 8.83 -5.05
N GLN E 12 -12.61 8.13 -4.83
CA GLN E 12 -12.59 7.03 -3.87
C GLN E 12 -11.79 5.86 -4.43
N GLN E 13 -11.89 5.61 -5.74
CA GLN E 13 -11.17 4.52 -6.37
C GLN E 13 -9.64 4.66 -6.24
N PHE E 14 -9.14 5.89 -6.18
CA PHE E 14 -7.68 6.11 -6.15
C PHE E 14 -7.18 6.58 -4.79
N ALA E 15 -8.02 6.46 -3.77
CA ALA E 15 -7.64 6.86 -2.42
C ALA E 15 -6.52 5.98 -1.87
N MET E 16 -5.56 6.60 -1.18
CA MET E 16 -4.46 5.86 -0.57
C MET E 16 -4.56 5.79 0.95
N THR E 17 -3.61 5.09 1.56
CA THR E 17 -3.50 5.04 3.00
C THR E 17 -2.98 6.37 3.55
N ALA E 18 -3.29 6.64 4.81
CA ALA E 18 -2.81 7.84 5.49
C ALA E 18 -1.29 7.93 5.46
N GLY E 19 -0.78 9.16 5.37
CA GLY E 19 0.65 9.38 5.35
C GLY E 19 1.10 10.17 4.13
N SER E 20 1.82 11.26 4.37
CA SER E 20 2.32 12.12 3.31
C SER E 20 3.03 11.33 2.21
N PRO E 21 2.68 11.62 0.95
CA PRO E 21 3.26 10.96 -0.23
C PRO E 21 4.46 11.70 -0.81
N ILE E 22 4.87 12.80 -0.19
CA ILE E 22 6.06 13.52 -0.61
C ILE E 22 7.28 12.93 0.10
N ILE E 23 8.17 12.31 -0.67
CA ILE E 23 9.31 11.62 -0.10
C ILE E 23 10.45 12.58 0.22
N VAL E 24 10.89 12.55 1.47
CA VAL E 24 11.92 13.47 1.95
C VAL E 24 13.20 12.75 2.36
N ASN E 25 14.29 13.53 2.45
CA ASN E 25 15.52 13.02 3.07
C ASN E 25 16.06 13.92 4.21
N ASP E 26 17.10 13.44 4.87
CA ASP E 26 17.82 14.09 5.97
C ASP E 26 18.28 15.51 5.62
N LYS E 27 18.30 15.89 4.35
CA LYS E 27 18.95 17.15 4.00
C LYS E 27 17.98 18.31 3.75
N LEU E 28 16.84 18.26 4.43
CA LEU E 28 15.74 19.14 4.15
C LEU E 28 15.50 20.18 5.24
N GLU E 29 15.66 21.45 4.88
CA GLU E 29 15.39 22.56 5.79
C GLU E 29 14.11 23.27 5.36
N ARG E 30 13.64 24.19 6.19
CA ARG E 30 12.53 25.03 5.79
C ARG E 30 13.03 26.11 4.82
N TYR E 31 12.20 26.37 3.81
CA TYR E 31 12.54 27.27 2.71
C TYR E 31 12.24 28.72 3.09
N ALA E 32 13.13 29.63 2.72
CA ALA E 32 12.90 31.05 3.01
C ALA E 32 12.28 31.74 1.80
N GLU E 33 11.11 32.35 2.01
CA GLU E 33 10.26 32.84 0.93
C GLU E 33 10.96 33.82 -0.03
N VAL E 34 12.02 34.47 0.44
CA VAL E 34 12.75 35.41 -0.41
C VAL E 34 13.51 34.67 -1.51
N ARG E 35 13.70 33.36 -1.35
CA ARG E 35 14.46 32.58 -2.30
C ARG E 35 13.76 32.40 -3.65
N THR E 36 12.46 32.71 -3.71
CA THR E 36 11.71 32.55 -4.95
C THR E 36 12.20 33.54 -6.01
N ALA E 37 11.89 33.23 -7.26
CA ALA E 37 12.31 34.06 -8.39
C ALA E 37 11.67 35.45 -8.37
N PHE E 38 10.52 35.57 -7.71
CA PHE E 38 9.84 36.86 -7.64
C PHE E 38 10.59 37.86 -6.78
N THR E 39 11.28 37.35 -5.76
CA THR E 39 11.78 38.21 -4.69
C THR E 39 13.29 38.15 -4.45
N HIS E 40 13.97 37.16 -5.00
CA HIS E 40 15.41 37.02 -4.80
C HIS E 40 16.20 38.02 -5.65
N PRO E 41 17.21 38.68 -5.04
CA PRO E 41 18.03 39.73 -5.65
C PRO E 41 18.53 39.42 -7.05
N THR E 42 18.91 38.17 -7.32
CA THR E 42 19.37 37.80 -8.65
C THR E 42 18.23 37.84 -9.66
N SER E 43 17.19 37.07 -9.37
CA SER E 43 16.06 36.91 -10.27
C SER E 43 15.29 38.20 -10.50
N PHE E 44 15.22 39.03 -9.45
CA PHE E 44 14.30 40.14 -9.36
C PHE E 44 14.33 41.10 -10.54
N PHE E 45 15.53 41.46 -11.00
CA PHE E 45 15.67 42.39 -12.11
C PHE E 45 15.78 41.64 -13.44
N LYS E 46 14.98 42.06 -14.41
CA LYS E 46 15.05 41.54 -15.77
C LYS E 46 15.01 42.72 -16.73
N PRO E 47 15.63 42.57 -17.91
CA PRO E 47 15.62 43.69 -18.87
C PRO E 47 14.28 43.87 -19.56
N ASN E 48 13.93 45.09 -19.92
CA ASN E 48 12.74 45.34 -20.73
C ASN E 48 13.08 45.13 -22.20
N TYR E 49 12.25 45.65 -23.09
CA TYR E 49 12.45 45.37 -24.52
C TYR E 49 13.34 46.40 -25.20
N LYS E 50 13.67 47.48 -24.51
CA LYS E 50 14.70 48.38 -25.00
C LYS E 50 15.97 48.19 -24.15
N GLY E 51 16.22 46.94 -23.77
CA GLY E 51 17.47 46.57 -23.13
C GLY E 51 17.64 46.91 -21.66
N GLU E 52 16.93 47.95 -21.20
CA GLU E 52 17.11 48.48 -19.85
C GLU E 52 16.64 47.54 -18.74
N VAL E 53 17.53 47.26 -17.80
CA VAL E 53 17.18 46.46 -16.63
C VAL E 53 16.26 47.23 -15.69
N LYS E 54 15.16 46.59 -15.31
CA LYS E 54 14.17 47.17 -14.39
C LYS E 54 13.74 46.10 -13.39
N PRO E 55 12.82 46.43 -12.47
CA PRO E 55 12.15 45.32 -11.77
C PRO E 55 11.30 44.53 -12.75
N TRP E 56 11.24 43.20 -12.60
CA TRP E 56 10.66 42.33 -13.62
C TRP E 56 9.24 42.75 -14.03
N PHE E 57 8.42 43.17 -13.07
CA PHE E 57 7.03 43.51 -13.37
C PHE E 57 6.90 44.88 -14.05
N LEU E 58 7.88 45.76 -13.83
CA LEU E 58 7.87 47.04 -14.51
C LEU E 58 8.30 46.86 -15.97
N SER E 59 9.17 45.90 -16.20
CA SER E 59 9.56 45.54 -17.56
C SER E 59 8.37 44.93 -18.29
N ALA E 60 7.64 44.07 -17.58
CA ALA E 60 6.44 43.44 -18.13
C ALA E 60 5.40 44.50 -18.47
N TYR E 61 5.25 45.47 -17.59
CA TYR E 61 4.36 46.60 -17.85
C TYR E 61 4.71 47.27 -19.17
N ASP E 62 6.00 47.48 -19.39
CA ASP E 62 6.50 48.10 -20.62
C ASP E 62 6.12 47.30 -21.86
N GLU E 63 6.17 45.97 -21.74
CA GLU E 63 5.76 45.10 -22.83
C GLU E 63 4.25 45.28 -23.09
N LYS E 64 3.47 45.24 -22.01
CA LYS E 64 2.02 45.42 -22.09
C LYS E 64 1.65 46.71 -22.81
N VAL E 65 2.32 47.80 -22.44
CA VAL E 65 2.05 49.11 -23.06
C VAL E 65 2.30 49.08 -24.56
N ARG E 66 3.46 48.56 -24.95
CA ARG E 66 3.83 48.46 -26.36
C ARG E 66 2.80 47.64 -27.14
N GLN E 67 2.48 46.46 -26.63
CA GLN E 67 1.55 45.54 -27.27
C GLN E 67 0.21 46.21 -27.54
N ILE E 68 -0.25 47.00 -26.58
CA ILE E 68 -1.51 47.72 -26.73
C ILE E 68 -1.42 48.82 -27.80
N GLU E 69 -0.36 49.61 -27.76
CA GLU E 69 -0.22 50.71 -28.71
C GLU E 69 -0.12 50.17 -30.14
N ASN E 70 0.53 49.02 -30.35
CA ASN E 70 0.55 48.39 -31.66
C ASN E 70 -0.30 47.12 -31.76
N GLY E 71 -1.53 47.19 -31.26
CA GLY E 71 -2.56 46.18 -31.47
C GLY E 71 -2.21 44.71 -31.28
N GLU E 72 -1.53 44.38 -30.19
CA GLU E 72 -1.12 43.00 -29.94
C GLU E 72 -1.79 42.39 -28.70
N ASN E 73 -2.34 41.18 -28.84
CA ASN E 73 -2.91 40.47 -27.71
C ASN E 73 -1.85 39.70 -26.93
N GLY E 74 -0.69 39.53 -27.52
CA GLY E 74 0.43 38.89 -26.83
C GLY E 74 1.72 39.25 -27.50
N PRO E 75 2.86 38.70 -27.01
CA PRO E 75 4.01 38.77 -27.89
C PRO E 75 3.60 37.89 -29.10
N LYS E 76 4.13 38.10 -30.31
CA LYS E 76 3.84 37.21 -31.47
C LYS E 76 2.52 37.61 -32.18
N MET E 77 1.54 37.97 -31.38
CA MET E 77 0.14 37.79 -31.72
C MET E 77 -0.55 39.11 -31.94
N LYS E 78 -1.01 39.33 -33.15
CA LYS E 78 -1.76 40.52 -33.40
C LYS E 78 -3.22 40.31 -32.96
N ALA E 79 -3.98 41.40 -32.93
CA ALA E 79 -5.35 41.40 -32.44
C ALA E 79 -6.26 41.98 -33.51
N LYS E 80 -7.58 41.80 -33.34
CA LYS E 80 -8.53 42.29 -34.32
C LYS E 80 -8.41 43.81 -34.47
N ASN E 81 -7.89 44.45 -33.43
CA ASN E 81 -7.54 45.87 -33.46
C ASN E 81 -6.88 46.32 -32.16
N VAL E 82 -6.79 47.63 -31.96
CA VAL E 82 -6.27 48.19 -30.72
C VAL E 82 -7.27 47.95 -29.59
N GLY E 83 -8.56 48.12 -29.91
CA GLY E 83 -9.64 47.96 -28.97
C GLY E 83 -9.59 46.64 -28.24
N GLU E 84 -9.54 45.54 -29.00
CA GLU E 84 -9.47 44.20 -28.42
C GLU E 84 -8.21 44.04 -27.59
N ALA E 85 -7.12 44.65 -28.04
CA ALA E 85 -5.86 44.59 -27.32
C ALA E 85 -6.01 45.23 -25.95
N ARG E 86 -6.61 46.42 -25.93
CA ARG E 86 -6.81 47.15 -24.67
C ARG E 86 -7.77 46.43 -23.74
N ALA E 87 -8.88 45.95 -24.29
CA ALA E 87 -9.91 45.27 -23.52
C ALA E 87 -9.33 44.09 -22.75
N GLY E 88 -8.50 43.29 -23.43
CA GLY E 88 -7.88 42.15 -22.80
C GLY E 88 -7.04 42.51 -21.60
N ARG E 89 -6.38 43.67 -21.66
CA ARG E 89 -5.51 44.10 -20.58
C ARG E 89 -6.29 44.86 -19.50
N ALA E 90 -7.40 45.47 -19.89
CA ALA E 90 -8.30 46.11 -18.93
C ALA E 90 -8.95 45.03 -18.06
N LEU E 91 -9.31 43.93 -18.69
CA LEU E 91 -9.93 42.80 -18.01
C LEU E 91 -8.94 42.17 -17.02
N GLU E 92 -7.68 42.07 -17.46
CA GLU E 92 -6.61 41.53 -16.61
C GLU E 92 -6.38 42.38 -15.37
N ALA E 93 -6.18 43.68 -15.60
CA ALA E 93 -5.91 44.62 -14.51
C ALA E 93 -7.06 44.63 -13.53
N ALA E 94 -8.27 44.71 -14.06
CA ALA E 94 -9.47 44.68 -13.22
C ALA E 94 -9.48 43.45 -12.34
N GLY E 95 -9.03 42.32 -12.89
CA GLY E 95 -9.04 41.06 -12.17
C GLY E 95 -8.30 41.06 -10.85
N TRP E 96 -7.24 41.87 -10.74
CA TRP E 96 -6.41 41.92 -9.53
C TRP E 96 -6.97 42.85 -8.44
N THR E 97 -8.22 43.26 -8.56
CA THR E 97 -8.76 44.31 -7.69
C THR E 97 -8.66 43.97 -6.19
N LEU E 98 -8.85 42.71 -5.84
CA LEU E 98 -8.74 42.31 -4.45
C LEU E 98 -7.45 41.55 -4.17
N ASP E 99 -6.36 41.97 -4.81
CA ASP E 99 -5.06 41.35 -4.59
C ASP E 99 -3.97 42.41 -4.44
N ILE E 100 -3.12 42.24 -3.44
CA ILE E 100 -2.04 43.20 -3.20
C ILE E 100 -0.71 42.71 -3.75
N ASN E 101 -0.14 43.46 -4.70
CA ASN E 101 1.19 43.21 -5.24
C ASN E 101 1.43 41.77 -5.68
N TYR E 102 0.48 41.23 -6.44
CA TYR E 102 0.62 39.93 -7.10
C TYR E 102 0.80 38.76 -6.13
N GLY E 103 -0.23 38.48 -5.34
CA GLY E 103 -0.24 37.28 -4.53
C GLY E 103 -0.62 37.39 -3.07
N ASN E 104 -0.78 38.62 -2.58
CA ASN E 104 -1.15 38.85 -1.18
C ASN E 104 -0.20 38.16 -0.18
N ILE E 105 1.10 38.19 -0.46
CA ILE E 105 2.02 37.34 0.31
C ILE E 105 2.40 37.88 1.68
N TYR E 106 2.20 39.18 1.94
CA TYR E 106 2.53 39.74 3.26
C TYR E 106 1.57 39.21 4.32
N PRO E 107 2.10 38.45 5.30
CA PRO E 107 1.22 37.94 6.36
C PRO E 107 0.75 39.05 7.29
N ASN E 108 -0.49 38.94 7.76
CA ASN E 108 -1.09 39.88 8.71
C ASN E 108 -1.06 41.32 8.20
N ARG E 109 -1.13 41.47 6.89
CA ARG E 109 -1.24 42.79 6.27
C ARG E 109 -2.45 42.84 5.34
N PHE E 110 -2.99 44.05 5.15
CA PHE E 110 -4.09 44.32 4.22
C PHE E 110 -5.26 43.32 4.31
N PHE E 111 -5.31 42.34 3.40
CA PHE E 111 -6.41 41.37 3.43
C PHE E 111 -6.13 40.15 4.29
N MET E 112 -4.86 39.89 4.58
CA MET E 112 -4.46 38.63 5.20
C MET E 112 -4.29 38.72 6.71
N LEU E 113 -5.26 39.33 7.37
CA LEU E 113 -5.18 39.51 8.82
C LEU E 113 -5.29 38.18 9.56
N TRP E 114 -4.38 37.97 10.50
CA TRP E 114 -4.34 36.73 11.27
C TRP E 114 -5.42 36.75 12.36
N SER E 115 -5.91 37.94 12.68
CA SER E 115 -7.01 38.08 13.63
C SER E 115 -8.15 38.88 13.03
N GLY E 116 -9.37 38.55 13.43
CA GLY E 116 -10.55 39.19 12.90
C GLY E 116 -11.00 40.43 13.64
N GLU E 117 -10.31 40.78 14.72
CA GLU E 117 -10.80 41.80 15.65
C GLU E 117 -11.04 43.20 15.05
N THR E 118 -10.22 43.60 14.08
CA THR E 118 -10.33 44.96 13.53
C THR E 118 -11.18 45.04 12.26
N MET E 119 -11.59 43.90 11.72
CA MET E 119 -12.42 43.89 10.51
C MET E 119 -13.77 44.53 10.76
N THR E 120 -14.29 45.21 9.76
CA THR E 120 -15.56 45.89 9.88
C THR E 120 -16.70 44.90 10.09
N ASN E 121 -16.57 43.70 9.53
CA ASN E 121 -17.60 42.67 9.73
C ASN E 121 -17.62 42.17 11.17
N THR E 122 -16.45 41.92 11.75
CA THR E 122 -16.38 41.49 13.14
C THR E 122 -16.97 42.53 14.07
N GLN E 123 -16.66 43.79 13.81
CA GLN E 123 -17.15 44.89 14.64
C GLN E 123 -18.66 44.99 14.59
N LEU E 124 -19.23 44.96 13.39
CA LEU E 124 -20.68 45.04 13.22
C LEU E 124 -21.36 43.94 13.99
N TRP E 125 -20.74 42.77 14.02
CA TRP E 125 -21.34 41.58 14.60
C TRP E 125 -20.94 41.34 16.05
N ALA E 126 -20.13 42.24 16.61
CA ALA E 126 -19.64 42.11 17.99
C ALA E 126 -20.70 41.78 19.05
N PRO E 127 -21.87 42.43 19.02
CA PRO E 127 -22.85 42.14 20.09
C PRO E 127 -23.30 40.68 20.15
N VAL E 128 -23.29 39.96 19.04
CA VAL E 128 -23.66 38.54 19.06
C VAL E 128 -22.52 37.72 19.68
N GLY E 129 -21.30 38.20 19.51
CA GLY E 129 -20.14 37.65 20.20
C GLY E 129 -19.71 36.24 19.84
N LEU E 130 -19.90 35.87 18.57
CA LEU E 130 -19.54 34.53 18.11
C LEU E 130 -18.03 34.29 18.16
N ASP E 131 -17.25 35.34 18.02
CA ASP E 131 -15.79 35.22 18.05
C ASP E 131 -15.25 35.08 19.46
N ARG E 132 -16.11 35.31 20.45
CA ARG E 132 -15.71 35.17 21.84
C ARG E 132 -16.36 33.97 22.53
N ARG E 133 -17.52 33.54 22.03
CA ARG E 133 -18.21 32.38 22.60
C ARG E 133 -17.48 31.08 22.29
N PRO E 134 -17.20 30.27 23.33
CA PRO E 134 -16.50 28.98 23.18
C PRO E 134 -17.29 28.01 22.31
N PRO E 135 -16.58 27.14 21.56
CA PRO E 135 -17.19 26.21 20.59
C PRO E 135 -18.32 25.37 21.14
N ASP E 136 -19.37 25.20 20.34
CA ASP E 136 -20.43 24.27 20.67
C ASP E 136 -20.23 22.96 19.90
N THR E 137 -19.13 22.88 19.16
CA THR E 137 -18.76 21.65 18.46
C THR E 137 -17.26 21.40 18.56
N THR E 138 -16.89 20.20 19.00
CA THR E 138 -15.49 19.81 19.07
C THR E 138 -15.24 18.49 18.34
N ASP E 139 -16.32 17.85 17.90
CA ASP E 139 -16.27 16.63 17.10
C ASP E 139 -15.73 16.95 15.70
N PRO E 140 -14.57 16.36 15.33
CA PRO E 140 -13.91 16.57 14.04
C PRO E 140 -14.73 16.10 12.84
N VAL E 141 -15.67 15.19 13.07
CA VAL E 141 -16.49 14.66 11.99
C VAL E 141 -17.51 15.70 11.53
N GLU E 142 -18.27 16.23 12.48
CA GLU E 142 -19.26 17.26 12.16
C GLU E 142 -18.60 18.57 11.73
N LEU E 143 -17.42 18.85 12.27
CA LEU E 143 -16.70 20.07 11.93
C LEU E 143 -16.20 20.06 10.49
N THR E 144 -15.73 18.91 10.03
CA THR E 144 -15.23 18.79 8.67
C THR E 144 -16.36 19.03 7.67
N ASN E 145 -17.53 18.49 7.98
CA ASN E 145 -18.71 18.68 7.14
C ASN E 145 -19.13 20.15 7.07
N TYR E 146 -19.23 20.79 8.23
CA TYR E 146 -19.57 22.21 8.32
C TYR E 146 -18.60 23.08 7.53
N VAL E 147 -17.31 22.88 7.77
CA VAL E 147 -16.30 23.77 7.21
C VAL E 147 -16.09 23.52 5.71
N LYS E 148 -16.31 22.29 5.26
CA LYS E 148 -16.18 22.02 3.83
C LYS E 148 -17.39 22.58 3.10
N PHE E 149 -18.54 22.57 3.78
CA PHE E 149 -19.75 23.20 3.26
C PHE E 149 -19.52 24.69 3.07
N ALA E 150 -18.97 25.33 4.11
CA ALA E 150 -18.68 26.76 4.09
C ALA E 150 -17.70 27.10 2.99
N ALA E 151 -16.70 26.24 2.80
CA ALA E 151 -15.66 26.45 1.79
C ALA E 151 -16.24 26.51 0.39
N ARG E 152 -17.28 25.70 0.14
CA ARG E 152 -17.92 25.72 -1.16
C ARG E 152 -18.70 27.01 -1.36
N MET E 153 -19.46 27.42 -0.35
CA MET E 153 -20.16 28.71 -0.37
C MET E 153 -19.20 29.85 -0.67
N ALA E 154 -17.97 29.70 -0.20
CA ALA E 154 -16.96 30.75 -0.31
C ALA E 154 -16.18 30.71 -1.62
N GLY E 155 -16.50 29.76 -2.49
CA GLY E 155 -15.96 29.76 -3.84
C GLY E 155 -14.93 28.72 -4.19
N ALA E 156 -14.69 27.77 -3.29
CA ALA E 156 -13.79 26.67 -3.59
C ALA E 156 -14.48 25.66 -4.50
N ASP E 157 -13.78 25.28 -5.57
CA ASP E 157 -14.28 24.22 -6.44
C ASP E 157 -13.82 22.86 -5.91
N LEU E 158 -12.69 22.88 -5.21
CA LEU E 158 -12.18 21.71 -4.50
C LEU E 158 -11.76 22.13 -3.09
N VAL E 159 -11.96 21.25 -2.11
CA VAL E 159 -11.49 21.52 -0.76
C VAL E 159 -11.01 20.23 -0.10
N GLY E 160 -9.94 20.32 0.70
CA GLY E 160 -9.39 19.17 1.38
C GLY E 160 -8.66 19.56 2.65
N VAL E 161 -8.49 18.59 3.56
CA VAL E 161 -7.82 18.84 4.83
C VAL E 161 -6.62 17.91 5.03
N ALA E 162 -5.53 18.47 5.54
CA ALA E 162 -4.38 17.69 5.95
C ALA E 162 -3.84 18.22 7.27
N ARG E 163 -3.13 17.37 8.01
CA ARG E 163 -2.36 17.86 9.14
C ARG E 163 -1.30 18.81 8.57
N LEU E 164 -1.00 19.87 9.30
CA LEU E 164 -0.02 20.83 8.83
C LEU E 164 1.40 20.28 8.96
N ASN E 165 2.13 20.28 7.85
CA ASN E 165 3.51 19.81 7.82
C ASN E 165 4.45 21.01 7.70
N ARG E 166 5.11 21.33 8.81
CA ARG E 166 5.87 22.58 8.94
C ARG E 166 7.00 22.71 7.93
N ASN E 167 7.46 21.56 7.44
CA ASN E 167 8.38 21.48 6.30
C ASN E 167 8.06 22.51 5.21
N TRP E 168 6.77 22.65 4.92
CA TRP E 168 6.32 23.47 3.79
C TRP E 168 6.04 24.92 4.19
N VAL E 169 6.03 25.20 5.49
CA VAL E 169 5.92 26.57 5.98
C VAL E 169 7.24 27.30 5.77
N TYR E 170 7.18 28.48 5.15
CA TYR E 170 8.36 29.32 4.98
C TYR E 170 9.08 29.56 6.30
N SER E 171 10.40 29.43 6.28
CA SER E 171 11.22 29.72 7.45
C SER E 171 11.08 31.19 7.81
N GLU E 172 11.16 32.03 6.79
CA GLU E 172 10.97 33.46 6.94
C GLU E 172 10.12 33.98 5.78
N ALA E 173 9.24 34.94 6.09
CA ALA E 173 8.32 35.45 5.08
C ALA E 173 8.77 36.81 4.57
N VAL E 174 8.41 37.11 3.32
CA VAL E 174 8.49 38.47 2.82
C VAL E 174 7.27 39.24 3.32
N THR E 175 7.50 40.42 3.87
CA THR E 175 6.40 41.23 4.39
C THR E 175 6.78 42.71 4.35
N ILE E 176 6.02 43.53 5.06
CA ILE E 176 6.36 44.94 5.23
C ILE E 176 6.13 45.35 6.69
N PRO E 177 6.82 46.39 7.16
CA PRO E 177 6.55 46.88 8.51
C PRO E 177 5.11 47.40 8.66
N ALA E 178 4.55 47.28 9.85
CA ALA E 178 3.17 47.65 10.10
C ALA E 178 2.90 49.14 9.86
N ASP E 179 3.93 49.95 10.03
CA ASP E 179 3.81 51.39 9.88
C ASP E 179 3.98 51.84 8.43
N VAL E 180 4.16 50.89 7.53
CA VAL E 180 4.38 51.23 6.13
C VAL E 180 3.07 51.16 5.33
N PRO E 181 2.68 52.32 4.76
CA PRO E 181 1.49 52.59 3.94
C PRO E 181 1.62 51.96 2.57
N TYR E 182 0.51 51.72 1.87
CA TYR E 182 0.58 50.92 0.66
C TYR E 182 1.51 51.50 -0.41
N GLU E 183 1.47 52.81 -0.61
CA GLU E 183 2.24 53.45 -1.67
C GLU E 183 3.74 53.17 -1.53
N GLN E 184 4.19 52.94 -0.31
CA GLN E 184 5.59 52.74 -0.04
C GLN E 184 5.99 51.25 -0.11
N SER E 185 4.99 50.38 0.05
CA SER E 185 5.19 48.93 0.24
C SER E 185 6.20 48.24 -0.69
N LEU E 186 6.22 48.62 -1.97
CA LEU E 186 7.12 47.97 -2.92
C LEU E 186 8.59 48.31 -2.68
N HIS E 187 8.85 49.24 -1.78
CA HIS E 187 10.21 49.72 -1.54
C HIS E 187 10.72 49.36 -0.14
N LYS E 188 9.84 48.84 0.70
CA LYS E 188 10.20 48.62 2.10
C LYS E 188 9.94 47.18 2.53
N GLU E 189 10.00 46.27 1.58
CA GLU E 189 9.81 44.85 1.86
C GLU E 189 10.98 44.28 2.66
N ILE E 190 10.65 43.53 3.70
CA ILE E 190 11.66 42.93 4.58
C ILE E 190 11.47 41.42 4.69
N GLU E 191 12.25 40.80 5.57
CA GLU E 191 12.03 39.40 5.93
C GLU E 191 11.67 39.32 7.40
N LYS E 192 10.94 38.27 7.76
CA LYS E 192 10.54 38.07 9.14
C LYS E 192 10.22 36.62 9.41
N PRO E 193 10.86 36.02 10.42
CA PRO E 193 10.71 34.60 10.74
C PRO E 193 9.27 34.17 11.03
N ILE E 194 8.97 32.91 10.77
CA ILE E 194 7.69 32.32 11.12
C ILE E 194 7.93 31.16 12.08
N VAL E 195 7.63 31.35 13.35
CA VAL E 195 7.96 30.37 14.38
C VAL E 195 6.74 29.83 15.10
N PHE E 196 6.94 28.78 15.88
CA PHE E 196 5.85 28.08 16.57
C PHE E 196 6.05 28.04 18.09
N LYS E 197 5.28 28.85 18.81
CA LYS E 197 5.40 28.95 20.26
C LYS E 197 4.08 28.63 20.94
N ASP E 198 4.04 28.72 22.27
CA ASP E 198 2.83 28.33 23.01
C ASP E 198 1.98 29.52 23.41
N VAL E 199 1.78 30.43 22.47
CA VAL E 199 0.85 31.54 22.61
C VAL E 199 -0.55 31.03 22.24
N PRO E 200 -1.61 31.52 22.93
CA PRO E 200 -2.93 30.93 22.65
C PRO E 200 -3.52 31.26 21.28
N LEU E 201 -3.06 32.34 20.66
CA LEU E 201 -3.61 32.79 19.39
C LEU E 201 -2.50 33.10 18.39
N PRO E 202 -2.79 33.01 17.08
CA PRO E 202 -1.84 33.51 16.09
C PRO E 202 -1.59 34.99 16.32
N ILE E 203 -0.33 35.38 16.42
CA ILE E 203 0.03 36.76 16.77
C ILE E 203 1.31 37.22 16.09
N GLU E 204 1.50 38.53 16.03
CA GLU E 204 2.74 39.11 15.49
C GLU E 204 3.41 40.02 16.52
N THR E 205 4.72 39.83 16.66
CA THR E 205 5.54 40.75 17.44
C THR E 205 6.37 41.56 16.45
N ASP E 206 7.15 42.51 16.95
CA ASP E 206 8.03 43.29 16.09
C ASP E 206 9.07 42.39 15.43
N ASP E 207 9.43 41.31 16.11
CA ASP E 207 10.51 40.44 15.65
C ASP E 207 9.99 39.20 14.94
N GLU E 208 8.84 38.70 15.38
CA GLU E 208 8.35 37.38 14.95
C GLU E 208 6.90 37.32 14.45
N LEU E 209 6.68 36.39 13.51
CA LEU E 209 5.33 35.91 13.22
C LEU E 209 5.12 34.60 13.96
N ILE E 210 4.16 34.55 14.87
CA ILE E 210 4.03 33.41 15.77
C ILE E 210 2.77 32.57 15.56
N ILE E 211 2.94 31.40 14.95
CA ILE E 211 1.86 30.42 14.86
C ILE E 211 1.83 29.56 16.12
N PRO E 212 0.64 29.40 16.72
CA PRO E 212 0.49 28.52 17.89
C PRO E 212 0.79 27.07 17.59
N ASN E 213 1.42 26.38 18.53
CA ASN E 213 1.65 24.93 18.41
C ASN E 213 0.36 24.13 18.31
N THR E 214 -0.76 24.77 18.61
CA THR E 214 -2.07 24.13 18.49
C THR E 214 -2.56 24.10 17.05
N CYS E 215 -1.88 24.83 16.17
CA CYS E 215 -2.28 24.88 14.78
C CYS E 215 -1.97 23.56 14.09
N GLU E 216 -2.95 22.65 14.17
CA GLU E 216 -2.78 21.26 13.78
C GLU E 216 -3.08 21.01 12.30
N ASN E 217 -3.97 21.82 11.73
CA ASN E 217 -4.52 21.52 10.42
C ASN E 217 -4.33 22.61 9.36
N VAL E 218 -4.30 22.18 8.10
CA VAL E 218 -4.37 23.10 6.98
C VAL E 218 -5.56 22.75 6.07
N ILE E 219 -6.32 23.76 5.69
CA ILE E 219 -7.43 23.58 4.77
C ILE E 219 -7.02 24.12 3.41
N VAL E 220 -7.07 23.27 2.40
CA VAL E 220 -6.63 23.66 1.07
C VAL E 220 -7.82 23.74 0.12
N ALA E 221 -7.84 24.77 -0.72
CA ALA E 221 -8.90 24.90 -1.69
C ALA E 221 -8.34 25.03 -3.09
N GLY E 222 -9.06 24.48 -4.06
CA GLY E 222 -8.76 24.70 -5.46
C GLY E 222 -9.76 25.68 -6.04
N ILE E 223 -9.27 26.64 -6.80
CA ILE E 223 -10.13 27.64 -7.43
C ILE E 223 -9.97 27.55 -8.94
N ALA E 224 -10.97 26.98 -9.60
CA ALA E 224 -10.86 26.60 -11.01
C ALA E 224 -10.79 27.79 -11.96
N MET E 225 -9.88 27.70 -12.93
CA MET E 225 -9.73 28.73 -13.94
C MET E 225 -10.54 28.40 -15.20
N ASN E 226 -10.79 29.40 -16.03
CA ASN E 226 -11.52 29.21 -17.28
C ASN E 226 -10.61 28.61 -18.35
N ARG E 227 -11.04 27.49 -18.94
CA ARG E 227 -10.17 26.78 -19.88
C ARG E 227 -10.01 27.50 -21.21
N GLU E 228 -11.11 28.05 -21.73
CA GLU E 228 -11.06 28.84 -22.97
C GLU E 228 -9.97 29.89 -22.88
N MET E 229 -9.94 30.57 -21.75
CA MET E 229 -9.03 31.68 -21.53
C MET E 229 -7.61 31.21 -21.27
N MET E 230 -7.45 30.06 -20.61
CA MET E 230 -6.11 29.56 -20.38
C MET E 230 -5.49 29.03 -21.67
N GLN E 231 -6.32 28.52 -22.58
CA GLN E 231 -5.84 28.02 -23.86
C GLN E 231 -5.18 29.10 -24.71
N THR E 232 -5.33 30.36 -24.30
CA THR E 232 -4.75 31.46 -25.07
C THR E 232 -3.37 31.85 -24.55
N ALA E 233 -2.85 31.08 -23.61
CA ALA E 233 -1.49 31.27 -23.11
C ALA E 233 -0.53 31.32 -24.31
N PRO E 234 0.43 32.26 -24.29
CA PRO E 234 0.80 33.21 -23.25
C PRO E 234 0.17 34.59 -23.41
N ASN E 235 -0.92 34.67 -24.17
CA ASN E 235 -1.55 35.96 -24.48
C ASN E 235 -2.47 36.44 -23.36
N SER E 236 -3.15 37.56 -23.59
CA SER E 236 -3.77 38.35 -22.52
C SER E 236 -4.93 37.70 -21.77
N MET E 237 -5.74 36.90 -22.45
CA MET E 237 -6.93 36.34 -21.81
C MET E 237 -6.56 35.26 -20.79
N ALA E 238 -5.32 34.78 -20.87
CA ALA E 238 -4.83 33.79 -19.92
C ALA E 238 -4.34 34.49 -18.65
N CYS E 239 -4.00 35.77 -18.77
CA CYS E 239 -3.60 36.57 -17.62
C CYS E 239 -4.84 37.00 -16.85
N ALA E 240 -5.91 37.30 -17.58
CA ALA E 240 -7.15 37.78 -16.99
C ALA E 240 -7.82 36.71 -16.12
N THR E 241 -7.84 35.47 -16.59
CA THR E 241 -8.45 34.40 -15.80
C THR E 241 -7.56 34.12 -14.59
N THR E 242 -6.26 34.32 -14.76
CA THR E 242 -5.30 34.20 -13.66
C THR E 242 -5.60 35.24 -12.59
N ALA E 243 -5.81 36.48 -13.04
CA ALA E 243 -6.03 37.61 -12.14
C ALA E 243 -7.31 37.47 -11.32
N PHE E 244 -8.42 37.23 -12.00
CA PHE E 244 -9.73 37.09 -11.36
C PHE E 244 -9.72 36.00 -10.28
N CYS E 245 -9.02 34.91 -10.54
CA CYS E 245 -8.96 33.81 -9.59
C CYS E 245 -8.14 34.16 -8.35
N TYR E 246 -7.21 35.11 -8.48
CA TYR E 246 -6.46 35.55 -7.31
C TYR E 246 -7.34 36.30 -6.34
N SER E 247 -8.22 37.15 -6.84
CA SER E 247 -9.06 37.89 -5.92
C SER E 247 -10.17 36.97 -5.41
N ARG E 248 -10.54 35.96 -6.19
CA ARG E 248 -11.44 34.91 -5.69
C ARG E 248 -10.76 34.16 -4.56
N MET E 249 -9.45 33.94 -4.70
CA MET E 249 -8.64 33.33 -3.65
C MET E 249 -8.76 34.13 -2.36
N CYS E 250 -8.61 35.45 -2.51
CA CYS E 250 -8.70 36.37 -1.39
C CYS E 250 -10.07 36.33 -0.73
N MET E 251 -11.12 36.43 -1.54
N MET E 251 -11.14 36.43 -1.51
CA MET E 251 -12.50 36.31 -1.10
CA MET E 251 -12.49 36.36 -0.94
C MET E 251 -12.69 35.05 -0.26
C MET E 251 -12.69 35.04 -0.21
N PHE E 252 -12.12 33.95 -0.73
CA PHE E 252 -12.23 32.66 -0.07
C PHE E 252 -11.60 32.69 1.32
N ASP E 253 -10.38 33.23 1.39
CA ASP E 253 -9.64 33.25 2.65
C ASP E 253 -10.39 34.03 3.73
N MET E 254 -10.80 35.24 3.42
CA MET E 254 -11.49 36.07 4.39
C MET E 254 -12.80 35.44 4.84
N TRP E 255 -13.60 35.00 3.87
CA TRP E 255 -14.83 34.26 4.14
C TRP E 255 -14.64 33.09 5.09
N LEU E 256 -13.76 32.17 4.72
CA LEU E 256 -13.59 30.94 5.48
C LEU E 256 -12.99 31.23 6.85
N CYS E 257 -12.05 32.16 6.90
CA CYS E 257 -11.45 32.54 8.18
C CYS E 257 -12.49 33.07 9.16
N GLN E 258 -13.37 33.95 8.70
CA GLN E 258 -14.42 34.51 9.54
C GLN E 258 -15.36 33.43 10.08
N PHE E 259 -15.72 32.47 9.22
CA PHE E 259 -16.57 31.36 9.63
C PHE E 259 -15.90 30.51 10.71
N ILE E 260 -14.63 30.21 10.51
CA ILE E 260 -13.86 29.42 11.46
C ILE E 260 -13.79 30.13 12.82
N ARG E 261 -13.56 31.43 12.78
CA ARG E 261 -13.48 32.25 13.99
C ARG E 261 -14.83 32.34 14.71
N TYR E 262 -15.90 32.53 13.95
CA TYR E 262 -17.24 32.63 14.51
C TYR E 262 -17.73 31.31 15.08
N MET E 263 -17.01 30.23 14.78
CA MET E 263 -17.33 28.91 15.32
C MET E 263 -16.60 28.65 16.64
N GLY E 264 -15.67 29.54 16.99
CA GLY E 264 -14.98 29.45 18.27
C GLY E 264 -13.52 29.04 18.20
N TYR E 265 -12.97 28.99 16.99
CA TYR E 265 -11.56 28.66 16.81
C TYR E 265 -10.84 29.84 16.17
N TYR E 266 -9.57 29.65 15.81
CA TYR E 266 -8.83 30.69 15.12
C TYR E 266 -8.44 30.23 13.72
N ALA E 267 -7.97 31.16 12.89
CA ALA E 267 -7.68 30.85 11.49
C ALA E 267 -6.67 31.81 10.87
N ILE E 268 -5.71 31.25 10.15
CA ILE E 268 -4.70 32.04 9.45
C ILE E 268 -4.82 31.87 7.94
N PRO E 269 -5.08 32.97 7.22
CA PRO E 269 -5.16 33.02 5.75
C PRO E 269 -3.77 33.19 5.13
N SER E 270 -3.63 32.94 3.83
CA SER E 270 -2.30 33.02 3.22
C SER E 270 -2.29 33.45 1.76
N CYS E 271 -3.21 32.91 0.96
CA CYS E 271 -3.14 33.02 -0.49
C CYS E 271 -1.78 32.52 -0.97
N ASN E 272 -0.99 33.37 -1.60
CA ASN E 272 0.32 32.96 -2.11
C ASN E 272 1.45 33.06 -1.07
N GLY E 273 1.10 33.32 0.17
CA GLY E 273 2.10 33.49 1.21
C GLY E 273 2.14 32.36 2.22
N VAL E 274 2.97 32.54 3.25
CA VAL E 274 3.12 31.64 4.41
C VAL E 274 3.74 30.28 4.10
N GLY E 275 3.29 29.60 3.04
CA GLY E 275 3.82 28.29 2.71
C GLY E 275 3.65 27.83 1.27
N GLN E 276 4.16 26.63 0.98
CA GLN E 276 4.12 26.09 -0.37
C GLN E 276 2.79 25.38 -0.64
N SER E 277 1.98 25.98 -1.50
CA SER E 277 0.63 25.50 -1.76
C SER E 277 0.57 24.12 -2.40
N VAL E 278 1.41 23.89 -3.40
CA VAL E 278 1.41 22.61 -4.13
C VAL E 278 1.61 21.44 -3.16
N ALA E 279 2.53 21.61 -2.22
CA ALA E 279 2.81 20.57 -1.24
C ALA E 279 1.60 20.32 -0.34
N PHE E 280 0.98 21.39 0.13
CA PHE E 280 -0.22 21.29 0.95
C PHE E 280 -1.34 20.62 0.16
N ALA E 281 -1.44 20.97 -1.11
CA ALA E 281 -2.48 20.43 -1.98
C ALA E 281 -2.35 18.91 -2.09
N VAL E 282 -1.13 18.44 -2.36
CA VAL E 282 -0.86 17.01 -2.52
C VAL E 282 -1.18 16.24 -1.25
N GLU E 283 -0.76 16.79 -0.11
CA GLU E 283 -1.00 16.12 1.17
C GLU E 283 -2.46 16.18 1.59
N ALA E 284 -3.17 17.22 1.15
CA ALA E 284 -4.59 17.34 1.42
C ALA E 284 -5.39 16.49 0.44
N GLY E 285 -4.72 15.99 -0.59
CA GLY E 285 -5.31 15.04 -1.51
C GLY E 285 -6.06 15.65 -2.68
N LEU E 286 -5.78 16.91 -2.99
CA LEU E 286 -6.42 17.54 -4.14
C LEU E 286 -5.90 16.94 -5.44
N GLY E 287 -4.65 16.49 -5.43
CA GLY E 287 -4.04 15.89 -6.59
C GLY E 287 -2.61 15.43 -6.35
N GLN E 288 -1.86 15.27 -7.42
CA GLN E 288 -0.47 14.82 -7.34
C GLN E 288 0.48 15.87 -7.90
N ALA E 289 1.72 15.84 -7.44
CA ALA E 289 2.77 16.68 -8.02
C ALA E 289 2.97 16.33 -9.49
N SER E 290 3.59 17.24 -10.25
CA SER E 290 3.74 17.04 -11.68
C SER E 290 5.10 17.51 -12.19
N ARG E 291 5.40 17.17 -13.44
CA ARG E 291 6.68 17.55 -14.05
C ARG E 291 6.84 19.07 -14.09
N MET E 292 5.79 19.76 -14.51
CA MET E 292 5.79 21.22 -14.55
C MET E 292 5.88 21.78 -13.14
N GLY E 293 5.48 21.00 -12.15
CA GLY E 293 5.61 21.39 -10.76
C GLY E 293 4.33 21.74 -10.04
N ALA E 294 3.21 21.70 -10.75
CA ALA E 294 1.93 22.07 -10.14
C ALA E 294 1.15 20.85 -9.64
N CYS E 295 0.12 21.10 -8.84
CA CYS E 295 -0.79 20.04 -8.44
C CYS E 295 -1.78 19.77 -9.57
N ILE E 296 -1.77 18.53 -10.07
CA ILE E 296 -2.69 18.14 -11.13
C ILE E 296 -3.88 17.41 -10.53
N THR E 297 -5.04 18.03 -10.66
CA THR E 297 -6.26 17.47 -10.08
C THR E 297 -6.99 16.63 -11.12
N PRO E 298 -7.76 15.63 -10.66
CA PRO E 298 -8.56 14.81 -11.60
C PRO E 298 -9.57 15.62 -12.41
N GLU E 299 -10.14 16.66 -11.81
CA GLU E 299 -11.22 17.42 -12.44
C GLU E 299 -10.73 18.49 -13.40
N PHE E 300 -9.72 19.24 -12.97
CA PHE E 300 -9.28 20.41 -13.72
C PHE E 300 -7.87 20.27 -14.26
N GLY E 301 -7.19 19.19 -13.88
CA GLY E 301 -5.78 19.06 -14.17
C GLY E 301 -5.00 20.08 -13.38
N PRO E 302 -4.01 20.72 -14.02
CA PRO E 302 -3.26 21.80 -13.36
C PRO E 302 -3.90 23.17 -13.57
N ASN E 303 -5.01 23.21 -14.30
CA ASN E 303 -5.69 24.48 -14.58
C ASN E 303 -6.58 24.92 -13.43
N VAL E 304 -5.97 25.05 -12.26
CA VAL E 304 -6.69 25.40 -11.04
C VAL E 304 -5.72 26.18 -10.15
N ARG E 305 -6.25 27.13 -9.39
CA ARG E 305 -5.40 27.86 -8.45
C ARG E 305 -5.61 27.34 -7.03
N LEU E 306 -4.67 27.66 -6.15
CA LEU E 306 -4.68 27.13 -4.80
C LEU E 306 -4.57 28.23 -3.75
N THR E 307 -5.24 28.02 -2.62
CA THR E 307 -4.99 28.84 -1.43
C THR E 307 -5.28 28.00 -0.20
N LYS E 308 -4.88 28.49 0.96
CA LYS E 308 -4.90 27.68 2.16
C LYS E 308 -5.25 28.47 3.41
N VAL E 309 -5.85 27.79 4.38
CA VAL E 309 -6.17 28.37 5.67
C VAL E 309 -5.74 27.44 6.81
N PHE E 310 -4.92 27.94 7.73
CA PHE E 310 -4.46 27.14 8.87
C PHE E 310 -5.36 27.36 10.09
N THR E 311 -5.71 26.27 10.78
CA THR E 311 -6.60 26.38 11.93
C THR E 311 -6.37 25.30 13.00
N ASN E 312 -6.77 25.62 14.22
CA ASN E 312 -6.71 24.67 15.33
C ASN E 312 -8.01 23.88 15.44
N MET E 313 -8.95 24.16 14.55
CA MET E 313 -10.22 23.44 14.55
C MET E 313 -9.99 21.97 14.26
N PRO E 314 -10.49 21.09 15.14
CA PRO E 314 -10.36 19.65 14.94
C PRO E 314 -11.06 19.21 13.65
N LEU E 315 -10.35 18.45 12.82
CA LEU E 315 -10.83 18.06 11.51
C LEU E 315 -10.32 16.67 11.12
N VAL E 316 -11.09 15.98 10.28
CA VAL E 316 -10.64 14.71 9.71
C VAL E 316 -9.80 14.98 8.46
N PRO E 317 -8.51 14.60 8.49
CA PRO E 317 -7.70 14.79 7.27
C PRO E 317 -8.15 13.85 6.17
N ASP E 318 -7.96 14.27 4.91
CA ASP E 318 -8.32 13.43 3.78
C ASP E 318 -7.12 12.61 3.32
N LYS E 319 -7.41 11.54 2.59
CA LYS E 319 -6.38 10.67 2.05
C LYS E 319 -5.72 11.32 0.84
N PRO E 320 -4.40 11.17 0.71
CA PRO E 320 -3.74 11.56 -0.55
C PRO E 320 -4.25 10.69 -1.70
N ILE E 321 -4.10 11.18 -2.93
CA ILE E 321 -4.65 10.48 -4.08
C ILE E 321 -3.57 10.10 -5.09
N ASP E 322 -3.68 8.90 -5.67
CA ASP E 322 -2.76 8.44 -6.69
C ASP E 322 -3.52 7.86 -7.88
N PHE E 323 -3.72 8.69 -8.90
CA PHE E 323 -4.28 8.19 -10.15
C PHE E 323 -3.18 8.15 -11.21
N GLY E 324 -1.97 7.81 -10.76
CA GLY E 324 -0.85 7.57 -11.65
C GLY E 324 -0.38 8.77 -12.44
N VAL E 325 -0.33 9.94 -11.80
CA VAL E 325 0.19 11.13 -12.46
C VAL E 325 1.70 11.02 -12.66
N THR E 326 2.39 10.54 -11.63
CA THR E 326 3.84 10.39 -11.66
C THR E 326 4.32 9.59 -12.87
N GLU E 327 3.71 8.43 -13.07
CA GLU E 327 4.10 7.53 -14.15
C GLU E 327 3.66 8.05 -15.51
N PHE E 328 2.58 8.81 -15.53
CA PHE E 328 2.15 9.46 -16.76
C PHE E 328 3.14 10.56 -17.13
N CYS E 329 3.59 11.28 -16.10
CA CYS E 329 4.52 12.39 -16.30
C CYS E 329 5.90 11.94 -16.75
N GLU E 330 6.35 10.79 -16.26
CA GLU E 330 7.70 10.33 -16.57
C GLU E 330 7.85 9.93 -18.04
N THR E 331 6.74 9.60 -18.70
CA THR E 331 6.78 9.25 -20.11
C THR E 331 6.39 10.43 -20.99
N CYS E 332 5.61 11.35 -20.43
CA CYS E 332 5.17 12.54 -21.15
C CYS E 332 6.20 13.67 -20.98
N LYS E 333 6.37 14.49 -22.01
CA LYS E 333 7.28 15.63 -21.91
C LYS E 333 6.68 16.89 -22.53
N LYS E 334 5.37 16.88 -22.76
CA LYS E 334 4.75 17.92 -23.58
C LYS E 334 4.96 19.33 -23.04
N CYS E 335 4.91 19.51 -21.72
CA CYS E 335 5.14 20.82 -21.14
C CYS E 335 6.59 21.26 -21.35
N ALA E 336 7.52 20.32 -21.19
CA ALA E 336 8.95 20.62 -21.29
C ALA E 336 9.36 21.10 -22.67
N ARG E 337 8.75 20.53 -23.71
CA ARG E 337 9.10 20.88 -25.08
C ARG E 337 8.38 22.16 -25.48
N GLU E 338 7.19 22.35 -24.94
CA GLU E 338 6.36 23.50 -25.28
C GLU E 338 6.80 24.78 -24.56
N CYS E 339 7.50 24.61 -23.45
CA CYS E 339 7.96 25.74 -22.63
C CYS E 339 8.92 26.64 -23.41
N PRO E 340 8.57 27.92 -23.56
CA PRO E 340 9.32 28.88 -24.38
C PRO E 340 10.62 29.35 -23.74
N SER E 341 11.03 28.72 -22.64
CA SER E 341 12.23 29.11 -21.92
C SER E 341 13.03 27.90 -21.44
N LYS E 342 12.54 26.71 -21.81
CA LYS E 342 13.13 25.43 -21.38
C LYS E 342 13.42 25.43 -19.89
N ALA E 343 12.47 25.96 -19.12
CA ALA E 343 12.61 26.08 -17.67
C ALA E 343 12.33 24.74 -17.00
N ILE E 344 11.59 23.89 -17.70
CA ILE E 344 11.11 22.63 -17.14
C ILE E 344 12.00 21.45 -17.55
N THR E 345 12.46 20.69 -16.55
CA THR E 345 13.37 19.58 -16.81
C THR E 345 12.72 18.48 -17.65
N GLU E 346 13.54 17.74 -18.37
CA GLU E 346 13.08 16.58 -19.12
C GLU E 346 13.62 15.30 -18.47
N GLY E 347 14.33 15.46 -17.37
CA GLY E 347 14.96 14.34 -16.69
C GLY E 347 14.14 13.72 -15.59
N PRO E 348 14.77 12.85 -14.79
CA PRO E 348 14.09 12.18 -13.67
C PRO E 348 13.97 13.08 -12.45
N ARG E 349 13.33 12.57 -11.39
CA ARG E 349 13.18 13.32 -10.15
C ARG E 349 14.42 13.19 -9.27
N THR E 350 14.84 14.29 -8.67
CA THR E 350 16.02 14.29 -7.80
C THR E 350 15.68 14.84 -6.42
N PHE E 351 16.71 15.03 -5.60
CA PHE E 351 16.55 15.63 -4.27
C PHE E 351 17.34 16.92 -4.20
N GLU E 352 17.83 17.37 -5.35
CA GLU E 352 18.80 18.45 -5.39
C GLU E 352 18.36 19.54 -6.35
N GLY E 353 18.41 20.78 -5.87
CA GLY E 353 17.98 21.92 -6.63
C GLY E 353 18.76 22.16 -7.91
N ARG E 354 18.04 22.50 -8.97
CA ARG E 354 18.67 23.03 -10.17
C ARG E 354 19.18 24.43 -9.85
N SER E 355 18.74 24.95 -8.71
CA SER E 355 18.97 26.34 -8.36
C SER E 355 18.63 26.69 -6.90
N ILE E 356 18.73 27.98 -6.60
CA ILE E 356 18.44 28.52 -5.27
C ILE E 356 16.93 28.56 -5.00
N HIS E 357 16.16 28.69 -6.08
CA HIS E 357 14.70 28.79 -5.98
C HIS E 357 14.07 27.49 -5.52
N ASN E 358 14.73 26.38 -5.80
CA ASN E 358 14.22 25.06 -5.42
C ASN E 358 14.54 24.72 -3.97
N GLN E 359 13.63 24.01 -3.31
CA GLN E 359 13.87 23.54 -1.94
C GLN E 359 14.34 22.09 -1.96
N SER E 360 15.61 21.86 -1.66
CA SER E 360 16.20 20.54 -1.76
C SER E 360 15.82 19.63 -0.60
N GLY E 361 15.83 18.32 -0.84
CA GLY E 361 15.55 17.36 0.19
C GLY E 361 14.20 16.70 0.02
N LYS E 362 13.50 17.03 -1.05
CA LYS E 362 12.22 16.42 -1.36
C LYS E 362 12.24 15.91 -2.80
N LEU E 363 11.76 14.69 -3.00
CA LEU E 363 11.83 14.06 -4.31
C LEU E 363 10.84 14.70 -5.29
N GLN E 364 11.39 15.41 -6.26
CA GLN E 364 10.58 16.10 -7.25
C GLN E 364 11.37 16.37 -8.51
N TRP E 365 10.67 16.65 -9.61
CA TRP E 365 11.32 17.20 -10.79
C TRP E 365 11.83 18.59 -10.43
N GLN E 366 13.08 18.88 -10.77
CA GLN E 366 13.63 20.21 -10.49
C GLN E 366 13.65 21.05 -11.76
N ASN E 367 12.99 22.21 -11.69
CA ASN E 367 12.91 23.11 -12.83
C ASN E 367 13.65 24.42 -12.57
N ASP E 368 14.01 25.11 -13.64
CA ASP E 368 14.65 26.42 -13.48
C ASP E 368 13.61 27.52 -13.56
N TYR E 369 13.15 27.97 -12.40
CA TYR E 369 12.09 28.96 -12.34
C TYR E 369 12.59 30.35 -12.69
N ASN E 370 13.91 30.50 -12.76
CA ASN E 370 14.51 31.77 -13.14
C ASN E 370 14.33 32.07 -14.63
N LYS E 371 14.49 31.05 -15.49
CA LYS E 371 14.27 31.30 -16.91
C LYS E 371 12.77 31.36 -17.20
N CYS E 372 11.98 30.70 -16.37
CA CYS E 372 10.52 30.82 -16.47
C CYS E 372 10.12 32.28 -16.31
N LEU E 373 10.54 32.86 -15.19
CA LEU E 373 10.27 34.27 -14.91
C LEU E 373 10.77 35.17 -16.03
N GLY E 374 11.95 34.87 -16.55
CA GLY E 374 12.57 35.68 -17.60
C GLY E 374 11.67 35.90 -18.80
N TYR E 375 10.78 34.94 -19.05
CA TYR E 375 9.88 35.01 -20.19
C TYR E 375 8.68 35.93 -19.95
N TRP E 376 8.37 36.21 -18.68
CA TRP E 376 7.23 37.05 -18.36
C TRP E 376 7.37 38.49 -18.88
N PRO E 377 8.53 39.15 -18.67
CA PRO E 377 8.65 40.48 -19.27
C PRO E 377 8.62 40.47 -20.80
N GLU E 378 9.10 39.39 -21.41
CA GLU E 378 9.07 39.30 -22.87
C GLU E 378 7.65 39.18 -23.39
N SER E 379 6.90 38.26 -22.81
CA SER E 379 5.54 38.00 -23.26
C SER E 379 4.58 39.11 -22.81
N GLY E 380 4.77 39.60 -21.61
CA GLY E 380 3.93 40.65 -21.07
C GLY E 380 2.76 40.07 -20.29
N GLY E 381 3.06 39.01 -19.54
CA GLY E 381 2.03 38.34 -18.76
C GLY E 381 2.61 37.29 -17.85
N TYR E 382 1.87 36.20 -17.65
CA TYR E 382 2.30 35.15 -16.72
C TYR E 382 2.33 33.80 -17.42
N CYS E 383 2.55 33.84 -18.74
CA CYS E 383 2.68 32.66 -19.61
C CYS E 383 1.57 31.64 -19.37
N GLY E 384 1.91 30.53 -18.73
CA GLY E 384 0.96 29.48 -18.44
C GLY E 384 0.81 28.45 -19.54
N VAL E 385 1.74 28.46 -20.50
CA VAL E 385 1.74 27.51 -21.60
C VAL E 385 1.71 26.06 -21.11
N CYS E 386 2.52 25.77 -20.09
CA CYS E 386 2.64 24.42 -19.55
C CYS E 386 1.31 23.89 -19.02
N VAL E 387 0.52 24.79 -18.44
CA VAL E 387 -0.79 24.43 -17.93
C VAL E 387 -1.74 24.15 -19.08
N ALA E 388 -1.67 25.00 -20.10
CA ALA E 388 -2.56 24.92 -21.25
C ALA E 388 -2.34 23.66 -22.10
N VAL E 389 -1.09 23.21 -22.20
CA VAL E 389 -0.78 22.09 -23.08
C VAL E 389 -0.80 20.74 -22.37
N CYS E 390 -0.89 20.73 -21.05
CA CYS E 390 -0.92 19.48 -20.30
C CYS E 390 -2.18 18.68 -20.63
N PRO E 391 -2.00 17.39 -20.94
CA PRO E 391 -3.12 16.52 -21.32
C PRO E 391 -4.20 16.46 -20.24
N PHE E 392 -3.82 16.68 -18.99
CA PHE E 392 -4.78 16.66 -17.89
C PHE E 392 -5.69 17.90 -17.89
N THR E 393 -5.25 18.95 -18.57
CA THR E 393 -5.95 20.24 -18.49
C THR E 393 -7.33 20.23 -19.17
N LYS E 394 -7.39 19.77 -20.41
CA LYS E 394 -8.66 19.87 -21.14
C LYS E 394 -9.62 18.73 -20.82
N GLY E 395 -9.19 17.82 -19.96
CA GLY E 395 -10.08 16.88 -19.30
C GLY E 395 -11.04 16.08 -20.17
N ASN E 396 -10.48 15.32 -21.11
CA ASN E 396 -11.23 14.33 -21.86
C ASN E 396 -10.58 12.97 -21.58
N ILE E 397 -9.70 12.99 -20.60
CA ILE E 397 -8.73 11.92 -20.40
C ILE E 397 -9.28 10.71 -19.65
N TRP E 398 -10.48 10.83 -19.07
CA TRP E 398 -11.02 9.75 -18.26
C TRP E 398 -12.03 8.87 -18.98
N ILE E 399 -11.75 7.56 -19.03
CA ILE E 399 -12.72 6.60 -19.56
C ILE E 399 -12.86 5.38 -18.65
N HIS E 400 -14.09 4.91 -18.53
CA HIS E 400 -14.39 3.74 -17.73
C HIS E 400 -14.31 2.46 -18.59
N ASP E 401 -13.68 1.41 -18.08
CA ASP E 401 -13.37 0.21 -18.88
C ASP E 401 -14.41 -0.92 -18.76
N GLY E 402 -15.30 -0.81 -17.77
CA GLY E 402 -16.25 -1.86 -17.51
C GLY E 402 -16.10 -2.37 -16.08
N VAL E 403 -14.85 -2.36 -15.61
CA VAL E 403 -14.56 -2.80 -14.25
C VAL E 403 -14.00 -1.64 -13.40
N GLU E 404 -13.34 -0.68 -14.04
CA GLU E 404 -12.64 0.37 -13.30
C GLU E 404 -12.62 1.73 -14.00
N TRP E 405 -12.18 2.74 -13.26
CA TRP E 405 -11.96 4.07 -13.82
C TRP E 405 -10.50 4.23 -14.24
N LEU E 406 -10.31 4.62 -15.50
CA LEU E 406 -8.98 4.64 -16.14
C LEU E 406 -8.53 5.90 -16.82
N ILE E 407 -7.22 6.03 -16.95
CA ILE E 407 -6.65 7.08 -17.78
C ILE E 407 -6.36 6.58 -19.19
N ASP E 408 -7.03 7.23 -20.14
CA ASP E 408 -6.79 7.11 -21.57
C ASP E 408 -5.31 7.26 -21.91
N ASN E 409 -4.71 6.19 -22.46
CA ASN E 409 -3.32 6.26 -22.92
C ASN E 409 -3.22 6.81 -24.34
N ASN E 431 -8.29 33.93 -32.80
CA ASN E 431 -8.51 32.98 -31.72
C ASN E 431 -9.10 33.63 -30.47
N ILE E 432 -8.40 34.63 -29.93
CA ILE E 432 -8.86 35.31 -28.72
C ILE E 432 -10.16 36.07 -28.98
N THR E 433 -10.33 36.59 -30.19
CA THR E 433 -11.60 37.20 -30.57
C THR E 433 -12.73 36.17 -30.46
N GLU E 434 -12.42 34.91 -30.73
CA GLU E 434 -13.41 33.85 -30.61
C GLU E 434 -13.77 33.61 -29.14
N VAL E 435 -12.82 33.83 -28.25
CA VAL E 435 -13.07 33.66 -26.82
C VAL E 435 -14.00 34.77 -26.31
N TRP E 436 -13.71 36.01 -26.69
CA TRP E 436 -14.55 37.15 -26.33
C TRP E 436 -15.98 36.98 -26.82
N ASP E 437 -16.15 36.38 -27.99
CA ASP E 437 -17.49 36.18 -28.55
C ASP E 437 -18.08 34.82 -28.19
N GLY E 438 -17.27 33.99 -27.53
CA GLY E 438 -17.63 32.61 -27.29
C GLY E 438 -18.35 32.34 -25.97
N LYS E 439 -18.24 31.10 -25.51
CA LYS E 439 -18.95 30.63 -24.33
C LYS E 439 -18.42 31.20 -23.02
N ILE E 440 -19.33 31.63 -22.16
CA ILE E 440 -18.97 32.08 -20.82
C ILE E 440 -20.13 31.83 -19.86
N ASN E 441 -19.81 31.73 -18.58
CA ASN E 441 -20.81 31.58 -17.54
C ASN E 441 -20.27 32.23 -16.26
N THR E 442 -21.01 32.10 -15.16
CA THR E 442 -20.66 32.80 -13.92
C THR E 442 -19.27 32.41 -13.39
N TYR E 443 -18.46 33.44 -13.10
CA TYR E 443 -17.07 33.29 -12.64
C TYR E 443 -16.17 32.49 -13.58
N GLY E 444 -16.63 32.26 -14.80
CA GLY E 444 -15.84 31.53 -15.78
C GLY E 444 -15.95 30.02 -15.61
N LEU E 445 -16.74 29.59 -14.65
CA LEU E 445 -16.98 28.17 -14.46
C LEU E 445 -17.71 27.61 -15.67
N ASP E 446 -17.52 26.32 -15.92
CA ASP E 446 -18.08 25.68 -17.11
C ASP E 446 -19.20 24.72 -16.73
N ALA E 447 -20.38 24.93 -17.33
CA ALA E 447 -21.55 24.15 -16.95
C ALA E 447 -21.43 22.68 -17.34
N ASP E 448 -20.61 22.40 -18.35
CA ASP E 448 -20.46 21.04 -18.85
C ASP E 448 -19.73 20.13 -17.88
N HIS E 449 -18.99 20.72 -16.94
CA HIS E 449 -18.23 19.94 -15.96
C HIS E 449 -18.56 20.36 -14.52
N PHE E 450 -19.40 21.38 -14.37
CA PHE E 450 -19.77 21.87 -13.04
C PHE E 450 -20.38 20.75 -12.21
N ARG E 451 -20.94 19.77 -12.89
CA ARG E 451 -21.51 18.59 -12.25
C ARG E 451 -20.44 17.76 -11.53
N ASP E 452 -19.18 17.95 -11.91
CA ASP E 452 -18.09 17.17 -11.34
C ASP E 452 -17.71 17.60 -9.92
N THR E 453 -18.19 18.76 -9.49
CA THR E 453 -17.81 19.27 -8.17
C THR E 453 -19.00 19.37 -7.22
N VAL E 454 -20.12 18.75 -7.58
CA VAL E 454 -21.27 18.71 -6.68
C VAL E 454 -20.89 17.85 -5.48
N SER E 455 -21.37 18.23 -4.30
CA SER E 455 -20.91 17.61 -3.08
C SER E 455 -22.02 17.33 -2.07
N PHE E 456 -22.02 16.11 -1.55
CA PHE E 456 -22.90 15.72 -0.47
C PHE E 456 -22.02 15.40 0.72
N ARG E 457 -22.62 15.17 1.88
CA ARG E 457 -21.81 14.92 3.07
C ARG E 457 -21.08 13.59 2.98
N LYS E 458 -21.59 12.71 2.13
CA LYS E 458 -20.97 11.39 1.93
C LYS E 458 -19.53 11.59 1.54
N ASP E 459 -19.30 12.60 0.69
CA ASP E 459 -17.98 12.87 0.16
C ASP E 459 -17.28 14.06 0.84
N ARG E 460 -17.85 14.59 1.91
CA ARG E 460 -17.18 15.67 2.64
C ARG E 460 -16.39 15.12 3.83
N VAL E 461 -16.91 14.09 4.48
CA VAL E 461 -16.17 13.44 5.57
C VAL E 461 -16.52 11.97 5.70
N ILE F 10 -33.26 30.62 -22.95
CA ILE F 10 -33.47 31.77 -23.83
C ILE F 10 -34.66 32.62 -23.36
N ARG F 11 -34.47 33.94 -23.40
CA ARG F 11 -35.47 34.88 -22.96
C ARG F 11 -35.94 35.76 -24.12
N GLN F 12 -35.56 35.34 -25.33
CA GLN F 12 -35.94 36.05 -26.55
C GLN F 12 -37.44 35.93 -26.82
N GLN F 13 -38.00 34.83 -26.35
CA GLN F 13 -39.42 34.52 -26.48
C GLN F 13 -40.32 35.65 -25.97
N PHE F 14 -39.94 36.21 -24.82
CA PHE F 14 -40.82 37.12 -24.10
C PHE F 14 -40.40 38.59 -24.12
N ALA F 15 -39.63 38.99 -25.13
CA ALA F 15 -39.21 40.38 -25.23
C ALA F 15 -40.39 41.30 -25.49
N MET F 16 -40.41 42.45 -24.83
CA MET F 16 -41.31 43.54 -25.18
C MET F 16 -40.63 44.41 -26.24
N THR F 17 -41.21 45.56 -26.54
CA THR F 17 -40.54 46.52 -27.39
C THR F 17 -39.89 47.61 -26.53
N ALA F 18 -39.14 48.51 -27.17
CA ALA F 18 -38.43 49.57 -26.45
C ALA F 18 -39.40 50.43 -25.63
N GLY F 19 -38.94 50.89 -24.47
CA GLY F 19 -39.77 51.72 -23.61
C GLY F 19 -39.94 51.12 -22.22
N SER F 20 -40.09 51.98 -21.22
CA SER F 20 -40.19 51.53 -19.83
C SER F 20 -41.52 50.85 -19.50
N PRO F 21 -41.44 49.64 -18.92
CA PRO F 21 -42.56 48.81 -18.48
C PRO F 21 -43.21 49.28 -17.17
N ILE F 22 -42.66 50.30 -16.54
CA ILE F 22 -43.25 50.84 -15.32
C ILE F 22 -44.10 52.05 -15.66
N ILE F 23 -45.33 52.09 -15.17
CA ILE F 23 -46.18 53.24 -15.49
C ILE F 23 -46.34 54.15 -14.27
N VAL F 24 -46.12 55.43 -14.53
CA VAL F 24 -46.09 56.45 -13.50
C VAL F 24 -47.21 57.45 -13.75
N ASN F 25 -47.69 58.12 -12.71
CA ASN F 25 -48.60 59.23 -12.94
C ASN F 25 -47.84 60.54 -12.85
N ASP F 26 -48.53 61.59 -12.41
CA ASP F 26 -47.94 62.92 -12.37
C ASP F 26 -47.39 63.26 -10.99
N LYS F 27 -47.93 62.60 -9.97
CA LYS F 27 -47.53 62.86 -8.59
C LYS F 27 -46.26 62.10 -8.19
N LEU F 28 -45.55 61.57 -9.18
CA LEU F 28 -44.34 60.79 -8.88
C LEU F 28 -43.10 61.67 -8.81
N GLU F 29 -42.41 61.60 -7.69
CA GLU F 29 -41.17 62.33 -7.52
C GLU F 29 -40.09 61.41 -6.94
N ARG F 30 -38.83 61.82 -7.03
CA ARG F 30 -37.73 61.00 -6.54
C ARG F 30 -37.86 60.79 -5.03
N TYR F 31 -37.28 59.68 -4.56
CA TYR F 31 -37.53 59.16 -3.22
C TYR F 31 -36.28 59.29 -2.34
N ALA F 32 -36.45 59.75 -1.12
CA ALA F 32 -35.32 59.96 -0.20
C ALA F 32 -34.99 58.66 0.52
N GLU F 33 -33.75 58.23 0.43
CA GLU F 33 -33.32 56.94 0.97
C GLU F 33 -33.66 56.79 2.46
N VAL F 34 -33.66 57.91 3.18
CA VAL F 34 -33.95 57.90 4.61
C VAL F 34 -35.37 57.36 4.89
N ARG F 35 -36.22 57.41 3.87
CA ARG F 35 -37.62 57.02 4.03
C ARG F 35 -37.83 55.52 4.12
N THR F 36 -36.79 54.74 3.81
CA THR F 36 -36.92 53.29 3.87
C THR F 36 -37.04 52.86 5.33
N ALA F 37 -37.57 51.66 5.53
CA ALA F 37 -37.85 51.17 6.88
C ALA F 37 -36.57 50.93 7.70
N PHE F 38 -35.47 50.64 7.00
CA PHE F 38 -34.18 50.41 7.65
C PHE F 38 -33.67 51.66 8.39
N THR F 39 -34.10 52.83 7.96
CA THR F 39 -33.49 54.08 8.42
C THR F 39 -34.42 55.12 9.04
N HIS F 40 -35.73 54.90 8.96
CA HIS F 40 -36.69 55.94 9.32
C HIS F 40 -37.02 55.93 10.82
N PRO F 41 -37.08 57.14 11.42
CA PRO F 41 -37.39 57.32 12.85
C PRO F 41 -38.63 56.56 13.31
N THR F 42 -39.60 56.39 12.42
CA THR F 42 -40.85 55.72 12.77
C THR F 42 -40.69 54.20 12.82
N SER F 43 -39.70 53.67 12.10
CA SER F 43 -39.55 52.22 11.96
C SER F 43 -38.25 51.70 12.54
N PHE F 44 -37.23 52.57 12.59
CA PHE F 44 -35.87 52.21 13.00
C PHE F 44 -35.83 51.39 14.29
N PHE F 45 -36.57 51.84 15.31
CA PHE F 45 -36.56 51.18 16.61
C PHE F 45 -37.62 50.08 16.72
N LYS F 46 -37.24 48.96 17.32
CA LYS F 46 -38.15 47.84 17.55
C LYS F 46 -37.83 47.18 18.89
N PRO F 47 -38.84 46.61 19.55
CA PRO F 47 -38.56 45.94 20.83
C PRO F 47 -37.92 44.58 20.64
N ASN F 48 -37.06 44.15 21.56
CA ASN F 48 -36.55 42.79 21.53
C ASN F 48 -37.54 41.87 22.24
N TYR F 49 -37.16 40.62 22.46
CA TYR F 49 -38.08 39.66 23.06
C TYR F 49 -38.35 40.00 24.53
N LYS F 50 -37.47 40.80 25.12
CA LYS F 50 -37.65 41.28 26.49
C LYS F 50 -38.32 42.66 26.55
N GLY F 51 -38.90 43.10 25.43
CA GLY F 51 -39.61 44.37 25.38
C GLY F 51 -38.75 45.62 25.30
N GLU F 52 -37.45 45.51 25.56
CA GLU F 52 -36.56 46.67 25.51
C GLU F 52 -36.41 47.21 24.09
N VAL F 53 -36.73 48.49 23.91
CA VAL F 53 -36.68 49.11 22.59
C VAL F 53 -35.26 49.48 22.20
N LYS F 54 -34.79 48.90 21.10
CA LYS F 54 -33.44 49.11 20.59
C LYS F 54 -33.48 49.30 19.07
N PRO F 55 -32.38 49.76 18.46
CA PRO F 55 -32.27 49.70 17.00
C PRO F 55 -32.58 48.29 16.50
N TRP F 56 -33.34 48.18 15.42
CA TRP F 56 -33.92 46.90 15.00
C TRP F 56 -32.91 45.76 14.89
N PHE F 57 -31.71 46.07 14.39
CA PHE F 57 -30.73 45.03 14.17
C PHE F 57 -30.12 44.55 15.49
N LEU F 58 -30.16 45.42 16.51
CA LEU F 58 -29.67 45.04 17.83
C LEU F 58 -30.68 44.17 18.57
N SER F 59 -31.97 44.48 18.43
CA SER F 59 -33.02 43.63 18.96
C SER F 59 -32.88 42.24 18.35
N ALA F 60 -32.76 42.22 17.02
CA ALA F 60 -32.58 40.99 16.27
C ALA F 60 -31.38 40.19 16.76
N TYR F 61 -30.28 40.89 17.04
CA TYR F 61 -29.08 40.27 17.59
C TYR F 61 -29.39 39.46 18.84
N ASP F 62 -30.16 40.08 19.74
CA ASP F 62 -30.55 39.44 20.99
C ASP F 62 -31.30 38.14 20.74
N GLU F 63 -32.19 38.14 19.75
CA GLU F 63 -32.95 36.94 19.42
C GLU F 63 -32.06 35.85 18.83
N LYS F 64 -31.00 36.27 18.12
CA LYS F 64 -30.01 35.32 17.61
C LYS F 64 -29.29 34.62 18.75
N VAL F 65 -28.88 35.40 19.74
CA VAL F 65 -28.16 34.88 20.90
C VAL F 65 -29.05 33.93 21.72
N ARG F 66 -30.31 34.29 21.89
CA ARG F 66 -31.23 33.48 22.67
C ARG F 66 -31.51 32.13 22.00
N GLN F 67 -31.56 32.12 20.67
CA GLN F 67 -31.77 30.88 19.93
C GLN F 67 -30.58 29.94 20.08
N ILE F 68 -29.38 30.50 20.13
CA ILE F 68 -28.17 29.68 20.22
C ILE F 68 -28.05 29.06 21.61
N GLU F 69 -28.43 29.80 22.64
CA GLU F 69 -28.49 29.25 23.99
C GLU F 69 -29.49 28.10 24.03
N ASN F 70 -30.62 28.31 23.38
CA ASN F 70 -31.71 27.34 23.40
C ASN F 70 -31.70 26.38 22.22
N GLY F 71 -30.56 26.30 21.53
CA GLY F 71 -30.39 25.37 20.43
C GLY F 71 -31.49 25.42 19.38
N GLU F 72 -31.81 26.61 18.91
CA GLU F 72 -32.83 26.78 17.88
C GLU F 72 -32.21 27.33 16.59
N ASN F 73 -32.81 26.98 15.46
CA ASN F 73 -32.36 27.49 14.16
C ASN F 73 -33.14 28.72 13.74
N GLY F 74 -34.22 28.99 14.45
CA GLY F 74 -35.11 30.09 14.14
C GLY F 74 -36.19 30.23 15.19
N PRO F 75 -37.23 31.03 14.90
CA PRO F 75 -38.29 31.30 15.88
C PRO F 75 -39.05 30.03 16.26
N LYS F 76 -38.88 29.59 17.50
CA LYS F 76 -39.53 28.38 18.02
C LYS F 76 -39.33 27.21 17.07
N MET F 77 -38.11 27.06 16.59
CA MET F 77 -37.73 25.98 15.68
C MET F 77 -36.50 25.28 16.25
N LYS F 78 -36.71 24.08 16.79
CA LYS F 78 -35.64 23.39 17.51
C LYS F 78 -34.58 22.84 16.54
N ALA F 79 -33.32 23.18 16.82
CA ALA F 79 -32.21 22.69 16.00
C ALA F 79 -31.86 21.27 16.41
N LYS F 80 -30.96 20.65 15.66
CA LYS F 80 -30.52 19.29 15.97
C LYS F 80 -29.81 19.26 17.32
N ASN F 81 -29.04 20.33 17.57
CA ASN F 81 -28.38 20.54 18.84
C ASN F 81 -27.89 21.99 18.87
N VAL F 82 -27.30 22.41 19.99
CA VAL F 82 -26.83 23.79 20.12
C VAL F 82 -25.69 24.07 19.12
N GLY F 83 -24.93 23.04 18.79
CA GLY F 83 -23.84 23.18 17.83
C GLY F 83 -24.31 23.50 16.43
N GLU F 84 -25.42 22.89 16.01
CA GLU F 84 -26.00 23.16 14.70
C GLU F 84 -26.53 24.59 14.64
N ALA F 85 -27.18 24.99 15.72
CA ALA F 85 -27.72 26.35 15.83
C ALA F 85 -26.62 27.39 15.68
N ARG F 86 -25.49 27.14 16.34
CA ARG F 86 -24.37 28.07 16.27
C ARG F 86 -23.73 28.07 14.89
N ALA F 87 -23.69 26.90 14.26
CA ALA F 87 -23.09 26.75 12.95
C ALA F 87 -23.78 27.63 11.91
N GLY F 88 -25.11 27.65 11.94
CA GLY F 88 -25.89 28.43 11.00
C GLY F 88 -25.68 29.92 11.17
N ARG F 89 -25.54 30.36 12.41
CA ARG F 89 -25.32 31.76 12.71
C ARG F 89 -23.90 32.19 12.40
N ALA F 90 -22.96 31.27 12.56
CA ALA F 90 -21.57 31.52 12.22
C ALA F 90 -21.39 31.70 10.71
N LEU F 91 -22.12 30.90 9.95
CA LEU F 91 -22.07 30.98 8.49
C LEU F 91 -22.69 32.26 7.99
N GLU F 92 -23.82 32.65 8.59
CA GLU F 92 -24.49 33.90 8.27
C GLU F 92 -23.58 35.10 8.49
N ALA F 93 -23.01 35.18 9.69
CA ALA F 93 -22.15 36.30 10.05
C ALA F 93 -20.93 36.41 9.13
N ALA F 94 -20.35 35.26 8.78
CA ALA F 94 -19.18 35.22 7.93
C ALA F 94 -19.48 35.75 6.54
N GLY F 95 -20.66 35.42 6.03
CA GLY F 95 -21.07 35.83 4.70
C GLY F 95 -20.98 37.32 4.43
N TRP F 96 -21.19 38.12 5.47
CA TRP F 96 -21.20 39.58 5.35
C TRP F 96 -19.80 40.22 5.34
N THR F 97 -18.74 39.43 5.23
CA THR F 97 -17.38 39.95 5.42
C THR F 97 -17.07 41.18 4.55
N LEU F 98 -17.47 41.15 3.28
CA LEU F 98 -17.18 42.27 2.39
C LEU F 98 -18.38 43.20 2.20
N ASP F 99 -19.12 43.44 3.28
CA ASP F 99 -20.29 44.31 3.23
C ASP F 99 -20.32 45.25 4.44
N ILE F 100 -20.62 46.53 4.20
CA ILE F 100 -20.62 47.53 5.27
C ILE F 100 -22.02 47.84 5.82
N ASN F 101 -22.22 47.58 7.12
CA ASN F 101 -23.44 47.94 7.84
C ASN F 101 -24.73 47.56 7.10
N TYR F 102 -24.75 46.33 6.59
CA TYR F 102 -25.92 45.75 5.95
C TYR F 102 -26.39 46.48 4.70
N GLY F 103 -25.54 46.50 3.67
CA GLY F 103 -25.99 46.97 2.37
C GLY F 103 -25.04 47.82 1.55
N ASN F 104 -23.93 48.26 2.14
CA ASN F 104 -22.99 49.12 1.44
C ASN F 104 -23.62 50.39 0.86
N ILE F 105 -24.60 50.97 1.57
CA ILE F 105 -25.40 52.03 0.98
C ILE F 105 -24.70 53.40 0.91
N TYR F 106 -23.77 53.67 1.84
CA TYR F 106 -23.05 54.95 1.84
C TYR F 106 -22.30 55.13 0.52
N PRO F 107 -22.73 56.08 -0.31
CA PRO F 107 -22.01 56.27 -1.58
C PRO F 107 -20.64 56.92 -1.38
N ASN F 108 -19.68 56.53 -2.21
CA ASN F 108 -18.32 57.04 -2.14
C ASN F 108 -17.68 56.83 -0.77
N ARG F 109 -17.99 55.69 -0.15
CA ARG F 109 -17.37 55.30 1.12
C ARG F 109 -16.93 53.85 1.05
N PHE F 110 -15.86 53.54 1.77
CA PHE F 110 -15.37 52.17 1.93
C PHE F 110 -15.19 51.42 0.60
N PHE F 111 -16.10 50.51 0.24
CA PHE F 111 -15.95 49.78 -1.02
C PHE F 111 -16.56 50.53 -2.20
N MET F 112 -17.51 51.42 -1.93
CA MET F 112 -18.30 52.05 -2.97
C MET F 112 -17.71 53.37 -3.49
N LEU F 113 -16.40 53.39 -3.72
CA LEU F 113 -15.72 54.60 -4.19
C LEU F 113 -16.16 54.96 -5.60
N TRP F 114 -16.39 56.26 -5.83
CA TRP F 114 -16.88 56.71 -7.13
C TRP F 114 -15.73 56.95 -8.11
N SER F 115 -14.50 56.84 -7.61
CA SER F 115 -13.32 56.95 -8.46
C SER F 115 -12.32 55.85 -8.12
N GLY F 116 -11.53 55.46 -9.10
CA GLY F 116 -10.57 54.38 -8.92
C GLY F 116 -9.25 54.79 -8.32
N GLU F 117 -8.93 56.09 -8.43
CA GLU F 117 -7.59 56.62 -8.19
C GLU F 117 -6.87 56.13 -6.93
N THR F 118 -7.59 56.01 -5.82
CA THR F 118 -6.95 55.69 -4.54
C THR F 118 -6.88 54.20 -4.23
N MET F 119 -7.49 53.37 -5.07
CA MET F 119 -7.48 51.92 -4.85
C MET F 119 -6.10 51.33 -5.07
N THR F 120 -5.72 50.40 -4.21
CA THR F 120 -4.42 49.76 -4.28
C THR F 120 -4.17 49.08 -5.63
N ASN F 121 -5.23 48.56 -6.23
CA ASN F 121 -5.14 47.94 -7.55
C ASN F 121 -4.77 48.96 -8.64
N THR F 122 -5.45 50.10 -8.60
CA THR F 122 -5.17 51.19 -9.53
C THR F 122 -3.74 51.69 -9.39
N GLN F 123 -3.29 51.79 -8.14
CA GLN F 123 -1.95 52.28 -7.85
C GLN F 123 -0.88 51.34 -8.40
N LEU F 124 -1.10 50.04 -8.23
CA LEU F 124 -0.18 49.03 -8.75
C LEU F 124 -0.08 49.11 -10.27
N TRP F 125 -1.20 49.45 -10.91
CA TRP F 125 -1.29 49.43 -12.36
C TRP F 125 -1.16 50.80 -13.02
N ALA F 126 -0.82 51.82 -12.22
CA ALA F 126 -0.60 53.16 -12.74
C ALA F 126 0.41 53.23 -13.91
N PRO F 127 1.58 52.55 -13.80
CA PRO F 127 2.55 52.66 -14.90
C PRO F 127 2.04 52.25 -16.29
N VAL F 128 0.93 51.53 -16.36
CA VAL F 128 0.32 51.19 -17.65
C VAL F 128 -0.59 52.34 -18.09
N GLY F 129 -1.28 52.95 -17.14
CA GLY F 129 -2.07 54.14 -17.41
C GLY F 129 -3.38 53.91 -18.13
N LEU F 130 -3.96 52.72 -17.97
CA LEU F 130 -5.24 52.38 -18.58
C LEU F 130 -6.34 53.34 -18.13
N ASP F 131 -6.25 53.80 -16.88
CA ASP F 131 -7.28 54.64 -16.29
C ASP F 131 -7.23 56.08 -16.82
N ARG F 132 -6.12 56.46 -17.44
CA ARG F 132 -5.99 57.81 -17.96
C ARG F 132 -5.90 57.81 -19.48
N ARG F 133 -5.50 56.67 -20.06
CA ARG F 133 -5.53 56.50 -21.51
C ARG F 133 -6.96 56.65 -22.03
N PRO F 134 -7.14 57.41 -23.12
CA PRO F 134 -8.46 57.58 -23.72
C PRO F 134 -8.98 56.28 -24.33
N PRO F 135 -10.31 56.12 -24.44
CA PRO F 135 -10.90 54.84 -24.85
C PRO F 135 -10.61 54.46 -26.30
N ASP F 136 -10.16 53.21 -26.51
CA ASP F 136 -9.89 52.72 -27.85
C ASP F 136 -11.14 52.11 -28.50
N THR F 137 -12.25 52.10 -27.77
CA THR F 137 -13.52 51.62 -28.31
C THR F 137 -14.66 52.56 -27.96
N THR F 138 -15.52 52.83 -28.92
CA THR F 138 -16.68 53.70 -28.73
C THR F 138 -17.94 53.07 -29.32
N ASP F 139 -17.75 52.03 -30.12
CA ASP F 139 -18.84 51.24 -30.67
C ASP F 139 -19.63 50.58 -29.54
N PRO F 140 -20.91 50.95 -29.39
CA PRO F 140 -21.73 50.43 -28.28
C PRO F 140 -22.00 48.93 -28.41
N VAL F 141 -22.03 48.44 -29.65
CA VAL F 141 -22.21 47.01 -29.90
C VAL F 141 -21.07 46.22 -29.28
N GLU F 142 -19.84 46.59 -29.61
CA GLU F 142 -18.67 45.88 -29.12
C GLU F 142 -18.47 46.04 -27.62
N LEU F 143 -18.79 47.22 -27.11
CA LEU F 143 -18.66 47.49 -25.68
C LEU F 143 -19.65 46.69 -24.84
N THR F 144 -20.86 46.49 -25.38
CA THR F 144 -21.88 45.73 -24.67
C THR F 144 -21.48 44.26 -24.57
N ASN F 145 -20.73 43.79 -25.57
CA ASN F 145 -20.20 42.42 -25.52
C ASN F 145 -19.08 42.33 -24.51
N TYR F 146 -18.15 43.28 -24.58
CA TYR F 146 -17.02 43.34 -23.66
C TYR F 146 -17.47 43.40 -22.19
N VAL F 147 -18.35 44.34 -21.89
CA VAL F 147 -18.72 44.59 -20.50
C VAL F 147 -19.62 43.49 -19.94
N LYS F 148 -20.34 42.78 -20.79
CA LYS F 148 -21.21 41.71 -20.32
C LYS F 148 -20.39 40.45 -20.04
N PHE F 149 -19.36 40.23 -20.85
CA PHE F 149 -18.43 39.12 -20.63
C PHE F 149 -17.73 39.30 -19.29
N ALA F 150 -17.31 40.52 -19.00
CA ALA F 150 -16.63 40.85 -17.76
C ALA F 150 -17.55 40.73 -16.56
N ALA F 151 -18.81 41.11 -16.74
CA ALA F 151 -19.80 41.03 -15.67
C ALA F 151 -20.00 39.58 -15.24
N ARG F 152 -20.02 38.68 -16.21
CA ARG F 152 -20.14 37.25 -15.91
C ARG F 152 -18.89 36.77 -15.19
N MET F 153 -17.74 37.25 -15.62
CA MET F 153 -16.47 36.93 -14.95
C MET F 153 -16.48 37.48 -13.53
N ALA F 154 -17.09 38.65 -13.35
CA ALA F 154 -17.16 39.27 -12.03
C ALA F 154 -18.23 38.64 -11.15
N GLY F 155 -18.91 37.61 -11.67
CA GLY F 155 -19.79 36.81 -10.84
C GLY F 155 -21.27 37.11 -10.94
N ALA F 156 -21.68 37.79 -12.01
CA ALA F 156 -23.10 37.97 -12.27
C ALA F 156 -23.69 36.72 -12.92
N ASP F 157 -24.82 36.24 -12.40
CA ASP F 157 -25.52 35.13 -13.00
C ASP F 157 -26.42 35.63 -14.12
N LEU F 158 -26.83 36.90 -13.99
CA LEU F 158 -27.63 37.61 -14.98
C LEU F 158 -27.05 39.01 -15.16
N VAL F 159 -27.11 39.54 -16.37
CA VAL F 159 -26.70 40.94 -16.58
C VAL F 159 -27.54 41.58 -17.69
N GLY F 160 -27.92 42.83 -17.48
CA GLY F 160 -28.72 43.57 -18.43
C GLY F 160 -28.42 45.06 -18.41
N VAL F 161 -28.71 45.74 -19.51
CA VAL F 161 -28.43 47.16 -19.65
C VAL F 161 -29.68 47.98 -19.94
N ALA F 162 -29.82 49.10 -19.23
CA ALA F 162 -30.88 50.06 -19.52
C ALA F 162 -30.32 51.48 -19.54
N ARG F 163 -31.05 52.38 -20.20
CA ARG F 163 -30.80 53.80 -20.02
C ARG F 163 -31.14 54.12 -18.56
N LEU F 164 -30.47 55.11 -17.99
CA LEU F 164 -30.71 55.45 -16.59
C LEU F 164 -31.93 56.34 -16.41
N ASN F 165 -32.94 55.80 -15.73
CA ASN F 165 -34.12 56.56 -15.35
C ASN F 165 -33.88 57.22 -13.98
N ARG F 166 -33.73 58.55 -13.99
CA ARG F 166 -33.44 59.30 -12.77
C ARG F 166 -34.54 59.19 -11.73
N ASN F 167 -35.73 58.77 -12.17
CA ASN F 167 -36.86 58.59 -11.27
C ASN F 167 -36.58 57.62 -10.14
N TRP F 168 -35.70 56.65 -10.40
CA TRP F 168 -35.42 55.61 -9.44
C TRP F 168 -34.13 55.87 -8.67
N VAL F 169 -33.48 57.00 -8.96
CA VAL F 169 -32.35 57.45 -8.18
C VAL F 169 -32.80 58.20 -6.94
N TYR F 170 -32.30 57.80 -5.78
CA TYR F 170 -32.63 58.45 -4.51
C TYR F 170 -32.41 59.96 -4.60
N SER F 171 -33.39 60.71 -4.09
CA SER F 171 -33.26 62.17 -4.07
C SER F 171 -32.12 62.56 -3.15
N GLU F 172 -32.06 61.90 -2.00
CA GLU F 172 -31.00 62.10 -1.02
C GLU F 172 -30.53 60.75 -0.48
N ALA F 173 -29.23 60.53 -0.52
CA ALA F 173 -28.67 59.27 -0.02
C ALA F 173 -28.46 59.34 1.48
N VAL F 174 -28.45 58.17 2.12
CA VAL F 174 -28.01 58.04 3.49
C VAL F 174 -26.53 57.72 3.49
N THR F 175 -25.72 58.61 4.05
CA THR F 175 -24.28 58.43 4.06
C THR F 175 -23.67 58.90 5.38
N ILE F 176 -22.35 58.90 5.45
CA ILE F 176 -21.65 59.46 6.61
C ILE F 176 -20.70 60.54 6.13
N PRO F 177 -20.36 61.50 7.02
CA PRO F 177 -19.32 62.48 6.67
C PRO F 177 -18.00 61.79 6.39
N ALA F 178 -17.15 62.42 5.58
CA ALA F 178 -15.96 61.75 5.06
C ALA F 178 -14.86 61.53 6.11
N ASP F 179 -14.96 62.20 7.25
CA ASP F 179 -13.91 62.10 8.27
C ASP F 179 -14.34 61.24 9.45
N VAL F 180 -15.55 60.69 9.37
CA VAL F 180 -16.04 59.80 10.42
C VAL F 180 -15.49 58.39 10.21
N PRO F 181 -14.84 57.83 11.24
CA PRO F 181 -14.27 56.47 11.19
C PRO F 181 -15.37 55.41 11.21
N TYR F 182 -15.05 54.18 10.83
CA TYR F 182 -16.08 53.15 10.75
C TYR F 182 -16.78 52.88 12.08
N GLU F 183 -16.03 52.92 13.18
CA GLU F 183 -16.56 52.48 14.46
C GLU F 183 -17.62 53.43 15.02
N GLN F 184 -17.77 54.60 14.40
CA GLN F 184 -18.80 55.55 14.83
C GLN F 184 -19.88 55.72 13.77
N SER F 185 -19.73 55.03 12.65
CA SER F 185 -20.56 55.26 11.46
C SER F 185 -22.05 55.04 11.70
N LEU F 186 -22.41 53.99 12.43
CA LEU F 186 -23.82 53.70 12.72
C LEU F 186 -24.54 54.86 13.41
N HIS F 187 -23.77 55.75 14.04
CA HIS F 187 -24.34 56.85 14.81
C HIS F 187 -24.08 58.21 14.20
N LYS F 188 -23.63 58.24 12.95
CA LYS F 188 -23.28 59.51 12.32
C LYS F 188 -23.87 59.64 10.92
N GLU F 189 -24.80 58.75 10.60
CA GLU F 189 -25.41 58.75 9.28
C GLU F 189 -26.18 60.05 9.03
N ILE F 190 -25.90 60.66 7.89
CA ILE F 190 -26.56 61.90 7.49
C ILE F 190 -27.28 61.72 6.15
N GLU F 191 -28.09 62.71 5.78
CA GLU F 191 -28.66 62.76 4.44
C GLU F 191 -27.80 63.67 3.58
N LYS F 192 -27.72 63.36 2.28
CA LYS F 192 -26.94 64.16 1.36
C LYS F 192 -27.49 64.00 -0.05
N PRO F 193 -27.88 65.12 -0.68
CA PRO F 193 -28.58 65.03 -1.96
C PRO F 193 -27.71 64.53 -3.12
N ILE F 194 -28.35 63.80 -4.03
CA ILE F 194 -27.72 63.35 -5.26
C ILE F 194 -28.26 64.19 -6.42
N VAL F 195 -27.36 64.84 -7.17
CA VAL F 195 -27.79 65.77 -8.20
C VAL F 195 -27.08 65.52 -9.54
N PHE F 196 -27.82 65.71 -10.63
CA PHE F 196 -27.25 65.58 -11.97
C PHE F 196 -26.82 66.95 -12.46
N LYS F 197 -25.55 67.05 -12.86
CA LYS F 197 -24.97 68.32 -13.30
C LYS F 197 -24.01 68.06 -14.45
N ASP F 198 -23.61 69.11 -15.16
CA ASP F 198 -22.71 68.94 -16.30
C ASP F 198 -21.24 69.05 -15.90
N VAL F 199 -20.71 67.96 -15.40
CA VAL F 199 -19.33 67.87 -14.96
C VAL F 199 -18.65 66.72 -15.69
N PRO F 200 -17.32 66.78 -15.83
CA PRO F 200 -16.55 65.71 -16.49
C PRO F 200 -16.65 64.35 -15.80
N LEU F 201 -16.72 64.34 -14.47
CA LEU F 201 -16.61 63.09 -13.71
C LEU F 201 -17.54 63.06 -12.50
N PRO F 202 -17.84 61.85 -11.99
CA PRO F 202 -18.56 61.78 -10.72
C PRO F 202 -17.70 62.37 -9.61
N ILE F 203 -18.28 63.25 -8.79
CA ILE F 203 -17.50 63.94 -7.78
C ILE F 203 -18.38 64.23 -6.56
N GLU F 204 -17.78 64.13 -5.38
CA GLU F 204 -18.47 64.49 -4.15
C GLU F 204 -17.96 65.81 -3.60
N THR F 205 -18.89 66.70 -3.26
CA THR F 205 -18.57 67.94 -2.56
C THR F 205 -19.10 67.79 -1.14
N ASP F 206 -18.93 68.83 -0.33
CA ASP F 206 -19.39 68.77 1.05
C ASP F 206 -20.92 68.85 1.11
N ASP F 207 -21.50 69.40 0.07
CA ASP F 207 -22.95 69.57 0.01
C ASP F 207 -23.66 68.48 -0.80
N GLU F 208 -22.99 67.98 -1.83
CA GLU F 208 -23.66 67.14 -2.83
C GLU F 208 -22.85 65.95 -3.35
N LEU F 209 -23.56 64.87 -3.67
CA LEU F 209 -23.06 63.80 -4.51
C LEU F 209 -23.48 64.12 -5.94
N ILE F 210 -22.51 64.26 -6.84
CA ILE F 210 -22.79 64.80 -8.16
C ILE F 210 -22.52 63.82 -9.31
N ILE F 211 -23.59 63.46 -10.01
CA ILE F 211 -23.50 62.57 -11.16
C ILE F 211 -23.55 63.36 -12.46
N PRO F 212 -22.56 63.15 -13.34
CA PRO F 212 -22.52 63.84 -14.64
C PRO F 212 -23.80 63.60 -15.46
N ASN F 213 -24.27 64.62 -16.18
CA ASN F 213 -25.44 64.46 -17.04
C ASN F 213 -25.18 63.41 -18.13
N THR F 214 -23.91 63.16 -18.41
CA THR F 214 -23.49 62.22 -19.43
C THR F 214 -23.55 60.76 -18.94
N CYS F 215 -24.00 60.57 -17.71
CA CYS F 215 -24.19 59.24 -17.15
C CYS F 215 -25.43 58.59 -17.77
N GLU F 216 -25.26 58.05 -18.97
CA GLU F 216 -26.37 57.58 -19.78
C GLU F 216 -27.00 56.28 -19.29
N ASN F 217 -26.16 55.33 -18.87
CA ASN F 217 -26.61 53.95 -18.69
C ASN F 217 -26.41 53.36 -17.29
N VAL F 218 -27.26 52.39 -16.96
CA VAL F 218 -27.07 51.58 -15.76
C VAL F 218 -26.93 50.11 -16.16
N ILE F 219 -25.95 49.45 -15.56
CA ILE F 219 -25.74 48.02 -15.76
C ILE F 219 -26.26 47.24 -14.56
N VAL F 220 -27.24 46.37 -14.76
CA VAL F 220 -27.84 45.64 -13.65
C VAL F 220 -27.44 44.17 -13.65
N ALA F 221 -27.05 43.67 -12.47
CA ALA F 221 -26.60 42.29 -12.34
C ALA F 221 -27.50 41.49 -11.41
N GLY F 222 -27.67 40.22 -11.74
CA GLY F 222 -28.40 39.30 -10.89
C GLY F 222 -27.45 38.31 -10.26
N ILE F 223 -27.51 38.19 -8.93
CA ILE F 223 -26.65 37.30 -8.17
C ILE F 223 -27.50 36.19 -7.52
N ALA F 224 -27.44 35.00 -8.09
CA ALA F 224 -28.34 33.91 -7.68
C ALA F 224 -28.04 33.39 -6.28
N MET F 225 -29.10 33.28 -5.47
CA MET F 225 -29.02 32.70 -4.13
C MET F 225 -29.22 31.19 -4.18
N ASN F 226 -28.90 30.50 -3.08
CA ASN F 226 -29.06 29.05 -3.00
C ASN F 226 -30.50 28.65 -2.67
N ARG F 227 -31.07 27.76 -3.49
CA ARG F 227 -32.48 27.41 -3.37
C ARG F 227 -32.79 26.64 -2.09
N GLU F 228 -31.92 25.70 -1.73
CA GLU F 228 -32.15 24.86 -0.56
C GLU F 228 -32.12 25.67 0.73
N MET F 229 -31.12 26.52 0.87
CA MET F 229 -30.92 27.31 2.08
C MET F 229 -32.06 28.32 2.27
N MET F 230 -32.54 28.89 1.17
CA MET F 230 -33.62 29.87 1.22
C MET F 230 -34.96 29.23 1.56
N GLN F 231 -35.15 27.97 1.17
CA GLN F 231 -36.36 27.23 1.52
C GLN F 231 -36.49 27.04 3.02
N THR F 232 -35.41 27.29 3.76
CA THR F 232 -35.40 27.13 5.20
C THR F 232 -35.86 28.40 5.92
N ALA F 233 -36.23 29.42 5.14
CA ALA F 233 -36.72 30.67 5.71
C ALA F 233 -37.93 30.42 6.61
N PRO F 234 -38.02 31.15 7.74
CA PRO F 234 -37.18 32.27 8.17
C PRO F 234 -35.97 31.90 9.03
N ASN F 235 -35.43 30.70 8.87
CA ASN F 235 -34.34 30.27 9.73
C ASN F 235 -32.94 30.60 9.16
N SER F 236 -31.90 30.30 9.94
CA SER F 236 -30.54 30.80 9.70
C SER F 236 -29.95 30.61 8.31
N MET F 237 -30.19 29.46 7.69
CA MET F 237 -29.53 29.17 6.43
C MET F 237 -30.13 30.01 5.30
N ALA F 238 -31.34 30.51 5.53
CA ALA F 238 -31.91 31.52 4.65
C ALA F 238 -31.14 32.83 4.81
N CYS F 239 -30.75 33.11 6.06
CA CYS F 239 -29.97 34.30 6.36
C CYS F 239 -28.58 34.21 5.74
N ALA F 240 -28.03 33.01 5.73
CA ALA F 240 -26.65 32.79 5.32
C ALA F 240 -26.44 32.95 3.82
N THR F 241 -27.40 32.50 3.01
CA THR F 241 -27.26 32.64 1.57
C THR F 241 -27.46 34.10 1.18
N THR F 242 -28.29 34.81 1.95
CA THR F 242 -28.49 36.25 1.79
C THR F 242 -27.19 37.00 2.03
N ALA F 243 -26.53 36.66 3.13
CA ALA F 243 -25.30 37.35 3.53
C ALA F 243 -24.17 37.17 2.51
N PHE F 244 -23.96 35.93 2.09
CA PHE F 244 -22.90 35.63 1.13
C PHE F 244 -23.11 36.35 -0.20
N CYS F 245 -24.38 36.50 -0.60
CA CYS F 245 -24.66 37.14 -1.88
C CYS F 245 -24.49 38.66 -1.82
N TYR F 246 -24.52 39.22 -0.62
CA TYR F 246 -24.22 40.65 -0.47
C TYR F 246 -22.73 40.90 -0.70
N SER F 247 -21.90 39.97 -0.24
CA SER F 247 -20.47 40.08 -0.47
C SER F 247 -20.16 39.83 -1.94
N ARG F 248 -20.91 38.94 -2.57
CA ARG F 248 -20.77 38.70 -4.01
C ARG F 248 -21.15 39.95 -4.80
N MET F 249 -22.20 40.63 -4.36
CA MET F 249 -22.60 41.91 -4.96
C MET F 249 -21.45 42.91 -4.94
N CYS F 250 -20.86 43.06 -3.77
CA CYS F 250 -19.83 44.07 -3.55
C CYS F 250 -18.61 43.82 -4.43
N MET F 251 -18.20 42.56 -4.53
CA MET F 251 -17.07 42.25 -5.41
C MET F 251 -17.42 42.39 -6.88
N PHE F 252 -18.70 42.20 -7.22
CA PHE F 252 -19.13 42.45 -8.59
C PHE F 252 -18.92 43.92 -8.93
N ASP F 253 -19.36 44.80 -8.03
CA ASP F 253 -19.29 46.24 -8.27
C ASP F 253 -17.86 46.73 -8.49
N MET F 254 -16.95 46.31 -7.61
CA MET F 254 -15.57 46.82 -7.66
C MET F 254 -14.84 46.32 -8.90
N TRP F 255 -15.02 45.05 -9.21
CA TRP F 255 -14.37 44.47 -10.37
C TRP F 255 -14.83 45.11 -11.66
N LEU F 256 -16.14 45.20 -11.84
CA LEU F 256 -16.69 45.75 -13.06
C LEU F 256 -16.37 47.22 -13.20
N CYS F 257 -16.46 47.96 -12.08
CA CYS F 257 -16.10 49.37 -12.10
C CYS F 257 -14.66 49.56 -12.56
N GLN F 258 -13.76 48.72 -12.05
CA GLN F 258 -12.35 48.77 -12.45
C GLN F 258 -12.18 48.47 -13.94
N PHE F 259 -12.95 47.51 -14.46
CA PHE F 259 -12.89 47.18 -15.88
C PHE F 259 -13.31 48.35 -16.74
N ILE F 260 -14.46 48.92 -16.40
CA ILE F 260 -14.99 50.08 -17.09
C ILE F 260 -14.00 51.25 -17.08
N ARG F 261 -13.40 51.51 -15.91
CA ARG F 261 -12.40 52.57 -15.77
C ARG F 261 -11.19 52.31 -16.64
N TYR F 262 -10.70 51.07 -16.64
CA TYR F 262 -9.54 50.69 -17.42
C TYR F 262 -9.82 50.67 -18.92
N MET F 263 -11.09 50.81 -19.30
CA MET F 263 -11.48 50.86 -20.70
C MET F 263 -11.59 52.31 -21.19
N GLY F 264 -11.50 53.26 -20.25
CA GLY F 264 -11.49 54.67 -20.58
C GLY F 264 -12.74 55.45 -20.23
N TYR F 265 -13.59 54.87 -19.39
CA TYR F 265 -14.83 55.53 -19.00
C TYR F 265 -14.92 55.61 -17.49
N TYR F 266 -15.96 56.23 -16.95
CA TYR F 266 -16.12 56.28 -15.49
C TYR F 266 -17.25 55.36 -15.02
N ALA F 267 -17.21 54.99 -13.73
CA ALA F 267 -18.15 54.02 -13.20
C ALA F 267 -18.52 54.30 -11.74
N ILE F 268 -19.82 54.24 -11.45
CA ILE F 268 -20.31 54.44 -10.10
C ILE F 268 -20.95 53.16 -9.57
N PRO F 269 -20.37 52.60 -8.50
CA PRO F 269 -20.93 51.41 -7.85
C PRO F 269 -22.08 51.80 -6.94
N SER F 270 -22.86 50.84 -6.43
CA SER F 270 -23.98 51.21 -5.59
C SER F 270 -24.41 50.16 -4.57
N CYS F 271 -24.35 48.90 -4.97
CA CYS F 271 -24.94 47.81 -4.18
C CYS F 271 -26.38 48.16 -3.80
N ASN F 272 -26.67 48.26 -2.50
CA ASN F 272 -28.02 48.62 -2.07
C ASN F 272 -28.28 50.14 -2.03
N GLY F 273 -27.24 50.92 -2.30
CA GLY F 273 -27.35 52.36 -2.24
C GLY F 273 -27.73 53.01 -3.56
N VAL F 274 -27.73 54.34 -3.56
CA VAL F 274 -27.85 55.18 -4.75
C VAL F 274 -29.24 55.18 -5.42
N GLY F 275 -29.81 54.00 -5.66
CA GLY F 275 -31.11 53.91 -6.30
C GLY F 275 -31.86 52.61 -6.09
N GLN F 276 -33.09 52.56 -6.61
CA GLN F 276 -33.97 51.41 -6.40
C GLN F 276 -33.70 50.28 -7.41
N SER F 277 -33.26 49.14 -6.89
CA SER F 277 -32.77 48.06 -7.73
C SER F 277 -33.86 47.38 -8.58
N VAL F 278 -35.03 47.13 -7.99
CA VAL F 278 -36.10 46.45 -8.71
C VAL F 278 -36.50 47.20 -9.97
N ALA F 279 -36.68 48.51 -9.83
CA ALA F 279 -37.02 49.36 -10.96
C ALA F 279 -36.00 49.21 -12.08
N PHE F 280 -34.73 49.32 -11.73
CA PHE F 280 -33.65 49.22 -12.71
C PHE F 280 -33.58 47.86 -13.37
N ALA F 281 -33.74 46.81 -12.57
CA ALA F 281 -33.70 45.44 -13.08
C ALA F 281 -34.80 45.22 -14.11
N VAL F 282 -36.00 45.69 -13.78
CA VAL F 282 -37.16 45.55 -14.65
C VAL F 282 -36.98 46.29 -15.98
N GLU F 283 -36.38 47.48 -15.93
CA GLU F 283 -36.12 48.25 -17.15
C GLU F 283 -34.97 47.65 -17.97
N ALA F 284 -34.07 46.93 -17.30
CA ALA F 284 -32.95 46.29 -17.99
C ALA F 284 -33.33 44.89 -18.44
N GLY F 285 -34.57 44.50 -18.15
CA GLY F 285 -35.12 43.26 -18.66
C GLY F 285 -34.62 42.00 -17.99
N LEU F 286 -34.34 42.07 -16.70
CA LEU F 286 -33.93 40.89 -15.94
C LEU F 286 -35.15 40.10 -15.46
N GLY F 287 -36.27 40.79 -15.32
CA GLY F 287 -37.49 40.17 -14.84
C GLY F 287 -38.66 41.13 -14.76
N GLN F 288 -39.67 40.73 -13.99
CA GLN F 288 -40.90 41.50 -13.85
C GLN F 288 -41.17 41.83 -12.39
N ALA F 289 -41.78 42.99 -12.16
CA ALA F 289 -42.21 43.36 -10.83
C ALA F 289 -43.30 42.41 -10.35
N SER F 290 -43.31 42.11 -9.06
CA SER F 290 -44.25 41.12 -8.52
C SER F 290 -45.09 41.67 -7.38
N ARG F 291 -45.95 40.82 -6.83
CA ARG F 291 -46.81 41.19 -5.73
C ARG F 291 -46.01 41.42 -4.45
N MET F 292 -44.95 40.63 -4.26
CA MET F 292 -44.15 40.77 -3.04
C MET F 292 -43.27 42.02 -3.12
N GLY F 293 -43.05 42.52 -4.33
CA GLY F 293 -42.27 43.72 -4.52
C GLY F 293 -40.91 43.45 -5.15
N ALA F 294 -40.62 42.18 -5.37
CA ALA F 294 -39.32 41.79 -5.91
C ALA F 294 -39.35 41.65 -7.42
N CYS F 295 -38.19 41.77 -8.04
CA CYS F 295 -38.04 41.42 -9.45
C CYS F 295 -38.04 39.90 -9.58
N ILE F 296 -38.99 39.37 -10.33
CA ILE F 296 -39.06 37.93 -10.55
C ILE F 296 -38.44 37.57 -11.89
N THR F 297 -37.38 36.77 -11.83
CA THR F 297 -36.64 36.39 -13.03
C THR F 297 -37.08 35.00 -13.51
N PRO F 298 -36.95 34.74 -14.82
CA PRO F 298 -37.28 33.40 -15.32
C PRO F 298 -36.39 32.30 -14.72
N GLU F 299 -35.10 32.59 -14.59
CA GLU F 299 -34.14 31.58 -14.14
C GLU F 299 -34.31 31.23 -12.67
N PHE F 300 -34.53 32.25 -11.83
CA PHE F 300 -34.42 32.06 -10.39
C PHE F 300 -35.67 32.48 -9.62
N GLY F 301 -36.67 33.00 -10.32
CA GLY F 301 -37.80 33.62 -9.64
C GLY F 301 -37.27 34.82 -8.89
N PRO F 302 -37.82 35.09 -7.70
CA PRO F 302 -37.32 36.20 -6.88
C PRO F 302 -36.11 35.81 -6.03
N ASN F 303 -35.65 34.56 -6.11
CA ASN F 303 -34.53 34.10 -5.30
C ASN F 303 -33.19 34.54 -5.89
N VAL F 304 -33.02 35.85 -6.01
CA VAL F 304 -31.84 36.42 -6.65
C VAL F 304 -31.62 37.84 -6.13
N ARG F 305 -30.37 38.23 -5.93
CA ARG F 305 -30.08 39.57 -5.45
C ARG F 305 -29.64 40.46 -6.60
N LEU F 306 -29.83 41.76 -6.43
CA LEU F 306 -29.53 42.72 -7.48
C LEU F 306 -28.46 43.72 -7.06
N THR F 307 -27.68 44.17 -8.04
CA THR F 307 -26.79 45.30 -7.84
C THR F 307 -26.65 46.01 -9.18
N LYS F 308 -26.02 47.18 -9.18
CA LYS F 308 -26.04 48.03 -10.36
C LYS F 308 -24.85 48.98 -10.42
N VAL F 309 -24.40 49.25 -11.63
CA VAL F 309 -23.28 50.14 -11.87
C VAL F 309 -23.68 51.19 -12.92
N PHE F 310 -23.38 52.45 -12.64
CA PHE F 310 -23.74 53.54 -13.53
C PHE F 310 -22.52 54.01 -14.31
N THR F 311 -22.68 54.30 -15.59
CA THR F 311 -21.55 54.67 -16.43
C THR F 311 -21.94 55.48 -17.66
N ASN F 312 -20.98 56.23 -18.19
CA ASN F 312 -21.17 57.00 -19.41
C ASN F 312 -20.87 56.17 -20.64
N MET F 313 -20.22 55.03 -20.43
CA MET F 313 -19.81 54.14 -21.51
C MET F 313 -20.98 53.74 -22.40
N PRO F 314 -20.83 53.94 -23.72
CA PRO F 314 -21.88 53.67 -24.71
C PRO F 314 -22.28 52.20 -24.77
N LEU F 315 -23.56 51.93 -24.59
CA LEU F 315 -24.07 50.58 -24.53
C LEU F 315 -25.39 50.45 -25.29
N VAL F 316 -25.76 49.21 -25.60
CA VAL F 316 -27.05 48.93 -26.20
C VAL F 316 -28.03 48.45 -25.14
N PRO F 317 -29.10 49.21 -24.89
CA PRO F 317 -30.09 48.82 -23.88
C PRO F 317 -30.73 47.47 -24.20
N ASP F 318 -31.11 46.73 -23.17
CA ASP F 318 -31.81 45.48 -23.36
C ASP F 318 -33.31 45.72 -23.34
N LYS F 319 -34.06 44.78 -23.90
CA LYS F 319 -35.51 44.89 -23.95
C LYS F 319 -36.12 44.36 -22.67
N PRO F 320 -37.08 45.10 -22.11
CA PRO F 320 -37.82 44.58 -20.95
C PRO F 320 -38.55 43.30 -21.33
N ILE F 321 -39.02 42.55 -20.33
CA ILE F 321 -39.55 41.23 -20.60
C ILE F 321 -40.91 41.01 -19.91
N ASP F 322 -41.76 40.21 -20.55
CA ASP F 322 -43.05 39.85 -19.99
C ASP F 322 -43.31 38.37 -20.19
N PHE F 323 -43.37 37.63 -19.09
CA PHE F 323 -43.68 36.20 -19.16
C PHE F 323 -44.85 35.88 -18.25
N GLY F 324 -45.69 36.89 -18.01
CA GLY F 324 -46.96 36.69 -17.34
C GLY F 324 -46.94 36.69 -15.82
N VAL F 325 -45.94 37.34 -15.23
CA VAL F 325 -45.88 37.42 -13.78
C VAL F 325 -47.02 38.26 -13.24
N THR F 326 -47.27 39.41 -13.89
CA THR F 326 -48.33 40.33 -13.48
C THR F 326 -49.65 39.60 -13.27
N GLU F 327 -50.13 38.94 -14.32
CA GLU F 327 -51.42 38.26 -14.29
C GLU F 327 -51.41 37.06 -13.33
N PHE F 328 -50.29 36.34 -13.29
CA PHE F 328 -50.15 35.22 -12.35
C PHE F 328 -50.24 35.75 -10.93
N CYS F 329 -49.60 36.89 -10.69
CA CYS F 329 -49.63 37.54 -9.38
C CYS F 329 -51.03 38.04 -9.07
N GLU F 330 -51.75 38.49 -10.09
CA GLU F 330 -53.10 39.03 -9.89
C GLU F 330 -54.05 37.99 -9.29
N THR F 331 -53.79 36.70 -9.53
CA THR F 331 -54.65 35.65 -8.99
C THR F 331 -53.96 34.82 -7.91
N CYS F 332 -52.65 34.65 -8.02
CA CYS F 332 -51.89 33.99 -6.94
C CYS F 332 -51.66 34.99 -5.82
N LYS F 333 -51.83 34.55 -4.58
CA LYS F 333 -51.54 35.41 -3.44
C LYS F 333 -50.87 34.60 -2.35
N LYS F 334 -50.00 33.67 -2.76
CA LYS F 334 -49.38 32.75 -1.83
C LYS F 334 -48.48 33.47 -0.83
N CYS F 335 -47.63 34.37 -1.34
CA CYS F 335 -46.75 35.14 -0.46
C CYS F 335 -47.59 35.97 0.52
N ALA F 336 -48.61 36.63 -0.01
CA ALA F 336 -49.52 37.44 0.79
C ALA F 336 -50.15 36.64 1.91
N ARG F 337 -50.48 35.38 1.63
CA ARG F 337 -51.11 34.53 2.64
C ARG F 337 -50.12 33.96 3.64
N GLU F 338 -48.88 33.70 3.20
CA GLU F 338 -47.88 33.06 4.06
C GLU F 338 -47.12 34.06 4.94
N CYS F 339 -47.12 35.33 4.53
CA CYS F 339 -46.33 36.36 5.24
C CYS F 339 -46.67 36.42 6.73
N PRO F 340 -45.67 36.19 7.58
CA PRO F 340 -45.82 36.09 9.04
C PRO F 340 -46.16 37.41 9.74
N SER F 341 -46.22 38.50 8.98
CA SER F 341 -46.49 39.82 9.57
C SER F 341 -47.52 40.59 8.75
N LYS F 342 -48.16 39.92 7.80
CA LYS F 342 -49.21 40.51 6.96
C LYS F 342 -48.78 41.80 6.29
N ALA F 343 -47.50 41.88 5.93
CA ALA F 343 -46.95 43.06 5.29
C ALA F 343 -47.38 43.15 3.82
N ILE F 344 -47.64 42.01 3.21
CA ILE F 344 -47.96 41.95 1.78
C ILE F 344 -49.46 42.03 1.53
N THR F 345 -49.84 42.76 0.49
CA THR F 345 -51.24 43.07 0.20
C THR F 345 -51.91 42.01 -0.69
N GLU F 346 -53.23 41.89 -0.54
CA GLU F 346 -54.02 41.01 -1.39
C GLU F 346 -54.88 41.82 -2.36
N GLY F 347 -54.65 43.13 -2.42
CA GLY F 347 -55.47 44.00 -3.22
C GLY F 347 -54.89 44.27 -4.60
N PRO F 348 -55.53 45.18 -5.34
CA PRO F 348 -55.07 45.58 -6.68
C PRO F 348 -53.86 46.52 -6.65
N ARG F 349 -53.21 46.68 -7.80
CA ARG F 349 -52.11 47.64 -7.93
C ARG F 349 -52.65 49.06 -7.92
N THR F 350 -52.10 49.91 -7.05
CA THR F 350 -52.53 51.31 -7.01
C THR F 350 -51.36 52.26 -7.29
N PHE F 351 -51.63 53.56 -7.15
CA PHE F 351 -50.59 54.58 -7.32
C PHE F 351 -50.20 55.25 -6.02
N GLU F 352 -51.01 55.10 -4.98
CA GLU F 352 -50.69 55.75 -3.72
C GLU F 352 -50.16 54.71 -2.72
N GLY F 353 -49.06 55.06 -2.07
CA GLY F 353 -48.40 54.16 -1.15
C GLY F 353 -49.26 53.83 0.05
N ARG F 354 -48.78 52.90 0.86
CA ARG F 354 -49.50 52.51 2.07
C ARG F 354 -48.92 53.21 3.29
N SER F 355 -47.74 53.80 3.13
CA SER F 355 -47.12 54.64 4.15
C SER F 355 -45.90 55.33 3.59
N ILE F 356 -45.16 56.03 4.45
CA ILE F 356 -44.01 56.82 4.03
C ILE F 356 -42.95 55.96 3.36
N HIS F 357 -42.94 54.67 3.67
CA HIS F 357 -41.94 53.74 3.13
C HIS F 357 -42.10 53.43 1.66
N ASN F 358 -43.26 53.73 1.08
CA ASN F 358 -43.44 53.48 -0.35
C ASN F 358 -43.32 54.75 -1.16
N GLN F 359 -42.75 54.64 -2.36
CA GLN F 359 -42.71 55.75 -3.30
C GLN F 359 -44.05 55.81 -4.05
N SER F 360 -44.92 56.72 -3.64
CA SER F 360 -46.19 56.93 -4.34
C SER F 360 -45.92 57.40 -5.76
N GLY F 361 -46.85 57.12 -6.67
CA GLY F 361 -46.77 57.62 -8.02
C GLY F 361 -46.41 56.62 -9.09
N LYS F 362 -46.29 55.35 -8.73
CA LYS F 362 -46.02 54.30 -9.69
C LYS F 362 -46.96 53.12 -9.46
N LEU F 363 -47.45 52.52 -10.55
CA LEU F 363 -48.37 51.41 -10.42
C LEU F 363 -47.65 50.14 -9.96
N GLN F 364 -47.93 49.76 -8.72
CA GLN F 364 -47.28 48.61 -8.11
C GLN F 364 -48.22 48.05 -7.07
N TRP F 365 -47.95 46.83 -6.60
CA TRP F 365 -48.60 46.36 -5.40
C TRP F 365 -47.95 47.07 -4.22
N GLN F 366 -48.78 47.57 -3.31
CA GLN F 366 -48.31 48.41 -2.22
C GLN F 366 -48.29 47.62 -0.92
N ASN F 367 -47.15 47.60 -0.24
CA ASN F 367 -47.00 46.79 0.97
C ASN F 367 -46.55 47.59 2.18
N ASP F 368 -46.92 47.12 3.37
CA ASP F 368 -46.50 47.75 4.62
C ASP F 368 -45.16 47.20 5.06
N TYR F 369 -44.09 47.92 4.74
CA TYR F 369 -42.73 47.43 4.96
C TYR F 369 -42.25 47.67 6.38
N ASN F 370 -43.02 48.42 7.16
CA ASN F 370 -42.75 48.54 8.58
C ASN F 370 -43.16 47.24 9.29
N LYS F 371 -44.26 46.66 8.86
CA LYS F 371 -44.70 45.38 9.39
C LYS F 371 -43.67 44.29 9.09
N CYS F 372 -43.10 44.34 7.89
CA CYS F 372 -42.06 43.39 7.50
C CYS F 372 -40.86 43.48 8.43
N LEU F 373 -40.29 44.68 8.55
CA LEU F 373 -39.15 44.89 9.42
C LEU F 373 -39.47 44.50 10.85
N GLY F 374 -40.72 44.71 11.25
CA GLY F 374 -41.18 44.32 12.57
C GLY F 374 -40.95 42.85 12.88
N TYR F 375 -40.99 42.00 11.86
CA TYR F 375 -40.83 40.57 12.06
C TYR F 375 -39.37 40.13 12.22
N TRP F 376 -38.44 40.95 11.76
CA TRP F 376 -37.02 40.56 11.77
C TRP F 376 -36.40 40.43 13.17
N PRO F 377 -36.69 41.37 14.10
CA PRO F 377 -36.15 41.15 15.46
C PRO F 377 -36.79 39.94 16.11
N GLU F 378 -38.02 39.66 15.71
CA GLU F 378 -38.77 38.52 16.19
C GLU F 378 -38.14 37.20 15.74
N SER F 379 -38.05 37.02 14.43
CA SER F 379 -37.49 35.80 13.85
C SER F 379 -35.97 35.75 13.99
N GLY F 380 -35.36 36.91 14.24
CA GLY F 380 -33.92 36.97 14.42
C GLY F 380 -33.17 36.74 13.12
N GLY F 381 -33.72 37.25 12.03
CA GLY F 381 -33.12 37.11 10.72
C GLY F 381 -33.67 38.10 9.72
N TYR F 382 -33.63 37.74 8.45
CA TYR F 382 -34.11 38.63 7.39
C TYR F 382 -35.31 37.98 6.70
N CYS F 383 -35.94 37.06 7.42
CA CYS F 383 -37.10 36.31 6.95
C CYS F 383 -36.87 35.69 5.58
N GLY F 384 -37.57 36.20 4.56
CA GLY F 384 -37.44 35.67 3.21
C GLY F 384 -38.48 34.62 2.87
N VAL F 385 -39.46 34.45 3.76
CA VAL F 385 -40.54 33.49 3.57
C VAL F 385 -41.27 33.70 2.25
N CYS F 386 -41.49 34.96 1.89
CA CYS F 386 -42.17 35.29 0.65
C CYS F 386 -41.38 34.82 -0.57
N VAL F 387 -40.06 34.89 -0.48
CA VAL F 387 -39.20 34.41 -1.56
C VAL F 387 -39.23 32.88 -1.59
N ALA F 388 -39.26 32.27 -0.42
CA ALA F 388 -39.27 30.82 -0.31
C ALA F 388 -40.53 30.17 -0.91
N VAL F 389 -41.69 30.75 -0.64
CA VAL F 389 -42.96 30.13 -1.01
C VAL F 389 -43.42 30.44 -2.43
N CYS F 390 -42.80 31.43 -3.07
CA CYS F 390 -43.21 31.85 -4.41
C CYS F 390 -43.02 30.73 -5.43
N PRO F 391 -44.07 30.44 -6.22
CA PRO F 391 -44.04 29.42 -7.27
C PRO F 391 -42.88 29.59 -8.25
N PHE F 392 -42.47 30.82 -8.52
CA PHE F 392 -41.41 31.08 -9.48
C PHE F 392 -40.06 30.70 -8.91
N THR F 393 -39.96 30.69 -7.59
CA THR F 393 -38.72 30.24 -6.96
C THR F 393 -38.53 28.75 -7.22
N LYS F 394 -39.56 27.94 -7.03
CA LYS F 394 -39.45 26.49 -7.19
C LYS F 394 -39.31 26.07 -8.64
N GLY F 395 -39.97 26.78 -9.54
CA GLY F 395 -39.81 26.56 -10.96
C GLY F 395 -40.63 25.41 -11.51
N ASN F 396 -41.50 24.84 -10.67
CA ASN F 396 -42.47 23.84 -11.13
C ASN F 396 -43.40 24.45 -12.17
N ILE F 397 -43.58 25.76 -12.07
CA ILE F 397 -44.50 26.50 -12.93
C ILE F 397 -44.13 26.43 -14.41
N TRP F 398 -42.86 26.15 -14.71
CA TRP F 398 -42.41 26.05 -16.10
C TRP F 398 -42.66 24.66 -16.68
N ILE F 399 -43.34 24.62 -17.84
CA ILE F 399 -43.62 23.37 -18.55
C ILE F 399 -43.16 23.47 -20.01
N HIS F 400 -42.51 22.42 -20.50
CA HIS F 400 -42.19 22.34 -21.92
C HIS F 400 -43.23 21.48 -22.62
N ASP F 401 -43.77 22.00 -23.71
CA ASP F 401 -44.88 21.36 -24.41
C ASP F 401 -44.42 20.75 -25.73
N GLY F 402 -43.10 20.61 -25.86
CA GLY F 402 -42.48 20.58 -27.16
C GLY F 402 -42.33 22.05 -27.50
N VAL F 403 -41.62 22.38 -28.57
CA VAL F 403 -41.47 23.77 -29.01
C VAL F 403 -40.96 24.72 -27.89
N GLU F 404 -41.88 25.31 -27.12
CA GLU F 404 -41.49 26.33 -26.12
C GLU F 404 -41.76 25.96 -24.66
N TRP F 405 -41.27 26.81 -23.75
CA TRP F 405 -41.62 26.76 -22.33
C TRP F 405 -42.79 27.69 -22.05
N LEU F 406 -43.54 27.42 -20.97
CA LEU F 406 -44.68 28.26 -20.59
C LEU F 406 -45.14 27.95 -19.16
N ILE F 407 -46.16 28.66 -18.71
CA ILE F 407 -46.67 28.50 -17.34
C ILE F 407 -47.97 27.68 -17.30
N ASN F 431 -35.80 21.50 6.36
CA ASN F 431 -35.08 20.96 7.51
C ASN F 431 -33.57 21.22 7.41
N ILE F 432 -33.07 22.01 8.35
CA ILE F 432 -31.69 22.51 8.33
C ILE F 432 -30.62 21.42 8.24
N THR F 433 -30.71 20.42 9.11
CA THR F 433 -29.74 19.34 9.16
C THR F 433 -29.53 18.71 7.79
N GLU F 434 -30.63 18.44 7.10
CA GLU F 434 -30.58 17.84 5.77
C GLU F 434 -29.90 18.77 4.76
N VAL F 435 -30.00 20.07 4.98
CA VAL F 435 -29.33 21.04 4.12
C VAL F 435 -27.82 20.96 4.32
N TRP F 436 -27.36 20.99 5.57
CA TRP F 436 -25.94 20.87 5.88
C TRP F 436 -25.34 19.57 5.36
N ASP F 437 -26.14 18.50 5.37
CA ASP F 437 -25.68 17.18 4.95
C ASP F 437 -25.97 16.91 3.47
N GLY F 438 -26.66 17.84 2.83
CA GLY F 438 -27.12 17.64 1.47
C GLY F 438 -26.27 18.30 0.39
N LYS F 439 -26.87 18.48 -0.78
CA LYS F 439 -26.20 19.00 -1.96
C LYS F 439 -25.69 20.43 -1.83
N ILE F 440 -24.44 20.65 -2.24
CA ILE F 440 -23.85 21.98 -2.30
C ILE F 440 -22.84 22.02 -3.44
N ASN F 441 -22.55 23.21 -3.94
CA ASN F 441 -21.56 23.39 -5.00
C ASN F 441 -20.93 24.78 -4.89
N THR F 442 -20.06 25.11 -5.84
CA THR F 442 -19.31 26.37 -5.80
C THR F 442 -20.24 27.58 -5.74
N TYR F 443 -20.04 28.41 -4.72
CA TYR F 443 -20.85 29.61 -4.45
C TYR F 443 -22.34 29.28 -4.28
N GLY F 444 -22.66 28.02 -3.98
CA GLY F 444 -24.02 27.63 -3.74
C GLY F 444 -24.86 27.50 -5.00
N LEU F 445 -24.20 27.58 -6.14
CA LEU F 445 -24.88 27.45 -7.43
C LEU F 445 -25.27 25.99 -7.70
N ASP F 446 -26.20 25.79 -8.63
CA ASP F 446 -26.77 24.47 -8.87
C ASP F 446 -26.40 23.93 -10.25
N ALA F 447 -25.64 22.85 -10.28
CA ALA F 447 -25.19 22.26 -11.54
C ALA F 447 -26.36 21.76 -12.37
N ASP F 448 -27.48 21.45 -11.70
CA ASP F 448 -28.68 21.02 -12.41
C ASP F 448 -29.28 22.14 -13.24
N HIS F 449 -28.99 23.38 -12.87
CA HIS F 449 -29.58 24.53 -13.53
C HIS F 449 -28.54 25.43 -14.19
N PHE F 450 -27.28 25.25 -13.81
CA PHE F 450 -26.22 26.17 -14.21
C PHE F 450 -26.09 26.34 -15.72
N ARG F 451 -26.53 25.35 -16.49
CA ARG F 451 -26.46 25.44 -17.94
C ARG F 451 -27.35 26.55 -18.48
N ASP F 452 -28.42 26.86 -17.75
CA ASP F 452 -29.38 27.87 -18.18
C ASP F 452 -28.76 29.26 -18.36
N THR F 453 -27.69 29.56 -17.63
CA THR F 453 -27.08 30.89 -17.70
C THR F 453 -25.82 30.94 -18.56
N VAL F 454 -25.58 29.90 -19.35
CA VAL F 454 -24.46 29.93 -20.28
C VAL F 454 -24.74 31.03 -21.31
N SER F 455 -23.68 31.59 -21.91
CA SER F 455 -23.86 32.77 -22.74
C SER F 455 -22.91 32.85 -23.92
N PHE F 456 -23.43 33.31 -25.05
CA PHE F 456 -22.64 33.56 -26.25
C PHE F 456 -22.85 35.01 -26.67
N ARG F 457 -22.08 35.47 -27.64
CA ARG F 457 -22.22 36.83 -28.15
C ARG F 457 -23.64 37.07 -28.65
N LYS F 458 -24.20 36.03 -29.26
CA LYS F 458 -25.58 36.03 -29.75
C LYS F 458 -26.56 36.63 -28.75
N ASP F 459 -26.43 36.24 -27.48
CA ASP F 459 -27.37 36.66 -26.45
C ASP F 459 -26.88 37.83 -25.59
N ARG F 460 -25.68 38.32 -25.87
CA ARG F 460 -25.15 39.45 -25.09
C ARG F 460 -25.52 40.79 -25.73
N VAL F 461 -25.46 40.87 -27.06
CA VAL F 461 -25.80 42.12 -27.74
C VAL F 461 -26.70 41.92 -28.96
FE1 SF4 G . 7.90 -14.83 -56.54
FE2 SF4 G . 5.44 -15.30 -57.64
FE3 SF4 G . 5.83 -13.39 -55.74
FE4 SF4 G . 5.98 -16.01 -55.09
S1 SF4 G . 4.10 -14.95 -55.88
S2 SF4 G . 7.40 -14.31 -54.46
S3 SF4 G . 6.92 -16.88 -57.00
S4 SF4 G . 6.76 -13.36 -57.79
FE1 SF4 H . 1.15 -6.62 -49.62
FE2 SF4 H . 2.16 -6.25 -47.11
FE3 SF4 H . 2.31 -8.65 -48.35
FE4 SF4 H . -0.07 -7.73 -47.49
S1 SF4 H . 1.70 -8.25 -46.23
S2 SF4 H . 0.41 -8.68 -49.51
S3 SF4 H . 0.18 -5.48 -47.89
S4 SF4 H . 3.32 -6.73 -49.01
P BVQ I . 15.18 -4.24 -47.30
CO BVQ I . 8.21 -8.61 -41.82
C1 BVQ I . 10.41 -10.46 -41.61
C2 BVQ I . 10.53 -11.97 -41.17
O2 BVQ I . 15.01 -5.84 -47.26
C3 BVQ I . 9.37 -12.62 -42.00
O3 BVQ I . 14.80 -3.87 -45.78
C4 BVQ I . 8.44 -11.45 -42.18
O4 BVQ I . 16.50 -3.78 -47.78
C5 BVQ I . 6.99 -11.60 -42.51
O5 BVQ I . 14.00 -3.73 -48.13
C6 BVQ I . 6.23 -10.52 -42.91
C7 BVQ I . 4.78 -10.44 -43.41
C8 BVQ I . 4.86 -9.14 -44.26
C9 BVQ I . 5.89 -8.40 -43.45
C10 BVQ I . 5.83 -7.02 -43.35
C11 BVQ I . 6.77 -6.26 -42.67
C12 BVQ I . 6.63 -4.75 -42.63
C13 BVQ I . 7.90 -4.28 -41.86
C14 BVQ I . 8.62 -5.66 -41.52
C15 BVQ I . 9.76 -5.76 -40.77
C16 BVQ I . 10.44 -7.10 -40.53
C17 BVQ I . 11.74 -7.36 -39.80
C18 BVQ I . 12.00 -8.82 -40.24
C19 BVQ I . 10.60 -9.38 -40.49
N1B BVQ I . 15.98 -8.73 -47.60
C1P BVQ I . 14.80 -3.58 -43.39
C1R BVQ I . 14.55 -8.81 -47.33
C20 BVQ I . 11.25 -10.04 -42.79
N21 BVQ I . 9.01 -10.31 -41.98
N22 BVQ I . 6.78 -9.24 -42.93
N23 BVQ I . 7.87 -6.75 -42.05
N24 BVQ I . 9.82 -8.20 -40.91
C25 BVQ I . 11.92 -12.56 -41.46
C26 BVQ I . 10.16 -12.17 -39.66
C27 BVQ I . 10.15 -13.61 -39.08
O28 BVQ I . 10.17 -14.59 -39.82
N29 BVQ I . 10.10 -13.71 -37.76
C2B BVQ I . 16.88 -8.32 -46.71
C2P BVQ I . 15.65 -3.93 -44.65
C2R BVQ I . 13.71 -7.77 -48.08
C30 BVQ I . 9.84 -13.23 -43.33
C31 BVQ I . 9.87 -14.75 -43.33
C32 BVQ I . 10.66 -15.34 -44.48
N33 BVQ I . 10.45 -16.62 -44.73
O34 BVQ I . 11.46 -14.66 -45.12
C35 BVQ I . 6.54 -13.04 -42.42
C36 BVQ I . 4.33 -11.60 -44.32
C37 BVQ I . 3.79 -10.18 -42.24
C38 BVQ I . 3.36 -11.46 -41.50
O39 BVQ I . 4.18 -12.07 -40.80
N3B BVQ I . 18.16 -8.47 -47.13
C3R BVQ I . 13.81 -6.59 -47.14
N40 BVQ I . 2.10 -11.84 -41.63
C41 BVQ I . 5.38 -9.41 -45.67
C42 BVQ I . 6.02 -8.20 -46.35
C43 BVQ I . 6.92 -8.58 -47.51
O44 BVQ I . 8.14 -8.69 -47.36
N45 BVQ I . 6.32 -8.77 -48.67
C46 BVQ I . 5.39 -4.30 -41.85
C47 BVQ I . 6.51 -4.25 -44.08
C48 BVQ I . 8.70 -3.22 -42.63
C49 BVQ I . 9.90 -3.72 -43.42
N4B BVQ I . 19.13 -9.33 -49.18
C4R BVQ I . 13.75 -7.25 -45.76
C50 BVQ I . 10.86 -2.61 -43.77
O51 BVQ I . 10.72 -1.47 -43.29
N52 BVQ I . 11.83 -2.91 -44.61
C53 BVQ I . 10.41 -4.55 -40.16
C54 BVQ I . 11.55 -7.21 -38.28
C55 BVQ I . 13.00 -6.55 -40.21
C56 BVQ I . 13.32 -6.63 -41.69
C57 BVQ I . 14.32 -5.54 -42.00
O58 BVQ I . 15.38 -5.46 -41.40
N59 BVQ I . 13.97 -4.69 -42.96
C5B BVQ I . 18.69 -9.84 -50.34
C5R BVQ I . 12.36 -7.39 -45.18
C60 BVQ I . 12.83 -9.68 -39.27
C61 BVQ I . 14.32 -9.43 -39.39
N62 BVQ I . 14.95 -9.10 -38.27
O63 BVQ I . 14.88 -9.53 -40.47
N6B BVQ I . 17.44 -10.05 -50.75
O6R BVQ I . 14.33 -8.56 -45.95
N7A BVQ I . 15.17 -9.94 -50.33
C7B BVQ I . 16.42 -9.72 -49.91
O7R BVQ I . 14.26 -7.49 -49.36
C8B BVQ I . 16.75 -9.17 -48.66
O8R BVQ I . 11.82 -6.12 -44.83
C9B BVQ I . 18.11 -9.01 -48.37
FE1 SF4 J . 2.30 -52.95 -17.75
FE2 SF4 J . 4.26 -54.52 -18.82
FE3 SF4 J . 4.79 -52.78 -16.81
FE4 SF4 J . 4.20 -51.87 -19.29
S1 SF4 J . 6.00 -53.11 -18.75
S2 SF4 J . 3.48 -51.05 -17.31
S3 SF4 J . 2.65 -53.41 -19.95
S4 SF4 J . 3.44 -54.52 -16.62
FE1 SF4 K . 12.44 -48.29 -11.49
FE2 SF4 K . 12.08 -45.63 -11.01
FE3 SF4 K . 11.12 -46.82 -13.26
FE4 SF4 K . 13.77 -46.46 -12.94
S1 SF4 K . 12.21 -44.78 -13.07
S2 SF4 K . 12.72 -48.29 -13.72
S3 SF4 K . 14.02 -46.78 -10.77
S4 SF4 K . 10.47 -47.27 -11.12
P BVQ L . 0.36 -42.71 -5.72
CO BVQ L . 7.23 -38.92 -11.79
C1 BVQ L . 4.77 -38.07 -12.99
C2 BVQ L . 4.36 -37.54 -14.42
O2 BVQ L . 0.15 -42.55 -7.29
C3 BVQ L . 5.00 -38.65 -15.34
O3 BVQ L . 1.17 -41.35 -5.42
C4 BVQ L . 6.15 -39.09 -14.48
O4 BVQ L . -0.90 -42.87 -4.96
C5 BVQ L . 7.37 -39.81 -15.01
O5 BVQ L . 1.33 -43.89 -5.56
C6 BVQ L . 8.30 -40.37 -14.15
C7 BVQ L . 9.52 -41.23 -14.47
C8 BVQ L . 9.68 -42.04 -13.14
C9 BVQ L . 9.08 -41.04 -12.18
C10 BVQ L . 9.49 -41.05 -10.86
C11 BVQ L . 8.99 -40.22 -9.89
C12 BVQ L . 9.51 -40.31 -8.47
C13 BVQ L . 8.60 -39.31 -7.70
C14 BVQ L . 7.68 -38.72 -8.83
C15 BVQ L . 6.79 -37.69 -8.63
C16 BVQ L . 5.89 -37.22 -9.74
C17 BVQ L . 4.77 -36.18 -9.66
C18 BVQ L . 4.03 -36.46 -10.98
C19 BVQ L . 5.13 -37.01 -11.91
N1B BVQ L . -1.55 -42.68 -9.89
C1P BVQ L . 1.73 -39.01 -5.14
C1R BVQ L . -0.14 -42.78 -10.28
C20 BVQ L . 3.80 -39.04 -12.34
N21 BVQ L . 6.02 -38.78 -13.23
N22 BVQ L . 8.16 -40.27 -12.77
N23 BVQ L . 7.99 -39.34 -10.08
N24 BVQ L . 6.06 -37.68 -10.96
C25 BVQ L . 2.84 -37.39 -14.59
C26 BVQ L . 5.08 -36.21 -14.80
C27 BVQ L . 4.83 -35.59 -16.20
O28 BVQ L . 4.28 -36.25 -17.09
N29 BVQ L . 5.24 -34.35 -16.38
C2B BVQ L . -1.97 -41.55 -9.35
C2P BVQ L . 0.59 -40.08 -5.22
C2R BVQ L . 0.72 -43.69 -9.40
C30 BVQ L . 4.02 -39.77 -15.73
C31 BVQ L . 3.49 -39.65 -17.15
C32 BVQ L . 2.45 -40.68 -17.52
N33 BVQ L . 2.55 -41.21 -18.72
O34 BVQ L . 1.56 -41.00 -16.72
C35 BVQ L . 7.37 -39.86 -16.51
C36 BVQ L . 9.44 -42.23 -15.64
C37 BVQ L . 10.78 -40.32 -14.52
C38 BVQ L . 11.02 -39.67 -15.89
O39 BVQ L . 10.24 -38.81 -16.32
N3B BVQ L . -3.30 -41.52 -9.13
C3R BVQ L . 1.14 -42.72 -8.30
N40 BVQ L . 12.10 -40.05 -16.55
C41 BVQ L . 8.97 -43.39 -13.01
C42 BVQ L . 7.44 -43.30 -12.83
C43 BVQ L . 6.81 -44.41 -12.01
O44 BVQ L . 5.85 -44.19 -11.27
N45 BVQ L . 7.36 -45.61 -12.14
C46 BVQ L . 10.96 -39.79 -8.36
C47 BVQ L . 9.46 -41.76 -7.99
C48 BVQ L . 7.90 -40.02 -6.51
C49 BVQ L . 6.45 -40.43 -6.75
N4B BVQ L . -5.07 -43.10 -9.55
C4R BVQ L . 1.32 -41.41 -9.06
C50 BVQ L . 5.68 -40.49 -5.45
O51 BVQ L . 6.13 -39.99 -4.42
N52 BVQ L . 4.50 -41.08 -5.50
C53 BVQ L . 6.69 -37.02 -7.29
C54 BVQ L . 5.43 -34.77 -9.64
C55 BVQ L . 3.72 -36.24 -8.53
C56 BVQ L . 3.02 -37.60 -8.41
C57 BVQ L . 2.28 -37.64 -7.10
O58 BVQ L . 1.63 -36.69 -6.70
N59 BVQ L . 2.37 -38.78 -6.42
C5B BVQ L . -5.20 -44.32 -10.08
C5R BVQ L . 2.72 -41.11 -9.52
C60 BVQ L . 3.26 -35.29 -11.60
C61 BVQ L . 1.90 -35.09 -10.98
N62 BVQ L . 1.59 -33.88 -10.57
O63 BVQ L . 1.11 -36.05 -10.86
N6B BVQ L . -4.25 -45.13 -10.58
O6R BVQ L . 0.44 -41.49 -10.21
N7A BVQ L . -2.03 -45.50 -11.08
C7B BVQ L . -2.97 -44.70 -10.57
O7R BVQ L . -0.05 -44.75 -8.83
C8B BVQ L . -2.70 -43.43 -10.04
O8R BVQ L . 3.61 -41.00 -8.41
C9B BVQ L . -3.80 -42.70 -9.56
FE1 SF4 M . 24.47 -27.96 15.27
FE2 SF4 M . 24.54 -26.75 12.82
FE3 SF4 M . 25.96 -25.79 14.92
FE4 SF4 M . 23.26 -25.59 14.89
S1 SF4 M . 24.70 -24.60 13.41
S2 SF4 M . 24.65 -26.26 16.65
S3 SF4 M . 22.69 -27.52 13.87
S4 SF4 M . 26.28 -27.81 13.94
FE1 SF4 N . 31.66 -17.86 18.38
FE2 SF4 N . 31.25 -17.17 20.98
FE3 SF4 N . 29.25 -18.15 19.45
FE4 SF4 N . 30.20 -15.68 18.98
S1 SF4 N . 29.16 -16.43 20.83
S2 SF4 N . 29.75 -17.29 17.48
S3 SF4 N . 32.42 -16.00 19.43
S4 SF4 N . 31.09 -19.23 20.07
P BVQ O . 31.94 -27.39 29.22
CO BVQ O . 27.27 -18.78 28.03
C1 BVQ O . 25.23 -20.54 29.04
C2 BVQ O . 23.65 -20.47 29.09
O2 BVQ O . 30.43 -27.32 28.70
C3 BVQ O . 23.32 -20.11 27.60
O3 BVQ O . 31.98 -26.13 30.21
C4 BVQ O . 24.59 -19.42 27.17
O4 BVQ O . 32.27 -28.69 29.84
C5 BVQ O . 24.68 -18.51 25.97
O5 BVQ O . 32.84 -27.02 28.03
C6 BVQ O . 25.89 -18.04 25.51
C7 BVQ O . 26.22 -17.21 24.26
C8 BVQ O . 27.71 -17.58 24.04
C9 BVQ O . 28.11 -17.90 25.45
C10 BVQ O . 29.42 -17.74 25.82
C11 BVQ O . 29.91 -18.03 27.08
C12 BVQ O . 31.37 -17.82 27.40
C13 BVQ O . 31.51 -18.35 28.86
C14 BVQ O . 30.02 -18.78 29.21
C15 BVQ O . 29.64 -19.18 30.46
C16 BVQ O . 28.21 -19.64 30.72
C17 BVQ O . 27.65 -20.19 32.02
C18 BVQ O . 26.33 -20.79 31.50
C19 BVQ O . 25.99 -19.93 30.27
N1B BVQ O . 27.59 -28.45 28.27
C1P BVQ O . 31.73 -24.74 32.21
C1R BVQ O . 27.64 -27.14 27.64
C20 BVQ O . 25.80 -21.92 28.76
N21 BVQ O . 25.60 -19.66 27.94
N22 BVQ O . 27.07 -18.34 26.17
N23 BVQ O . 29.18 -18.58 28.08
N24 BVQ O . 27.32 -19.51 29.77
C25 BVQ O . 23.00 -21.77 29.60
C26 BVQ O . 23.16 -19.29 29.96
C27 BVQ O . 21.64 -19.03 30.08
O28 BVQ O . 20.82 -19.56 29.32
N29 BVQ O . 21.28 -18.20 31.06
C2B BVQ O . 27.71 -28.54 29.58
C2P BVQ O . 31.78 -26.19 31.62
C2R BVQ O . 28.90 -26.88 26.81
C30 BVQ O . 22.96 -21.34 26.74
C31 BVQ O . 21.45 -21.49 26.49
C32 BVQ O . 21.07 -22.81 25.85
N33 BVQ O . 20.08 -22.77 24.98
O34 BVQ O . 21.65 -23.86 26.14
C35 BVQ O . 23.32 -18.27 25.37
C36 BVQ O . 25.43 -17.50 22.98
C37 BVQ O . 26.26 -15.70 24.63
C38 BVQ O . 24.90 -14.98 24.65
O39 BVQ O . 24.00 -15.34 25.41
N3B BVQ O . 27.58 -29.80 30.06
C3R BVQ O . 29.83 -26.32 27.88
N40 BVQ O . 24.78 -13.94 23.84
C41 BVQ O . 28.05 -18.79 23.14
C42 BVQ O . 27.69 -20.15 23.75
C43 BVQ O . 28.53 -21.31 23.27
O44 BVQ O . 28.93 -22.18 24.05
N45 BVQ O . 28.79 -21.34 21.97
C46 BVQ O . 31.73 -16.32 27.41
C47 BVQ O . 32.23 -18.53 26.35
C48 BVQ O . 32.60 -19.43 28.98
C49 BVQ O . 32.10 -20.87 29.02
N4B BVQ O . 27.18 -31.94 28.97
C4R BVQ O . 28.88 -25.48 28.73
C50 BVQ O . 33.13 -21.79 29.67
O51 BVQ O . 34.11 -21.33 30.25
N52 BVQ O . 32.89 -23.09 29.58
C53 BVQ O . 30.62 -19.19 31.61
C54 BVQ O . 27.45 -19.04 33.02
C55 BVQ O . 28.41 -21.35 32.72
C56 BVQ O . 28.63 -22.58 31.83
C57 BVQ O . 29.63 -23.48 32.49
O58 BVQ O . 29.55 -23.76 33.69
N59 BVQ O . 30.60 -23.96 31.71
C5B BVQ O . 26.99 -32.38 27.73
C5R BVQ O . 28.72 -24.04 28.29
C60 BVQ O . 25.18 -20.87 32.53
C61 BVQ O . 25.27 -22.10 33.41
N62 BVQ O . 25.33 -21.89 34.72
O63 BVQ O . 25.30 -23.22 32.91
N6B BVQ O . 26.95 -31.70 26.58
O6R BVQ O . 27.60 -26.15 28.65
N7A BVQ O . 27.10 -29.68 25.47
C7B BVQ O . 27.14 -30.35 26.61
O7R BVQ O . 29.40 -28.10 26.28
C8B BVQ O . 27.36 -29.76 27.87
O8R BVQ O . 29.92 -23.31 28.47
C9B BVQ O . 27.37 -30.60 28.97
FE1 SF4 P . -20.33 -1.53 32.08
FE2 SF4 P . -21.93 -3.73 32.16
FE3 SF4 P . -20.67 -2.84 34.37
FE4 SF4 P . -19.25 -3.97 32.37
S1 SF4 P . -20.82 -5.00 33.62
S2 SF4 P . -18.76 -2.07 33.53
S3 SF4 P . -20.40 -3.20 30.58
S4 SF4 P . -22.26 -1.71 33.23
FE1 SF4 Q . -18.22 -5.36 44.11
FE2 SF4 Q . -15.70 -4.64 44.86
FE3 SF4 Q . -16.27 -5.34 42.30
FE4 SF4 Q . -16.27 -7.20 44.26
S1 SF4 Q . -14.50 -5.99 43.55
S2 SF4 Q . -17.81 -6.93 42.58
S3 SF4 Q . -17.10 -5.99 46.01
S4 SF4 Q . -17.09 -3.56 43.37
P BVQ R . -12.75 7.97 42.21
CO BVQ R . -8.55 -1.00 42.83
C1 BVQ R . -7.20 0.23 40.62
C2 BVQ R . -6.32 -0.34 39.42
O2 BVQ R . -12.22 7.13 40.96
C3 BVQ R . -7.26 -1.48 38.89
O3 BVQ R . -11.62 7.59 43.28
C4 BVQ R . -8.05 -1.83 40.12
O4 BVQ R . -12.89 9.41 41.94
C5 BVQ R . -8.76 -3.13 40.31
O5 BVQ R . -14.05 7.29 42.66
C6 BVQ R . -9.59 -3.35 41.40
C7 BVQ R . -10.45 -4.57 41.75
C8 BVQ R . -11.58 -3.84 42.54
C9 BVQ R . -10.76 -2.73 43.17
C10 BVQ R . -11.09 -2.23 44.41
C11 BVQ R . -10.43 -1.19 45.03
C12 BVQ R . -10.86 -0.71 46.40
C13 BVQ R . -9.93 0.52 46.66
C14 BVQ R . -9.03 0.55 45.36
C15 BVQ R . -7.98 1.42 45.20
C16 BVQ R . -7.18 1.43 43.92
C17 BVQ R . -6.05 2.37 43.54
C18 BVQ R . -5.95 2.08 42.04
C19 BVQ R . -6.43 0.63 41.90
N1B BVQ R . -11.61 6.85 37.94
C1P BVQ R . -9.45 7.43 44.32
C1R BVQ R . -11.70 5.50 38.50
C20 BVQ R . -8.11 1.38 40.25
N21 BVQ R . -8.02 -0.90 41.03
N22 BVQ R . -9.81 -2.35 42.33
N23 BVQ R . -9.42 -0.51 44.47
N24 BVQ R . -7.39 0.49 43.02
C25 BVQ R . -5.96 0.73 38.39
C26 BVQ R . -5.03 -1.05 39.94
C27 BVQ R . -4.01 -1.56 38.88
O28 BVQ R . -4.39 -1.88 37.75
N29 BVQ R . -2.76 -1.66 39.28
C2B BVQ R . -10.62 7.66 38.28
C2P BVQ R . -10.37 8.25 43.39
C2R BVQ R . -12.87 5.29 39.46
C30 BVQ R . -8.15 -1.04 37.71
C31 BVQ R . -7.68 -1.58 36.35
C32 BVQ R . -8.42 -1.03 35.15
N33 BVQ R . -8.62 -1.87 34.16
O34 BVQ R . -8.80 0.15 35.13
C35 BVQ R . -8.47 -4.09 39.19
C36 BVQ R . -11.11 -5.33 40.60
C37 BVQ R . -9.69 -5.50 42.73
C38 BVQ R . -8.83 -6.52 41.98
O39 BVQ R . -7.86 -6.16 41.31
N3B BVQ R . -10.61 8.82 37.59
C3R BVQ R . -12.24 5.72 40.78
N40 BVQ R . -9.17 -7.80 42.10
C41 BVQ R . -12.62 -3.23 41.58
C42 BVQ R . -13.60 -2.27 42.22
C43 BVQ R . -14.26 -1.34 41.22
O44 BVQ R . -13.62 -0.42 40.69
N45 BVQ R . -15.53 -1.59 40.96
C46 BVQ R . -10.60 -1.75 47.50
C47 BVQ R . -12.37 -0.39 46.37
C48 BVQ R . -10.72 1.80 47.01
C49 BVQ R . -10.97 2.77 45.85
N4B BVQ R . -12.06 9.70 35.86
C4R BVQ R . -10.82 5.17 40.66
C50 BVQ R . -11.15 4.20 46.33
O51 BVQ R . -10.98 4.49 47.52
N52 BVQ R . -11.45 5.09 45.41
C53 BVQ R . -7.58 2.40 46.26
C54 BVQ R . -4.78 1.98 44.32
C55 BVQ R . -6.27 3.90 43.66
C56 BVQ R . -7.55 4.41 42.99
C57 BVQ R . -7.79 5.82 43.49
O58 BVQ R . -6.85 6.60 43.66
N59 BVQ R . -9.05 6.15 43.75
C5B BVQ R . -13.14 9.31 35.19
C5R BVQ R . -10.64 3.75 41.13
C60 BVQ R . -4.58 2.33 41.37
C61 BVQ R . -4.38 3.79 41.01
N62 BVQ R . -3.27 4.36 41.47
O63 BVQ R . -5.22 4.39 40.34
N6B BVQ R . -13.83 8.17 35.30
O6R BVQ R . -10.51 5.25 39.25
N7A BVQ R . -14.11 6.11 36.28
C7B BVQ R . -13.42 7.25 36.19
O7R BVQ R . -13.95 6.18 39.16
C8B BVQ R . -12.28 7.54 36.96
O8R BVQ R . -10.91 3.65 42.53
C9B BVQ R . -11.67 8.77 36.74
FE1 SF4 S . 3.10 15.89 -16.81
FE2 SF4 S . 2.82 15.90 -19.53
FE3 SF4 S . 4.07 17.92 -18.23
FE4 SF4 S . 1.39 17.60 -17.99
S1 SF4 S . 2.51 18.08 -19.92
S2 SF4 S . 2.96 18.03 -16.30
S3 SF4 S . 1.25 15.31 -18.01
S4 SF4 S . 4.79 15.76 -18.28
FE1 SF4 T . 7.54 27.56 -19.16
FE2 SF4 T . 6.99 29.30 -17.12
FE3 SF4 T . 5.28 27.30 -17.78
FE4 SF4 T . 5.62 29.41 -19.43
S1 SF4 T . 4.78 29.43 -17.36
S2 SF4 T . 5.51 27.22 -19.99
S3 SF4 T . 7.83 29.81 -19.16
S4 SF4 T . 7.37 27.05 -16.97
P BVQ U . 10.45 23.89 -5.26
CO BVQ U . 3.68 30.13 -9.54
C1 BVQ U . 2.14 28.70 -7.58
C2 BVQ U . 0.59 28.45 -7.36
O2 BVQ U . 8.97 23.42 -5.65
C3 BVQ U . 0.14 28.06 -8.81
O3 BVQ U . 10.04 25.14 -4.35
C4 BVQ U . 1.21 28.70 -9.67
O4 BVQ U . 11.26 22.86 -4.56
C5 BVQ U . 1.04 28.94 -11.15
O5 BVQ U . 11.08 24.43 -6.54
C6 BVQ U . 2.09 29.39 -11.93
C7 BVQ U . 2.17 29.67 -13.43
C8 BVQ U . 3.70 29.55 -13.70
C9 BVQ U . 4.21 29.93 -12.33
C10 BVQ U . 5.44 30.51 -12.24
C11 BVQ U . 6.02 30.90 -11.06
C12 BVQ U . 7.39 31.54 -11.07
C13 BVQ U . 7.67 31.83 -9.56
C14 BVQ U . 6.36 31.29 -8.86
C15 BVQ U . 6.10 31.44 -7.51
C16 BVQ U . 4.84 30.88 -6.90
C17 BVQ U . 4.43 30.88 -5.43
C18 BVQ U . 3.33 29.81 -5.45
C19 BVQ U . 2.75 29.95 -6.87
N1B BVQ U . 6.49 21.81 -5.25
C1P BVQ U . 9.21 27.31 -3.73
C1R BVQ U . 6.21 22.66 -6.38
C20 BVQ U . 3.04 27.52 -7.27
N21 BVQ U . 2.27 29.02 -9.00
N22 BVQ U . 3.33 29.62 -11.36
N23 BVQ U . 5.49 30.71 -9.83
N24 BVQ U . 3.92 30.36 -7.68
C25 BVQ U . 0.30 27.36 -6.31
C26 BVQ U . -0.13 29.77 -6.97
C27 BVQ U . -1.68 29.81 -6.94
O28 BVQ U . -2.35 28.77 -7.08
N29 BVQ U . -2.23 31.00 -6.77
C2B BVQ U . 6.56 22.24 -4.00
C2P BVQ U . 10.12 26.48 -4.70
C2R BVQ U . 7.36 22.78 -7.39
C30 BVQ U . 0.09 26.54 -8.99
C31 BVQ U . -1.34 25.99 -9.15
C32 BVQ U . -1.38 24.49 -9.06
N33 BVQ U . -2.38 23.89 -9.70
O34 BVQ U . -0.54 23.85 -8.42
C35 BVQ U . -0.35 28.62 -11.62
C36 BVQ U . 1.40 28.73 -14.39
C37 BVQ U . 1.86 31.16 -13.68
C38 BVQ U . 0.37 31.49 -13.79
O39 BVQ U . -0.36 31.40 -12.81
N3B BVQ U . 6.65 21.26 -3.08
C3R BVQ U . 8.18 23.89 -6.73
N40 BVQ U . -0.06 31.88 -14.99
C41 BVQ U . 4.29 28.20 -14.14
C42 BVQ U . 4.22 27.08 -13.09
C43 BVQ U . 5.41 26.15 -13.11
O44 BVQ U . 6.18 26.07 -12.16
N45 BVQ U . 5.54 25.41 -14.21
C46 BVQ U . 7.39 32.88 -11.81
C47 BVQ U . 8.37 30.58 -11.77
C48 BVQ U . 9.03 31.25 -9.15
C49 BVQ U . 8.99 29.93 -8.37
N4B BVQ U . 6.72 18.84 -3.27
C4R BVQ U . 7.10 24.83 -6.19
C50 BVQ U . 10.25 29.78 -7.55
O51 BVQ U . 11.02 30.72 -7.38
N52 BVQ U . 10.46 28.58 -7.02
C53 BVQ U . 7.06 32.15 -6.59
C54 BVQ U . 3.91 32.27 -5.02
C55 BVQ U . 5.45 30.37 -4.38
C56 BVQ U . 6.02 29.03 -4.84
C57 BVQ U . 7.17 28.66 -3.94
O58 BVQ U . 7.28 29.12 -2.80
N59 BVQ U . 8.05 27.81 -4.45
C5B BVQ U . 6.69 17.93 -4.25
C5R BVQ U . 6.65 25.92 -7.14
C60 BVQ U . 2.29 29.87 -4.33
C61 BVQ U . 2.72 29.16 -3.05
N62 BVQ U . 2.90 29.93 -1.99
O63 BVQ U . 2.88 27.94 -3.05
N6B BVQ U . 6.61 18.11 -5.57
O6R BVQ U . 5.97 23.98 -5.91
N7A BVQ U . 6.46 19.56 -7.37
C7B BVQ U . 6.54 19.37 -6.04
O7R BVQ U . 8.12 21.58 -7.44
C8B BVQ U . 6.55 20.43 -5.11
O8R BVQ U . 7.58 26.99 -7.17
C9B BVQ U . 6.64 20.09 -3.77
FE1 SF4 V . -46.61 36.64 -7.24
FE2 SF4 V . -47.55 34.37 -6.05
FE3 SF4 V . -46.54 36.43 -4.60
FE4 SF4 V . -44.91 34.91 -6.11
S1 SF4 V . -46.14 34.15 -4.34
S2 SF4 V . -44.94 37.19 -5.93
S3 SF4 V . -46.25 34.44 -7.89
S4 SF4 V . -48.37 36.54 -5.84
FE1 SF4 W . -43.43 39.02 4.97
FE2 SF4 W . -41.14 40.52 5.11
FE3 SF4 W . -41.52 38.70 3.13
FE4 SF4 W . -41.10 37.88 5.67
S1 SF4 W . -39.65 39.01 4.41
S2 SF4 W . -42.55 37.06 4.23
S3 SF4 W . -42.18 39.50 6.85
S4 SF4 W . -42.73 40.62 3.51
P BVQ X . -41.62 50.98 -2.87
CO BVQ X . -35.21 44.45 0.79
C1 BVQ X . -34.25 44.81 -1.89
C2 BVQ X . -33.28 44.00 -2.83
O2 BVQ X . -40.98 49.85 -3.81
C3 BVQ X . -33.90 42.56 -2.71
O3 BVQ X . -40.45 51.11 -1.80
C4 BVQ X . -34.55 42.63 -1.35
O4 BVQ X . -41.99 52.22 -3.59
C5 BVQ X . -34.90 41.41 -0.54
O5 BVQ X . -42.80 50.31 -2.14
C6 BVQ X . -35.62 41.52 0.65
C7 BVQ X . -36.12 40.41 1.59
C8 BVQ X . -37.29 41.14 2.32
C9 BVQ X . -36.81 42.57 2.20
C10 BVQ X . -37.21 43.47 3.15
C11 BVQ X . -36.87 44.81 3.13
C12 BVQ X . -37.36 45.72 4.23
C13 BVQ X . -36.76 47.12 3.83
C14 BVQ X . -35.96 46.78 2.52
C15 BVQ X . -35.15 47.69 1.87
C16 BVQ X . -34.44 47.32 0.58
C17 BVQ X . -33.61 48.23 -0.33
C18 BVQ X . -33.50 47.35 -1.58
C19 BVQ X . -33.60 45.91 -1.01
N1B BVQ X . -40.17 48.65 -6.49
C1P BVQ X . -38.26 52.18 -1.93
C1R BVQ X . -39.94 47.61 -5.49
C20 BVQ X . -35.44 45.44 -2.60
N21 BVQ X . -34.75 43.84 -0.93
N22 BVQ X . -36.04 42.75 1.11
N23 BVQ X . -36.15 45.40 2.16
N24 BVQ X . -34.44 46.07 0.19
C25 BVQ X . -33.24 44.54 -4.27
C26 BVQ X . -31.83 43.91 -2.26
C27 BVQ X . -30.75 43.18 -3.08
O28 BVQ X . -31.05 42.30 -3.90
N29 BVQ X . -29.50 43.52 -2.83
C2B BVQ X . -39.37 49.68 -6.70
C2P BVQ X . -39.75 52.29 -1.49
C2R BVQ X . -41.05 47.49 -4.45
C30 BVQ X . -34.88 42.23 -3.85
C31 BVQ X . -34.34 41.24 -4.88
C32 BVQ X . -35.19 41.13 -6.13
N33 BVQ X . -34.96 40.07 -6.89
O34 BVQ X . -36.05 41.97 -6.39
C35 BVQ X . -34.43 40.15 -1.20
C36 BVQ X . -36.64 39.11 0.96
C37 BVQ X . -35.08 40.18 2.71
C38 BVQ X . -34.02 39.11 2.37
O39 BVQ X . -33.22 39.29 1.45
N3B BVQ X . -39.58 50.31 -7.88
C3R BVQ X . -40.60 48.53 -3.44
N40 BVQ X . -34.02 38.03 3.13
C41 BVQ X . -38.72 41.00 1.78
C42 BVQ X . -38.94 41.58 0.38
C43 BVQ X . -40.24 42.34 0.25
O44 BVQ X . -40.26 43.58 0.24
N45 BVQ X . -41.34 41.62 0.16
C46 BVQ X . -36.76 45.35 5.60
C47 BVQ X . -38.89 45.66 4.32
C48 BVQ X . -37.87 48.19 3.71
C49 BVQ X . -38.36 48.48 2.29
N4B BVQ X . -41.17 49.93 -9.68
C4R BVQ X . -39.09 48.38 -3.45
C50 BVQ X . -38.93 49.88 2.20
O51 BVQ X . -38.80 50.69 3.11
N52 BVQ X . -39.57 50.16 1.06
C53 BVQ X . -34.96 49.09 2.40
C54 BVQ X . -32.25 48.51 0.34
C55 BVQ X . -34.22 49.58 -0.80
C56 BVQ X . -35.73 49.49 -1.03
C57 BVQ X . -36.25 50.82 -1.55
O58 BVQ X . -35.52 51.63 -2.10
N59 BVQ X . -37.56 51.03 -1.38
C5B BVQ X . -42.16 49.07 -9.96
C5R BVQ X . -38.53 47.40 -2.44
C60 BVQ X . -32.27 47.54 -2.47
C61 BVQ X . -32.36 48.74 -3.41
N62 BVQ X . -31.47 49.71 -3.23
O63 BVQ X . -33.24 48.78 -4.28
N6B BVQ X . -42.62 48.05 -9.23
O6R BVQ X . -38.76 47.92 -4.78
N7A BVQ X . -42.50 46.78 -7.31
C7B BVQ X . -42.04 47.80 -8.03
O7R BVQ X . -42.32 47.84 -4.99
C8B BVQ X . -40.98 48.63 -7.62
O8R BVQ X . -38.68 47.87 -1.11
C9B BVQ X . -40.62 49.65 -8.48
#